data_1H38
#
_entry.id   1H38
#
_cell.length_a   79.907
_cell.length_b   84.971
_cell.length_c   202.003
_cell.angle_alpha   90.36
_cell.angle_beta   92.97
_cell.angle_gamma   109.94
#
_symmetry.space_group_name_H-M   'P 1'
#
loop_
_entity.id
_entity.type
_entity.pdbx_description
1 polymer 'DNA-DIRECTED RNA POLYMERASE'
2 polymer "5'-D(*GP*GP*GP*AP*AP*TP*CP*GP*AP*CP *AP*TP*CP*GP*CP*CP*GP*C)-3'"
3 polymer "5'-R(*AP*AP*CP*UP*GP*CP*GP*GP*CP*GP *AP*U)-3'"
4 polymer "5'-D(*GP*TP*CP*GP*AP*TP*TP*CP*CP*CP)-3'"
5 water water
#
loop_
_entity_poly.entity_id
_entity_poly.type
_entity_poly.pdbx_seq_one_letter_code
_entity_poly.pdbx_strand_id
1 'polypeptide(L)'
;MNTINIAKNDFSDIELAAIPFNTLADHYGERLAREQLALEHESYEMGEARFRKMFERQLKAGEVADNAAAKPLITTLLPK
MIARINDWFEEVKAKRGKRPTAFQFLQEIKPEAVAYITIKTTLACLTSADNTTVQAVASAIGRAIEDEARFGRIRDLEAK
HFKKNVEEQLNKRVGHVYKKAFMQVVEADMLSKGLLGGEAWSSWHKEDSIHVGVRCIEMLIESTGMVSLHRQNAGVVGQD
SETIELAPEYAEAIATRAGALAGISPMFQPCVVPPKPWTGITGGGYWANGRRPLALVRTHSKKALMRYEDVYMPEVYKAI
NIAQNTAWKINKKVLAVANVITKWKHCPVEDIPAIEREELPMKPEDIDMNPEALTAWKRAAAAVYRKDKARKSRRISLEF
MLEQANKFANHKAIWFPYNMDWRGRVYAVSMFNPQGNDMTKGLLTLAKGKPIGKEGYYWLKIHGANCAGVDKVPFPERIK
FIEENHENIMACAKSPLENTWWAEQDSPFCFLAFCFEYAGVQHHGLSYNCSLPLAFDGSCSGIQHFSAMLRDEVGGRAVN
LLPSETVQDIYGIVAKKVNEILQADAINGTDNEVVTVTDENTGEISEKVKLGTKALAGQWLAYGVTRSVTKRSVMTLAYG
SKEFGFRQQVLEDTIQPAIDSGKGLMFTQPNQAAGYMAKLIWESVSVTVVAAVEAMNWLKSAAKLLAAEVKDKKTGEILR
KRCAVHWVTPDGFPVWQEYKKPIQTRLNLMFLGQFRLQPTINTNKDSEIDAHKQESGIAPNFVHSQDGSHLRKTVVWAHE
KYGIESFALIHDSFGTIPADAANLFKAVRETMVDTYESCDVLADFYDQFADQLHESQLDKMPALPAKGNLNLRDILESDF
AFA
;
A,B,C,D
2 'polydeoxyribonucleotide' (DG)(DG)(DG)(DA)(DA)(DT)(DC)(DG)(DA)(DC)(DA)(DT)(DC)(DG)(DC)(DC)(DG)(DC) E,H,K,N
3 'polyribonucleotide' AACUGCGGCGAU F,I,L,O
4 'polydeoxyribonucleotide' (DG)(DT)(DC)(DG)(DA)(DT)(DT)(DC)(DC)(DC) G,J,M,P
#
# COMPACT_ATOMS: atom_id res chain seq x y z
N ASN A 2 -62.85 18.93 15.46
CA ASN A 2 -63.66 19.71 14.47
C ASN A 2 -62.79 20.71 13.71
N THR A 3 -62.01 20.17 12.77
CA THR A 3 -61.11 20.99 11.95
C THR A 3 -61.76 21.32 10.61
N ILE A 4 -61.51 22.54 10.14
CA ILE A 4 -62.09 22.99 8.86
C ILE A 4 -61.59 22.14 7.69
N ASN A 5 -62.42 21.18 7.29
CA ASN A 5 -62.12 20.28 6.17
C ASN A 5 -61.68 21.03 4.93
N ILE A 6 -60.48 20.71 4.43
CA ILE A 6 -59.94 21.37 3.23
C ILE A 6 -60.58 20.77 1.99
N ALA A 7 -61.01 19.53 2.15
CA ALA A 7 -61.63 18.71 1.09
C ALA A 7 -62.94 19.35 0.54
N LYS A 8 -62.87 20.66 0.30
CA LYS A 8 -64.00 21.43 -0.24
C LYS A 8 -63.60 22.13 -1.54
N ASN A 9 -63.91 23.42 -1.65
CA ASN A 9 -63.52 24.15 -2.84
C ASN A 9 -62.03 24.49 -2.77
N ASP A 10 -61.42 24.05 -1.66
CA ASP A 10 -59.98 24.25 -1.45
C ASP A 10 -59.22 23.41 -2.48
N PHE A 11 -59.16 22.10 -2.25
CA PHE A 11 -58.44 21.26 -3.18
C PHE A 11 -59.18 21.20 -4.49
N SER A 12 -60.45 21.56 -4.45
CA SER A 12 -61.24 21.59 -5.66
C SER A 12 -60.52 22.44 -6.70
N ASP A 13 -59.75 23.40 -6.18
CA ASP A 13 -58.93 24.28 -7.02
C ASP A 13 -58.28 23.52 -8.20
N ILE A 14 -57.65 22.38 -7.89
CA ILE A 14 -56.99 21.52 -8.88
C ILE A 14 -58.04 20.81 -9.75
N GLU A 15 -58.97 21.59 -10.29
CA GLU A 15 -60.04 21.05 -11.13
C GLU A 15 -59.49 20.24 -12.26
N LEU A 16 -59.50 18.93 -12.05
CA LEU A 16 -59.04 17.96 -13.03
C LEU A 16 -59.97 17.92 -14.28
N ALA A 17 -61.01 18.77 -14.30
CA ALA A 17 -61.98 18.81 -15.40
C ALA A 17 -61.95 20.14 -16.18
N ALA A 18 -61.92 21.25 -15.44
CA ALA A 18 -61.88 22.59 -16.03
C ALA A 18 -60.77 23.43 -15.37
N ILE A 19 -59.78 23.81 -16.17
CA ILE A 19 -58.61 24.60 -15.73
C ILE A 19 -57.72 24.85 -16.95
N PRO A 20 -56.83 25.87 -16.93
CA PRO A 20 -56.00 26.03 -18.14
C PRO A 20 -54.99 24.88 -18.31
N PHE A 21 -55.53 23.66 -18.43
CA PHE A 21 -54.77 22.42 -18.59
C PHE A 21 -54.84 21.92 -20.02
N ASN A 22 -55.45 22.73 -20.87
CA ASN A 22 -55.57 22.39 -22.27
C ASN A 22 -54.19 22.16 -22.85
N THR A 23 -53.21 22.50 -22.00
CA THR A 23 -51.79 22.30 -22.27
C THR A 23 -51.52 20.82 -22.29
N LEU A 24 -51.70 20.21 -21.13
CA LEU A 24 -51.52 18.79 -20.95
C LEU A 24 -52.36 18.03 -21.96
N ALA A 25 -53.66 18.28 -21.91
CA ALA A 25 -54.62 17.65 -22.80
C ALA A 25 -54.06 17.54 -24.22
N ASP A 26 -53.72 18.70 -24.78
CA ASP A 26 -53.19 18.77 -26.13
C ASP A 26 -51.87 18.00 -26.23
N HIS A 27 -51.05 18.12 -25.20
CA HIS A 27 -49.73 17.49 -25.16
C HIS A 27 -49.74 15.97 -25.04
N TYR A 28 -50.59 15.41 -24.19
CA TYR A 28 -50.59 13.96 -24.02
C TYR A 28 -51.99 13.36 -24.02
N GLY A 29 -52.96 14.09 -24.55
CA GLY A 29 -54.30 13.54 -24.55
C GLY A 29 -55.11 14.02 -23.39
N GLU A 30 -56.41 13.79 -23.43
CA GLU A 30 -57.29 14.25 -22.38
C GLU A 30 -57.25 13.29 -21.19
N ARG A 31 -57.38 12.00 -21.48
CA ARG A 31 -57.36 10.98 -20.42
C ARG A 31 -56.18 11.19 -19.46
N LEU A 32 -54.95 11.07 -19.98
CA LEU A 32 -53.78 11.25 -19.15
C LEU A 32 -53.84 12.60 -18.46
N ALA A 33 -54.20 13.62 -19.23
CA ALA A 33 -54.31 14.96 -18.63
C ALA A 33 -55.22 14.95 -17.41
N ARG A 34 -56.39 14.37 -17.55
CA ARG A 34 -57.32 14.33 -16.44
C ARG A 34 -56.82 13.40 -15.33
N GLU A 35 -56.04 12.39 -15.69
CA GLU A 35 -55.54 11.51 -14.65
C GLU A 35 -54.46 12.20 -13.83
N GLN A 36 -53.48 12.79 -14.48
CA GLN A 36 -52.41 13.50 -13.77
C GLN A 36 -52.99 14.47 -12.77
N LEU A 37 -53.96 15.28 -13.19
CA LEU A 37 -54.59 16.29 -12.32
C LEU A 37 -55.32 15.61 -11.19
N ALA A 38 -55.87 14.46 -11.48
CA ALA A 38 -56.58 13.68 -10.48
C ALA A 38 -55.60 13.18 -9.44
N LEU A 39 -54.54 12.54 -9.94
CA LEU A 39 -53.49 11.97 -9.14
C LEU A 39 -52.84 13.01 -8.27
N GLU A 40 -52.58 14.17 -8.84
CA GLU A 40 -52.01 15.30 -8.13
C GLU A 40 -53.00 15.77 -7.03
N HIS A 41 -54.29 15.79 -7.39
CA HIS A 41 -55.34 16.17 -6.46
C HIS A 41 -55.36 15.21 -5.27
N GLU A 42 -55.33 13.91 -5.60
CA GLU A 42 -55.36 12.87 -4.62
C GLU A 42 -54.20 13.03 -3.64
N SER A 43 -53.03 13.35 -4.15
CA SER A 43 -51.90 13.49 -3.26
C SER A 43 -52.21 14.46 -2.13
N TYR A 44 -53.00 15.50 -2.41
CA TYR A 44 -53.31 16.42 -1.32
C TYR A 44 -54.35 15.85 -0.38
N GLU A 45 -55.26 15.02 -0.89
CA GLU A 45 -56.23 14.40 -0.01
C GLU A 45 -55.52 13.47 0.95
N MET A 46 -54.53 12.76 0.44
CA MET A 46 -53.75 11.82 1.23
C MET A 46 -52.96 12.57 2.28
N GLY A 47 -52.45 13.72 1.89
CA GLY A 47 -51.67 14.50 2.83
C GLY A 47 -52.54 15.01 3.94
N GLU A 48 -53.77 15.30 3.56
CA GLU A 48 -54.79 15.80 4.46
C GLU A 48 -55.16 14.74 5.49
N ALA A 49 -55.49 13.53 5.02
CA ALA A 49 -55.82 12.45 5.94
C ALA A 49 -54.63 12.18 6.84
N ARG A 50 -53.46 12.36 6.26
CA ARG A 50 -52.22 12.17 6.96
C ARG A 50 -52.20 13.07 8.20
N PHE A 51 -52.37 14.36 7.97
CA PHE A 51 -52.36 15.34 9.05
C PHE A 51 -53.47 15.09 10.03
N ARG A 52 -54.57 14.56 9.52
CA ARG A 52 -55.72 14.22 10.33
C ARG A 52 -55.39 13.12 11.34
N LYS A 53 -55.09 11.92 10.87
CA LYS A 53 -54.79 10.87 11.83
C LYS A 53 -53.72 11.33 12.81
N MET A 54 -52.75 12.13 12.35
CA MET A 54 -51.70 12.64 13.21
C MET A 54 -52.30 13.54 14.26
N PHE A 55 -53.09 14.51 13.81
CA PHE A 55 -53.75 15.48 14.72
C PHE A 55 -54.64 14.75 15.70
N GLU A 56 -55.15 13.60 15.29
CA GLU A 56 -55.98 12.79 16.14
C GLU A 56 -55.19 12.38 17.38
N ARG A 57 -54.19 11.53 17.20
CA ARG A 57 -53.39 11.07 18.34
C ARG A 57 -52.92 12.27 19.17
N GLN A 58 -52.58 13.37 18.51
CA GLN A 58 -52.13 14.59 19.19
C GLN A 58 -53.07 14.98 20.34
N LEU A 59 -54.37 15.08 20.03
CA LEU A 59 -55.38 15.43 21.02
C LEU A 59 -55.59 14.28 21.98
N LYS A 60 -55.71 13.08 21.42
CA LYS A 60 -55.88 11.85 22.18
C LYS A 60 -54.94 11.76 23.38
N ALA A 61 -53.93 12.61 23.45
CA ALA A 61 -53.02 12.55 24.58
C ALA A 61 -52.65 13.93 25.07
N GLY A 62 -53.52 14.89 24.82
CA GLY A 62 -53.29 16.24 25.27
C GLY A 62 -52.02 16.84 24.71
N GLU A 63 -51.47 16.16 23.70
CA GLU A 63 -50.25 16.64 23.07
C GLU A 63 -50.60 17.71 22.04
N VAL A 64 -51.82 18.22 22.19
CA VAL A 64 -52.35 19.25 21.31
C VAL A 64 -51.47 20.49 21.36
N ALA A 65 -50.77 20.64 22.48
CA ALA A 65 -49.83 21.75 22.66
C ALA A 65 -48.58 21.44 21.87
N ASP A 66 -48.30 20.13 21.81
CA ASP A 66 -47.18 19.62 21.06
C ASP A 66 -47.60 19.40 19.62
N ASN A 67 -48.19 20.44 19.03
CA ASN A 67 -48.65 20.39 17.65
C ASN A 67 -48.57 21.78 17.05
N ALA A 68 -48.27 21.86 15.75
CA ALA A 68 -48.11 23.16 15.11
C ALA A 68 -49.43 23.95 15.03
N ALA A 69 -50.53 23.27 15.33
CA ALA A 69 -51.81 23.93 15.29
C ALA A 69 -52.00 24.86 16.51
N ALA A 70 -51.43 24.48 17.65
CA ALA A 70 -51.58 25.24 18.89
C ALA A 70 -50.37 26.12 19.25
N LYS A 71 -49.23 25.96 18.57
CA LYS A 71 -48.06 26.74 18.94
C LYS A 71 -48.13 28.23 18.56
N PRO A 72 -48.85 28.58 17.48
CA PRO A 72 -48.88 30.01 17.15
C PRO A 72 -49.48 30.84 18.28
N LEU A 73 -50.60 30.37 18.82
CA LEU A 73 -51.28 31.12 19.87
C LEU A 73 -50.43 31.19 21.12
N ILE A 74 -49.98 30.04 21.60
CA ILE A 74 -49.15 30.00 22.79
C ILE A 74 -47.98 30.95 22.70
N THR A 75 -47.46 31.17 21.51
CA THR A 75 -46.32 32.07 21.35
C THR A 75 -46.73 33.51 21.73
N THR A 76 -48.03 33.81 21.63
CA THR A 76 -48.52 35.16 21.96
C THR A 76 -49.31 35.16 23.28
N LEU A 77 -49.71 33.97 23.72
CA LEU A 77 -50.46 33.82 24.95
C LEU A 77 -49.52 33.75 26.17
N LEU A 78 -48.34 33.20 25.96
CA LEU A 78 -47.38 33.02 27.04
C LEU A 78 -46.87 34.36 27.60
N PRO A 79 -46.56 35.34 26.73
CA PRO A 79 -46.06 36.63 27.25
C PRO A 79 -47.10 37.31 28.16
N LYS A 80 -48.34 37.40 27.67
CA LYS A 80 -49.44 38.00 28.42
C LYS A 80 -49.50 37.41 29.83
N MET A 81 -49.49 36.08 29.88
CA MET A 81 -49.53 35.33 31.13
C MET A 81 -48.30 35.63 32.00
N ILE A 82 -47.11 35.49 31.42
CA ILE A 82 -45.87 35.74 32.17
C ILE A 82 -45.91 37.11 32.85
N ALA A 83 -46.37 38.15 32.13
CA ALA A 83 -46.45 39.49 32.69
C ALA A 83 -47.41 39.53 33.90
N ARG A 84 -48.62 39.00 33.72
CA ARG A 84 -49.65 38.97 34.76
C ARG A 84 -49.03 38.49 36.09
N ILE A 85 -48.39 37.31 36.08
CA ILE A 85 -47.75 36.75 37.25
C ILE A 85 -46.69 37.71 37.83
N ASN A 86 -45.87 38.26 36.93
CA ASN A 86 -44.82 39.22 37.31
C ASN A 86 -45.41 40.34 38.16
N ASP A 87 -46.42 41.01 37.62
CA ASP A 87 -47.12 42.10 38.32
C ASP A 87 -47.70 41.59 39.63
N TRP A 88 -48.46 40.49 39.53
CA TRP A 88 -49.08 39.84 40.69
C TRP A 88 -48.07 39.57 41.80
N PHE A 89 -46.85 39.17 41.42
CA PHE A 89 -45.83 38.89 42.42
C PHE A 89 -45.43 40.15 43.18
N GLU A 90 -45.36 41.27 42.46
CA GLU A 90 -45.01 42.57 43.04
C GLU A 90 -46.16 43.16 43.87
N GLU A 91 -47.38 42.84 43.46
CA GLU A 91 -48.56 43.31 44.17
C GLU A 91 -48.60 42.71 45.58
N VAL A 92 -48.16 41.46 45.71
CA VAL A 92 -48.16 40.80 47.01
C VAL A 92 -46.95 41.28 47.87
N LYS A 93 -45.80 41.50 47.22
CA LYS A 93 -44.60 41.96 47.90
C LYS A 93 -44.76 43.37 48.47
N ALA A 94 -45.61 44.17 47.84
CA ALA A 94 -45.84 45.55 48.28
C ALA A 94 -46.99 45.62 49.29
N LYS A 95 -47.29 44.50 49.94
CA LYS A 95 -48.35 44.45 50.93
C LYS A 95 -48.00 43.50 52.05
N ARG A 96 -48.09 43.99 53.29
CA ARG A 96 -47.79 43.17 54.45
C ARG A 96 -48.95 42.22 54.77
N GLY A 97 -48.71 41.29 55.69
CA GLY A 97 -49.73 40.31 56.01
C GLY A 97 -49.41 39.00 55.31
N LYS A 98 -49.75 37.88 55.96
CA LYS A 98 -49.47 36.57 55.39
C LYS A 98 -49.87 36.48 53.92
N ARG A 99 -48.87 36.36 53.04
CA ARG A 99 -49.11 36.24 51.60
C ARG A 99 -50.02 35.06 51.30
N PRO A 100 -50.63 35.02 50.09
CA PRO A 100 -51.55 33.92 49.71
C PRO A 100 -50.85 32.55 49.68
N THR A 101 -51.63 31.48 49.83
CA THR A 101 -51.11 30.11 49.83
C THR A 101 -50.31 29.78 48.57
N ALA A 102 -50.89 30.07 47.40
CA ALA A 102 -50.24 29.78 46.13
C ALA A 102 -48.89 30.52 46.02
N PHE A 103 -48.89 31.83 46.26
CA PHE A 103 -47.69 32.68 46.19
C PHE A 103 -46.48 32.04 46.88
N GLN A 104 -46.71 31.36 48.00
CA GLN A 104 -45.62 30.72 48.73
C GLN A 104 -44.77 29.82 47.83
N PHE A 105 -45.43 28.90 47.11
CA PHE A 105 -44.76 27.93 46.24
C PHE A 105 -44.38 28.51 44.88
N LEU A 106 -45.35 29.15 44.23
CA LEU A 106 -45.17 29.78 42.91
C LEU A 106 -43.96 30.71 42.87
N GLN A 107 -43.37 30.97 44.02
CA GLN A 107 -42.24 31.87 44.09
C GLN A 107 -40.93 31.14 43.80
N GLU A 108 -41.00 29.81 43.79
CA GLU A 108 -39.82 28.95 43.55
C GLU A 108 -39.63 28.54 42.08
N ILE A 109 -40.72 28.27 41.38
CA ILE A 109 -40.65 27.85 39.98
C ILE A 109 -40.50 29.05 39.04
N LYS A 110 -39.50 29.01 38.16
CA LYS A 110 -39.28 30.09 37.23
C LYS A 110 -40.61 30.45 36.57
N PRO A 111 -41.04 31.72 36.68
CA PRO A 111 -42.29 32.24 36.12
C PRO A 111 -42.58 31.77 34.68
N GLU A 112 -41.58 31.84 33.81
CA GLU A 112 -41.76 31.42 32.43
C GLU A 112 -42.36 30.01 32.38
N ALA A 113 -41.74 29.09 33.11
CA ALA A 113 -42.18 27.70 33.18
C ALA A 113 -43.58 27.61 33.78
N VAL A 114 -43.84 28.43 34.80
CA VAL A 114 -45.14 28.42 35.44
C VAL A 114 -46.23 28.77 34.44
N ALA A 115 -46.05 29.90 33.75
CA ALA A 115 -47.00 30.36 32.74
C ALA A 115 -47.28 29.23 31.74
N TYR A 116 -46.20 28.74 31.14
CA TYR A 116 -46.30 27.67 30.15
C TYR A 116 -46.98 26.43 30.70
N ILE A 117 -46.46 25.89 31.82
CA ILE A 117 -47.03 24.68 32.42
C ILE A 117 -48.54 24.79 32.48
N THR A 118 -49.04 25.95 32.93
CA THR A 118 -50.47 26.18 33.04
C THR A 118 -51.15 25.99 31.69
N ILE A 119 -50.71 26.79 30.71
CA ILE A 119 -51.28 26.78 29.37
C ILE A 119 -51.39 25.35 28.80
N LYS A 120 -50.27 24.63 28.78
CA LYS A 120 -50.20 23.26 28.26
C LYS A 120 -51.14 22.29 29.00
N THR A 121 -50.95 22.15 30.31
CA THR A 121 -51.75 21.23 31.11
C THR A 121 -53.24 21.55 31.00
N THR A 122 -53.58 22.82 30.85
CA THR A 122 -55.00 23.21 30.70
C THR A 122 -55.58 22.53 29.44
N LEU A 123 -54.99 22.88 28.30
CA LEU A 123 -55.39 22.38 26.98
C LEU A 123 -55.51 20.88 26.94
N ALA A 124 -54.67 20.21 27.71
CA ALA A 124 -54.70 18.76 27.76
C ALA A 124 -55.99 18.28 28.39
N CYS A 125 -56.39 18.98 29.45
CA CYS A 125 -57.61 18.67 30.21
C CYS A 125 -58.86 19.02 29.40
N LEU A 126 -58.85 20.23 28.84
CA LEU A 126 -59.95 20.72 28.02
C LEU A 126 -60.29 19.75 26.90
N THR A 127 -59.25 19.08 26.37
CA THR A 127 -59.41 18.11 25.30
C THR A 127 -59.66 16.71 25.84
N SER A 128 -60.31 16.67 27.01
CA SER A 128 -60.68 15.43 27.71
C SER A 128 -62.15 15.11 27.45
N ALA A 129 -62.46 13.82 27.34
CA ALA A 129 -63.81 13.35 27.05
C ALA A 129 -64.91 14.12 27.79
N ASP A 130 -64.84 14.14 29.13
CA ASP A 130 -65.88 14.81 29.92
C ASP A 130 -65.36 15.74 31.03
N ASN A 131 -64.60 15.21 31.99
CA ASN A 131 -64.14 16.05 33.12
C ASN A 131 -63.32 17.26 32.69
N THR A 132 -63.81 18.43 33.05
CA THR A 132 -63.14 19.71 32.77
C THR A 132 -63.37 20.64 33.94
N THR A 133 -63.75 20.04 35.06
CA THR A 133 -64.03 20.71 36.33
C THR A 133 -62.84 21.55 36.82
N VAL A 134 -63.12 22.75 37.31
CA VAL A 134 -62.04 23.61 37.80
C VAL A 134 -61.35 22.98 39.02
N GLN A 135 -61.90 21.85 39.46
CA GLN A 135 -61.39 21.08 40.60
C GLN A 135 -60.23 20.17 40.18
N ALA A 136 -60.50 19.30 39.21
CA ALA A 136 -59.48 18.38 38.71
C ALA A 136 -58.34 19.16 38.00
N VAL A 137 -58.71 20.12 37.16
CA VAL A 137 -57.76 20.96 36.44
C VAL A 137 -56.77 21.61 37.39
N ALA A 138 -57.29 22.27 38.42
CA ALA A 138 -56.46 22.96 39.42
C ALA A 138 -55.45 21.99 40.05
N SER A 139 -55.88 20.75 40.30
CA SER A 139 -54.99 19.74 40.87
C SER A 139 -53.87 19.44 39.90
N ALA A 140 -54.29 19.23 38.65
CA ALA A 140 -53.39 18.92 37.56
C ALA A 140 -52.26 19.96 37.47
N ILE A 141 -52.61 21.22 37.17
CA ILE A 141 -51.61 22.28 37.06
C ILE A 141 -50.69 22.28 38.29
N GLY A 142 -51.27 22.19 39.48
CA GLY A 142 -50.47 22.17 40.69
C GLY A 142 -49.51 20.99 40.74
N ARG A 143 -50.03 19.80 40.46
CA ARG A 143 -49.24 18.57 40.45
C ARG A 143 -48.05 18.74 39.50
N ALA A 144 -48.31 19.39 38.38
CA ALA A 144 -47.30 19.65 37.35
C ALA A 144 -46.29 20.69 37.81
N ILE A 145 -46.76 21.71 38.53
CA ILE A 145 -45.88 22.75 39.05
C ILE A 145 -44.94 22.18 40.13
N GLU A 146 -45.50 21.39 41.06
CA GLU A 146 -44.77 20.75 42.16
C GLU A 146 -43.62 19.93 41.58
N ASP A 147 -43.95 19.10 40.60
CA ASP A 147 -42.93 18.29 39.94
C ASP A 147 -41.80 19.18 39.43
N GLU A 148 -42.16 20.31 38.83
CA GLU A 148 -41.20 21.27 38.28
C GLU A 148 -40.32 21.90 39.34
N ALA A 149 -40.94 22.33 40.44
CA ALA A 149 -40.20 22.96 41.52
C ALA A 149 -39.26 21.97 42.20
N ARG A 150 -39.75 20.75 42.40
CA ARG A 150 -39.02 19.67 43.07
C ARG A 150 -37.83 19.15 42.25
N PHE A 151 -38.10 18.63 41.05
CA PHE A 151 -37.05 18.07 40.21
C PHE A 151 -36.31 19.14 39.42
N GLY A 152 -36.90 20.33 39.35
CA GLY A 152 -36.22 21.43 38.67
C GLY A 152 -35.01 21.83 39.48
N ARG A 153 -35.15 21.70 40.80
CA ARG A 153 -34.09 22.02 41.75
C ARG A 153 -32.79 21.28 41.36
N ILE A 154 -32.97 20.07 40.83
CA ILE A 154 -31.86 19.22 40.38
C ILE A 154 -31.16 19.85 39.20
N ARG A 155 -31.97 20.22 38.19
CA ARG A 155 -31.47 20.82 36.98
C ARG A 155 -30.92 22.23 37.24
N ASP A 156 -31.02 22.70 38.48
CA ASP A 156 -30.52 24.03 38.82
C ASP A 156 -29.28 23.98 39.72
N LEU A 157 -29.45 23.57 40.97
CA LEU A 157 -28.28 23.53 41.85
C LEU A 157 -27.67 22.13 41.93
N GLU A 158 -28.37 21.22 42.60
CA GLU A 158 -27.92 19.84 42.81
C GLU A 158 -27.02 19.31 41.69
N ALA A 159 -27.61 19.12 40.50
CA ALA A 159 -26.86 18.59 39.36
C ALA A 159 -26.31 19.68 38.45
N LYS A 160 -25.84 20.79 39.06
CA LYS A 160 -25.26 21.89 38.29
C LYS A 160 -24.51 21.36 37.08
N HIS A 161 -23.75 20.29 37.31
CA HIS A 161 -23.01 19.64 36.24
C HIS A 161 -23.38 18.15 36.17
N PHE A 162 -23.71 17.58 37.32
CA PHE A 162 -24.14 16.17 37.41
C PHE A 162 -25.29 15.94 36.43
N LYS A 163 -26.03 17.01 36.16
CA LYS A 163 -27.20 16.96 35.28
C LYS A 163 -26.87 16.32 33.94
N LYS A 164 -25.59 16.32 33.57
CA LYS A 164 -25.14 15.71 32.31
C LYS A 164 -25.46 14.22 32.26
N ASN A 165 -25.13 13.52 33.33
CA ASN A 165 -25.40 12.09 33.44
C ASN A 165 -26.90 11.83 33.56
N VAL A 166 -27.69 12.91 33.58
CA VAL A 166 -29.15 12.84 33.70
C VAL A 166 -29.86 13.15 32.38
N GLU A 167 -29.66 14.36 31.86
CA GLU A 167 -30.30 14.80 30.63
C GLU A 167 -30.38 13.70 29.58
N GLU A 168 -29.22 13.20 29.17
CA GLU A 168 -29.13 12.13 28.20
C GLU A 168 -30.20 11.04 28.46
N GLN A 169 -30.21 10.52 29.68
CA GLN A 169 -31.14 9.44 30.02
C GLN A 169 -32.58 9.94 30.23
N LEU A 170 -32.73 11.24 30.56
CA LEU A 170 -34.06 11.84 30.77
C LEU A 170 -34.77 12.03 29.41
N ASN A 171 -34.07 12.61 28.44
CA ASN A 171 -34.66 12.80 27.14
C ASN A 171 -34.89 11.45 26.46
N LYS A 172 -33.99 10.50 26.72
CA LYS A 172 -34.13 9.12 26.22
C LYS A 172 -35.48 8.55 26.70
N ARG A 173 -35.88 8.99 27.89
CA ARG A 173 -37.14 8.57 28.49
C ARG A 173 -38.29 9.33 27.82
N VAL A 174 -39.36 8.63 27.48
CA VAL A 174 -40.51 9.30 26.87
C VAL A 174 -41.77 8.97 27.66
N GLY A 175 -42.69 9.94 27.71
CA GLY A 175 -43.90 9.77 28.48
C GLY A 175 -43.75 10.35 29.87
N HIS A 176 -44.61 11.30 30.23
CA HIS A 176 -44.54 11.95 31.54
C HIS A 176 -44.32 10.96 32.68
N VAL A 177 -45.00 9.83 32.60
CA VAL A 177 -44.92 8.81 33.64
C VAL A 177 -43.49 8.37 33.93
N TYR A 178 -42.85 7.75 32.93
CA TYR A 178 -41.48 7.24 33.08
C TYR A 178 -40.47 8.36 33.32
N LYS A 179 -40.73 9.57 32.80
CA LYS A 179 -39.83 10.69 33.03
C LYS A 179 -39.82 11.05 34.53
N LYS A 180 -40.91 10.71 35.21
CA LYS A 180 -41.05 10.96 36.66
C LYS A 180 -40.33 9.85 37.46
N ALA A 181 -40.48 8.62 36.98
CA ALA A 181 -39.84 7.46 37.60
C ALA A 181 -38.34 7.69 37.68
N PHE A 182 -37.77 8.12 36.56
CA PHE A 182 -36.34 8.37 36.47
C PHE A 182 -35.91 9.51 37.40
N MET A 183 -36.67 10.61 37.40
CA MET A 183 -36.35 11.75 38.26
C MET A 183 -36.47 11.40 39.74
N GLN A 184 -37.31 10.41 40.06
CA GLN A 184 -37.48 10.03 41.46
C GLN A 184 -36.28 9.21 41.92
N VAL A 185 -35.89 8.22 41.11
CA VAL A 185 -34.74 7.38 41.43
C VAL A 185 -33.48 8.24 41.52
N VAL A 186 -33.35 9.18 40.59
CA VAL A 186 -32.24 10.11 40.58
C VAL A 186 -32.15 10.83 41.92
N GLU A 187 -33.27 11.44 42.31
CA GLU A 187 -33.37 12.16 43.57
C GLU A 187 -33.01 11.25 44.76
N ALA A 188 -33.47 9.99 44.71
CA ALA A 188 -33.19 9.01 45.77
C ALA A 188 -31.70 8.72 45.86
N ASP A 189 -31.00 8.85 44.73
CA ASP A 189 -29.56 8.61 44.67
C ASP A 189 -28.77 9.85 45.06
N MET A 190 -29.01 10.95 44.36
CA MET A 190 -28.32 12.20 44.63
C MET A 190 -28.38 12.55 46.13
N LEU A 191 -29.50 12.28 46.79
CA LEU A 191 -29.64 12.55 48.22
C LEU A 191 -28.78 11.55 49.02
N SER A 192 -28.69 10.33 48.47
CA SER A 192 -27.91 9.23 49.04
C SER A 192 -26.41 9.50 48.91
N LYS A 193 -26.04 10.47 48.08
CA LYS A 193 -24.63 10.83 47.87
C LYS A 193 -24.44 12.35 47.81
N GLY A 194 -24.77 12.92 46.64
CA GLY A 194 -24.62 14.35 46.40
C GLY A 194 -25.34 15.28 47.37
N LEU A 195 -25.93 16.34 46.82
CA LEU A 195 -26.62 17.33 47.65
C LEU A 195 -27.61 16.70 48.62
N LEU A 196 -27.42 17.06 49.89
CA LEU A 196 -28.24 16.58 51.00
C LEU A 196 -29.33 17.60 51.37
N GLY A 197 -30.48 17.08 51.78
CA GLY A 197 -31.60 17.92 52.15
C GLY A 197 -32.80 17.05 52.44
N GLY A 198 -34.00 17.61 52.36
CA GLY A 198 -35.17 16.80 52.65
C GLY A 198 -35.94 16.35 51.42
N GLU A 199 -37.16 16.87 51.31
CA GLU A 199 -38.11 16.61 50.23
C GLU A 199 -39.45 17.23 50.61
N ALA A 200 -39.42 18.55 50.86
CA ALA A 200 -40.58 19.34 51.30
C ALA A 200 -41.72 19.39 50.28
N TRP A 201 -42.17 18.22 49.85
CA TRP A 201 -43.27 18.14 48.91
C TRP A 201 -44.29 17.14 49.43
N SER A 202 -43.85 16.30 50.36
CA SER A 202 -44.73 15.34 50.99
C SER A 202 -45.74 16.14 51.81
N SER A 203 -45.29 17.34 52.20
CA SER A 203 -46.11 18.29 52.96
C SER A 203 -47.17 18.89 52.04
N TRP A 204 -46.85 18.93 50.75
CA TRP A 204 -47.79 19.46 49.75
C TRP A 204 -49.01 18.56 49.66
N HIS A 205 -49.84 18.65 50.70
CA HIS A 205 -51.07 17.86 50.72
C HIS A 205 -51.92 18.31 49.52
N LYS A 206 -52.68 17.42 48.91
CA LYS A 206 -53.49 17.78 47.73
C LYS A 206 -54.14 19.16 47.86
N GLU A 207 -54.11 19.72 49.08
CA GLU A 207 -54.66 21.04 49.32
C GLU A 207 -53.87 22.07 48.56
N ASP A 208 -52.58 22.16 48.90
CA ASP A 208 -51.68 23.09 48.25
C ASP A 208 -51.76 22.94 46.73
N SER A 209 -51.73 21.69 46.27
CA SER A 209 -51.82 21.40 44.85
C SER A 209 -52.95 22.19 44.22
N ILE A 210 -54.17 21.97 44.71
CA ILE A 210 -55.35 22.66 44.17
C ILE A 210 -55.18 24.17 44.21
N HIS A 211 -54.91 24.71 45.40
CA HIS A 211 -54.72 26.15 45.60
C HIS A 211 -53.85 26.73 44.50
N VAL A 212 -52.75 26.04 44.25
CA VAL A 212 -51.82 26.46 43.20
C VAL A 212 -52.56 26.50 41.85
N GLY A 213 -53.07 25.33 41.45
CA GLY A 213 -53.79 25.21 40.18
C GLY A 213 -54.82 26.30 40.00
N VAL A 214 -55.57 26.56 41.06
CA VAL A 214 -56.63 27.56 41.08
C VAL A 214 -56.12 28.98 40.81
N ARG A 215 -55.12 29.42 41.56
CA ARG A 215 -54.60 30.77 41.38
C ARG A 215 -54.12 30.97 39.92
N CYS A 216 -53.48 29.94 39.37
CA CYS A 216 -52.99 30.00 37.99
C CYS A 216 -54.13 30.22 37.00
N ILE A 217 -55.13 29.34 37.06
CA ILE A 217 -56.30 29.45 36.17
C ILE A 217 -56.87 30.86 36.23
N GLU A 218 -56.85 31.44 37.43
CA GLU A 218 -57.34 32.80 37.64
C GLU A 218 -56.54 33.75 36.78
N MET A 219 -55.23 33.74 37.01
CA MET A 219 -54.32 34.59 36.26
C MET A 219 -54.46 34.35 34.76
N LEU A 220 -54.73 33.09 34.40
CA LEU A 220 -54.88 32.70 33.02
C LEU A 220 -56.07 33.41 32.38
N ILE A 221 -57.21 33.33 33.07
CA ILE A 221 -58.44 33.94 32.63
C ILE A 221 -58.36 35.47 32.73
N GLU A 222 -57.46 35.93 33.62
CA GLU A 222 -57.26 37.35 33.89
C GLU A 222 -56.38 38.04 32.85
N SER A 223 -55.28 37.39 32.46
CA SER A 223 -54.33 37.98 31.48
C SER A 223 -54.80 37.75 30.02
N THR A 224 -55.44 36.60 29.78
CA THR A 224 -55.96 36.27 28.46
C THR A 224 -57.37 35.71 28.61
N GLY A 225 -58.05 35.49 27.49
CA GLY A 225 -59.39 34.93 27.58
C GLY A 225 -59.48 33.55 26.97
N MET A 226 -58.80 32.56 27.54
CA MET A 226 -58.80 31.25 26.92
C MET A 226 -59.83 30.26 27.46
N VAL A 227 -60.15 30.32 28.75
CA VAL A 227 -61.14 29.39 29.31
C VAL A 227 -62.20 30.13 30.12
N SER A 228 -63.45 29.71 29.92
CA SER A 228 -64.59 30.30 30.62
C SER A 228 -64.95 29.43 31.82
N LEU A 229 -65.24 30.08 32.95
CA LEU A 229 -65.60 29.34 34.16
C LEU A 229 -67.11 29.46 34.41
N HIS A 230 -67.90 28.70 33.67
CA HIS A 230 -69.34 28.76 33.85
C HIS A 230 -69.84 27.54 34.62
N ARG A 231 -70.97 27.73 35.32
CA ARG A 231 -71.57 26.67 36.13
C ARG A 231 -72.28 25.63 35.28
N GLN A 232 -72.29 24.40 35.75
CA GLN A 232 -72.96 23.33 35.04
C GLN A 232 -74.15 22.79 35.84
N ASN A 233 -75.35 23.01 35.30
CA ASN A 233 -76.59 22.58 35.92
C ASN A 233 -76.77 23.21 37.32
N ALA A 234 -76.68 24.53 37.39
CA ALA A 234 -76.85 25.22 38.66
C ALA A 234 -78.26 25.00 39.21
N GLY A 235 -78.36 24.24 40.30
CA GLY A 235 -79.65 23.95 40.92
C GLY A 235 -79.89 22.46 41.09
N VAL A 236 -78.81 21.67 40.96
CA VAL A 236 -78.87 20.21 41.10
C VAL A 236 -77.83 19.72 42.11
N VAL A 237 -78.28 18.94 43.10
CA VAL A 237 -77.39 18.41 44.15
C VAL A 237 -76.21 17.61 43.57
N GLY A 238 -76.48 16.81 42.53
CA GLY A 238 -75.43 16.01 41.93
C GLY A 238 -75.10 16.37 40.49
N GLN A 239 -75.48 17.56 40.05
CA GLN A 239 -75.18 18.00 38.68
C GLN A 239 -74.56 19.40 38.70
N ASP A 240 -74.87 20.17 39.73
CA ASP A 240 -74.33 21.53 39.87
C ASP A 240 -72.82 21.45 40.05
N SER A 241 -72.11 21.35 38.92
CA SER A 241 -70.66 21.24 38.93
C SER A 241 -69.98 22.38 38.18
N GLU A 242 -69.20 23.16 38.91
CA GLU A 242 -68.44 24.25 38.32
C GLU A 242 -67.33 23.66 37.42
N THR A 243 -67.28 24.04 36.14
CA THR A 243 -66.26 23.50 35.25
C THR A 243 -65.62 24.58 34.39
N ILE A 244 -64.82 24.14 33.41
CA ILE A 244 -64.12 25.05 32.51
C ILE A 244 -64.37 24.68 31.06
N GLU A 245 -64.46 25.70 30.21
CA GLU A 245 -64.69 25.52 28.78
C GLU A 245 -63.71 26.36 27.95
N LEU A 246 -63.33 25.83 26.80
CA LEU A 246 -62.38 26.47 25.91
C LEU A 246 -62.96 27.64 25.14
N ALA A 247 -62.23 28.75 25.17
CA ALA A 247 -62.66 29.94 24.46
C ALA A 247 -63.09 29.56 23.04
N PRO A 248 -64.36 29.81 22.72
CA PRO A 248 -64.93 29.50 21.40
C PRO A 248 -64.04 29.99 20.25
N GLU A 249 -63.57 31.22 20.37
CA GLU A 249 -62.71 31.83 19.36
C GLU A 249 -61.38 31.08 19.23
N TYR A 250 -60.69 30.89 20.35
CA TYR A 250 -59.40 30.21 20.35
C TYR A 250 -59.50 28.75 19.86
N ALA A 251 -60.71 28.18 19.87
CA ALA A 251 -60.87 26.83 19.36
C ALA A 251 -61.00 26.89 17.84
N GLU A 252 -61.49 28.02 17.34
CA GLU A 252 -61.66 28.21 15.90
C GLU A 252 -60.31 28.47 15.22
N ALA A 253 -59.43 29.25 15.86
CA ALA A 253 -58.10 29.53 15.31
C ALA A 253 -57.35 28.20 15.09
N ILE A 254 -57.23 27.42 16.16
CA ILE A 254 -56.57 26.13 16.10
C ILE A 254 -57.14 25.29 14.96
N ALA A 255 -58.46 25.17 14.92
CA ALA A 255 -59.10 24.39 13.87
C ALA A 255 -58.75 24.94 12.50
N THR A 256 -58.73 26.27 12.39
CA THR A 256 -58.42 26.94 11.13
C THR A 256 -56.95 26.76 10.77
N ARG A 257 -56.06 26.93 11.75
CA ARG A 257 -54.61 26.75 11.51
C ARG A 257 -54.36 25.31 11.10
N ALA A 258 -54.92 24.39 11.86
CA ALA A 258 -54.77 22.98 11.57
C ALA A 258 -55.29 22.67 10.17
N GLY A 259 -56.49 23.17 9.91
CA GLY A 259 -57.11 22.96 8.62
C GLY A 259 -56.17 23.32 7.48
N ALA A 260 -55.87 24.61 7.39
CA ALA A 260 -54.99 25.14 6.34
C ALA A 260 -53.72 24.30 6.21
N LEU A 261 -53.05 24.07 7.35
CA LEU A 261 -51.84 23.29 7.43
C LEU A 261 -52.02 21.97 6.69
N ALA A 262 -53.09 21.26 7.03
CA ALA A 262 -53.41 19.97 6.43
C ALA A 262 -53.44 20.00 4.92
N GLY A 263 -53.48 21.18 4.35
CA GLY A 263 -53.53 21.28 2.89
C GLY A 263 -52.21 21.68 2.26
N ILE A 264 -51.13 21.59 3.02
CA ILE A 264 -49.82 21.95 2.51
C ILE A 264 -48.83 20.77 2.63
N SER A 265 -49.33 19.63 3.09
CA SER A 265 -48.51 18.44 3.28
C SER A 265 -49.00 17.27 2.43
N PRO A 266 -48.78 17.32 1.10
CA PRO A 266 -49.25 16.22 0.23
C PRO A 266 -48.29 15.07 0.08
N MET A 267 -48.86 13.90 -0.14
CA MET A 267 -48.08 12.71 -0.36
C MET A 267 -47.81 12.55 -1.88
N PHE A 268 -46.68 13.16 -2.29
CA PHE A 268 -46.25 13.17 -3.68
C PHE A 268 -46.11 11.79 -4.29
N GLN A 269 -46.72 11.65 -5.46
CA GLN A 269 -46.70 10.41 -6.23
C GLN A 269 -46.07 10.60 -7.61
N PRO A 270 -45.92 9.51 -8.35
CA PRO A 270 -45.35 9.57 -9.68
C PRO A 270 -46.25 10.32 -10.62
N CYS A 271 -45.76 10.54 -11.82
CA CYS A 271 -46.53 11.21 -12.82
C CYS A 271 -46.95 10.28 -13.93
N VAL A 272 -48.12 10.51 -14.49
CA VAL A 272 -48.57 9.66 -15.58
C VAL A 272 -48.22 10.27 -16.98
N VAL A 273 -47.66 11.48 -16.94
CA VAL A 273 -47.20 12.21 -18.10
C VAL A 273 -45.89 12.88 -17.71
N PRO A 274 -45.05 13.22 -18.70
CA PRO A 274 -43.77 13.86 -18.42
C PRO A 274 -43.90 15.06 -17.45
N PRO A 275 -43.04 15.14 -16.45
CA PRO A 275 -43.07 16.22 -15.48
C PRO A 275 -43.00 17.61 -16.13
N LYS A 276 -43.48 18.64 -15.45
CA LYS A 276 -43.44 20.00 -15.99
C LYS A 276 -42.01 20.49 -15.91
N PRO A 277 -41.43 20.84 -17.08
CA PRO A 277 -40.06 21.33 -17.21
C PRO A 277 -39.78 22.45 -16.24
N TRP A 278 -38.65 22.40 -15.55
CA TRP A 278 -38.38 23.48 -14.63
C TRP A 278 -37.90 24.65 -15.41
N THR A 279 -38.61 25.76 -15.26
CA THR A 279 -38.28 26.97 -15.96
C THR A 279 -37.84 28.09 -15.03
N GLY A 280 -38.03 27.89 -13.73
CA GLY A 280 -37.61 28.87 -12.74
C GLY A 280 -37.57 28.26 -11.35
N ILE A 281 -37.39 29.11 -10.33
CA ILE A 281 -37.31 28.66 -8.94
C ILE A 281 -38.52 27.85 -8.46
N THR A 282 -39.70 27.99 -9.05
CA THR A 282 -40.81 27.19 -8.54
C THR A 282 -41.76 26.80 -9.64
N GLY A 283 -42.80 26.06 -9.28
CA GLY A 283 -43.80 25.69 -10.24
C GLY A 283 -43.43 24.56 -11.16
N GLY A 284 -42.22 24.01 -11.04
CA GLY A 284 -41.81 22.92 -11.92
C GLY A 284 -42.25 21.56 -11.38
N GLY A 285 -41.96 20.49 -12.13
CA GLY A 285 -42.30 19.17 -11.68
C GLY A 285 -43.74 18.80 -11.94
N TYR A 286 -44.60 19.10 -10.99
CA TYR A 286 -46.01 18.79 -11.14
C TYR A 286 -46.73 19.88 -11.94
N TRP A 287 -47.91 19.55 -12.49
CA TRP A 287 -48.65 20.48 -13.36
C TRP A 287 -49.70 21.30 -12.68
N ALA A 288 -50.60 20.65 -11.93
CA ALA A 288 -51.65 21.37 -11.21
C ALA A 288 -51.08 22.49 -10.36
N ASN A 289 -51.94 23.40 -9.95
CA ASN A 289 -51.49 24.53 -9.13
C ASN A 289 -51.90 24.37 -7.68
N GLY A 290 -51.34 23.33 -7.05
CA GLY A 290 -51.60 23.07 -5.64
C GLY A 290 -50.98 24.14 -4.76
N ARG A 291 -51.56 24.39 -3.60
CA ARG A 291 -51.07 25.43 -2.74
C ARG A 291 -49.72 25.10 -2.10
N ARG A 292 -49.12 24.00 -2.53
CA ARG A 292 -47.80 23.59 -2.06
C ARG A 292 -46.86 23.39 -3.26
N PRO A 293 -46.50 24.50 -3.95
CA PRO A 293 -45.61 24.51 -5.12
C PRO A 293 -44.18 24.01 -4.83
N LEU A 294 -43.68 23.20 -5.76
CA LEU A 294 -42.34 22.60 -5.67
C LEU A 294 -41.28 23.62 -5.84
N ALA A 295 -40.28 23.61 -4.98
CA ALA A 295 -39.19 24.53 -5.13
C ALA A 295 -38.10 23.83 -5.91
N LEU A 296 -37.33 24.56 -6.69
CA LEU A 296 -36.28 23.93 -7.44
C LEU A 296 -35.17 23.57 -6.48
N VAL A 297 -35.13 24.28 -5.37
CA VAL A 297 -34.11 23.99 -4.36
C VAL A 297 -34.75 23.86 -3.02
N ARG A 298 -34.48 22.74 -2.35
CA ARG A 298 -35.05 22.49 -1.03
C ARG A 298 -34.27 23.28 0.00
N THR A 299 -34.66 24.53 0.19
CA THR A 299 -34.02 25.46 1.09
C THR A 299 -34.74 25.49 2.45
N HIS A 300 -34.01 25.97 3.47
CA HIS A 300 -34.49 26.07 4.84
C HIS A 300 -35.50 27.26 4.95
N SER A 301 -35.01 28.41 4.54
CA SER A 301 -35.74 29.65 4.63
C SER A 301 -36.19 30.17 3.26
N LYS A 302 -37.37 30.78 3.22
CA LYS A 302 -37.86 31.33 1.98
C LYS A 302 -36.85 32.30 1.41
N LYS A 303 -36.20 33.02 2.30
CA LYS A 303 -35.19 33.95 1.85
C LYS A 303 -34.14 33.25 1.04
N ALA A 304 -33.74 32.06 1.51
CA ALA A 304 -32.72 31.25 0.86
C ALA A 304 -33.11 30.87 -0.56
N LEU A 305 -34.37 30.53 -0.72
CA LEU A 305 -34.86 30.16 -2.03
C LEU A 305 -34.69 31.30 -3.02
N MET A 306 -35.16 32.48 -2.60
CA MET A 306 -35.14 33.62 -3.48
C MET A 306 -33.78 33.92 -4.00
N ARG A 307 -32.70 33.62 -3.27
CA ARG A 307 -31.38 33.93 -3.82
C ARG A 307 -31.16 33.29 -5.19
N TYR A 308 -31.97 32.29 -5.55
CA TYR A 308 -31.83 31.61 -6.84
C TYR A 308 -32.70 32.24 -7.94
N GLU A 309 -33.75 32.93 -7.52
CA GLU A 309 -34.70 33.55 -8.42
C GLU A 309 -34.11 34.02 -9.76
N ASP A 310 -33.06 34.83 -9.73
CA ASP A 310 -32.55 35.32 -11.01
C ASP A 310 -31.18 34.78 -11.35
N VAL A 311 -30.79 33.65 -10.77
CA VAL A 311 -29.46 33.17 -11.07
C VAL A 311 -29.44 32.48 -12.39
N TYR A 312 -28.38 32.77 -13.15
CA TYR A 312 -28.22 32.19 -14.46
C TYR A 312 -27.41 30.88 -14.38
N MET A 313 -28.10 29.75 -14.64
CA MET A 313 -27.50 28.42 -14.55
C MET A 313 -28.23 27.49 -15.50
N PRO A 314 -28.01 27.71 -16.81
CA PRO A 314 -28.61 26.94 -17.89
C PRO A 314 -28.29 25.46 -17.79
N GLU A 315 -27.02 25.15 -17.53
CA GLU A 315 -26.62 23.75 -17.46
C GLU A 315 -27.34 23.06 -16.31
N VAL A 316 -27.50 23.73 -15.17
CA VAL A 316 -28.24 23.16 -14.08
C VAL A 316 -29.65 22.80 -14.54
N TYR A 317 -30.40 23.77 -15.05
CA TYR A 317 -31.76 23.44 -15.50
C TYR A 317 -31.77 22.30 -16.55
N LYS A 318 -30.80 22.28 -17.47
CA LYS A 318 -30.81 21.24 -18.48
C LYS A 318 -30.79 19.88 -17.82
N ALA A 319 -29.82 19.72 -16.94
CA ALA A 319 -29.62 18.49 -16.24
C ALA A 319 -30.92 18.09 -15.54
N ILE A 320 -31.39 18.89 -14.61
CA ILE A 320 -32.62 18.54 -13.91
C ILE A 320 -33.74 18.17 -14.87
N ASN A 321 -33.89 18.90 -15.97
CA ASN A 321 -34.97 18.59 -16.88
C ASN A 321 -34.73 17.31 -17.63
N ILE A 322 -33.49 17.06 -18.03
CA ILE A 322 -33.21 15.84 -18.77
C ILE A 322 -33.56 14.65 -17.95
N ALA A 323 -33.06 14.67 -16.71
CA ALA A 323 -33.28 13.58 -15.78
C ALA A 323 -34.72 13.33 -15.56
N GLN A 324 -35.38 14.37 -15.12
CA GLN A 324 -36.81 14.36 -14.85
C GLN A 324 -37.61 13.83 -16.02
N ASN A 325 -37.00 13.75 -17.19
CA ASN A 325 -37.75 13.35 -18.35
C ASN A 325 -37.63 11.84 -18.65
N THR A 326 -36.84 11.14 -17.86
CA THR A 326 -36.62 9.74 -18.08
C THR A 326 -37.90 8.98 -17.86
N ALA A 327 -38.30 8.11 -18.78
CA ALA A 327 -39.52 7.37 -18.62
C ALA A 327 -39.29 6.04 -17.93
N TRP A 328 -40.08 5.76 -16.89
CA TRP A 328 -39.96 4.54 -16.15
C TRP A 328 -41.24 3.71 -16.21
N LYS A 329 -41.16 2.47 -15.71
CA LYS A 329 -42.29 1.57 -15.65
C LYS A 329 -42.04 0.47 -14.60
N ILE A 330 -43.11 -0.17 -14.14
CA ILE A 330 -43.03 -1.21 -13.15
C ILE A 330 -42.55 -2.52 -13.76
N ASN A 331 -41.55 -3.12 -13.18
CA ASN A 331 -41.06 -4.38 -13.64
C ASN A 331 -42.05 -5.40 -13.20
N LYS A 332 -43.09 -5.60 -13.99
CA LYS A 332 -44.14 -6.55 -13.65
C LYS A 332 -43.63 -7.93 -13.21
N LYS A 333 -42.74 -8.57 -13.95
CA LYS A 333 -42.29 -9.90 -13.54
C LYS A 333 -41.74 -9.89 -12.13
N VAL A 334 -41.16 -8.80 -11.70
CA VAL A 334 -40.63 -8.76 -10.34
C VAL A 334 -41.76 -8.53 -9.35
N LEU A 335 -42.69 -7.65 -9.69
CA LEU A 335 -43.80 -7.36 -8.83
C LEU A 335 -44.53 -8.65 -8.53
N ALA A 336 -44.68 -9.53 -9.52
CA ALA A 336 -45.38 -10.80 -9.28
C ALA A 336 -44.70 -11.56 -8.15
N VAL A 337 -43.38 -11.68 -8.22
CA VAL A 337 -42.67 -12.41 -7.22
C VAL A 337 -42.85 -11.79 -5.85
N ALA A 338 -42.73 -10.48 -5.76
CA ALA A 338 -42.85 -9.81 -4.48
C ALA A 338 -44.28 -9.85 -3.94
N ASN A 339 -45.26 -9.67 -4.81
CA ASN A 339 -46.64 -9.72 -4.36
C ASN A 339 -46.88 -11.06 -3.65
N VAL A 340 -46.24 -12.14 -4.09
CA VAL A 340 -46.44 -13.41 -3.43
C VAL A 340 -45.60 -13.56 -2.14
N ILE A 341 -44.28 -13.68 -2.24
CA ILE A 341 -43.47 -13.90 -1.05
C ILE A 341 -43.61 -12.81 0.03
N THR A 342 -44.08 -11.60 -0.25
CA THR A 342 -44.11 -10.67 0.88
C THR A 342 -45.28 -10.96 1.85
N LYS A 343 -46.31 -11.66 1.37
CA LYS A 343 -47.44 -11.99 2.25
C LYS A 343 -47.15 -13.23 3.06
N TRP A 344 -45.93 -13.69 2.92
CA TRP A 344 -45.50 -14.84 3.66
C TRP A 344 -44.38 -14.45 4.65
N LYS A 345 -43.66 -13.36 4.37
CA LYS A 345 -42.58 -12.96 5.24
C LYS A 345 -42.60 -11.45 5.49
N HIS A 346 -42.20 -11.03 6.67
CA HIS A 346 -42.19 -9.62 6.98
C HIS A 346 -41.32 -8.97 6.03
N CYS A 347 -40.09 -9.49 6.02
CA CYS A 347 -39.12 -9.06 5.06
C CYS A 347 -38.81 -10.24 4.22
N PRO A 348 -39.23 -10.20 2.95
CA PRO A 348 -39.01 -11.32 2.04
C PRO A 348 -37.61 -11.87 2.06
N VAL A 349 -36.64 -11.14 2.58
CA VAL A 349 -35.31 -11.71 2.61
C VAL A 349 -34.63 -11.53 3.98
N GLU A 350 -35.19 -12.00 5.07
CA GLU A 350 -34.45 -11.73 6.27
C GLU A 350 -33.95 -13.00 6.91
N ASP A 351 -34.65 -14.09 6.64
CA ASP A 351 -34.30 -15.34 7.26
C ASP A 351 -34.59 -16.51 6.40
N ILE A 352 -33.68 -16.83 5.49
CA ILE A 352 -33.89 -17.95 4.62
C ILE A 352 -32.99 -19.10 4.98
N PRO A 353 -33.55 -20.30 5.13
CA PRO A 353 -32.82 -21.51 5.48
C PRO A 353 -31.50 -21.67 4.73
N ALA A 354 -30.39 -21.42 5.40
CA ALA A 354 -29.07 -21.60 4.79
C ALA A 354 -28.22 -22.53 5.67
N ILE A 355 -27.41 -23.35 5.00
CA ILE A 355 -26.55 -24.35 5.66
C ILE A 355 -25.22 -23.77 6.14
N GLU A 372 -18.53 -7.34 33.64
CA GLU A 372 -19.53 -6.83 32.71
C GLU A 372 -20.65 -7.83 32.55
N ALA A 373 -21.54 -7.91 33.53
CA ALA A 373 -22.65 -8.85 33.48
C ALA A 373 -23.92 -8.14 33.01
N LEU A 374 -24.52 -7.39 33.93
CA LEU A 374 -25.74 -6.64 33.64
C LEU A 374 -25.56 -5.79 32.36
N THR A 375 -24.41 -5.13 32.27
CA THR A 375 -24.11 -4.27 31.13
C THR A 375 -23.83 -5.10 29.89
N ALA A 376 -24.31 -6.33 29.92
CA ALA A 376 -24.12 -7.22 28.79
C ALA A 376 -25.41 -7.92 28.43
N TRP A 377 -26.14 -8.35 29.45
CA TRP A 377 -27.40 -9.03 29.22
C TRP A 377 -28.44 -7.99 28.87
N LYS A 378 -28.48 -6.93 29.67
CA LYS A 378 -29.42 -5.84 29.44
C LYS A 378 -29.11 -5.19 28.11
N ARG A 379 -27.85 -5.31 27.72
CA ARG A 379 -27.41 -4.78 26.45
C ARG A 379 -28.16 -5.48 25.35
N ALA A 380 -28.07 -6.81 25.36
CA ALA A 380 -28.73 -7.64 24.36
C ALA A 380 -30.23 -7.47 24.39
N ALA A 381 -30.75 -7.28 25.60
CA ALA A 381 -32.19 -7.10 25.76
C ALA A 381 -32.67 -5.89 24.95
N ALA A 382 -32.01 -4.77 25.18
CA ALA A 382 -32.33 -3.52 24.48
C ALA A 382 -32.21 -3.67 22.96
N ALA A 383 -31.38 -4.60 22.51
CA ALA A 383 -31.25 -4.82 21.08
C ALA A 383 -32.48 -5.54 20.57
N VAL A 384 -32.89 -6.57 21.29
CA VAL A 384 -34.07 -7.35 20.94
C VAL A 384 -35.26 -6.44 20.68
N TYR A 385 -35.40 -5.46 21.54
CA TYR A 385 -36.50 -4.51 21.44
C TYR A 385 -36.33 -3.65 20.19
N ARG A 386 -35.15 -3.05 20.04
CA ARG A 386 -34.91 -2.19 18.86
C ARG A 386 -35.13 -2.95 17.56
N LYS A 387 -34.62 -4.18 17.52
CA LYS A 387 -34.72 -5.03 16.37
C LYS A 387 -36.17 -5.22 15.91
N ASP A 388 -37.04 -5.56 16.86
CA ASP A 388 -38.40 -5.76 16.48
C ASP A 388 -39.05 -4.44 16.06
N LYS A 389 -38.70 -3.36 16.73
CA LYS A 389 -39.25 -2.07 16.33
C LYS A 389 -38.85 -1.80 14.86
N ALA A 390 -37.59 -2.10 14.53
CA ALA A 390 -37.06 -1.93 13.18
C ALA A 390 -37.86 -2.75 12.16
N ARG A 391 -37.99 -4.04 12.45
CA ARG A 391 -38.72 -4.91 11.57
C ARG A 391 -40.15 -4.41 11.34
N LYS A 392 -40.67 -3.65 12.28
CA LYS A 392 -42.01 -3.16 12.09
C LYS A 392 -42.01 -1.92 11.19
N SER A 393 -41.04 -1.03 11.39
CA SER A 393 -40.99 0.18 10.57
C SER A 393 -40.60 -0.18 9.09
N ARG A 394 -39.71 -1.17 8.94
CA ARG A 394 -39.32 -1.67 7.62
C ARG A 394 -40.55 -2.15 6.86
N ARG A 395 -41.39 -2.91 7.54
CA ARG A 395 -42.56 -3.43 6.89
C ARG A 395 -43.59 -2.34 6.52
N ILE A 396 -43.65 -1.26 7.29
CA ILE A 396 -44.60 -0.24 6.96
C ILE A 396 -44.27 0.32 5.60
N SER A 397 -43.00 0.67 5.44
CA SER A 397 -42.52 1.24 4.19
C SER A 397 -42.59 0.23 3.07
N LEU A 398 -42.20 -1.04 3.34
CA LEU A 398 -42.33 -2.01 2.28
C LEU A 398 -43.75 -2.05 1.76
N GLU A 399 -44.73 -2.06 2.64
CA GLU A 399 -46.14 -2.11 2.27
C GLU A 399 -46.53 -0.96 1.36
N PHE A 400 -46.05 0.23 1.69
CA PHE A 400 -46.33 1.43 0.92
C PHE A 400 -45.83 1.29 -0.50
N MET A 401 -44.52 1.05 -0.66
CA MET A 401 -43.94 0.91 -1.98
C MET A 401 -44.70 -0.15 -2.80
N LEU A 402 -44.88 -1.34 -2.26
CA LEU A 402 -45.61 -2.37 -2.98
C LEU A 402 -46.98 -1.90 -3.42
N GLU A 403 -47.68 -1.19 -2.55
CA GLU A 403 -48.99 -0.66 -2.88
C GLU A 403 -48.81 0.26 -4.06
N GLN A 404 -47.84 1.16 -3.94
CA GLN A 404 -47.50 2.12 -4.98
C GLN A 404 -47.12 1.42 -6.32
N ALA A 405 -46.30 0.38 -6.23
CA ALA A 405 -45.92 -0.40 -7.40
C ALA A 405 -47.16 -0.94 -8.11
N ASN A 406 -47.93 -1.76 -7.40
CA ASN A 406 -49.17 -2.37 -7.93
C ASN A 406 -50.07 -1.31 -8.56
N LYS A 407 -50.11 -0.16 -7.95
CA LYS A 407 -50.97 0.87 -8.47
C LYS A 407 -50.61 1.19 -9.89
N PHE A 408 -49.32 1.27 -10.17
CA PHE A 408 -48.88 1.65 -11.49
C PHE A 408 -48.41 0.45 -12.37
N ALA A 409 -48.59 -0.76 -11.87
CA ALA A 409 -48.17 -1.92 -12.60
C ALA A 409 -48.57 -1.91 -14.05
N ASN A 410 -49.67 -1.28 -14.44
CA ASN A 410 -50.03 -1.39 -15.82
C ASN A 410 -49.87 -0.14 -16.64
N HIS A 411 -49.37 0.97 -16.09
CA HIS A 411 -49.18 2.14 -16.96
C HIS A 411 -48.04 1.85 -17.93
N LYS A 412 -48.10 2.40 -19.12
CA LYS A 412 -47.04 2.15 -20.08
C LYS A 412 -45.79 2.92 -19.72
N ALA A 413 -45.93 3.81 -18.77
CA ALA A 413 -44.81 4.59 -18.34
C ALA A 413 -45.21 5.54 -17.20
N ILE A 414 -44.25 5.86 -16.34
CA ILE A 414 -44.49 6.82 -15.29
C ILE A 414 -43.22 7.65 -15.18
N TRP A 415 -43.30 8.86 -14.63
CA TRP A 415 -42.12 9.75 -14.51
C TRP A 415 -42.01 10.31 -13.06
N PHE A 416 -40.83 10.84 -12.73
CA PHE A 416 -40.57 11.39 -11.43
C PHE A 416 -40.02 12.77 -11.51
N PRO A 417 -40.69 13.73 -10.86
CA PRO A 417 -40.18 15.12 -10.91
C PRO A 417 -38.87 15.19 -10.15
N TYR A 418 -38.03 16.22 -10.36
CA TYR A 418 -36.79 16.28 -9.60
C TYR A 418 -36.48 17.67 -9.02
N ASN A 419 -35.83 17.68 -7.85
CA ASN A 419 -35.38 18.83 -7.06
C ASN A 419 -33.91 18.68 -6.74
N MET A 420 -33.44 19.61 -5.93
CA MET A 420 -32.09 19.59 -5.45
C MET A 420 -32.05 20.02 -3.98
N ASP A 421 -31.13 19.47 -3.19
CA ASP A 421 -31.06 20.00 -1.84
C ASP A 421 -30.20 21.26 -1.88
N TRP A 422 -30.11 22.00 -0.80
CA TRP A 422 -29.37 23.22 -0.84
C TRP A 422 -27.98 23.05 -1.35
N ARG A 423 -27.48 21.83 -1.50
CA ARG A 423 -26.07 21.70 -1.99
C ARG A 423 -25.97 21.34 -3.43
N GLY A 424 -27.09 21.03 -4.07
CA GLY A 424 -27.06 20.70 -5.46
C GLY A 424 -27.37 19.24 -5.74
N ARG A 425 -27.43 18.35 -4.76
CA ARG A 425 -27.72 16.94 -5.09
C ARG A 425 -29.11 16.80 -5.64
N VAL A 426 -29.32 15.93 -6.63
CA VAL A 426 -30.63 15.74 -7.27
C VAL A 426 -31.53 14.71 -6.55
N TYR A 427 -32.79 15.06 -6.20
CA TYR A 427 -33.66 14.09 -5.56
C TYR A 427 -34.96 13.91 -6.29
N ALA A 428 -35.45 12.70 -6.40
CA ALA A 428 -36.74 12.49 -7.03
C ALA A 428 -37.81 12.98 -6.06
N VAL A 429 -38.90 13.57 -6.50
CA VAL A 429 -39.84 14.10 -5.53
C VAL A 429 -40.86 13.10 -4.96
N SER A 430 -41.41 12.19 -5.77
CA SER A 430 -42.40 11.29 -5.19
C SER A 430 -41.82 10.32 -4.17
N MET A 431 -42.63 10.00 -3.15
CA MET A 431 -42.23 9.08 -2.09
C MET A 431 -41.72 7.79 -2.67
N PHE A 432 -42.38 7.31 -3.71
CA PHE A 432 -41.94 6.09 -4.43
C PHE A 432 -41.07 6.51 -5.59
N ASN A 433 -39.77 6.27 -5.52
CA ASN A 433 -38.92 6.65 -6.59
C ASN A 433 -37.72 5.72 -6.73
N PRO A 434 -37.01 5.80 -7.86
CA PRO A 434 -35.85 4.99 -8.19
C PRO A 434 -34.74 5.11 -7.19
N GLN A 435 -34.76 6.10 -6.33
CA GLN A 435 -33.63 6.18 -5.43
C GLN A 435 -33.94 5.42 -4.11
N GLY A 436 -34.79 4.42 -4.27
CA GLY A 436 -35.22 3.62 -3.17
C GLY A 436 -34.23 2.60 -2.77
N ASN A 437 -34.75 1.46 -2.39
CA ASN A 437 -33.93 0.38 -1.93
C ASN A 437 -34.03 -0.80 -2.87
N ASP A 438 -33.41 -1.91 -2.52
CA ASP A 438 -33.41 -3.00 -3.46
C ASP A 438 -34.77 -3.31 -4.00
N MET A 439 -35.77 -3.56 -3.15
CA MET A 439 -37.08 -3.91 -3.67
C MET A 439 -37.66 -2.82 -4.52
N THR A 440 -37.57 -1.60 -4.03
CA THR A 440 -38.12 -0.54 -4.79
C THR A 440 -37.44 -0.46 -6.13
N LYS A 441 -36.11 -0.36 -6.12
CA LYS A 441 -35.37 -0.31 -7.40
C LYS A 441 -35.73 -1.54 -8.24
N GLY A 442 -35.70 -2.73 -7.70
CA GLY A 442 -36.08 -3.88 -8.47
C GLY A 442 -37.46 -3.78 -9.10
N LEU A 443 -38.39 -3.07 -8.48
CA LEU A 443 -39.71 -3.00 -9.04
C LEU A 443 -39.79 -1.95 -10.14
N LEU A 444 -38.75 -1.14 -10.25
CA LEU A 444 -38.71 -0.08 -11.25
C LEU A 444 -37.71 -0.41 -12.37
N THR A 445 -38.10 -0.10 -13.60
CA THR A 445 -37.27 -0.32 -14.80
C THR A 445 -37.60 0.76 -15.83
N LEU A 446 -36.67 1.07 -16.74
CA LEU A 446 -36.94 2.14 -17.70
C LEU A 446 -37.90 1.66 -18.77
N ALA A 447 -38.71 2.59 -19.25
CA ALA A 447 -39.74 2.29 -20.22
C ALA A 447 -39.24 2.14 -21.65
N LYS A 448 -38.28 2.96 -22.11
CA LYS A 448 -37.84 2.84 -23.50
C LYS A 448 -36.49 2.20 -23.64
N GLY A 449 -36.49 0.95 -24.01
CA GLY A 449 -35.23 0.22 -24.22
C GLY A 449 -34.77 0.15 -25.69
N LYS A 450 -33.68 -0.55 -25.93
CA LYS A 450 -33.10 -0.70 -27.25
C LYS A 450 -32.59 -2.10 -27.46
N PRO A 451 -32.35 -2.50 -28.73
CA PRO A 451 -31.83 -3.85 -28.91
C PRO A 451 -30.54 -3.91 -28.17
N ILE A 452 -30.43 -4.88 -27.30
CA ILE A 452 -29.28 -4.99 -26.44
C ILE A 452 -27.96 -4.98 -27.18
N GLY A 453 -27.77 -5.90 -28.12
CA GLY A 453 -26.51 -6.00 -28.83
C GLY A 453 -25.40 -6.62 -27.97
N LYS A 454 -24.30 -6.98 -28.58
CA LYS A 454 -23.14 -7.60 -27.95
C LYS A 454 -22.64 -6.83 -26.72
N GLU A 455 -22.37 -5.58 -26.96
CA GLU A 455 -21.84 -4.61 -26.02
C GLU A 455 -22.75 -4.51 -24.78
N GLY A 456 -24.03 -4.20 -25.04
CA GLY A 456 -25.02 -4.09 -23.98
C GLY A 456 -25.12 -5.36 -23.15
N TYR A 457 -25.13 -6.51 -23.81
CA TYR A 457 -25.21 -7.78 -23.11
C TYR A 457 -24.04 -7.91 -22.15
N TYR A 458 -22.90 -7.51 -22.59
CA TYR A 458 -21.74 -7.63 -21.75
C TYR A 458 -21.94 -6.83 -20.50
N TRP A 459 -22.45 -5.61 -20.62
CA TRP A 459 -22.68 -4.78 -19.45
C TRP A 459 -23.85 -5.36 -18.61
N LEU A 460 -24.85 -5.96 -19.24
CA LEU A 460 -25.91 -6.58 -18.55
C LEU A 460 -25.33 -7.55 -17.54
N LYS A 461 -24.40 -8.37 -17.98
CA LYS A 461 -23.82 -9.36 -17.10
C LYS A 461 -22.93 -8.69 -16.05
N ILE A 462 -22.22 -7.65 -16.38
CA ILE A 462 -21.42 -7.00 -15.34
C ILE A 462 -22.33 -6.61 -14.16
N HIS A 463 -23.40 -5.93 -14.47
CA HIS A 463 -24.39 -5.49 -13.52
C HIS A 463 -24.92 -6.67 -12.71
N GLY A 464 -25.12 -7.82 -13.35
CA GLY A 464 -25.56 -8.95 -12.61
C GLY A 464 -24.50 -9.34 -11.58
N ALA A 465 -23.25 -9.39 -11.98
CA ALA A 465 -22.26 -9.74 -11.02
C ALA A 465 -22.31 -8.76 -9.84
N ASN A 466 -22.54 -7.50 -10.17
CA ASN A 466 -22.58 -6.45 -9.20
C ASN A 466 -23.72 -6.66 -8.22
N CYS A 467 -24.90 -6.96 -8.74
CA CYS A 467 -26.07 -7.20 -7.90
C CYS A 467 -25.85 -8.41 -7.00
N ALA A 468 -24.98 -9.32 -7.39
CA ALA A 468 -24.74 -10.47 -6.55
C ALA A 468 -23.59 -10.22 -5.62
N GLY A 469 -23.04 -9.02 -5.63
CA GLY A 469 -21.93 -8.69 -4.75
C GLY A 469 -20.53 -8.98 -5.30
N VAL A 470 -20.42 -9.44 -6.53
CA VAL A 470 -19.11 -9.70 -7.14
C VAL A 470 -18.65 -8.44 -7.82
N ASP A 471 -18.35 -7.41 -7.04
CA ASP A 471 -17.94 -6.11 -7.56
C ASP A 471 -16.56 -5.70 -7.09
N LYS A 472 -15.81 -6.61 -6.48
CA LYS A 472 -14.48 -6.20 -6.04
C LYS A 472 -13.44 -7.05 -6.73
N VAL A 473 -13.77 -7.35 -7.98
CA VAL A 473 -12.96 -8.19 -8.85
C VAL A 473 -13.03 -7.66 -10.30
N PRO A 474 -11.97 -7.88 -11.09
CA PRO A 474 -11.95 -7.39 -12.47
C PRO A 474 -13.10 -7.93 -13.29
N PHE A 475 -13.55 -7.16 -14.29
CA PHE A 475 -14.68 -7.52 -15.11
C PHE A 475 -14.62 -8.93 -15.66
N PRO A 476 -13.45 -9.35 -16.18
CA PRO A 476 -13.51 -10.72 -16.69
C PRO A 476 -13.96 -11.73 -15.61
N GLU A 477 -13.53 -11.54 -14.37
CA GLU A 477 -13.98 -12.45 -13.30
C GLU A 477 -15.48 -12.28 -13.04
N ARG A 478 -16.00 -11.09 -13.28
CA ARG A 478 -17.43 -10.87 -13.11
C ARG A 478 -18.23 -11.60 -14.19
N ILE A 479 -17.70 -11.59 -15.41
CA ILE A 479 -18.40 -12.25 -16.50
C ILE A 479 -18.32 -13.74 -16.27
N LYS A 480 -17.17 -14.14 -15.76
CA LYS A 480 -16.94 -15.54 -15.51
C LYS A 480 -18.01 -16.04 -14.55
N PHE A 481 -18.17 -15.30 -13.44
CA PHE A 481 -19.13 -15.60 -12.40
C PHE A 481 -20.53 -15.78 -12.97
N ILE A 482 -20.99 -14.88 -13.82
CA ILE A 482 -22.29 -15.03 -14.43
C ILE A 482 -22.35 -16.26 -15.32
N GLU A 483 -21.30 -16.51 -16.10
CA GLU A 483 -21.36 -17.65 -17.01
C GLU A 483 -21.36 -18.96 -16.26
N GLU A 484 -20.54 -19.04 -15.20
CA GLU A 484 -20.54 -20.27 -14.40
C GLU A 484 -21.90 -20.51 -13.73
N ASN A 485 -22.69 -19.46 -13.51
CA ASN A 485 -23.96 -19.68 -12.88
C ASN A 485 -25.13 -19.63 -13.88
N HIS A 486 -24.81 -19.68 -15.16
CA HIS A 486 -25.82 -19.62 -16.20
C HIS A 486 -27.07 -20.45 -15.85
N GLU A 487 -26.87 -21.65 -15.32
CA GLU A 487 -28.03 -22.51 -15.00
C GLU A 487 -28.83 -21.99 -13.79
N ASN A 488 -28.12 -21.52 -12.75
CA ASN A 488 -28.79 -20.97 -11.61
C ASN A 488 -29.65 -19.83 -12.02
N ILE A 489 -29.14 -18.97 -12.88
CA ILE A 489 -29.88 -17.81 -13.29
C ILE A 489 -31.11 -18.21 -14.04
N MET A 490 -30.94 -19.04 -15.06
CA MET A 490 -32.08 -19.46 -15.89
C MET A 490 -33.14 -20.09 -15.04
N ALA A 491 -32.71 -20.77 -13.98
CA ALA A 491 -33.62 -21.42 -12.99
C ALA A 491 -34.46 -20.36 -12.29
N CYS A 492 -33.79 -19.38 -11.66
CA CYS A 492 -34.47 -18.29 -10.97
C CYS A 492 -35.37 -17.54 -11.89
N ALA A 493 -35.04 -17.49 -13.17
CA ALA A 493 -35.87 -16.75 -14.09
C ALA A 493 -37.11 -17.54 -14.44
N LYS A 494 -36.94 -18.86 -14.62
CA LYS A 494 -38.00 -19.77 -15.01
C LYS A 494 -39.03 -19.90 -13.89
N SER A 495 -38.53 -20.19 -12.69
CA SER A 495 -39.36 -20.39 -11.49
C SER A 495 -38.75 -19.69 -10.27
N PRO A 496 -38.93 -18.36 -10.19
CA PRO A 496 -38.38 -17.57 -9.09
C PRO A 496 -38.87 -18.04 -7.71
N LEU A 497 -40.12 -18.50 -7.61
CA LEU A 497 -40.66 -19.00 -6.33
C LEU A 497 -40.09 -20.33 -5.97
N GLU A 498 -39.47 -21.05 -6.92
CA GLU A 498 -38.93 -22.39 -6.65
C GLU A 498 -37.45 -22.37 -6.47
N ASN A 499 -36.82 -21.25 -6.80
CA ASN A 499 -35.38 -21.15 -6.62
C ASN A 499 -35.00 -19.92 -5.78
N THR A 500 -34.51 -20.14 -4.59
CA THR A 500 -34.23 -19.00 -3.74
C THR A 500 -32.86 -18.41 -3.97
N TRP A 501 -32.06 -18.99 -4.86
CA TRP A 501 -30.68 -18.47 -5.09
C TRP A 501 -30.64 -16.96 -5.26
N TRP A 502 -31.56 -16.43 -6.07
CA TRP A 502 -31.56 -15.00 -6.23
C TRP A 502 -31.74 -14.24 -4.94
N ALA A 503 -32.68 -14.68 -4.09
CA ALA A 503 -32.96 -13.99 -2.83
C ALA A 503 -31.75 -14.00 -1.92
N GLU A 504 -30.78 -14.84 -2.23
CA GLU A 504 -29.61 -14.82 -1.37
C GLU A 504 -28.54 -13.83 -1.80
N GLN A 505 -28.74 -13.03 -2.83
CA GLN A 505 -27.63 -12.14 -3.26
C GLN A 505 -27.66 -10.76 -2.59
N ASP A 506 -26.53 -10.05 -2.56
CA ASP A 506 -26.50 -8.76 -1.92
C ASP A 506 -27.65 -7.86 -2.31
N SER A 507 -28.06 -7.88 -3.57
CA SER A 507 -29.17 -7.05 -4.07
C SER A 507 -30.22 -7.92 -4.70
N PRO A 508 -30.88 -8.73 -3.88
CA PRO A 508 -31.92 -9.68 -4.24
C PRO A 508 -32.86 -9.24 -5.39
N PHE A 509 -33.69 -8.23 -5.25
CA PHE A 509 -34.63 -7.97 -6.33
C PHE A 509 -33.96 -7.43 -7.59
N CYS A 510 -33.01 -6.53 -7.43
CA CYS A 510 -32.25 -6.07 -8.55
C CYS A 510 -31.65 -7.26 -9.30
N PHE A 511 -31.12 -8.21 -8.55
CA PHE A 511 -30.55 -9.39 -9.11
C PHE A 511 -31.57 -10.13 -9.86
N LEU A 512 -32.74 -10.28 -9.28
CA LEU A 512 -33.79 -11.04 -9.90
C LEU A 512 -34.20 -10.38 -11.20
N ALA A 513 -34.23 -9.04 -11.17
CA ALA A 513 -34.58 -8.25 -12.33
C ALA A 513 -33.60 -8.60 -13.45
N PHE A 514 -32.33 -8.64 -13.09
CA PHE A 514 -31.30 -9.01 -14.03
C PHE A 514 -31.54 -10.40 -14.57
N CYS A 515 -31.76 -11.36 -13.68
CA CYS A 515 -32.05 -12.72 -14.10
C CYS A 515 -33.08 -12.74 -15.26
N PHE A 516 -34.22 -12.09 -15.08
CA PHE A 516 -35.22 -12.08 -16.14
C PHE A 516 -34.65 -11.54 -17.44
N GLU A 517 -34.03 -10.38 -17.39
CA GLU A 517 -33.43 -9.79 -18.58
C GLU A 517 -32.39 -10.75 -19.21
N TYR A 518 -31.60 -11.40 -18.36
CA TYR A 518 -30.63 -12.28 -18.90
C TYR A 518 -31.30 -13.42 -19.62
N ALA A 519 -32.32 -13.99 -19.03
CA ALA A 519 -33.06 -15.08 -19.63
C ALA A 519 -33.70 -14.64 -20.94
N GLY A 520 -34.09 -13.39 -21.06
CA GLY A 520 -34.68 -12.94 -22.31
C GLY A 520 -33.67 -13.01 -23.45
N VAL A 521 -32.45 -12.56 -23.20
CA VAL A 521 -31.42 -12.59 -24.20
C VAL A 521 -31.19 -14.02 -24.65
N GLN A 522 -31.15 -14.98 -23.73
CA GLN A 522 -30.94 -16.36 -24.12
C GLN A 522 -31.99 -16.82 -25.09
N HIS A 523 -33.22 -16.42 -24.88
CA HIS A 523 -34.31 -16.86 -25.73
C HIS A 523 -34.41 -16.09 -27.00
N HIS A 524 -34.18 -14.78 -26.93
CA HIS A 524 -34.35 -13.92 -28.10
C HIS A 524 -33.07 -13.57 -28.84
N GLY A 525 -31.91 -13.67 -28.22
CA GLY A 525 -30.71 -13.28 -28.92
C GLY A 525 -30.36 -11.84 -28.68
N LEU A 526 -29.21 -11.39 -29.21
CA LEU A 526 -28.76 -10.04 -28.98
C LEU A 526 -29.66 -8.99 -29.56
N SER A 527 -30.77 -9.37 -30.14
CA SER A 527 -31.69 -8.34 -30.68
C SER A 527 -32.67 -7.92 -29.63
N TYR A 528 -32.76 -8.74 -28.58
CA TYR A 528 -33.61 -8.54 -27.45
C TYR A 528 -33.67 -7.08 -27.04
N ASN A 529 -34.89 -6.54 -26.97
CA ASN A 529 -35.04 -5.17 -26.54
C ASN A 529 -35.05 -5.10 -24.99
N CYS A 530 -34.00 -4.52 -24.40
CA CYS A 530 -33.84 -4.44 -22.98
C CYS A 530 -33.87 -3.01 -22.49
N SER A 531 -34.43 -2.79 -21.31
CA SER A 531 -34.51 -1.44 -20.76
C SER A 531 -34.11 -1.43 -19.31
N LEU A 532 -33.46 -2.48 -18.85
CA LEU A 532 -33.07 -2.55 -17.48
C LEU A 532 -32.01 -1.51 -17.20
N PRO A 533 -32.12 -0.80 -16.08
CA PRO A 533 -31.12 0.21 -15.80
C PRO A 533 -29.85 -0.37 -15.20
N LEU A 534 -28.72 -0.37 -15.88
CA LEU A 534 -27.43 -0.86 -15.35
C LEU A 534 -26.75 0.27 -14.64
N ALA A 535 -26.38 0.07 -13.37
CA ALA A 535 -25.76 1.13 -12.57
C ALA A 535 -24.24 1.08 -12.43
N PHE A 536 -23.59 2.22 -12.58
CA PHE A 536 -22.14 2.34 -12.41
C PHE A 536 -21.92 3.21 -11.16
N ASP A 537 -21.37 2.67 -10.08
CA ASP A 537 -21.24 3.51 -8.86
C ASP A 537 -19.85 3.96 -8.66
N GLY A 538 -19.69 5.17 -8.17
CA GLY A 538 -18.35 5.62 -7.90
C GLY A 538 -17.90 5.01 -6.61
N SER A 539 -16.61 4.67 -6.47
CA SER A 539 -16.04 4.09 -5.25
C SER A 539 -16.33 4.95 -4.02
N CYS A 540 -15.44 5.86 -3.65
CA CYS A 540 -15.75 6.72 -2.54
C CYS A 540 -15.85 8.13 -3.06
N SER A 541 -16.95 8.46 -3.73
CA SER A 541 -17.16 9.77 -4.36
C SER A 541 -16.50 10.87 -3.59
N GLY A 542 -16.74 10.90 -2.30
CA GLY A 542 -16.12 11.96 -1.53
C GLY A 542 -14.64 11.95 -1.74
N ILE A 543 -13.97 10.90 -1.26
CA ILE A 543 -12.50 10.84 -1.39
C ILE A 543 -12.06 10.89 -2.86
N GLN A 544 -12.90 10.45 -3.77
CA GLN A 544 -12.56 10.51 -5.15
C GLN A 544 -12.36 11.96 -5.58
N HIS A 545 -13.35 12.80 -5.31
CA HIS A 545 -13.27 14.20 -5.69
C HIS A 545 -12.18 14.88 -4.96
N PHE A 546 -11.99 14.62 -3.68
CA PHE A 546 -10.91 15.35 -3.01
C PHE A 546 -9.60 15.00 -3.62
N SER A 547 -9.46 13.74 -4.00
CA SER A 547 -8.22 13.28 -4.60
C SER A 547 -8.04 13.81 -5.99
N ALA A 548 -9.13 14.13 -6.67
CA ALA A 548 -8.98 14.69 -7.99
C ALA A 548 -8.62 16.16 -7.92
N MET A 549 -9.33 16.90 -7.10
CA MET A 549 -9.07 18.30 -7.03
C MET A 549 -7.67 18.62 -6.51
N LEU A 550 -6.95 17.65 -5.98
CA LEU A 550 -5.61 17.95 -5.44
C LEU A 550 -4.60 17.01 -6.04
N ARG A 551 -4.97 16.45 -7.18
CA ARG A 551 -4.15 15.53 -7.93
C ARG A 551 -3.38 14.57 -7.05
N ASP A 552 -4.05 13.95 -6.08
CA ASP A 552 -3.43 12.97 -5.20
C ASP A 552 -3.36 11.60 -5.85
N GLU A 553 -2.17 11.08 -6.03
CA GLU A 553 -2.01 9.81 -6.70
C GLU A 553 -2.26 8.67 -5.75
N VAL A 554 -1.60 8.71 -4.61
CA VAL A 554 -1.82 7.61 -3.65
C VAL A 554 -3.30 7.48 -3.28
N GLY A 555 -3.91 8.52 -2.73
CA GLY A 555 -5.31 8.41 -2.41
C GLY A 555 -6.16 8.11 -3.63
N GLY A 556 -5.92 8.79 -4.74
CA GLY A 556 -6.67 8.56 -5.95
C GLY A 556 -6.61 7.09 -6.34
N ARG A 557 -5.43 6.51 -6.17
CA ARG A 557 -5.30 5.13 -6.55
C ARG A 557 -6.08 4.25 -5.61
N ALA A 558 -6.12 4.65 -4.35
CA ALA A 558 -6.89 3.90 -3.35
C ALA A 558 -8.36 3.85 -3.69
N VAL A 559 -8.86 4.87 -4.38
CA VAL A 559 -10.27 4.89 -4.73
C VAL A 559 -10.54 4.61 -6.20
N ASN A 560 -9.64 3.85 -6.81
CA ASN A 560 -9.79 3.39 -8.20
C ASN A 560 -9.84 4.49 -9.25
N LEU A 561 -9.16 5.59 -9.01
CA LEU A 561 -9.10 6.70 -9.95
C LEU A 561 -8.22 6.36 -11.13
N LEU A 562 -7.11 5.68 -10.84
CA LEU A 562 -6.13 5.27 -11.84
C LEU A 562 -6.33 3.86 -12.29
N PRO A 563 -5.99 3.56 -13.54
CA PRO A 563 -6.13 2.22 -14.09
C PRO A 563 -5.18 1.21 -13.43
N SER A 564 -5.76 0.10 -12.97
CA SER A 564 -5.10 -0.99 -12.28
C SER A 564 -5.73 -2.25 -12.79
N GLU A 565 -5.12 -3.40 -12.59
CA GLU A 565 -5.74 -4.62 -13.12
C GLU A 565 -6.72 -5.18 -12.08
N THR A 566 -6.46 -4.88 -10.81
CA THR A 566 -7.32 -5.32 -9.74
C THR A 566 -8.02 -4.12 -9.09
N VAL A 567 -9.21 -4.37 -8.54
CA VAL A 567 -9.97 -3.31 -7.90
C VAL A 567 -9.27 -2.98 -6.62
N GLN A 568 -9.19 -1.70 -6.25
CA GLN A 568 -8.55 -1.37 -5.00
C GLN A 568 -9.60 -1.18 -3.91
N ASP A 569 -9.29 -1.70 -2.71
CA ASP A 569 -10.20 -1.67 -1.55
C ASP A 569 -9.64 -0.85 -0.43
N ILE A 570 -10.02 0.42 -0.43
CA ILE A 570 -9.49 1.31 0.55
C ILE A 570 -9.72 0.81 2.01
N TYR A 571 -10.85 0.12 2.31
CA TYR A 571 -11.06 -0.40 3.71
C TYR A 571 -9.95 -1.39 4.08
N GLY A 572 -9.59 -2.25 3.11
CA GLY A 572 -8.52 -3.20 3.32
C GLY A 572 -7.13 -2.53 3.38
N ILE A 573 -6.85 -1.48 2.59
CA ILE A 573 -5.49 -1.01 2.65
C ILE A 573 -5.35 -0.28 3.95
N VAL A 574 -6.45 0.34 4.42
CA VAL A 574 -6.34 1.01 5.74
C VAL A 574 -6.14 -0.06 6.80
N ALA A 575 -6.89 -1.17 6.65
CA ALA A 575 -6.76 -2.30 7.53
C ALA A 575 -5.31 -2.80 7.59
N LYS A 576 -4.66 -2.97 6.45
CA LYS A 576 -3.26 -3.43 6.46
C LYS A 576 -2.36 -2.42 7.17
N LYS A 577 -2.48 -1.17 6.87
CA LYS A 577 -1.64 -0.21 7.57
C LYS A 577 -1.85 -0.37 9.09
N VAL A 578 -3.11 -0.54 9.53
CA VAL A 578 -3.37 -0.71 10.97
C VAL A 578 -2.53 -1.90 11.54
N ASN A 579 -2.65 -3.07 10.92
CA ASN A 579 -1.93 -4.25 11.35
C ASN A 579 -0.40 -4.03 11.42
N GLU A 580 0.11 -3.14 10.58
CA GLU A 580 1.51 -2.85 10.64
C GLU A 580 1.81 -2.21 11.97
N ILE A 581 0.95 -1.29 12.41
CA ILE A 581 1.14 -0.62 13.70
C ILE A 581 0.92 -1.60 14.87
N LEU A 582 -0.08 -2.47 14.71
CA LEU A 582 -0.35 -3.44 15.73
C LEU A 582 0.88 -4.26 16.02
N GLN A 583 1.53 -4.74 14.96
CA GLN A 583 2.75 -5.53 15.05
C GLN A 583 3.82 -4.72 15.69
N ALA A 584 3.95 -3.51 15.22
CA ALA A 584 4.98 -2.62 15.70
C ALA A 584 4.86 -2.41 17.19
N ASP A 585 3.62 -2.35 17.64
CA ASP A 585 3.32 -2.12 19.05
C ASP A 585 3.44 -3.38 19.86
N ALA A 586 3.12 -4.52 19.26
CA ALA A 586 3.24 -5.73 20.01
C ALA A 586 4.70 -5.94 20.40
N ILE A 587 5.62 -5.57 19.52
CA ILE A 587 7.07 -5.70 19.76
C ILE A 587 7.53 -4.65 20.75
N ASN A 588 7.45 -3.38 20.35
CA ASN A 588 7.84 -2.26 21.18
C ASN A 588 6.60 -1.71 21.81
N GLY A 589 6.47 -0.40 21.89
CA GLY A 589 5.24 0.08 22.50
C GLY A 589 5.30 0.15 24.01
N THR A 590 4.42 0.98 24.58
CA THR A 590 4.35 1.24 26.02
C THR A 590 3.82 0.07 26.80
N ASP A 591 4.29 -0.01 28.06
CA ASP A 591 3.84 -1.05 28.97
C ASP A 591 2.70 -0.49 29.82
N ASN A 592 1.97 -1.41 30.46
CA ASN A 592 0.83 -1.05 31.29
C ASN A 592 1.31 -0.18 32.43
N GLU A 593 0.40 0.42 33.14
CA GLU A 593 0.77 1.26 34.25
C GLU A 593 -0.33 1.16 35.26
N VAL A 594 0.01 1.00 36.54
CA VAL A 594 -1.02 0.90 37.58
C VAL A 594 -1.20 2.20 38.33
N VAL A 595 -2.22 2.96 37.97
CA VAL A 595 -2.52 4.21 38.65
C VAL A 595 -3.40 3.92 39.86
N THR A 596 -3.45 4.86 40.80
CA THR A 596 -4.27 4.72 41.99
C THR A 596 -5.63 5.41 41.79
N VAL A 597 -6.69 4.76 42.25
CA VAL A 597 -8.01 5.35 42.12
C VAL A 597 -8.79 5.27 43.43
N THR A 598 -9.28 6.42 43.89
CA THR A 598 -10.06 6.49 45.11
C THR A 598 -11.50 6.86 44.79
N ASP A 599 -12.41 5.94 45.10
CA ASP A 599 -13.85 6.14 44.85
C ASP A 599 -14.36 7.44 45.48
N GLU A 600 -15.25 8.12 44.78
CA GLU A 600 -15.80 9.40 45.28
C GLU A 600 -16.78 9.19 46.43
N ASN A 601 -17.57 8.11 46.32
CA ASN A 601 -18.59 7.78 47.32
C ASN A 601 -17.99 7.12 48.57
N THR A 602 -17.23 6.05 48.37
CA THR A 602 -16.61 5.27 49.44
C THR A 602 -15.22 5.77 49.84
N GLY A 603 -14.50 6.43 48.95
CA GLY A 603 -13.17 6.85 49.32
C GLY A 603 -12.28 5.64 49.36
N GLU A 604 -12.78 4.57 48.76
CA GLU A 604 -12.09 3.29 48.68
C GLU A 604 -10.83 3.35 47.78
N ILE A 605 -9.70 2.94 48.32
CA ILE A 605 -8.44 2.93 47.57
C ILE A 605 -8.42 1.71 46.66
N SER A 606 -8.21 1.93 45.37
CA SER A 606 -8.20 0.81 44.43
C SER A 606 -7.05 0.90 43.42
N GLU A 607 -6.62 -0.28 43.00
CA GLU A 607 -5.55 -0.43 41.99
C GLU A 607 -6.17 -0.77 40.62
N LYS A 608 -5.93 0.09 39.64
CA LYS A 608 -6.43 -0.20 38.29
C LYS A 608 -5.32 0.07 37.29
N VAL A 609 -5.03 -0.93 36.45
CA VAL A 609 -3.94 -0.75 35.49
C VAL A 609 -4.40 -0.15 34.15
N LYS A 610 -3.65 0.83 33.71
CA LYS A 610 -3.91 1.51 32.44
C LYS A 610 -3.15 0.78 31.30
N LEU A 611 -3.85 0.16 30.34
CA LEU A 611 -3.18 -0.63 29.32
C LEU A 611 -2.32 0.16 28.34
N GLY A 612 -1.06 -0.26 28.21
CA GLY A 612 -0.14 0.35 27.26
C GLY A 612 -0.43 -0.16 25.85
N THR A 613 0.29 0.41 24.89
CA THR A 613 0.08 0.02 23.48
C THR A 613 0.43 -1.41 23.27
N LYS A 614 1.50 -1.85 23.96
CA LYS A 614 1.92 -3.24 23.81
C LYS A 614 0.79 -4.20 24.13
N ALA A 615 0.10 -3.97 25.25
CA ALA A 615 -1.00 -4.85 25.65
C ALA A 615 -2.21 -4.68 24.75
N LEU A 616 -2.54 -3.42 24.44
CA LEU A 616 -3.69 -3.17 23.54
C LEU A 616 -3.46 -3.80 22.16
N ALA A 617 -2.23 -3.67 21.65
CA ALA A 617 -1.92 -4.27 20.36
C ALA A 617 -2.20 -5.76 20.43
N GLY A 618 -1.68 -6.36 21.49
CA GLY A 618 -1.86 -7.78 21.66
C GLY A 618 -3.31 -8.21 21.59
N GLN A 619 -4.20 -7.40 22.17
CA GLN A 619 -5.61 -7.82 22.12
C GLN A 619 -6.12 -7.80 20.72
N TRP A 620 -5.90 -6.68 20.01
CA TRP A 620 -6.43 -6.59 18.67
C TRP A 620 -5.82 -7.66 17.79
N LEU A 621 -4.51 -7.86 17.85
CA LEU A 621 -3.96 -9.00 17.10
C LEU A 621 -4.71 -10.27 17.51
N ALA A 622 -4.84 -10.46 18.83
CA ALA A 622 -5.57 -11.55 19.44
C ALA A 622 -6.98 -11.66 18.83
N TYR A 623 -7.66 -10.53 18.62
CA TYR A 623 -8.98 -10.51 18.00
C TYR A 623 -8.94 -10.74 16.47
N GLY A 624 -7.99 -10.08 15.79
CA GLY A 624 -7.87 -10.20 14.33
C GLY A 624 -8.53 -9.02 13.62
N VAL A 625 -7.70 -8.06 13.18
CA VAL A 625 -8.20 -6.86 12.54
C VAL A 625 -8.29 -6.96 11.02
N THR A 626 -9.44 -6.59 10.45
CA THR A 626 -9.63 -6.65 9.02
C THR A 626 -10.50 -5.48 8.50
N ARG A 627 -10.74 -5.46 7.19
CA ARG A 627 -11.50 -4.40 6.57
C ARG A 627 -12.80 -4.07 7.33
N SER A 628 -13.42 -5.08 7.94
CA SER A 628 -14.68 -4.86 8.66
C SER A 628 -14.53 -3.90 9.83
N VAL A 629 -13.37 -3.92 10.47
CA VAL A 629 -13.08 -3.03 11.59
C VAL A 629 -12.85 -1.56 11.13
N THR A 630 -12.58 -1.34 9.85
CA THR A 630 -12.24 0.02 9.37
C THR A 630 -13.24 0.57 8.39
N LYS A 631 -14.03 -0.31 7.77
CA LYS A 631 -15.00 0.17 6.81
C LYS A 631 -15.77 1.42 7.26
N ARG A 632 -16.69 1.32 8.22
CA ARG A 632 -17.47 2.48 8.67
C ARG A 632 -16.64 3.76 8.89
N SER A 633 -15.55 3.66 9.61
CA SER A 633 -14.75 4.85 9.89
C SER A 633 -14.28 5.58 8.62
N VAL A 634 -13.80 4.83 7.64
CA VAL A 634 -13.32 5.47 6.44
C VAL A 634 -14.48 5.95 5.58
N MET A 635 -15.62 5.28 5.63
CA MET A 635 -16.69 5.74 4.79
C MET A 635 -17.39 6.91 5.36
N THR A 636 -17.10 7.23 6.62
CA THR A 636 -17.75 8.38 7.23
C THR A 636 -16.79 9.51 7.35
N LEU A 637 -15.61 9.29 6.81
CA LEU A 637 -14.54 10.28 6.84
C LEU A 637 -14.95 11.55 6.12
N ALA A 638 -15.61 11.38 4.97
CA ALA A 638 -16.09 12.48 4.16
C ALA A 638 -17.31 13.16 4.78
N TYR A 639 -17.79 12.68 5.93
CA TYR A 639 -18.91 13.33 6.60
C TYR A 639 -18.38 14.11 7.79
N GLY A 640 -17.06 14.15 7.96
CA GLY A 640 -16.48 14.90 9.07
C GLY A 640 -15.99 14.06 10.27
N SER A 641 -16.20 12.76 10.27
CA SER A 641 -15.73 12.04 11.43
C SER A 641 -14.22 11.87 11.39
N LYS A 642 -13.61 11.93 12.57
CA LYS A 642 -12.17 11.76 12.72
C LYS A 642 -11.86 10.82 13.91
N GLU A 643 -10.67 10.95 14.47
CA GLU A 643 -10.33 10.04 15.55
C GLU A 643 -11.43 9.91 16.58
N PHE A 644 -11.80 11.01 17.22
CA PHE A 644 -12.85 10.94 18.23
C PHE A 644 -14.06 10.12 17.76
N GLY A 645 -14.62 10.51 16.62
CA GLY A 645 -15.78 9.81 16.10
C GLY A 645 -15.59 8.31 15.84
N PHE A 646 -14.36 7.90 15.59
CA PHE A 646 -14.04 6.51 15.34
C PHE A 646 -14.19 5.66 16.59
N ARG A 647 -13.96 6.24 17.78
CA ARG A 647 -14.03 5.41 18.99
C ARG A 647 -15.39 4.75 19.12
N GLN A 648 -16.41 5.57 19.00
CA GLN A 648 -17.75 5.09 19.08
C GLN A 648 -17.98 3.97 18.09
N GLN A 649 -17.64 4.22 16.82
CA GLN A 649 -17.88 3.26 15.78
C GLN A 649 -17.21 1.95 16.11
N VAL A 650 -15.94 2.00 16.43
CA VAL A 650 -15.27 0.74 16.71
C VAL A 650 -15.86 0.06 17.93
N LEU A 651 -16.09 0.82 19.00
CA LEU A 651 -16.63 0.28 20.24
C LEU A 651 -17.92 -0.49 20.02
N GLU A 652 -18.80 0.01 19.16
CA GLU A 652 -20.06 -0.65 18.93
C GLU A 652 -20.15 -1.39 17.63
N ASP A 653 -19.14 -1.32 16.79
CA ASP A 653 -19.27 -2.02 15.54
C ASP A 653 -18.50 -3.30 15.57
N THR A 654 -17.52 -3.39 16.46
CA THR A 654 -16.82 -4.67 16.53
C THR A 654 -16.54 -5.05 17.98
N ILE A 655 -15.98 -4.14 18.79
CA ILE A 655 -15.70 -4.53 20.15
C ILE A 655 -16.97 -4.98 20.87
N GLN A 656 -18.06 -4.23 20.73
CA GLN A 656 -19.27 -4.62 21.42
C GLN A 656 -19.78 -5.98 20.97
N PRO A 657 -20.26 -6.08 19.73
CA PRO A 657 -20.76 -7.38 19.28
C PRO A 657 -19.81 -8.54 19.57
N ALA A 658 -18.51 -8.27 19.53
CA ALA A 658 -17.53 -9.33 19.79
C ALA A 658 -17.83 -9.96 21.14
N ILE A 659 -17.77 -9.15 22.20
CA ILE A 659 -18.03 -9.58 23.57
C ILE A 659 -19.43 -10.25 23.68
N ASP A 660 -20.45 -9.54 23.22
CA ASP A 660 -21.82 -10.03 23.25
C ASP A 660 -21.98 -11.36 22.48
N SER A 661 -21.07 -11.67 21.57
CA SER A 661 -21.19 -12.91 20.77
C SER A 661 -20.32 -14.02 21.35
N GLY A 662 -19.66 -13.72 22.47
CA GLY A 662 -18.82 -14.71 23.09
C GLY A 662 -17.38 -14.27 23.09
N LYS A 663 -16.92 -13.85 21.92
CA LYS A 663 -15.57 -13.35 21.71
C LYS A 663 -15.31 -12.13 22.58
N GLY A 664 -14.43 -11.25 22.12
CA GLY A 664 -14.18 -10.04 22.89
C GLY A 664 -13.49 -10.26 24.22
N LEU A 665 -13.22 -11.52 24.59
CA LEU A 665 -12.56 -11.80 25.86
C LEU A 665 -11.27 -11.01 25.99
N MET A 666 -10.59 -10.79 24.88
CA MET A 666 -9.34 -10.08 24.91
C MET A 666 -9.55 -8.61 25.30
N PHE A 667 -10.74 -8.10 25.00
CA PHE A 667 -11.11 -6.72 25.26
C PHE A 667 -11.47 -6.44 26.72
N THR A 668 -10.45 -6.46 27.59
CA THR A 668 -10.58 -6.19 29.01
C THR A 668 -11.17 -4.79 29.24
N GLN A 669 -10.51 -3.75 28.70
CA GLN A 669 -11.02 -2.35 28.82
C GLN A 669 -11.57 -1.82 27.49
N PRO A 670 -12.77 -2.27 27.08
CA PRO A 670 -13.38 -1.84 25.82
C PRO A 670 -13.04 -0.41 25.40
N ASN A 671 -13.26 0.56 26.26
CA ASN A 671 -13.01 1.93 25.88
C ASN A 671 -11.55 2.17 25.56
N GLN A 672 -10.66 1.59 26.35
CA GLN A 672 -9.26 1.77 26.11
C GLN A 672 -8.87 1.15 24.76
N ALA A 673 -9.51 0.02 24.43
CA ALA A 673 -9.24 -0.68 23.21
C ALA A 673 -9.83 0.07 22.04
N ALA A 674 -11.02 0.66 22.21
CA ALA A 674 -11.60 1.38 21.08
C ALA A 674 -10.85 2.69 20.82
N GLY A 675 -10.40 3.32 21.87
CA GLY A 675 -9.69 4.56 21.69
C GLY A 675 -8.40 4.35 20.98
N TYR A 676 -7.75 3.25 21.31
CA TYR A 676 -6.49 2.91 20.66
C TYR A 676 -6.73 2.67 19.16
N MET A 677 -7.70 1.83 18.83
CA MET A 677 -8.00 1.54 17.46
C MET A 677 -8.33 2.80 16.69
N ALA A 678 -9.10 3.67 17.29
CA ALA A 678 -9.44 4.88 16.59
C ALA A 678 -8.16 5.63 16.24
N LYS A 679 -7.25 5.69 17.20
CA LYS A 679 -5.96 6.37 16.98
C LYS A 679 -5.24 5.73 15.80
N LEU A 680 -5.32 4.42 15.70
CA LEU A 680 -4.67 3.70 14.64
C LEU A 680 -5.42 3.91 13.33
N ILE A 681 -6.73 3.85 13.34
CA ILE A 681 -7.40 4.10 12.09
C ILE A 681 -7.19 5.58 11.63
N TRP A 682 -7.07 6.52 12.54
CA TRP A 682 -6.91 7.87 12.08
C TRP A 682 -5.52 8.03 11.48
N GLU A 683 -4.52 7.49 12.15
CA GLU A 683 -3.14 7.52 11.67
C GLU A 683 -3.01 6.85 10.25
N SER A 684 -3.75 5.77 10.04
CA SER A 684 -3.71 5.03 8.82
C SER A 684 -4.41 5.69 7.66
N VAL A 685 -5.54 6.35 7.91
CA VAL A 685 -6.27 7.03 6.82
C VAL A 685 -5.59 8.33 6.44
N SER A 686 -5.10 9.05 7.42
CA SER A 686 -4.53 10.32 7.14
C SER A 686 -3.28 10.20 6.31
N VAL A 687 -2.81 8.97 6.09
CA VAL A 687 -1.61 8.79 5.25
C VAL A 687 -1.90 7.99 3.98
N THR A 688 -3.16 7.61 3.84
CA THR A 688 -3.66 6.85 2.69
C THR A 688 -4.40 7.80 1.76
N VAL A 689 -5.13 8.75 2.35
CA VAL A 689 -5.86 9.70 1.57
C VAL A 689 -5.53 11.10 2.05
N VAL A 690 -4.23 11.43 1.94
CA VAL A 690 -3.70 12.71 2.38
C VAL A 690 -4.43 13.91 1.75
N ALA A 691 -4.73 13.87 0.46
CA ALA A 691 -5.45 15.00 -0.11
C ALA A 691 -6.80 15.21 0.61
N ALA A 692 -7.60 14.16 0.75
CA ALA A 692 -8.89 14.27 1.43
C ALA A 692 -8.75 14.89 2.84
N VAL A 693 -7.71 14.54 3.57
CA VAL A 693 -7.60 15.07 4.87
C VAL A 693 -7.22 16.54 4.84
N GLU A 694 -6.36 16.95 3.92
CA GLU A 694 -5.93 18.36 3.86
C GLU A 694 -7.01 19.28 3.33
N ALA A 695 -7.66 18.89 2.24
CA ALA A 695 -8.76 19.68 1.70
C ALA A 695 -9.78 19.96 2.79
N MET A 696 -10.25 18.93 3.48
CA MET A 696 -11.25 19.16 4.47
C MET A 696 -10.71 20.08 5.58
N ASN A 697 -9.44 19.92 5.95
CA ASN A 697 -8.93 20.76 7.02
C ASN A 697 -8.95 22.20 6.59
N TRP A 698 -8.63 22.44 5.32
CA TRP A 698 -8.62 23.80 4.78
C TRP A 698 -10.02 24.37 4.77
N LEU A 699 -10.93 23.68 4.11
CA LEU A 699 -12.31 24.08 4.03
C LEU A 699 -12.86 24.36 5.42
N LYS A 700 -12.39 23.61 6.40
CA LYS A 700 -12.87 23.78 7.75
C LYS A 700 -12.31 25.09 8.32
N SER A 701 -11.07 25.38 7.96
CA SER A 701 -10.40 26.57 8.44
C SER A 701 -11.04 27.83 7.89
N ALA A 702 -11.45 27.77 6.63
CA ALA A 702 -12.08 28.91 5.97
C ALA A 702 -13.42 29.20 6.63
N ALA A 703 -14.25 28.18 6.72
CA ALA A 703 -15.54 28.38 7.32
C ALA A 703 -15.41 28.92 8.70
N LYS A 704 -14.36 28.54 9.40
CA LYS A 704 -14.13 28.99 10.79
C LYS A 704 -14.00 30.50 10.84
N LEU A 705 -13.03 31.01 10.08
CA LEU A 705 -12.81 32.44 10.02
C LEU A 705 -14.10 33.16 9.63
N LEU A 706 -14.58 32.87 8.44
CA LEU A 706 -15.79 33.49 7.92
C LEU A 706 -16.94 33.48 8.90
N ALA A 707 -17.06 32.49 9.77
CA ALA A 707 -18.19 32.46 10.69
C ALA A 707 -17.83 33.06 12.03
N ALA A 708 -16.63 33.57 12.15
CA ALA A 708 -16.23 34.18 13.41
C ALA A 708 -16.82 35.57 13.54
N GLU A 709 -16.89 36.10 14.77
CA GLU A 709 -17.39 37.47 15.02
C GLU A 709 -16.24 38.32 15.50
N VAL A 710 -15.27 38.58 14.61
CA VAL A 710 -14.07 39.35 14.92
C VAL A 710 -14.39 40.71 15.50
N LYS A 711 -13.81 41.02 16.66
CA LYS A 711 -14.01 42.31 17.32
C LYS A 711 -12.71 42.82 17.93
N ASP A 712 -12.69 44.08 18.33
CA ASP A 712 -11.52 44.63 18.99
C ASP A 712 -11.78 44.59 20.48
N LYS A 713 -11.07 43.71 21.21
CA LYS A 713 -11.26 43.58 22.64
C LYS A 713 -10.60 44.72 23.39
N LYS A 714 -11.04 45.93 23.05
CA LYS A 714 -10.59 47.17 23.63
C LYS A 714 -11.76 48.15 23.50
N THR A 715 -12.75 47.69 22.75
CA THR A 715 -13.99 48.41 22.46
C THR A 715 -15.16 47.43 22.51
N GLY A 716 -14.84 46.16 22.31
CA GLY A 716 -15.84 45.12 22.25
C GLY A 716 -16.69 45.35 21.01
N GLU A 717 -16.13 46.15 20.12
CA GLU A 717 -16.79 46.54 18.88
C GLU A 717 -16.64 45.48 17.80
N ILE A 718 -17.73 45.22 17.09
CA ILE A 718 -17.78 44.24 16.02
C ILE A 718 -17.15 44.79 14.75
N LEU A 719 -15.94 44.36 14.40
CA LEU A 719 -15.33 44.85 13.16
C LEU A 719 -15.87 44.11 11.92
N ARG A 720 -16.22 42.82 12.07
CA ARG A 720 -16.76 41.97 10.99
C ARG A 720 -17.74 40.95 11.57
N LYS A 721 -19.00 41.05 11.18
CA LYS A 721 -20.01 40.14 11.71
C LYS A 721 -19.84 38.74 11.13
N ARG A 722 -20.45 37.74 11.76
CA ARG A 722 -20.29 36.39 11.25
C ARG A 722 -20.93 36.23 9.90
N CYS A 723 -20.09 35.88 8.94
CA CYS A 723 -20.50 35.70 7.56
C CYS A 723 -20.82 34.25 7.23
N ALA A 724 -21.75 34.04 6.31
CA ALA A 724 -22.07 32.70 5.82
C ALA A 724 -21.01 32.31 4.79
N VAL A 725 -21.05 31.08 4.29
CA VAL A 725 -20.06 30.64 3.30
C VAL A 725 -20.71 30.36 1.96
N HIS A 726 -20.22 30.99 0.91
CA HIS A 726 -20.82 30.82 -0.40
C HIS A 726 -19.80 30.43 -1.45
N TRP A 727 -20.25 29.65 -2.43
CA TRP A 727 -19.39 29.24 -3.53
C TRP A 727 -20.25 28.80 -4.70
N VAL A 728 -19.61 28.44 -5.81
CA VAL A 728 -20.36 28.00 -6.98
C VAL A 728 -19.77 26.78 -7.61
N THR A 729 -20.58 25.76 -7.83
CA THR A 729 -20.09 24.54 -8.44
C THR A 729 -19.70 24.80 -9.87
N PRO A 730 -18.81 23.99 -10.43
CA PRO A 730 -18.30 24.05 -11.78
C PRO A 730 -19.36 24.19 -12.84
N ASP A 731 -20.53 23.64 -12.62
CA ASP A 731 -21.51 23.76 -13.66
C ASP A 731 -22.51 24.92 -13.42
N GLY A 732 -22.12 25.88 -12.59
CA GLY A 732 -22.93 27.06 -12.38
C GLY A 732 -23.87 27.09 -11.19
N PHE A 733 -24.05 25.98 -10.45
CA PHE A 733 -24.96 26.01 -9.30
C PHE A 733 -24.35 26.71 -8.08
N PRO A 734 -25.01 27.76 -7.60
CA PRO A 734 -24.51 28.49 -6.43
C PRO A 734 -25.08 27.88 -5.10
N VAL A 735 -24.25 27.84 -4.07
CA VAL A 735 -24.70 27.31 -2.82
C VAL A 735 -24.30 28.22 -1.71
N TRP A 736 -25.22 28.36 -0.75
CA TRP A 736 -24.98 29.22 0.41
C TRP A 736 -25.14 28.43 1.68
N GLN A 737 -24.05 28.25 2.43
CA GLN A 737 -24.14 27.57 3.67
C GLN A 737 -24.38 28.58 4.79
N GLU A 738 -25.55 28.51 5.42
CA GLU A 738 -25.86 29.46 6.50
C GLU A 738 -26.58 28.82 7.67
N TYR A 739 -25.89 28.00 8.49
CA TYR A 739 -26.50 27.36 9.66
C TYR A 739 -26.75 28.40 10.75
N LYS A 740 -28.03 28.64 11.06
CA LYS A 740 -28.34 29.66 12.05
C LYS A 740 -28.69 29.08 13.42
N LYS A 741 -28.31 29.82 14.45
CA LYS A 741 -28.51 29.48 15.84
C LYS A 741 -29.50 30.45 16.48
N PRO A 742 -30.53 29.92 17.16
CA PRO A 742 -31.49 30.84 17.80
C PRO A 742 -30.90 31.49 19.06
N ILE A 743 -31.36 32.68 19.40
CA ILE A 743 -30.83 33.35 20.60
C ILE A 743 -31.78 33.14 21.80
N GLN A 744 -32.73 32.23 21.61
CA GLN A 744 -33.73 31.86 22.62
C GLN A 744 -33.15 30.83 23.61
N THR A 745 -33.99 30.39 24.55
CA THR A 745 -33.58 29.42 25.57
C THR A 745 -34.74 29.14 26.54
N ARG A 746 -35.16 27.88 26.62
CA ARG A 746 -36.24 27.48 27.57
C ARG A 746 -36.33 25.96 27.71
N LEU A 747 -35.41 25.41 28.50
CA LEU A 747 -35.31 23.96 28.73
C LEU A 747 -36.18 23.49 29.90
N ASN A 748 -37.20 22.69 29.59
CA ASN A 748 -38.03 22.16 30.66
C ASN A 748 -37.54 20.75 31.05
N LEU A 749 -37.92 20.31 32.25
CA LEU A 749 -37.47 19.02 32.76
C LEU A 749 -38.29 17.85 32.24
N MET A 750 -39.39 17.53 32.91
CA MET A 750 -40.13 16.34 32.49
C MET A 750 -41.44 16.61 31.73
N PHE A 751 -41.73 17.87 31.40
CA PHE A 751 -42.95 18.12 30.66
C PHE A 751 -42.67 18.40 29.18
N LEU A 752 -42.06 19.53 28.88
CA LEU A 752 -41.76 19.88 27.49
C LEU A 752 -40.40 20.58 27.38
N GLY A 753 -40.48 21.87 27.06
CA GLY A 753 -39.28 22.68 26.94
C GLY A 753 -39.03 23.07 25.50
N GLN A 754 -39.57 24.22 25.09
CA GLN A 754 -39.38 24.65 23.71
C GLN A 754 -39.33 26.19 23.56
N PHE A 755 -39.84 26.64 22.41
CA PHE A 755 -39.87 28.04 21.96
C PHE A 755 -39.92 29.09 23.08
N ARG A 756 -39.51 30.31 22.71
CA ARG A 756 -39.46 31.44 23.63
C ARG A 756 -40.29 32.61 23.08
N ASP A 766 -34.94 36.63 16.54
CA ASP A 766 -33.66 36.79 15.86
C ASP A 766 -32.73 35.57 16.05
N SER A 767 -31.88 35.35 15.04
CA SER A 767 -30.93 34.24 15.07
C SER A 767 -29.64 34.63 14.35
N GLU A 768 -28.56 33.96 14.71
CA GLU A 768 -27.26 34.24 14.13
C GLU A 768 -26.58 32.98 13.57
N ILE A 769 -25.65 33.16 12.63
CA ILE A 769 -24.89 32.06 12.07
C ILE A 769 -24.36 31.20 13.21
N ASP A 770 -24.54 29.88 13.12
CA ASP A 770 -24.01 28.96 14.13
C ASP A 770 -22.60 28.52 13.72
N ALA A 771 -21.56 29.14 14.25
CA ALA A 771 -20.18 28.84 13.86
C ALA A 771 -19.79 27.35 13.90
N HIS A 772 -20.22 26.60 14.90
CA HIS A 772 -19.83 25.21 14.94
C HIS A 772 -20.43 24.45 13.76
N LYS A 773 -21.73 24.54 13.57
CA LYS A 773 -22.31 23.83 12.44
C LYS A 773 -21.71 24.33 11.14
N GLN A 774 -21.38 25.60 11.12
CA GLN A 774 -20.81 26.19 9.93
C GLN A 774 -19.48 25.52 9.62
N GLU A 775 -18.73 25.22 10.66
CA GLU A 775 -17.43 24.63 10.49
C GLU A 775 -17.50 23.13 10.35
N SER A 776 -18.56 22.52 10.84
CA SER A 776 -18.65 21.08 10.78
C SER A 776 -19.31 20.59 9.51
N GLY A 777 -20.05 21.47 8.84
CA GLY A 777 -20.71 21.02 7.62
C GLY A 777 -20.05 21.52 6.34
N ILE A 778 -19.00 22.33 6.45
CA ILE A 778 -18.39 22.87 5.23
C ILE A 778 -17.81 21.79 4.29
N ALA A 779 -16.91 20.94 4.78
CA ALA A 779 -16.30 19.89 3.95
C ALA A 779 -17.32 18.93 3.40
N PRO A 780 -18.07 18.25 4.26
CA PRO A 780 -19.03 17.37 3.62
C PRO A 780 -19.90 18.10 2.60
N ASN A 781 -20.42 19.27 2.94
CA ASN A 781 -21.27 19.99 2.01
C ASN A 781 -20.56 20.41 0.72
N PHE A 782 -19.29 20.78 0.83
CA PHE A 782 -18.56 21.16 -0.36
C PHE A 782 -18.50 19.98 -1.33
N VAL A 783 -17.98 18.85 -0.86
CA VAL A 783 -17.86 17.68 -1.71
C VAL A 783 -19.18 17.30 -2.33
N HIS A 784 -20.20 17.21 -1.51
CA HIS A 784 -21.48 16.87 -2.07
C HIS A 784 -21.86 17.86 -3.18
N SER A 785 -21.58 19.15 -2.97
CA SER A 785 -21.93 20.09 -4.02
C SER A 785 -21.15 19.73 -5.24
N GLN A 786 -19.89 19.34 -5.00
CA GLN A 786 -19.02 18.97 -6.09
C GLN A 786 -19.54 17.74 -6.83
N ASP A 787 -19.82 16.67 -6.12
CA ASP A 787 -20.28 15.51 -6.86
C ASP A 787 -21.65 15.78 -7.45
N GLY A 788 -22.36 16.75 -6.90
CA GLY A 788 -23.67 17.07 -7.47
C GLY A 788 -23.51 17.69 -8.83
N SER A 789 -22.52 18.60 -8.95
CA SER A 789 -22.27 19.18 -10.23
C SER A 789 -21.71 18.11 -11.20
N HIS A 790 -20.88 17.20 -10.72
CA HIS A 790 -20.39 16.19 -11.64
C HIS A 790 -21.54 15.40 -12.27
N LEU A 791 -22.52 15.04 -11.43
CA LEU A 791 -23.69 14.25 -11.86
C LEU A 791 -24.49 15.02 -12.90
N ARG A 792 -24.70 16.30 -12.65
CA ARG A 792 -25.46 17.05 -13.64
C ARG A 792 -24.66 17.12 -14.94
N LYS A 793 -23.41 17.55 -14.89
CA LYS A 793 -22.60 17.61 -16.08
C LYS A 793 -22.65 16.31 -16.85
N THR A 794 -22.58 15.17 -16.17
CA THR A 794 -22.64 13.86 -16.79
C THR A 794 -23.95 13.67 -17.46
N VAL A 795 -25.01 14.03 -16.81
CA VAL A 795 -26.32 13.85 -17.41
C VAL A 795 -26.42 14.63 -18.69
N VAL A 796 -25.94 15.88 -18.69
CA VAL A 796 -26.02 16.68 -19.89
C VAL A 796 -25.08 16.19 -21.00
N TRP A 797 -23.83 15.94 -20.64
CA TRP A 797 -22.85 15.45 -21.57
C TRP A 797 -23.30 14.17 -22.21
N ALA A 798 -23.83 13.27 -21.41
CA ALA A 798 -24.20 11.99 -21.94
C ALA A 798 -25.46 12.07 -22.78
N HIS A 799 -26.18 13.17 -22.65
CA HIS A 799 -27.44 13.28 -23.38
C HIS A 799 -27.24 14.03 -24.68
N GLU A 800 -26.28 14.93 -24.69
CA GLU A 800 -26.00 15.69 -25.90
C GLU A 800 -24.91 15.00 -26.73
N LYS A 801 -23.83 14.55 -26.10
CA LYS A 801 -22.78 13.89 -26.86
C LYS A 801 -23.23 12.53 -27.37
N TYR A 802 -23.68 11.67 -26.47
CA TYR A 802 -24.20 10.35 -26.83
C TYR A 802 -25.71 10.42 -26.88
N GLY A 803 -26.37 9.49 -27.49
CA GLY A 803 -27.80 9.76 -27.57
C GLY A 803 -28.59 9.38 -26.35
N ILE A 804 -27.90 9.10 -25.24
CA ILE A 804 -28.52 8.65 -24.02
C ILE A 804 -29.63 9.56 -23.61
N GLU A 805 -30.77 8.99 -23.25
CA GLU A 805 -31.91 9.79 -22.83
C GLU A 805 -32.71 9.21 -21.63
N SER A 806 -32.26 8.11 -21.04
CA SER A 806 -32.89 7.52 -19.87
C SER A 806 -31.89 7.38 -18.76
N PHE A 807 -32.10 8.00 -17.61
CA PHE A 807 -31.09 7.90 -16.59
C PHE A 807 -31.61 7.45 -15.25
N ALA A 808 -30.76 6.68 -14.57
CA ALA A 808 -30.97 6.19 -13.20
C ALA A 808 -29.94 6.93 -12.36
N LEU A 809 -30.37 7.89 -11.55
CA LEU A 809 -29.44 8.70 -10.78
C LEU A 809 -29.60 8.55 -9.26
N ILE A 810 -28.47 8.41 -8.60
CA ILE A 810 -28.43 8.28 -7.17
C ILE A 810 -27.17 8.89 -6.61
N HIS A 811 -27.05 10.20 -6.80
CA HIS A 811 -25.95 10.98 -6.27
C HIS A 811 -24.62 10.61 -6.86
N ASP A 812 -24.15 9.41 -6.57
CA ASP A 812 -22.89 9.05 -7.14
C ASP A 812 -23.02 7.74 -7.88
N SER A 813 -24.21 7.51 -8.40
CA SER A 813 -24.46 6.32 -9.14
C SER A 813 -25.21 6.70 -10.38
N PHE A 814 -24.73 6.20 -11.52
CA PHE A 814 -25.31 6.53 -12.80
C PHE A 814 -25.70 5.29 -13.54
N GLY A 815 -26.91 5.29 -14.13
CA GLY A 815 -27.32 4.13 -14.90
C GLY A 815 -28.17 4.48 -16.13
N THR A 816 -28.28 3.53 -17.07
CA THR A 816 -29.08 3.64 -18.32
C THR A 816 -29.33 2.23 -18.85
N ILE A 817 -30.03 2.14 -19.98
CA ILE A 817 -30.28 0.85 -20.59
C ILE A 817 -28.95 0.26 -21.09
N PRO A 818 -28.85 -1.07 -21.19
CA PRO A 818 -27.66 -1.76 -21.63
C PRO A 818 -27.03 -1.19 -22.86
N ALA A 819 -27.82 -1.05 -23.91
CA ALA A 819 -27.32 -0.51 -25.17
C ALA A 819 -26.58 0.82 -25.00
N ASP A 820 -26.88 1.61 -23.95
CA ASP A 820 -26.18 2.89 -23.79
C ASP A 820 -25.18 2.87 -22.66
N ALA A 821 -25.06 1.71 -21.98
CA ALA A 821 -24.17 1.57 -20.79
C ALA A 821 -22.74 1.91 -21.12
N ALA A 822 -22.20 1.28 -22.20
CA ALA A 822 -20.82 1.56 -22.58
C ALA A 822 -20.58 3.07 -22.77
N ASN A 823 -21.55 3.82 -23.27
CA ASN A 823 -21.29 5.24 -23.44
C ASN A 823 -21.38 6.01 -22.17
N LEU A 824 -22.27 5.60 -21.26
CA LEU A 824 -22.34 6.34 -20.03
C LEU A 824 -21.08 6.09 -19.22
N PHE A 825 -20.58 4.86 -19.31
CA PHE A 825 -19.34 4.50 -18.63
C PHE A 825 -18.20 5.49 -19.02
N LYS A 826 -18.18 5.87 -20.32
CA LYS A 826 -17.23 6.81 -20.90
C LYS A 826 -17.58 8.25 -20.47
N ALA A 827 -18.84 8.59 -20.64
CA ALA A 827 -19.32 9.88 -20.31
C ALA A 827 -18.98 10.30 -18.87
N VAL A 828 -19.22 9.44 -17.85
CA VAL A 828 -18.91 9.82 -16.46
C VAL A 828 -17.44 10.12 -16.25
N ARG A 829 -16.55 9.40 -16.96
CA ARG A 829 -15.12 9.68 -16.78
C ARG A 829 -14.75 10.99 -17.44
N GLU A 830 -15.27 11.19 -18.63
CA GLU A 830 -14.95 12.40 -19.37
C GLU A 830 -15.37 13.62 -18.62
N THR A 831 -16.62 13.58 -18.17
CA THR A 831 -17.19 14.68 -17.41
C THR A 831 -16.40 14.98 -16.12
N MET A 832 -15.83 13.96 -15.48
CA MET A 832 -15.00 14.10 -14.27
C MET A 832 -13.61 14.65 -14.64
N VAL A 833 -12.98 14.11 -15.67
CA VAL A 833 -11.68 14.60 -16.08
C VAL A 833 -11.76 16.05 -16.58
N ASP A 834 -12.81 16.36 -17.35
CA ASP A 834 -12.88 17.70 -17.83
C ASP A 834 -13.03 18.71 -16.70
N THR A 835 -13.99 18.49 -15.80
CA THR A 835 -14.21 19.41 -14.69
C THR A 835 -12.94 19.76 -13.93
N TYR A 836 -12.12 18.76 -13.64
CA TYR A 836 -10.94 19.04 -12.83
C TYR A 836 -9.76 19.51 -13.61
N GLU A 837 -9.82 19.43 -14.92
CA GLU A 837 -8.75 19.95 -15.78
C GLU A 837 -8.99 21.45 -15.99
N SER A 838 -10.26 21.85 -15.92
CA SER A 838 -10.70 23.20 -16.16
C SER A 838 -10.90 24.03 -14.92
N CYS A 839 -11.05 23.42 -13.75
CA CYS A 839 -11.31 24.25 -12.58
C CYS A 839 -10.57 23.82 -11.34
N ASP A 840 -10.11 24.81 -10.58
CA ASP A 840 -9.45 24.54 -9.32
C ASP A 840 -10.44 24.94 -8.25
N VAL A 841 -11.55 24.21 -8.21
CA VAL A 841 -12.63 24.48 -7.27
C VAL A 841 -12.18 25.02 -5.93
N LEU A 842 -11.01 24.62 -5.45
CA LEU A 842 -10.61 25.12 -4.15
C LEU A 842 -10.14 26.55 -4.25
N ALA A 843 -9.32 26.84 -5.25
CA ALA A 843 -8.86 28.23 -5.45
C ALA A 843 -10.06 29.13 -5.75
N ASP A 844 -10.94 28.70 -6.66
CA ASP A 844 -12.13 29.49 -6.98
C ASP A 844 -12.84 29.77 -5.71
N PHE A 845 -12.86 28.80 -4.82
CA PHE A 845 -13.54 28.92 -3.53
C PHE A 845 -12.92 30.04 -2.73
N TYR A 846 -11.59 30.08 -2.82
CA TYR A 846 -10.81 31.07 -2.12
C TYR A 846 -11.18 32.47 -2.56
N ASP A 847 -11.18 32.73 -3.87
CA ASP A 847 -11.53 34.04 -4.35
C ASP A 847 -12.87 34.49 -3.77
N GLN A 848 -13.82 33.58 -3.76
CA GLN A 848 -15.14 33.88 -3.25
C GLN A 848 -15.12 34.46 -1.84
N PHE A 849 -14.37 33.88 -0.91
CA PHE A 849 -14.40 34.42 0.45
C PHE A 849 -13.24 35.35 0.77
N ALA A 850 -12.11 35.16 0.10
CA ALA A 850 -10.90 35.97 0.34
C ALA A 850 -11.19 37.40 0.80
N ASP A 851 -11.83 38.17 -0.05
CA ASP A 851 -12.15 39.57 0.23
C ASP A 851 -13.31 39.68 1.23
N GLN A 852 -13.34 38.80 2.22
CA GLN A 852 -14.38 38.86 3.21
C GLN A 852 -13.78 38.56 4.56
N LEU A 853 -12.50 38.30 4.52
CA LEU A 853 -11.72 38.00 5.70
C LEU A 853 -11.28 39.28 6.37
N HIS A 854 -11.82 39.62 7.53
CA HIS A 854 -11.38 40.85 8.15
C HIS A 854 -9.84 40.99 8.15
N GLU A 855 -9.39 42.23 8.24
CA GLU A 855 -7.99 42.57 8.24
C GLU A 855 -7.10 41.69 9.16
N SER A 856 -7.57 41.38 10.36
CA SER A 856 -6.78 40.65 11.35
C SER A 856 -6.69 39.13 11.14
N GLN A 857 -7.54 38.55 10.32
CA GLN A 857 -7.49 37.10 10.13
C GLN A 857 -6.87 36.70 8.79
N LEU A 858 -6.09 37.59 8.20
CA LEU A 858 -5.47 37.30 6.91
C LEU A 858 -4.24 36.42 7.04
N ASP A 859 -4.07 35.77 8.20
CA ASP A 859 -2.87 34.93 8.38
C ASP A 859 -3.21 33.54 8.90
N LYS A 860 -4.26 33.44 9.70
CA LYS A 860 -4.63 32.14 10.24
C LYS A 860 -5.19 31.27 9.11
N MET A 861 -5.24 31.84 7.91
CA MET A 861 -5.78 31.11 6.75
C MET A 861 -4.69 30.32 6.03
N PRO A 862 -4.62 29.01 6.30
CA PRO A 862 -3.65 28.11 5.70
C PRO A 862 -3.59 28.28 4.20
N ALA A 863 -2.42 28.08 3.59
CA ALA A 863 -2.33 28.19 2.15
C ALA A 863 -3.03 27.00 1.51
N LEU A 864 -3.39 27.12 0.24
CA LEU A 864 -4.05 26.01 -0.44
C LEU A 864 -3.09 24.83 -0.54
N PRO A 865 -3.52 23.66 -0.04
CA PRO A 865 -2.69 22.46 -0.07
C PRO A 865 -2.10 22.22 -1.43
N ALA A 866 -0.88 21.72 -1.47
CA ALA A 866 -0.21 21.51 -2.74
C ALA A 866 -0.85 20.37 -3.53
N LYS A 867 -0.71 20.41 -4.86
CA LYS A 867 -1.24 19.37 -5.71
C LYS A 867 -0.34 18.16 -5.66
N GLY A 868 -0.73 17.11 -6.37
CA GLY A 868 0.02 15.87 -6.39
C GLY A 868 0.43 15.53 -7.78
N ASN A 869 0.74 14.26 -8.03
CA ASN A 869 1.23 13.86 -9.35
C ASN A 869 0.22 13.06 -10.14
N LEU A 870 -1.03 13.07 -9.71
CA LEU A 870 -2.03 12.32 -10.46
C LEU A 870 -2.28 12.94 -11.83
N ASN A 871 -2.50 12.14 -12.87
CA ASN A 871 -2.88 12.74 -14.12
C ASN A 871 -4.31 12.36 -14.45
N LEU A 872 -5.21 13.31 -14.18
CA LEU A 872 -6.62 13.13 -14.40
C LEU A 872 -6.93 12.35 -15.65
N ARG A 873 -6.14 12.52 -16.68
CA ARG A 873 -6.42 11.80 -17.90
C ARG A 873 -6.41 10.29 -17.70
N ASP A 874 -5.72 9.79 -16.68
CA ASP A 874 -5.73 8.35 -16.46
C ASP A 874 -7.12 7.81 -16.09
N ILE A 875 -7.96 8.65 -15.51
CA ILE A 875 -9.32 8.26 -15.16
C ILE A 875 -10.04 7.71 -16.37
N LEU A 876 -9.80 8.28 -17.54
CA LEU A 876 -10.47 7.83 -18.76
C LEU A 876 -10.19 6.38 -19.05
N GLU A 877 -9.16 5.84 -18.43
CA GLU A 877 -8.79 4.44 -18.62
C GLU A 877 -8.91 3.62 -17.31
N SER A 878 -9.55 4.16 -16.27
CA SER A 878 -9.71 3.42 -15.04
C SER A 878 -10.99 2.65 -15.11
N ASP A 879 -10.91 1.34 -14.99
CA ASP A 879 -12.09 0.51 -15.10
C ASP A 879 -12.99 0.58 -13.87
N PHE A 880 -12.38 0.47 -12.69
CA PHE A 880 -13.10 0.39 -11.47
C PHE A 880 -13.45 1.71 -10.83
N ALA A 881 -13.53 2.78 -11.59
CA ALA A 881 -13.96 4.00 -10.97
C ALA A 881 -15.30 4.41 -11.59
N PHE A 882 -16.26 3.48 -11.80
CA PHE A 882 -17.44 3.91 -12.50
C PHE A 882 -17.78 5.28 -12.00
N ALA A 883 -17.53 6.31 -12.80
CA ALA A 883 -17.75 7.68 -12.39
C ALA A 883 -16.46 8.27 -11.92
N ASN B 2 63.79 -16.45 -15.75
CA ASN B 2 64.04 -17.76 -16.42
C ASN B 2 63.12 -18.85 -15.85
N THR B 3 61.82 -18.76 -16.18
CA THR B 3 60.83 -19.73 -15.69
C THR B 3 60.59 -20.85 -16.72
N ILE B 4 60.41 -22.07 -16.23
CA ILE B 4 60.15 -23.24 -17.08
C ILE B 4 58.87 -23.04 -17.91
N ASN B 5 59.00 -22.56 -19.15
CA ASN B 5 57.85 -22.32 -19.99
C ASN B 5 56.96 -23.56 -20.10
N ILE B 6 55.68 -23.36 -19.82
CA ILE B 6 54.70 -24.44 -19.84
C ILE B 6 54.22 -24.68 -21.26
N ALA B 7 54.33 -23.62 -22.06
CA ALA B 7 53.92 -23.63 -23.46
C ALA B 7 54.72 -24.65 -24.31
N LYS B 8 54.85 -25.86 -23.78
CA LYS B 8 55.54 -26.96 -24.48
C LYS B 8 54.60 -28.16 -24.62
N ASN B 9 55.11 -29.32 -24.21
CA ASN B 9 54.36 -30.57 -24.24
C ASN B 9 53.33 -30.54 -23.12
N ASP B 10 53.42 -29.51 -22.26
CA ASP B 10 52.51 -29.33 -21.14
C ASP B 10 51.11 -29.03 -21.68
N PHE B 11 50.90 -27.81 -22.16
CA PHE B 11 49.58 -27.46 -22.68
C PHE B 11 49.30 -28.23 -23.93
N SER B 12 50.37 -28.70 -24.56
CA SER B 12 50.22 -29.52 -25.74
C SER B 12 49.22 -30.64 -25.46
N ASP B 13 49.18 -31.07 -24.20
CA ASP B 13 48.28 -32.13 -23.77
C ASP B 13 46.89 -31.98 -24.39
N ILE B 14 46.36 -30.76 -24.34
CA ILE B 14 45.02 -30.46 -24.92
C ILE B 14 45.09 -30.50 -26.45
N GLU B 15 45.64 -31.60 -26.98
CA GLU B 15 45.79 -31.79 -28.43
C GLU B 15 44.48 -31.57 -29.14
N LEU B 16 44.33 -30.36 -29.66
CA LEU B 16 43.15 -29.97 -30.42
C LEU B 16 43.04 -30.75 -31.76
N ALA B 17 43.99 -31.65 -32.03
CA ALA B 17 44.02 -32.42 -33.28
C ALA B 17 43.85 -33.93 -33.05
N ALA B 18 44.58 -34.47 -32.06
CA ALA B 18 44.50 -35.89 -31.73
C ALA B 18 44.30 -36.08 -30.21
N ILE B 19 43.16 -36.68 -29.85
CA ILE B 19 42.77 -36.91 -28.46
C ILE B 19 41.40 -37.62 -28.47
N PRO B 20 41.02 -38.29 -27.35
CA PRO B 20 39.69 -38.94 -27.42
C PRO B 20 38.53 -37.89 -27.47
N PHE B 21 38.55 -37.02 -28.50
CA PHE B 21 37.57 -35.96 -28.70
C PHE B 21 36.60 -36.32 -29.82
N ASN B 22 36.75 -37.53 -30.33
CA ASN B 22 35.87 -38.00 -31.39
C ASN B 22 34.42 -37.89 -30.93
N THR B 23 34.32 -37.56 -29.64
CA THR B 23 33.06 -37.33 -28.94
C THR B 23 32.47 -36.05 -29.49
N LEU B 24 33.20 -34.96 -29.24
CA LEU B 24 32.84 -33.64 -29.72
C LEU B 24 32.61 -33.66 -31.24
N ALA B 25 33.68 -34.06 -31.95
CA ALA B 25 33.66 -34.15 -33.40
C ALA B 25 32.34 -34.72 -33.89
N ASP B 26 32.00 -35.92 -33.42
CA ASP B 26 30.79 -36.57 -33.86
C ASP B 26 29.57 -35.82 -33.43
N HIS B 27 29.66 -35.23 -32.25
CA HIS B 27 28.55 -34.44 -31.62
C HIS B 27 28.24 -33.12 -32.33
N TYR B 28 29.25 -32.31 -32.65
CA TYR B 28 29.01 -31.02 -33.31
C TYR B 28 29.91 -30.80 -34.51
N GLY B 29 30.47 -31.85 -35.08
CA GLY B 29 31.33 -31.66 -36.21
C GLY B 29 32.80 -31.56 -35.81
N GLU B 30 33.69 -31.61 -36.78
CA GLU B 30 35.11 -31.53 -36.53
C GLU B 30 35.58 -30.11 -36.31
N ARG B 31 35.17 -29.21 -37.17
CA ARG B 31 35.58 -27.82 -37.04
C ARG B 31 35.33 -27.29 -35.63
N LEU B 32 34.05 -27.25 -35.20
CA LEU B 32 33.73 -26.77 -33.88
C LEU B 32 34.57 -27.52 -32.87
N ALA B 33 34.59 -28.83 -33.01
CA ALA B 33 35.35 -29.69 -32.11
C ALA B 33 36.78 -29.19 -31.97
N ARG B 34 37.45 -28.92 -33.09
CA ARG B 34 38.83 -28.46 -33.01
C ARG B 34 38.92 -27.04 -32.53
N GLU B 35 37.85 -26.26 -32.71
CA GLU B 35 37.82 -24.87 -32.27
C GLU B 35 37.73 -24.84 -30.75
N GLN B 36 36.77 -25.58 -30.20
CA GLN B 36 36.61 -25.63 -28.77
C GLN B 36 37.90 -26.02 -28.08
N LEU B 37 38.51 -27.12 -28.50
CA LEU B 37 39.76 -27.55 -27.89
C LEU B 37 40.87 -26.49 -28.06
N ALA B 38 40.82 -25.75 -29.17
CA ALA B 38 41.82 -24.72 -29.40
C ALA B 38 41.60 -23.57 -28.43
N LEU B 39 40.32 -23.17 -28.32
CA LEU B 39 39.89 -22.10 -27.45
C LEU B 39 40.25 -22.44 -26.03
N GLU B 40 39.95 -23.67 -25.65
CA GLU B 40 40.27 -24.09 -24.30
C GLU B 40 41.78 -24.04 -24.08
N HIS B 41 42.50 -24.44 -25.13
CA HIS B 41 43.94 -24.46 -25.04
C HIS B 41 44.46 -23.04 -24.87
N GLU B 42 43.88 -22.13 -25.65
CA GLU B 42 44.30 -20.74 -25.59
C GLU B 42 44.14 -20.19 -24.21
N SER B 43 43.00 -20.49 -23.61
CA SER B 43 42.72 -19.99 -22.28
C SER B 43 43.90 -20.29 -21.33
N TYR B 44 44.58 -21.43 -21.47
CA TYR B 44 45.72 -21.65 -20.58
C TYR B 44 46.94 -20.84 -21.03
N GLU B 45 47.04 -20.54 -22.32
CA GLU B 45 48.16 -19.74 -22.79
C GLU B 45 48.04 -18.34 -22.20
N MET B 46 46.81 -17.83 -22.21
CA MET B 46 46.53 -16.49 -21.67
C MET B 46 46.73 -16.47 -20.15
N GLY B 47 46.39 -17.57 -19.52
CA GLY B 47 46.57 -17.63 -18.09
C GLY B 47 48.03 -17.60 -17.75
N GLU B 48 48.81 -18.26 -18.61
CA GLU B 48 50.25 -18.34 -18.42
C GLU B 48 50.90 -16.97 -18.64
N ALA B 49 50.54 -16.29 -19.71
CA ALA B 49 51.08 -14.95 -19.95
C ALA B 49 50.66 -14.03 -18.80
N ARG B 50 49.47 -14.27 -18.28
CA ARG B 50 48.96 -13.51 -17.17
C ARG B 50 49.92 -13.67 -15.99
N PHE B 51 50.19 -14.92 -15.61
CA PHE B 51 51.10 -15.17 -14.51
C PHE B 51 52.50 -14.57 -14.78
N ARG B 52 52.90 -14.59 -16.04
CA ARG B 52 54.20 -14.07 -16.41
C ARG B 52 54.29 -12.58 -16.17
N LYS B 53 53.43 -11.79 -16.82
CA LYS B 53 53.46 -10.36 -16.64
C LYS B 53 53.44 -10.02 -15.17
N MET B 54 52.66 -10.78 -14.40
CA MET B 54 52.57 -10.54 -12.95
C MET B 54 53.87 -10.90 -12.26
N PHE B 55 54.41 -12.09 -12.55
CA PHE B 55 55.68 -12.50 -11.96
C PHE B 55 56.80 -11.52 -12.33
N GLU B 56 56.63 -10.85 -13.46
CA GLU B 56 57.57 -9.86 -13.92
C GLU B 56 57.67 -8.75 -12.90
N ARG B 57 56.59 -7.97 -12.76
CA ARG B 57 56.58 -6.88 -11.81
C ARG B 57 57.07 -7.35 -10.45
N GLN B 58 56.67 -8.56 -10.05
CA GLN B 58 57.06 -9.09 -8.76
C GLN B 58 58.58 -9.02 -8.55
N LEU B 59 59.35 -9.48 -9.53
CA LEU B 59 60.81 -9.43 -9.43
C LEU B 59 61.29 -8.00 -9.57
N LYS B 60 60.71 -7.29 -10.52
CA LYS B 60 61.03 -5.90 -10.79
C LYS B 60 61.05 -5.02 -9.54
N ALA B 61 60.53 -5.50 -8.43
CA ALA B 61 60.56 -4.71 -7.20
C ALA B 61 60.92 -5.57 -5.98
N GLY B 62 61.66 -6.64 -6.23
CA GLY B 62 62.09 -7.52 -5.17
C GLY B 62 60.93 -8.12 -4.38
N GLU B 63 59.73 -7.97 -4.92
CA GLU B 63 58.57 -8.54 -4.25
C GLU B 63 58.43 -10.02 -4.62
N VAL B 64 59.54 -10.58 -5.08
CA VAL B 64 59.61 -11.97 -5.47
C VAL B 64 59.25 -12.85 -4.29
N ALA B 65 59.25 -12.25 -3.11
CA ALA B 65 58.90 -13.00 -1.93
C ALA B 65 57.40 -13.05 -1.81
N ASP B 66 56.79 -11.99 -2.32
CA ASP B 66 55.35 -11.81 -2.30
C ASP B 66 54.74 -12.47 -3.54
N ASN B 67 55.14 -13.71 -3.77
CA ASN B 67 54.65 -14.46 -4.91
C ASN B 67 54.62 -15.94 -4.56
N ALA B 68 53.67 -16.68 -5.10
CA ALA B 68 53.55 -18.09 -4.76
C ALA B 68 54.72 -18.90 -5.28
N ALA B 69 55.52 -18.30 -6.16
CA ALA B 69 56.67 -18.99 -6.71
C ALA B 69 57.79 -19.15 -5.68
N ALA B 70 57.91 -18.17 -4.78
CA ALA B 70 58.98 -18.16 -3.77
C ALA B 70 58.51 -18.58 -2.37
N LYS B 71 57.21 -18.68 -2.15
CA LYS B 71 56.73 -18.99 -0.82
C LYS B 71 56.97 -20.45 -0.37
N PRO B 72 56.96 -21.41 -1.30
CA PRO B 72 57.22 -22.78 -0.84
C PRO B 72 58.58 -22.95 -0.16
N LEU B 73 59.61 -22.38 -0.78
CA LEU B 73 60.97 -22.47 -0.26
C LEU B 73 61.08 -21.83 1.12
N ILE B 74 60.66 -20.56 1.16
CA ILE B 74 60.70 -19.78 2.38
C ILE B 74 60.04 -20.54 3.55
N THR B 75 59.00 -21.29 3.26
CA THR B 75 58.31 -22.06 4.29
C THR B 75 59.24 -23.05 4.95
N THR B 76 60.25 -23.48 4.21
CA THR B 76 61.21 -24.48 4.71
C THR B 76 62.58 -23.85 5.01
N LEU B 77 62.81 -22.66 4.46
CA LEU B 77 64.07 -21.97 4.65
C LEU B 77 64.06 -21.15 5.94
N LEU B 78 62.87 -20.70 6.34
CA LEU B 78 62.71 -19.86 7.53
C LEU B 78 63.03 -20.62 8.82
N PRO B 79 62.53 -21.86 8.99
CA PRO B 79 62.83 -22.58 10.22
C PRO B 79 64.36 -22.81 10.43
N LYS B 80 65.04 -23.28 9.38
CA LYS B 80 66.48 -23.51 9.42
C LYS B 80 67.22 -22.26 9.93
N MET B 81 66.87 -21.10 9.36
CA MET B 81 67.44 -19.82 9.75
C MET B 81 67.10 -19.46 11.20
N ILE B 82 65.81 -19.51 11.53
CA ILE B 82 65.32 -19.24 12.87
C ILE B 82 66.16 -19.97 13.92
N ALA B 83 66.37 -21.26 13.68
CA ALA B 83 67.16 -22.10 14.59
C ALA B 83 68.59 -21.57 14.73
N ARG B 84 69.24 -21.35 13.58
CA ARG B 84 70.60 -20.83 13.49
C ARG B 84 70.80 -19.72 14.51
N ILE B 85 70.04 -18.65 14.36
CA ILE B 85 70.16 -17.52 15.26
C ILE B 85 69.85 -17.90 16.72
N ASN B 86 68.84 -18.74 16.96
CA ASN B 86 68.54 -19.17 18.32
C ASN B 86 69.80 -19.75 18.99
N ASP B 87 70.42 -20.72 18.30
CA ASP B 87 71.65 -21.35 18.80
C ASP B 87 72.72 -20.28 18.98
N TRP B 88 72.94 -19.50 17.93
CA TRP B 88 73.93 -18.42 17.91
C TRP B 88 73.75 -17.47 19.10
N PHE B 89 72.51 -17.20 19.47
CA PHE B 89 72.27 -16.30 20.59
C PHE B 89 72.74 -16.94 21.90
N GLU B 90 72.55 -18.25 22.05
CA GLU B 90 72.97 -18.93 23.26
C GLU B 90 74.49 -19.16 23.27
N GLU B 91 75.09 -19.21 22.07
CA GLU B 91 76.54 -19.34 21.90
C GLU B 91 77.24 -18.11 22.53
N VAL B 92 76.65 -16.94 22.30
CA VAL B 92 77.19 -15.70 22.82
C VAL B 92 76.92 -15.54 24.31
N LYS B 93 75.73 -15.94 24.74
CA LYS B 93 75.33 -15.84 26.15
C LYS B 93 76.22 -16.70 27.06
N ALA B 94 76.71 -17.82 26.51
CA ALA B 94 77.54 -18.75 27.27
C ALA B 94 79.03 -18.41 27.19
N LYS B 95 79.31 -17.15 26.87
CA LYS B 95 80.70 -16.69 26.76
C LYS B 95 80.82 -15.24 27.23
N ARG B 96 81.75 -15.00 28.15
CA ARG B 96 81.97 -13.67 28.66
C ARG B 96 82.77 -12.82 27.65
N GLY B 97 82.87 -11.53 27.92
CA GLY B 97 83.56 -10.65 27.00
C GLY B 97 82.53 -9.89 26.16
N LYS B 98 82.84 -8.65 25.81
CA LYS B 98 81.93 -7.83 25.03
C LYS B 98 81.35 -8.60 23.85
N ARG B 99 80.04 -8.85 23.91
CA ARG B 99 79.35 -9.55 22.86
C ARG B 99 79.57 -8.83 21.52
N PRO B 100 79.33 -9.51 20.39
CA PRO B 100 79.51 -8.86 19.08
C PRO B 100 78.53 -7.69 18.80
N THR B 101 78.93 -6.80 17.89
CA THR B 101 78.17 -5.60 17.52
C THR B 101 76.73 -5.91 17.13
N ALA B 102 76.56 -6.84 16.19
CA ALA B 102 75.21 -7.20 15.73
C ALA B 102 74.32 -7.75 16.87
N PHE B 103 74.84 -8.67 17.65
CA PHE B 103 74.11 -9.29 18.77
C PHE B 103 73.39 -8.27 19.65
N GLN B 104 74.03 -7.13 19.86
CA GLN B 104 73.45 -6.07 20.71
C GLN B 104 72.03 -5.71 20.27
N PHE B 105 71.86 -5.38 18.99
CA PHE B 105 70.58 -4.97 18.43
C PHE B 105 69.65 -6.15 18.14
N LEU B 106 70.18 -7.14 17.43
CA LEU B 106 69.42 -8.32 17.02
C LEU B 106 68.78 -9.05 18.21
N GLN B 107 69.06 -8.58 19.42
CA GLN B 107 68.51 -9.14 20.65
C GLN B 107 67.12 -8.57 20.93
N GLU B 108 66.79 -7.47 20.24
CA GLU B 108 65.52 -6.75 20.45
C GLU B 108 64.40 -7.17 19.49
N ILE B 109 64.74 -7.44 18.22
CA ILE B 109 63.76 -7.83 17.20
C ILE B 109 63.42 -9.31 17.34
N LYS B 110 62.13 -9.64 17.41
CA LYS B 110 61.72 -11.04 17.51
C LYS B 110 62.45 -11.86 16.41
N PRO B 111 63.17 -12.93 16.82
CA PRO B 111 63.93 -13.80 15.92
C PRO B 111 63.18 -14.19 14.64
N GLU B 112 61.93 -14.61 14.79
CA GLU B 112 61.14 -15.00 13.63
C GLU B 112 61.21 -13.93 12.56
N ALA B 113 60.90 -12.70 12.96
CA ALA B 113 60.91 -11.54 12.06
C ALA B 113 62.30 -11.28 11.49
N VAL B 114 63.32 -11.48 12.33
CA VAL B 114 64.71 -11.31 11.92
C VAL B 114 65.05 -12.24 10.75
N ALA B 115 64.83 -13.54 10.97
CA ALA B 115 65.09 -14.53 9.94
C ALA B 115 64.40 -14.14 8.63
N TYR B 116 63.10 -13.94 8.74
CA TYR B 116 62.23 -13.58 7.63
C TYR B 116 62.72 -12.30 6.93
N ILE B 117 62.85 -11.20 7.68
CA ILE B 117 63.29 -9.92 7.08
C ILE B 117 64.52 -10.15 6.19
N THR B 118 65.47 -10.91 6.68
CA THR B 118 66.68 -11.14 5.92
C THR B 118 66.36 -11.88 4.60
N ILE B 119 65.67 -13.01 4.70
CA ILE B 119 65.28 -13.78 3.53
C ILE B 119 64.69 -12.91 2.45
N LYS B 120 63.60 -12.22 2.78
CA LYS B 120 62.89 -11.38 1.83
C LYS B 120 63.75 -10.24 1.26
N THR B 121 64.32 -9.40 2.13
CA THR B 121 65.12 -8.26 1.65
C THR B 121 66.28 -8.73 0.78
N THR B 122 66.81 -9.93 1.05
CA THR B 122 67.91 -10.43 0.23
C THR B 122 67.43 -10.69 -1.19
N LEU B 123 66.41 -11.53 -1.33
CA LEU B 123 65.83 -11.87 -2.62
C LEU B 123 65.47 -10.64 -3.44
N ALA B 124 65.11 -9.56 -2.76
CA ALA B 124 64.75 -8.31 -3.43
C ALA B 124 65.96 -7.72 -4.11
N CYS B 125 67.08 -7.73 -3.39
CA CYS B 125 68.35 -7.21 -3.88
C CYS B 125 68.94 -8.09 -4.99
N LEU B 126 68.93 -9.40 -4.75
CA LEU B 126 69.44 -10.37 -5.73
C LEU B 126 68.73 -10.21 -7.06
N THR B 127 67.46 -9.82 -7.05
CA THR B 127 66.75 -9.64 -8.29
C THR B 127 66.81 -8.18 -8.73
N SER B 128 67.97 -7.57 -8.46
CA SER B 128 68.32 -6.21 -8.84
C SER B 128 69.20 -6.23 -10.12
N ALA B 129 69.02 -5.25 -10.99
CA ALA B 129 69.74 -5.15 -12.27
C ALA B 129 71.24 -5.51 -12.16
N ASP B 130 71.98 -4.79 -11.32
CA ASP B 130 73.41 -5.07 -11.21
C ASP B 130 73.94 -5.18 -9.75
N ASN B 131 73.80 -4.14 -8.92
CA ASN B 131 74.33 -4.16 -7.55
C ASN B 131 73.76 -5.30 -6.68
N THR B 132 74.67 -6.16 -6.23
CA THR B 132 74.34 -7.29 -5.37
C THR B 132 75.47 -7.49 -4.36
N THR B 133 76.27 -6.42 -4.22
CA THR B 133 77.42 -6.34 -3.33
C THR B 133 77.02 -6.63 -1.87
N VAL B 134 77.84 -7.40 -1.16
CA VAL B 134 77.53 -7.74 0.24
C VAL B 134 77.57 -6.49 1.12
N GLN B 135 77.95 -5.37 0.50
CA GLN B 135 78.01 -4.10 1.19
C GLN B 135 76.62 -3.43 1.22
N ALA B 136 76.02 -3.25 0.04
CA ALA B 136 74.69 -2.65 -0.05
C ALA B 136 73.62 -3.54 0.60
N VAL B 137 73.66 -4.85 0.33
CA VAL B 137 72.68 -5.77 0.91
C VAL B 137 72.74 -5.75 2.43
N ALA B 138 73.94 -5.81 3.00
CA ALA B 138 74.09 -5.77 4.45
C ALA B 138 73.41 -4.52 5.05
N SER B 139 73.53 -3.38 4.36
CA SER B 139 72.91 -2.14 4.84
C SER B 139 71.39 -2.28 4.77
N ALA B 140 70.90 -2.80 3.65
CA ALA B 140 69.48 -3.02 3.44
C ALA B 140 68.90 -3.83 4.59
N ILE B 141 69.34 -5.07 4.74
CA ILE B 141 68.84 -5.93 5.83
C ILE B 141 68.83 -5.19 7.17
N GLY B 142 69.94 -4.52 7.47
CA GLY B 142 70.03 -3.78 8.72
C GLY B 142 69.02 -2.66 8.81
N ARG B 143 68.93 -1.86 7.74
CA ARG B 143 67.99 -0.75 7.69
C ARG B 143 66.58 -1.28 7.94
N ALA B 144 66.30 -2.46 7.40
CA ALA B 144 65.00 -3.12 7.51
C ALA B 144 64.78 -3.66 8.94
N ILE B 145 65.84 -4.16 9.55
CA ILE B 145 65.79 -4.70 10.90
C ILE B 145 65.40 -3.61 11.93
N GLU B 146 65.93 -2.42 11.72
CA GLU B 146 65.68 -1.33 12.65
C GLU B 146 64.23 -0.91 12.62
N ASP B 147 63.68 -0.76 11.42
CA ASP B 147 62.30 -0.36 11.29
C ASP B 147 61.39 -1.26 12.11
N GLU B 148 61.59 -2.56 12.05
CA GLU B 148 60.70 -3.45 12.78
C GLU B 148 60.91 -3.34 14.26
N ALA B 149 62.14 -3.17 14.69
CA ALA B 149 62.43 -3.07 16.10
C ALA B 149 61.81 -1.80 16.70
N ARG B 150 61.94 -0.72 15.94
CA ARG B 150 61.48 0.61 16.32
C ARG B 150 59.98 0.74 16.35
N PHE B 151 59.33 0.53 15.21
CA PHE B 151 57.89 0.68 15.12
C PHE B 151 57.16 -0.56 15.58
N GLY B 152 57.89 -1.64 15.77
CA GLY B 152 57.25 -2.84 16.27
C GLY B 152 56.90 -2.62 17.73
N ARG B 153 57.78 -1.83 18.35
CA ARG B 153 57.68 -1.40 19.74
C ARG B 153 56.26 -0.90 20.02
N ILE B 154 55.72 -0.18 19.04
CA ILE B 154 54.39 0.37 19.10
C ILE B 154 53.33 -0.70 19.09
N ARG B 155 53.44 -1.62 18.15
CA ARG B 155 52.50 -2.73 18.02
C ARG B 155 52.59 -3.68 19.20
N ASP B 156 53.55 -3.45 20.07
CA ASP B 156 53.75 -4.33 21.20
C ASP B 156 53.31 -3.68 22.52
N LEU B 157 54.05 -2.70 22.98
CA LEU B 157 53.71 -2.04 24.25
C LEU B 157 52.91 -0.78 24.05
N GLU B 158 53.57 0.27 23.57
CA GLU B 158 52.96 1.60 23.42
C GLU B 158 51.48 1.55 23.01
N ALA B 159 51.17 1.02 21.83
CA ALA B 159 49.77 0.98 21.40
C ALA B 159 49.12 -0.36 21.70
N LYS B 160 49.45 -0.93 22.84
CA LYS B 160 48.87 -2.21 23.26
C LYS B 160 47.42 -2.31 22.76
N HIS B 161 46.70 -1.19 22.89
CA HIS B 161 45.30 -1.08 22.48
C HIS B 161 45.17 0.03 21.45
N PHE B 162 45.94 1.09 21.66
CA PHE B 162 45.94 2.24 20.77
C PHE B 162 46.17 1.79 19.34
N LYS B 163 46.87 0.68 19.19
CA LYS B 163 47.21 0.14 17.88
C LYS B 163 45.99 0.01 16.98
N LYS B 164 44.80 -0.06 17.58
CA LYS B 164 43.56 -0.18 16.83
C LYS B 164 43.35 1.03 15.90
N ASN B 165 43.56 2.23 16.45
CA ASN B 165 43.46 3.47 15.67
C ASN B 165 44.59 3.56 14.65
N VAL B 166 45.50 2.57 14.65
CA VAL B 166 46.61 2.57 13.72
C VAL B 166 46.46 1.50 12.65
N GLU B 167 46.31 0.24 13.05
CA GLU B 167 46.17 -0.88 12.11
C GLU B 167 45.35 -0.51 10.89
N GLU B 168 44.09 -0.19 11.12
CA GLU B 168 43.19 0.19 10.04
C GLU B 168 43.84 1.16 9.06
N GLN B 169 44.47 2.22 9.54
CA GLN B 169 45.08 3.19 8.64
C GLN B 169 46.41 2.71 8.09
N LEU B 170 47.06 1.78 8.80
CA LEU B 170 48.35 1.23 8.33
C LEU B 170 48.11 0.33 7.13
N ASN B 171 47.17 -0.60 7.29
CA ASN B 171 46.81 -1.52 6.23
C ASN B 171 46.35 -0.72 5.03
N LYS B 172 45.54 0.30 5.31
CA LYS B 172 45.02 1.15 4.26
C LYS B 172 46.14 1.73 3.46
N ARG B 173 47.28 1.92 4.12
CA ARG B 173 48.46 2.44 3.46
C ARG B 173 49.16 1.33 2.68
N VAL B 174 49.58 1.62 1.45
CA VAL B 174 50.27 0.62 0.64
C VAL B 174 51.62 1.17 0.16
N GLY B 175 52.60 0.28 0.07
CA GLY B 175 53.93 0.69 -0.34
C GLY B 175 54.77 0.95 0.89
N HIS B 176 55.89 0.23 1.02
CA HIS B 176 56.73 0.37 2.19
C HIS B 176 57.05 1.82 2.53
N VAL B 177 57.18 2.65 1.51
CA VAL B 177 57.47 4.08 1.67
C VAL B 177 56.45 4.78 2.59
N TYR B 178 55.22 4.81 2.11
CA TYR B 178 54.09 5.43 2.81
C TYR B 178 53.82 4.78 4.16
N LYS B 179 54.00 3.46 4.25
CA LYS B 179 53.80 2.76 5.51
C LYS B 179 54.75 3.28 6.56
N LYS B 180 55.91 3.77 6.14
CA LYS B 180 56.89 4.30 7.07
C LYS B 180 56.56 5.75 7.46
N ALA B 181 56.04 6.51 6.50
CA ALA B 181 55.64 7.90 6.76
C ALA B 181 54.58 7.94 7.87
N PHE B 182 53.60 7.05 7.74
CA PHE B 182 52.54 6.95 8.72
C PHE B 182 53.09 6.53 10.08
N MET B 183 53.95 5.51 10.13
CA MET B 183 54.48 5.08 11.40
C MET B 183 55.41 6.10 12.02
N GLN B 184 55.94 7.00 11.21
CA GLN B 184 56.79 8.07 11.72
C GLN B 184 55.94 9.11 12.44
N VAL B 185 54.91 9.58 11.74
CA VAL B 185 54.00 10.57 12.30
C VAL B 185 53.35 10.02 13.57
N VAL B 186 52.93 8.75 13.53
CA VAL B 186 52.31 8.13 14.68
C VAL B 186 53.24 8.22 15.89
N GLU B 187 54.47 7.79 15.68
CA GLU B 187 55.49 7.84 16.72
C GLU B 187 55.67 9.25 17.23
N ALA B 188 55.68 10.23 16.32
CA ALA B 188 55.85 11.63 16.72
C ALA B 188 54.65 12.10 17.59
N ASP B 189 53.51 11.44 17.43
CA ASP B 189 52.34 11.80 18.17
C ASP B 189 52.29 11.07 19.49
N MET B 190 52.33 9.77 19.44
CA MET B 190 52.28 8.97 20.65
C MET B 190 53.35 9.43 21.67
N LEU B 191 54.51 9.91 21.21
CA LEU B 191 55.51 10.42 22.14
C LEU B 191 55.06 11.75 22.72
N SER B 192 54.37 12.50 21.88
CA SER B 192 53.83 13.80 22.23
C SER B 192 52.70 13.67 23.24
N LYS B 193 52.17 12.46 23.40
CA LYS B 193 51.05 12.19 24.32
C LYS B 193 51.31 10.97 25.15
N GLY B 194 50.99 9.83 24.53
CA GLY B 194 51.13 8.50 25.14
C GLY B 194 52.52 8.15 25.66
N LEU B 195 52.90 6.90 25.41
CA LEU B 195 54.18 6.41 25.92
C LEU B 195 55.33 7.33 25.59
N LEU B 196 56.04 7.73 26.64
CA LEU B 196 57.20 8.62 26.55
C LEU B 196 58.51 7.84 26.60
N GLY B 197 59.50 8.36 25.88
CA GLY B 197 60.80 7.73 25.80
C GLY B 197 61.65 8.46 24.78
N GLY B 198 62.66 7.81 24.23
CA GLY B 198 63.51 8.52 23.27
C GLY B 198 63.24 8.15 21.84
N GLU B 199 64.25 7.51 21.24
CA GLU B 199 64.25 7.04 19.85
C GLU B 199 65.66 6.59 19.50
N ALA B 200 66.15 5.63 20.29
CA ALA B 200 67.51 5.06 20.19
C ALA B 200 67.79 4.36 18.86
N TRP B 201 67.55 5.07 17.76
CA TRP B 201 67.75 4.52 16.44
C TRP B 201 68.59 5.52 15.62
N SER B 202 68.58 6.77 16.08
CA SER B 202 69.39 7.83 15.48
C SER B 202 70.86 7.46 15.70
N SER B 203 71.07 6.68 16.78
CA SER B 203 72.39 6.16 17.16
C SER B 203 72.81 5.07 16.16
N TRP B 204 71.81 4.38 15.62
CA TRP B 204 72.07 3.32 14.64
C TRP B 204 72.72 3.91 13.41
N HIS B 205 73.99 4.25 13.57
CA HIS B 205 74.79 4.80 12.50
C HIS B 205 74.90 3.78 11.36
N LYS B 206 75.17 4.27 10.15
CA LYS B 206 75.25 3.37 8.99
C LYS B 206 76.23 2.22 9.28
N GLU B 207 77.06 2.42 10.31
CA GLU B 207 78.01 1.38 10.74
C GLU B 207 77.24 0.18 11.29
N ASP B 208 76.46 0.41 12.33
CA ASP B 208 75.66 -0.63 12.97
C ASP B 208 74.79 -1.31 11.93
N SER B 209 74.19 -0.50 11.08
CA SER B 209 73.33 -1.03 10.04
C SER B 209 74.05 -2.16 9.28
N ILE B 210 75.19 -1.83 8.68
CA ILE B 210 75.95 -2.82 7.91
C ILE B 210 76.27 -4.06 8.76
N HIS B 211 76.95 -3.86 9.89
CA HIS B 211 77.31 -4.96 10.78
C HIS B 211 76.14 -5.91 11.01
N VAL B 212 74.95 -5.36 11.21
CA VAL B 212 73.82 -6.20 11.42
C VAL B 212 73.53 -6.98 10.13
N GLY B 213 73.38 -6.27 9.00
CA GLY B 213 73.12 -6.92 7.72
C GLY B 213 74.09 -8.06 7.46
N VAL B 214 75.37 -7.79 7.69
CA VAL B 214 76.44 -8.78 7.47
C VAL B 214 76.33 -10.02 8.36
N ARG B 215 76.10 -9.88 9.67
CA ARG B 215 76.00 -11.06 10.51
C ARG B 215 74.83 -11.93 10.08
N CYS B 216 73.76 -11.29 9.63
CA CYS B 216 72.57 -11.99 9.17
C CYS B 216 72.89 -12.86 7.94
N ILE B 217 73.46 -12.21 6.93
CA ILE B 217 73.89 -12.86 5.68
C ILE B 217 74.76 -14.09 5.99
N GLU B 218 75.65 -13.95 6.98
CA GLU B 218 76.49 -15.05 7.40
C GLU B 218 75.62 -16.20 7.92
N MET B 219 74.74 -15.91 8.87
CA MET B 219 73.84 -16.92 9.44
C MET B 219 72.99 -17.55 8.33
N LEU B 220 72.64 -16.73 7.33
CA LEU B 220 71.83 -17.16 6.18
C LEU B 220 72.58 -18.23 5.36
N ILE B 221 73.82 -17.91 4.99
CA ILE B 221 74.64 -18.85 4.22
C ILE B 221 75.07 -20.03 5.09
N GLU B 222 75.06 -19.84 6.40
CA GLU B 222 75.47 -20.84 7.38
C GLU B 222 74.38 -21.89 7.65
N SER B 223 73.13 -21.44 7.80
CA SER B 223 71.99 -22.33 8.09
C SER B 223 71.44 -22.99 6.82
N THR B 224 71.47 -22.24 5.72
CA THR B 224 71.03 -22.75 4.42
C THR B 224 72.00 -22.31 3.36
N GLY B 225 71.80 -22.83 2.15
CA GLY B 225 72.68 -22.47 1.07
C GLY B 225 71.90 -21.73 0.05
N MET B 226 71.03 -20.90 0.56
CA MET B 226 70.21 -20.09 -0.33
C MET B 226 71.11 -19.13 -1.11
N VAL B 227 72.14 -18.60 -0.46
CA VAL B 227 72.99 -17.65 -1.15
C VAL B 227 74.47 -17.93 -0.93
N SER B 228 75.23 -17.78 -2.01
CA SER B 228 76.67 -18.00 -1.96
C SER B 228 77.40 -16.67 -1.84
N LEU B 229 78.40 -16.65 -0.98
CA LEU B 229 79.23 -15.46 -0.75
C LEU B 229 80.55 -15.61 -1.49
N HIS B 230 80.54 -15.43 -2.81
CA HIS B 230 81.79 -15.53 -3.57
C HIS B 230 82.34 -14.14 -3.95
N ARG B 231 83.66 -14.04 -4.06
CA ARG B 231 84.32 -12.78 -4.39
C ARG B 231 84.14 -12.42 -5.86
N GLN B 232 84.10 -11.12 -6.12
CA GLN B 232 83.94 -10.62 -7.49
C GLN B 232 85.20 -9.88 -7.93
N ASN B 233 85.89 -10.44 -8.92
CA ASN B 233 87.10 -9.83 -9.46
C ASN B 233 88.19 -9.71 -8.40
N ALA B 234 88.51 -10.81 -7.71
CA ALA B 234 89.56 -10.79 -6.67
C ALA B 234 90.91 -10.44 -7.29
N GLY B 235 91.41 -9.23 -7.00
CA GLY B 235 92.69 -8.79 -7.54
C GLY B 235 92.58 -7.47 -8.30
N VAL B 236 91.48 -6.75 -8.06
CA VAL B 236 91.22 -5.46 -8.68
C VAL B 236 90.85 -4.40 -7.60
N VAL B 237 91.56 -3.28 -7.61
CA VAL B 237 91.35 -2.17 -6.67
C VAL B 237 89.89 -1.71 -6.63
N GLY B 238 89.29 -1.58 -7.82
CA GLY B 238 87.92 -1.09 -7.94
C GLY B 238 86.93 -2.10 -8.50
N GLN B 239 87.29 -3.38 -8.48
CA GLN B 239 86.42 -4.46 -8.95
C GLN B 239 86.28 -5.56 -7.90
N ASP B 240 87.33 -5.75 -7.08
CA ASP B 240 87.27 -6.79 -6.05
C ASP B 240 86.19 -6.46 -5.02
N SER B 241 84.97 -6.86 -5.35
CA SER B 241 83.82 -6.61 -4.49
C SER B 241 83.15 -7.90 -4.02
N GLU B 242 83.17 -8.14 -2.72
CA GLU B 242 82.52 -9.33 -2.20
C GLU B 242 81.00 -9.17 -2.35
N THR B 243 80.34 -10.14 -2.99
CA THR B 243 78.89 -10.04 -3.19
C THR B 243 78.15 -11.34 -2.83
N ILE B 244 76.85 -11.37 -3.14
CA ILE B 244 75.99 -12.52 -2.86
C ILE B 244 75.29 -12.98 -4.13
N GLU B 245 75.11 -14.29 -4.27
CA GLU B 245 74.46 -14.89 -5.43
C GLU B 245 73.45 -15.95 -4.98
N LEU B 246 72.34 -16.07 -5.71
CA LEU B 246 71.31 -17.05 -5.36
C LEU B 246 71.70 -18.49 -5.76
N ALA B 247 71.66 -19.42 -4.81
CA ALA B 247 71.97 -20.85 -5.04
C ALA B 247 71.32 -21.35 -6.32
N PRO B 248 72.12 -21.96 -7.21
CA PRO B 248 71.64 -22.49 -8.49
C PRO B 248 70.40 -23.35 -8.31
N GLU B 249 70.44 -24.25 -7.34
CA GLU B 249 69.35 -25.16 -7.04
C GLU B 249 68.06 -24.38 -6.67
N TYR B 250 68.18 -23.52 -5.66
CA TYR B 250 67.06 -22.73 -5.16
C TYR B 250 66.47 -21.81 -6.23
N ALA B 251 67.23 -21.51 -7.27
CA ALA B 251 66.69 -20.67 -8.33
C ALA B 251 65.86 -21.55 -9.27
N GLU B 252 66.20 -22.83 -9.32
CA GLU B 252 65.50 -23.78 -10.17
C GLU B 252 64.12 -24.12 -9.59
N ALA B 253 64.06 -24.28 -8.26
CA ALA B 253 62.79 -24.60 -7.59
C ALA B 253 61.77 -23.50 -7.87
N ILE B 254 62.16 -22.25 -7.56
CA ILE B 254 61.31 -21.09 -7.82
C ILE B 254 60.82 -21.11 -9.26
N ALA B 255 61.74 -21.21 -10.21
CA ALA B 255 61.37 -21.24 -11.63
C ALA B 255 60.40 -22.37 -11.92
N THR B 256 60.65 -23.54 -11.32
CA THR B 256 59.80 -24.70 -11.52
C THR B 256 58.45 -24.51 -10.85
N ARG B 257 58.45 -23.99 -9.62
CA ARG B 257 57.18 -23.78 -8.93
C ARG B 257 56.36 -22.75 -9.68
N ALA B 258 57.03 -21.67 -10.07
CA ALA B 258 56.39 -20.59 -10.84
C ALA B 258 55.86 -21.16 -12.14
N GLY B 259 56.72 -21.89 -12.84
CA GLY B 259 56.30 -22.50 -14.08
C GLY B 259 54.99 -23.26 -13.92
N ALA B 260 55.02 -24.33 -13.14
CA ALA B 260 53.84 -25.18 -12.92
C ALA B 260 52.61 -24.35 -12.60
N LEU B 261 52.75 -23.47 -11.63
CA LEU B 261 51.65 -22.61 -11.23
C LEU B 261 51.03 -21.90 -12.43
N ALA B 262 51.88 -21.29 -13.25
CA ALA B 262 51.42 -20.53 -14.43
C ALA B 262 50.55 -21.36 -15.34
N GLY B 263 50.50 -22.66 -15.09
CA GLY B 263 49.69 -23.55 -15.91
C GLY B 263 48.41 -23.99 -15.22
N ILE B 264 48.05 -23.37 -14.10
CA ILE B 264 46.78 -23.75 -13.47
C ILE B 264 45.88 -22.53 -13.29
N SER B 265 46.30 -21.41 -13.85
CA SER B 265 45.57 -20.17 -13.79
C SER B 265 45.05 -19.82 -15.19
N PRO B 266 44.17 -20.70 -15.71
CA PRO B 266 43.67 -20.40 -17.05
C PRO B 266 42.61 -19.31 -17.04
N MET B 267 42.62 -18.51 -18.10
CA MET B 267 41.64 -17.48 -18.28
C MET B 267 40.46 -18.06 -19.05
N PHE B 268 39.51 -18.64 -18.32
CA PHE B 268 38.35 -19.26 -18.92
C PHE B 268 37.56 -18.30 -19.77
N GLN B 269 37.23 -18.79 -20.96
CA GLN B 269 36.46 -18.04 -21.94
C GLN B 269 35.19 -18.80 -22.29
N PRO B 270 34.34 -18.21 -23.12
CA PRO B 270 33.10 -18.86 -23.51
C PRO B 270 33.33 -20.07 -24.39
N CYS B 271 32.27 -20.79 -24.69
CA CYS B 271 32.37 -21.94 -25.52
C CYS B 271 31.76 -21.68 -26.89
N VAL B 272 32.27 -22.40 -27.88
CA VAL B 272 31.75 -22.25 -29.20
C VAL B 272 30.82 -23.37 -29.54
N VAL B 273 30.68 -24.25 -28.56
CA VAL B 273 29.71 -25.36 -28.64
C VAL B 273 29.10 -25.55 -27.29
N PRO B 274 27.93 -26.18 -27.21
CA PRO B 274 27.31 -26.42 -25.91
C PRO B 274 28.29 -27.01 -24.89
N PRO B 275 28.28 -26.51 -23.66
CA PRO B 275 29.19 -27.01 -22.62
C PRO B 275 29.03 -28.51 -22.37
N LYS B 276 30.05 -29.14 -21.75
CA LYS B 276 29.94 -30.57 -21.47
C LYS B 276 29.03 -30.77 -20.29
N PRO B 277 27.93 -31.47 -20.48
CA PRO B 277 26.94 -31.75 -19.43
C PRO B 277 27.61 -32.23 -18.13
N TRP B 278 27.22 -31.68 -16.98
CA TRP B 278 27.83 -32.18 -15.76
C TRP B 278 27.22 -33.52 -15.41
N THR B 279 28.10 -34.48 -15.26
CA THR B 279 27.66 -35.82 -14.98
C THR B 279 28.19 -36.26 -13.61
N GLY B 280 29.11 -35.48 -13.06
CA GLY B 280 29.65 -35.80 -11.75
C GLY B 280 30.39 -34.62 -11.14
N ILE B 281 31.05 -34.85 -10.03
CA ILE B 281 31.77 -33.83 -9.30
C ILE B 281 32.77 -33.08 -10.16
N THR B 282 33.34 -33.66 -11.20
CA THR B 282 34.26 -32.84 -11.99
C THR B 282 34.20 -33.17 -13.46
N GLY B 283 35.05 -32.51 -14.23
CA GLY B 283 35.11 -32.80 -15.64
C GLY B 283 33.97 -32.25 -16.46
N GLY B 284 33.04 -31.51 -15.86
CA GLY B 284 31.93 -30.92 -16.63
C GLY B 284 32.31 -29.57 -17.19
N GLY B 285 31.40 -28.97 -17.94
CA GLY B 285 31.64 -27.65 -18.49
C GLY B 285 32.46 -27.69 -19.75
N TYR B 286 33.77 -27.53 -19.60
CA TYR B 286 34.69 -27.58 -20.72
C TYR B 286 34.91 -29.00 -21.19
N TRP B 287 35.38 -29.14 -22.43
CA TRP B 287 35.57 -30.48 -23.04
C TRP B 287 37.00 -31.02 -22.92
N ALA B 288 37.98 -30.22 -23.30
CA ALA B 288 39.37 -30.66 -23.23
C ALA B 288 39.71 -31.18 -21.85
N ASN B 289 40.82 -31.91 -21.76
CA ASN B 289 41.24 -32.43 -20.47
C ASN B 289 42.43 -31.66 -19.92
N GLY B 290 42.20 -30.37 -19.65
CA GLY B 290 43.23 -29.53 -19.07
C GLY B 290 43.56 -29.97 -17.64
N ARG B 291 44.78 -29.69 -17.19
CA ARG B 291 45.20 -30.09 -15.86
C ARG B 291 44.51 -29.29 -14.76
N ARG B 292 43.54 -28.46 -15.15
CA ARG B 292 42.75 -27.65 -14.21
C ARG B 292 41.26 -27.92 -14.42
N PRO B 293 40.81 -29.13 -14.07
CA PRO B 293 39.43 -29.62 -14.20
C PRO B 293 38.42 -28.80 -13.35
N LEU B 294 37.29 -28.45 -13.94
CA LEU B 294 36.25 -27.69 -13.24
C LEU B 294 35.58 -28.53 -12.22
N ALA B 295 35.38 -27.95 -11.05
CA ALA B 295 34.67 -28.63 -9.98
C ALA B 295 33.20 -28.25 -10.08
N LEU B 296 32.32 -29.16 -9.75
CA LEU B 296 30.90 -28.84 -9.80
C LEU B 296 30.60 -27.86 -8.69
N VAL B 297 31.42 -27.92 -7.65
CA VAL B 297 31.25 -27.06 -6.50
C VAL B 297 32.58 -26.42 -6.16
N ARG B 298 32.59 -25.11 -6.09
CA ARG B 298 33.79 -24.41 -5.78
C ARG B 298 34.02 -24.43 -4.30
N THR B 299 34.67 -25.49 -3.81
CA THR B 299 34.94 -25.64 -2.40
C THR B 299 36.32 -25.20 -2.06
N HIS B 300 36.56 -25.03 -0.77
CA HIS B 300 37.86 -24.55 -0.28
C HIS B 300 38.89 -25.68 -0.23
N SER B 301 38.49 -26.79 0.39
CA SER B 301 39.36 -27.95 0.55
C SER B 301 38.94 -29.10 -0.38
N LYS B 302 39.91 -29.82 -0.92
CA LYS B 302 39.58 -30.98 -1.77
C LYS B 302 38.68 -31.95 -1.01
N LYS B 303 38.91 -32.04 0.28
CA LYS B 303 38.11 -32.92 1.11
C LYS B 303 36.65 -32.54 0.97
N ALA B 304 36.38 -31.24 0.99
CA ALA B 304 35.02 -30.70 0.90
C ALA B 304 34.35 -31.08 -0.41
N LEU B 305 35.13 -31.04 -1.49
CA LEU B 305 34.58 -31.38 -2.79
C LEU B 305 34.11 -32.81 -2.79
N MET B 306 34.95 -33.70 -2.27
CA MET B 306 34.65 -35.12 -2.24
C MET B 306 33.35 -35.44 -1.57
N ARG B 307 32.96 -34.66 -0.57
CA ARG B 307 31.68 -34.93 0.11
C ARG B 307 30.54 -35.06 -0.87
N TYR B 308 30.68 -34.50 -2.08
CA TYR B 308 29.59 -34.54 -3.06
C TYR B 308 29.70 -35.72 -4.01
N GLU B 309 30.91 -36.28 -4.12
CA GLU B 309 31.22 -37.42 -5.00
C GLU B 309 30.05 -38.33 -5.24
N ASP B 310 29.43 -38.87 -4.20
CA ASP B 310 28.35 -39.79 -4.51
C ASP B 310 26.99 -39.34 -4.01
N VAL B 311 26.81 -38.01 -3.90
CA VAL B 311 25.53 -37.45 -3.46
C VAL B 311 24.50 -37.54 -4.55
N TYR B 312 23.32 -38.00 -4.21
CA TYR B 312 22.22 -38.10 -5.15
C TYR B 312 21.43 -36.78 -5.20
N MET B 313 21.62 -36.02 -6.27
CA MET B 313 20.95 -34.74 -6.46
C MET B 313 20.64 -34.51 -7.94
N PRO B 314 19.69 -35.29 -8.48
CA PRO B 314 19.21 -35.27 -9.86
C PRO B 314 18.80 -33.88 -10.31
N GLU B 315 17.90 -33.31 -9.52
CA GLU B 315 17.39 -32.01 -9.84
C GLU B 315 18.48 -30.99 -9.90
N VAL B 316 19.47 -31.06 -9.01
CA VAL B 316 20.57 -30.09 -9.11
C VAL B 316 21.34 -30.26 -10.44
N TYR B 317 21.68 -31.47 -10.81
CA TYR B 317 22.38 -31.60 -12.10
C TYR B 317 21.48 -31.13 -13.27
N LYS B 318 20.19 -31.42 -13.23
CA LYS B 318 19.30 -30.99 -14.29
C LYS B 318 19.39 -29.48 -14.46
N ALA B 319 19.23 -28.75 -13.35
CA ALA B 319 19.27 -27.32 -13.41
C ALA B 319 20.56 -26.86 -14.03
N ILE B 320 21.65 -27.13 -13.35
CA ILE B 320 22.96 -26.71 -13.86
C ILE B 320 23.11 -27.01 -15.36
N ASN B 321 22.64 -28.17 -15.77
CA ASN B 321 22.74 -28.59 -17.12
C ASN B 321 21.88 -27.75 -18.05
N ILE B 322 20.62 -27.54 -17.66
CA ILE B 322 19.72 -26.76 -18.51
C ILE B 322 20.29 -25.39 -18.73
N ALA B 323 20.71 -24.77 -17.65
CA ALA B 323 21.24 -23.44 -17.67
C ALA B 323 22.37 -23.35 -18.61
N GLN B 324 23.36 -24.13 -18.30
CA GLN B 324 24.58 -24.21 -19.09
C GLN B 324 24.31 -24.41 -20.58
N ASN B 325 23.10 -24.79 -20.93
CA ASN B 325 22.78 -25.10 -22.31
C ASN B 325 22.17 -23.96 -23.06
N THR B 326 21.99 -22.85 -22.36
CA THR B 326 21.38 -21.71 -23.01
C THR B 326 22.38 -21.17 -24.02
N ALA B 327 21.92 -20.94 -25.26
CA ALA B 327 22.72 -20.39 -26.33
C ALA B 327 22.70 -18.86 -26.32
N TRP B 328 23.87 -18.26 -26.22
CA TRP B 328 23.98 -16.82 -26.22
C TRP B 328 24.66 -16.37 -27.47
N LYS B 329 24.73 -15.04 -27.65
CA LYS B 329 25.39 -14.39 -28.78
C LYS B 329 25.63 -12.93 -28.50
N ILE B 330 26.57 -12.32 -29.19
CA ILE B 330 26.92 -10.93 -28.94
C ILE B 330 25.89 -9.98 -29.56
N ASN B 331 25.44 -9.05 -28.78
CA ASN B 331 24.50 -8.15 -29.31
C ASN B 331 25.29 -7.19 -30.14
N LYS B 332 25.46 -7.52 -31.41
CA LYS B 332 26.26 -6.69 -32.35
C LYS B 332 25.89 -5.21 -32.36
N LYS B 333 24.61 -4.86 -32.48
CA LYS B 333 24.26 -3.43 -32.52
C LYS B 333 24.75 -2.70 -31.32
N VAL B 334 24.82 -3.36 -30.16
CA VAL B 334 25.31 -2.65 -28.98
C VAL B 334 26.82 -2.59 -29.03
N LEU B 335 27.46 -3.66 -29.51
CA LEU B 335 28.94 -3.68 -29.63
C LEU B 335 29.42 -2.49 -30.42
N ALA B 336 28.69 -2.22 -31.50
CA ALA B 336 29.00 -1.15 -32.37
C ALA B 336 29.08 0.15 -31.59
N VAL B 337 28.04 0.47 -30.82
CA VAL B 337 28.06 1.73 -30.09
C VAL B 337 29.19 1.74 -29.07
N ALA B 338 29.43 0.62 -28.39
CA ALA B 338 30.49 0.61 -27.39
C ALA B 338 31.86 0.73 -28.01
N ASN B 339 32.10 0.02 -29.13
CA ASN B 339 33.38 0.06 -29.83
C ASN B 339 33.74 1.53 -30.05
N VAL B 340 32.74 2.34 -30.43
CA VAL B 340 32.97 3.76 -30.68
C VAL B 340 33.22 4.55 -29.42
N ILE B 341 32.17 4.82 -28.63
CA ILE B 341 32.29 5.68 -27.42
C ILE B 341 33.32 5.22 -26.38
N THR B 342 33.71 3.94 -26.33
CA THR B 342 34.69 3.64 -25.30
C THR B 342 36.09 4.15 -25.66
N LYS B 343 36.35 4.49 -26.92
CA LYS B 343 37.70 5.00 -27.23
C LYS B 343 37.75 6.53 -27.13
N TRP B 344 36.64 7.10 -26.66
CA TRP B 344 36.54 8.53 -26.48
C TRP B 344 36.39 8.85 -25.02
N LYS B 345 35.79 7.93 -24.28
CA LYS B 345 35.55 8.14 -22.84
C LYS B 345 36.10 6.98 -22.01
N HIS B 346 36.73 7.27 -20.87
CA HIS B 346 37.24 6.19 -20.04
C HIS B 346 36.08 5.31 -19.67
N CYS B 347 35.04 5.95 -19.19
CA CYS B 347 33.84 5.26 -18.94
C CYS B 347 32.80 5.91 -19.78
N PRO B 348 32.33 5.20 -20.80
CA PRO B 348 31.31 5.68 -21.74
C PRO B 348 30.22 6.46 -21.07
N VAL B 349 29.94 6.20 -19.79
CA VAL B 349 28.87 6.94 -19.17
C VAL B 349 29.22 7.55 -17.83
N GLU B 350 30.27 8.33 -17.69
CA GLU B 350 30.46 8.84 -16.36
C GLU B 350 30.26 10.33 -16.28
N ASP B 351 30.44 11.03 -17.39
CA ASP B 351 30.23 12.48 -17.34
C ASP B 351 29.68 13.01 -18.62
N ILE B 352 28.37 13.01 -18.74
CA ILE B 352 27.70 13.49 -19.91
C ILE B 352 27.03 14.82 -19.60
N PRO B 353 27.33 15.86 -20.37
CA PRO B 353 26.75 17.19 -20.17
C PRO B 353 25.25 17.13 -19.93
N ALA B 354 24.87 17.48 -18.70
CA ALA B 354 23.47 17.49 -18.27
C ALA B 354 23.14 18.86 -17.70
N ILE B 355 21.90 19.33 -17.90
CA ILE B 355 21.48 20.64 -17.40
C ILE B 355 20.87 20.58 -15.98
N GLU B 372 36.66 20.57 12.64
CA GLU B 372 37.07 19.55 11.68
C GLU B 372 37.51 20.18 10.38
N ALA B 373 38.79 20.58 10.34
CA ALA B 373 39.38 21.19 9.15
C ALA B 373 40.20 20.16 8.38
N LEU B 374 41.40 19.87 8.86
CA LEU B 374 42.26 18.91 8.20
C LEU B 374 41.53 17.58 7.97
N THR B 375 40.74 17.14 8.96
CA THR B 375 39.99 15.89 8.83
C THR B 375 38.75 16.03 7.93
N ALA B 376 38.74 17.07 7.09
CA ALA B 376 37.66 17.30 6.15
C ALA B 376 38.23 17.52 4.76
N TRP B 377 39.34 18.23 4.69
CA TRP B 377 39.99 18.48 3.41
C TRP B 377 40.80 17.23 3.05
N LYS B 378 41.56 16.71 4.00
CA LYS B 378 42.34 15.49 3.78
C LYS B 378 41.39 14.35 3.47
N ARG B 379 40.17 14.48 3.95
CA ARG B 379 39.14 13.51 3.73
C ARG B 379 38.84 13.45 2.23
N ALA B 380 38.53 14.61 1.65
CA ALA B 380 38.24 14.71 0.23
C ALA B 380 39.46 14.32 -0.62
N ALA B 381 40.63 14.67 -0.12
CA ALA B 381 41.86 14.34 -0.82
C ALA B 381 41.93 12.84 -1.07
N ALA B 382 41.81 12.08 0.02
CA ALA B 382 41.86 10.62 -0.03
C ALA B 382 40.77 10.04 -0.96
N ALA B 383 39.72 10.82 -1.18
CA ALA B 383 38.66 10.39 -2.06
C ALA B 383 39.10 10.55 -3.51
N VAL B 384 39.71 11.68 -3.81
CA VAL B 384 40.16 11.93 -5.19
C VAL B 384 41.10 10.83 -5.65
N TYR B 385 41.99 10.41 -4.75
CA TYR B 385 42.92 9.35 -5.08
C TYR B 385 42.19 8.04 -5.32
N ARG B 386 41.36 7.66 -4.37
CA ARG B 386 40.57 6.45 -4.47
C ARG B 386 39.78 6.44 -5.78
N LYS B 387 39.15 7.56 -6.10
CA LYS B 387 38.34 7.65 -7.32
C LYS B 387 39.14 7.37 -8.56
N ASP B 388 40.32 7.98 -8.65
CA ASP B 388 41.17 7.76 -9.80
C ASP B 388 41.59 6.29 -9.89
N LYS B 389 41.92 5.71 -8.75
CA LYS B 389 42.30 4.32 -8.72
C LYS B 389 41.14 3.47 -9.28
N ALA B 390 39.92 3.78 -8.85
CA ALA B 390 38.73 3.06 -9.30
C ALA B 390 38.53 3.19 -10.82
N ARG B 391 38.65 4.42 -11.32
CA ARG B 391 38.49 4.65 -12.73
C ARG B 391 39.48 3.81 -13.55
N LYS B 392 40.63 3.50 -12.95
CA LYS B 392 41.64 2.71 -13.65
C LYS B 392 41.25 1.28 -13.66
N SER B 393 40.84 0.79 -12.50
CA SER B 393 40.43 -0.61 -12.35
C SER B 393 39.20 -0.94 -13.19
N ARG B 394 38.22 -0.04 -13.20
CA ARG B 394 37.03 -0.22 -14.01
C ARG B 394 37.40 -0.29 -15.51
N ARG B 395 38.39 0.53 -15.93
CA ARG B 395 38.77 0.51 -17.33
C ARG B 395 39.44 -0.79 -17.73
N ILE B 396 40.26 -1.34 -16.84
CA ILE B 396 40.91 -2.59 -17.17
C ILE B 396 39.87 -3.65 -17.57
N SER B 397 38.89 -3.80 -16.69
CA SER B 397 37.80 -4.75 -16.81
C SER B 397 37.03 -4.49 -18.06
N LEU B 398 36.78 -3.21 -18.28
CA LEU B 398 36.05 -2.75 -19.44
C LEU B 398 36.67 -3.31 -20.71
N GLU B 399 37.99 -3.08 -20.78
CA GLU B 399 38.75 -3.47 -21.94
C GLU B 399 38.76 -4.94 -22.17
N PHE B 400 38.92 -5.72 -21.11
CA PHE B 400 38.85 -7.16 -21.31
C PHE B 400 37.47 -7.62 -21.86
N MET B 401 36.35 -7.17 -21.28
CA MET B 401 35.04 -7.60 -21.80
C MET B 401 34.90 -7.23 -23.29
N LEU B 402 35.20 -5.99 -23.62
CA LEU B 402 35.09 -5.56 -25.02
C LEU B 402 35.91 -6.44 -25.92
N GLU B 403 37.11 -6.77 -25.48
CA GLU B 403 37.92 -7.62 -26.28
C GLU B 403 37.22 -8.92 -26.44
N GLN B 404 36.80 -9.49 -25.33
CA GLN B 404 36.08 -10.74 -25.36
C GLN B 404 34.81 -10.67 -26.24
N ALA B 405 34.10 -9.56 -26.18
CA ALA B 405 32.91 -9.37 -27.00
C ALA B 405 33.27 -9.42 -28.48
N ASN B 406 34.17 -8.51 -28.91
CA ASN B 406 34.58 -8.45 -30.35
C ASN B 406 35.09 -9.83 -30.81
N LYS B 407 35.80 -10.55 -29.92
CA LYS B 407 36.29 -11.85 -30.28
C LYS B 407 35.18 -12.75 -30.78
N PHE B 408 34.02 -12.71 -30.13
CA PHE B 408 32.94 -13.58 -30.53
C PHE B 408 31.81 -12.90 -31.26
N ALA B 409 32.05 -11.66 -31.69
CA ALA B 409 31.06 -10.89 -32.44
C ALA B 409 30.45 -11.64 -33.57
N ASN B 410 31.16 -12.56 -34.20
CA ASN B 410 30.56 -13.19 -35.35
C ASN B 410 30.15 -14.60 -35.16
N HIS B 411 30.32 -15.18 -33.99
CA HIS B 411 29.84 -16.56 -33.88
C HIS B 411 28.33 -16.59 -33.86
N LYS B 412 27.76 -17.68 -34.36
CA LYS B 412 26.32 -17.82 -34.41
C LYS B 412 25.80 -18.07 -33.03
N ALA B 413 26.70 -18.34 -32.13
CA ALA B 413 26.30 -18.63 -30.79
C ALA B 413 27.47 -18.93 -29.94
N ILE B 414 27.40 -18.59 -28.67
CA ILE B 414 28.42 -18.99 -27.72
C ILE B 414 27.71 -19.47 -26.42
N TRP B 415 28.36 -20.31 -25.62
CA TRP B 415 27.76 -20.83 -24.40
C TRP B 415 28.69 -20.62 -23.21
N PHE B 416 28.14 -20.71 -21.99
CA PHE B 416 28.96 -20.55 -20.76
C PHE B 416 28.74 -21.69 -19.81
N PRO B 417 29.83 -22.34 -19.40
CA PRO B 417 29.69 -23.47 -18.45
C PRO B 417 29.28 -22.96 -17.03
N TYR B 418 28.67 -23.80 -16.21
CA TYR B 418 28.27 -23.31 -14.88
C TYR B 418 28.67 -24.21 -13.71
N ASN B 419 28.99 -23.56 -12.60
CA ASN B 419 29.39 -24.11 -11.30
C ASN B 419 28.44 -23.62 -10.22
N MET B 420 28.83 -23.96 -9.00
CA MET B 420 28.10 -23.56 -7.83
C MET B 420 29.08 -23.21 -6.74
N ASP B 421 28.80 -22.21 -5.90
CA ASP B 421 29.73 -22.00 -4.82
C ASP B 421 29.35 -22.96 -3.72
N TRP B 422 30.09 -23.00 -2.64
CA TRP B 422 29.76 -23.97 -1.63
C TRP B 422 28.33 -23.85 -1.09
N ARG B 423 27.61 -22.78 -1.40
CA ARG B 423 26.22 -22.71 -0.87
C ARG B 423 25.20 -23.07 -1.93
N GLY B 424 25.64 -23.30 -3.16
CA GLY B 424 24.70 -23.72 -4.19
C GLY B 424 24.33 -22.64 -5.17
N ARG B 425 24.86 -21.45 -5.02
CA ARG B 425 24.52 -20.40 -5.97
C ARG B 425 25.24 -20.70 -7.31
N VAL B 426 24.54 -20.50 -8.45
CA VAL B 426 25.04 -20.81 -9.81
C VAL B 426 25.91 -19.72 -10.44
N TYR B 427 27.14 -20.05 -10.84
CA TYR B 427 27.99 -19.02 -11.47
C TYR B 427 28.49 -19.42 -12.86
N ALA B 428 28.53 -18.49 -13.79
CA ALA B 428 29.07 -18.81 -15.10
C ALA B 428 30.58 -18.93 -14.95
N VAL B 429 31.24 -19.80 -15.72
CA VAL B 429 32.67 -19.93 -15.47
C VAL B 429 33.55 -18.93 -16.23
N SER B 430 33.26 -18.64 -17.48
CA SER B 430 34.13 -17.69 -18.20
C SER B 430 34.18 -16.29 -17.64
N MET B 431 35.36 -15.72 -17.57
CA MET B 431 35.53 -14.35 -17.13
C MET B 431 34.45 -13.45 -17.77
N PHE B 432 34.22 -13.59 -19.07
CA PHE B 432 33.17 -12.79 -19.73
C PHE B 432 31.89 -13.63 -19.73
N ASN B 433 30.92 -13.20 -18.94
CA ASN B 433 29.66 -13.94 -18.86
C ASN B 433 28.49 -13.03 -18.59
N PRO B 434 27.30 -13.54 -18.74
CA PRO B 434 26.05 -12.82 -18.53
C PRO B 434 25.84 -12.29 -17.16
N GLN B 435 26.59 -12.72 -16.16
CA GLN B 435 26.39 -12.19 -14.82
C GLN B 435 27.27 -11.05 -14.56
N GLY B 436 27.57 -10.32 -15.64
CA GLY B 436 28.49 -9.19 -15.59
C GLY B 436 27.82 -7.93 -15.21
N ASN B 437 28.29 -6.82 -15.76
CA ASN B 437 27.70 -5.54 -15.42
C ASN B 437 26.91 -5.01 -16.55
N ASP B 438 26.49 -3.76 -16.46
CA ASP B 438 25.60 -3.25 -17.49
C ASP B 438 26.16 -3.40 -18.90
N MET B 439 27.40 -2.98 -19.15
CA MET B 439 27.95 -3.13 -20.51
C MET B 439 28.09 -4.59 -20.88
N THR B 440 28.72 -5.36 -20.00
CA THR B 440 28.83 -6.76 -20.34
C THR B 440 27.46 -7.30 -20.71
N LYS B 441 26.49 -7.17 -19.81
CA LYS B 441 25.13 -7.70 -20.07
C LYS B 441 24.56 -7.08 -21.37
N GLY B 442 24.74 -5.79 -21.55
CA GLY B 442 24.28 -5.15 -22.78
C GLY B 442 24.93 -5.76 -24.04
N LEU B 443 26.20 -6.16 -23.97
CA LEU B 443 26.81 -6.79 -25.16
C LEU B 443 26.34 -8.24 -25.37
N LEU B 444 25.68 -8.86 -24.38
CA LEU B 444 25.19 -10.25 -24.56
C LEU B 444 23.68 -10.30 -24.75
N THR B 445 23.24 -11.26 -25.53
CA THR B 445 21.83 -11.50 -25.79
C THR B 445 21.61 -12.96 -26.23
N LEU B 446 20.41 -13.47 -26.07
CA LEU B 446 20.16 -14.84 -26.42
C LEU B 446 20.19 -15.06 -27.93
N ALA B 447 20.68 -16.23 -28.31
CA ALA B 447 20.81 -16.66 -29.68
C ALA B 447 19.49 -17.11 -30.32
N LYS B 448 18.66 -17.88 -29.62
CA LYS B 448 17.41 -18.37 -30.21
C LYS B 448 16.19 -17.65 -29.74
N GLY B 449 15.71 -16.70 -30.54
CA GLY B 449 14.51 -15.96 -30.18
C GLY B 449 13.27 -16.49 -30.84
N LYS B 450 12.12 -15.85 -30.61
CA LYS B 450 10.86 -16.28 -31.20
C LYS B 450 10.02 -15.09 -31.60
N PRO B 451 8.95 -15.32 -32.37
CA PRO B 451 8.17 -14.13 -32.71
C PRO B 451 7.66 -13.55 -31.42
N ILE B 452 7.92 -12.26 -31.20
CA ILE B 452 7.54 -11.63 -29.94
C ILE B 452 6.05 -11.72 -29.59
N GLY B 453 5.18 -11.37 -30.51
CA GLY B 453 3.78 -11.42 -30.16
C GLY B 453 3.37 -10.27 -29.22
N LYS B 454 2.05 -10.12 -29.02
CA LYS B 454 1.51 -9.04 -28.17
C LYS B 454 2.04 -9.08 -26.72
N GLU B 455 1.93 -10.24 -26.09
CA GLU B 455 2.36 -10.43 -24.73
C GLU B 455 3.85 -10.14 -24.54
N GLY B 456 4.70 -10.72 -25.40
CA GLY B 456 6.14 -10.53 -25.33
C GLY B 456 6.48 -9.08 -25.49
N TYR B 457 5.71 -8.42 -26.33
CA TYR B 457 5.98 -7.01 -26.58
C TYR B 457 5.76 -6.25 -25.30
N TYR B 458 4.61 -6.55 -24.67
CA TYR B 458 4.26 -6.00 -23.35
C TYR B 458 5.41 -6.20 -22.39
N TRP B 459 5.93 -7.42 -22.28
CA TRP B 459 7.07 -7.57 -21.38
C TRP B 459 8.31 -6.86 -21.82
N LEU B 460 8.61 -6.80 -23.12
CA LEU B 460 9.78 -6.08 -23.57
C LEU B 460 9.71 -4.64 -23.05
N LYS B 461 8.54 -3.98 -23.14
CA LYS B 461 8.49 -2.60 -22.64
C LYS B 461 8.67 -2.57 -21.10
N ILE B 462 8.11 -3.53 -20.37
CA ILE B 462 8.30 -3.49 -18.94
C ILE B 462 9.75 -3.42 -18.66
N HIS B 463 10.50 -4.36 -19.21
CA HIS B 463 11.98 -4.44 -19.08
C HIS B 463 12.60 -3.10 -19.46
N GLY B 464 12.07 -2.46 -20.49
CA GLY B 464 12.60 -1.18 -20.83
C GLY B 464 12.48 -0.23 -19.70
N ALA B 465 11.27 -0.15 -19.14
CA ALA B 465 11.02 0.72 -18.00
C ALA B 465 12.00 0.41 -16.90
N ASN B 466 12.18 -0.88 -16.62
CA ASN B 466 13.08 -1.32 -15.59
C ASN B 466 14.48 -0.86 -15.83
N CYS B 467 15.04 -1.05 -17.05
CA CYS B 467 16.42 -0.56 -17.35
C CYS B 467 16.52 0.94 -17.22
N ALA B 468 15.39 1.64 -17.34
CA ALA B 468 15.43 3.08 -17.22
C ALA B 468 15.31 3.51 -15.77
N GLY B 469 15.02 2.57 -14.87
CA GLY B 469 14.90 2.90 -13.46
C GLY B 469 13.46 3.10 -13.00
N VAL B 470 12.50 2.85 -13.86
CA VAL B 470 11.10 3.01 -13.57
C VAL B 470 10.57 1.68 -13.15
N ASP B 471 11.08 1.18 -12.03
CA ASP B 471 10.73 -0.13 -11.50
C ASP B 471 10.04 -0.05 -10.09
N LYS B 472 9.76 1.16 -9.62
CA LYS B 472 9.10 1.29 -8.34
C LYS B 472 7.70 1.85 -8.53
N VAL B 473 7.04 1.36 -9.57
CA VAL B 473 5.78 1.84 -10.00
C VAL B 473 4.98 0.68 -10.63
N PRO B 474 3.67 0.68 -10.54
CA PRO B 474 2.98 -0.46 -11.15
C PRO B 474 3.17 -0.52 -12.67
N PHE B 475 3.02 -1.69 -13.24
CA PHE B 475 3.24 -1.94 -14.67
C PHE B 475 2.56 -0.91 -15.60
N PRO B 476 1.26 -0.63 -15.41
CA PRO B 476 0.73 0.33 -16.36
C PRO B 476 1.47 1.62 -16.37
N GLU B 477 2.04 2.05 -15.27
CA GLU B 477 2.78 3.29 -15.29
C GLU B 477 4.12 3.09 -16.03
N ARG B 478 4.58 1.84 -16.05
CA ARG B 478 5.83 1.48 -16.69
C ARG B 478 5.65 1.51 -18.22
N ILE B 479 4.53 0.98 -18.65
CA ILE B 479 4.20 0.97 -20.02
C ILE B 479 3.97 2.37 -20.48
N LYS B 480 3.29 3.15 -19.65
CA LYS B 480 3.02 4.53 -20.02
C LYS B 480 4.32 5.28 -20.22
N PHE B 481 5.28 5.05 -19.34
CA PHE B 481 6.57 5.70 -19.47
C PHE B 481 7.23 5.43 -20.85
N ILE B 482 7.20 4.19 -21.29
CA ILE B 482 7.77 3.80 -22.54
C ILE B 482 7.01 4.46 -23.66
N GLU B 483 5.70 4.45 -23.60
CA GLU B 483 4.94 5.01 -24.68
C GLU B 483 5.15 6.52 -24.77
N GLU B 484 5.23 7.21 -23.65
CA GLU B 484 5.46 8.65 -23.68
C GLU B 484 6.83 8.98 -24.24
N ASN B 485 7.75 8.04 -24.23
CA ASN B 485 9.07 8.31 -24.74
C ASN B 485 9.33 7.60 -26.01
N HIS B 486 8.25 7.16 -26.63
CA HIS B 486 8.35 6.48 -27.89
C HIS B 486 9.35 7.17 -28.86
N GLU B 487 9.26 8.51 -29.00
CA GLU B 487 10.18 9.24 -29.87
C GLU B 487 11.62 9.19 -29.39
N ASN B 488 11.86 9.46 -28.13
CA ASN B 488 13.22 9.40 -27.59
C ASN B 488 13.86 8.03 -27.85
N ILE B 489 13.05 7.00 -27.78
CA ILE B 489 13.58 5.66 -27.93
C ILE B 489 14.00 5.42 -29.35
N MET B 490 13.07 5.63 -30.28
CA MET B 490 13.32 5.46 -31.70
C MET B 490 14.55 6.28 -32.07
N ALA B 491 14.68 7.49 -31.52
CA ALA B 491 15.82 8.33 -31.74
C ALA B 491 17.10 7.65 -31.36
N CYS B 492 17.19 7.15 -30.13
CA CYS B 492 18.37 6.44 -29.65
C CYS B 492 18.62 5.19 -30.46
N ALA B 493 17.59 4.62 -31.04
CA ALA B 493 17.84 3.43 -31.80
C ALA B 493 18.41 3.77 -33.19
N LYS B 494 17.82 4.79 -33.82
CA LYS B 494 18.16 5.31 -35.16
C LYS B 494 19.61 5.80 -35.19
N SER B 495 19.96 6.62 -34.20
CA SER B 495 21.28 7.19 -34.09
C SER B 495 21.75 7.33 -32.64
N PRO B 496 22.26 6.23 -32.07
CA PRO B 496 22.78 6.11 -30.71
C PRO B 496 23.87 7.10 -30.41
N LEU B 497 24.77 7.34 -31.32
CA LEU B 497 25.85 8.29 -31.02
C LEU B 497 25.39 9.74 -31.09
N GLU B 498 24.19 9.99 -31.57
CA GLU B 498 23.71 11.37 -31.66
C GLU B 498 22.71 11.67 -30.56
N ASN B 499 22.18 10.66 -29.91
CA ASN B 499 21.25 10.90 -28.79
C ASN B 499 21.76 10.21 -27.55
N THR B 500 22.15 10.99 -26.53
CA THR B 500 22.70 10.39 -25.32
C THR B 500 21.66 10.00 -24.27
N TRP B 501 20.40 10.29 -24.53
CA TRP B 501 19.36 9.95 -23.59
C TRP B 501 19.54 8.54 -22.99
N TRP B 502 19.81 7.55 -23.86
CA TRP B 502 19.94 6.18 -23.37
C TRP B 502 21.10 6.01 -22.40
N ALA B 503 22.17 6.74 -22.58
CA ALA B 503 23.31 6.59 -21.67
C ALA B 503 23.02 7.26 -20.34
N GLU B 504 21.92 7.97 -20.28
CA GLU B 504 21.62 8.63 -19.05
C GLU B 504 20.71 7.77 -18.10
N GLN B 505 20.27 6.58 -18.53
CA GLN B 505 19.44 5.72 -17.74
C GLN B 505 20.22 4.85 -16.74
N ASP B 506 19.52 4.33 -15.73
CA ASP B 506 20.17 3.56 -14.69
C ASP B 506 20.98 2.42 -15.21
N SER B 507 20.52 1.78 -16.29
CA SER B 507 21.25 0.68 -16.93
C SER B 507 21.36 0.94 -18.39
N PRO B 508 22.22 1.92 -18.71
CA PRO B 508 22.53 2.44 -20.04
C PRO B 508 22.64 1.36 -21.16
N PHE B 509 23.59 0.43 -21.13
CA PHE B 509 23.63 -0.48 -22.24
C PHE B 509 22.47 -1.37 -22.35
N CYS B 510 21.94 -1.87 -21.24
CA CYS B 510 20.77 -2.75 -21.41
C CYS B 510 19.61 -1.97 -21.89
N PHE B 511 19.57 -0.69 -21.50
CA PHE B 511 18.51 0.14 -22.00
C PHE B 511 18.64 0.29 -23.53
N LEU B 512 19.87 0.60 -23.98
CA LEU B 512 20.09 0.74 -25.41
C LEU B 512 19.72 -0.56 -26.13
N ALA B 513 20.14 -1.68 -25.56
CA ALA B 513 19.79 -2.92 -26.18
C ALA B 513 18.30 -3.01 -26.35
N PHE B 514 17.55 -2.57 -25.35
CA PHE B 514 16.09 -2.57 -25.40
C PHE B 514 15.62 -1.63 -26.50
N CYS B 515 16.18 -0.42 -26.54
CA CYS B 515 15.78 0.48 -27.59
C CYS B 515 15.86 -0.20 -28.98
N PHE B 516 16.97 -0.88 -29.29
CA PHE B 516 17.02 -1.57 -30.57
C PHE B 516 15.89 -2.49 -30.73
N GLU B 517 15.71 -3.48 -29.85
CA GLU B 517 14.56 -4.40 -30.10
C GLU B 517 13.22 -3.66 -30.12
N TYR B 518 13.08 -2.58 -29.33
CA TYR B 518 11.84 -1.82 -29.36
C TYR B 518 11.60 -1.34 -30.79
N ALA B 519 12.63 -0.67 -31.34
CA ALA B 519 12.60 -0.15 -32.73
C ALA B 519 12.32 -1.29 -33.75
N GLY B 520 12.90 -2.45 -33.55
CA GLY B 520 12.61 -3.56 -34.45
C GLY B 520 11.13 -3.85 -34.57
N VAL B 521 10.44 -3.87 -33.43
CA VAL B 521 9.01 -4.19 -33.36
C VAL B 521 8.22 -3.17 -34.15
N GLN B 522 8.62 -1.90 -34.00
CA GLN B 522 7.92 -0.83 -34.68
C GLN B 522 8.01 -1.01 -36.19
N HIS B 523 9.19 -1.41 -36.66
CA HIS B 523 9.41 -1.62 -38.06
C HIS B 523 8.81 -2.91 -38.55
N HIS B 524 8.91 -3.99 -37.78
CA HIS B 524 8.42 -5.26 -38.31
C HIS B 524 7.11 -5.81 -37.74
N GLY B 525 6.60 -5.23 -36.66
CA GLY B 525 5.36 -5.73 -36.14
C GLY B 525 5.54 -6.84 -35.13
N LEU B 526 4.42 -7.30 -34.61
CA LEU B 526 4.45 -8.32 -33.57
C LEU B 526 5.02 -9.64 -34.02
N SER B 527 5.42 -9.79 -35.28
CA SER B 527 6.01 -11.11 -35.57
C SER B 527 7.53 -11.03 -35.47
N TYR B 528 8.04 -9.83 -35.23
CA TYR B 528 9.46 -9.62 -35.06
C TYR B 528 10.07 -10.69 -34.17
N ASN B 529 11.12 -11.34 -34.65
CA ASN B 529 11.78 -12.37 -33.85
C ASN B 529 12.73 -11.73 -32.89
N CYS B 530 12.40 -11.82 -31.60
CA CYS B 530 13.20 -11.17 -30.53
C CYS B 530 13.87 -12.19 -29.66
N SER B 531 15.04 -11.87 -29.14
CA SER B 531 15.74 -12.82 -28.29
C SER B 531 16.37 -12.09 -27.11
N LEU B 532 15.99 -10.85 -26.91
CA LEU B 532 16.60 -10.10 -25.85
C LEU B 532 16.20 -10.72 -24.52
N PRO B 533 17.16 -10.89 -23.62
CA PRO B 533 16.80 -11.49 -22.32
C PRO B 533 16.08 -10.53 -21.38
N LEU B 534 14.76 -10.66 -21.19
CA LEU B 534 13.96 -9.80 -20.24
C LEU B 534 14.14 -10.33 -18.82
N ALA B 535 14.68 -9.53 -17.91
CA ALA B 535 14.95 -9.98 -16.52
C ALA B 535 13.86 -9.65 -15.48
N PHE B 536 13.54 -10.62 -14.65
CA PHE B 536 12.60 -10.44 -13.56
C PHE B 536 13.37 -10.53 -12.25
N ASP B 537 13.60 -9.42 -11.55
CA ASP B 537 14.37 -9.47 -10.30
C ASP B 537 13.53 -9.60 -9.07
N GLY B 538 14.03 -10.37 -8.10
CA GLY B 538 13.36 -10.51 -6.84
C GLY B 538 13.67 -9.33 -5.96
N SER B 539 12.68 -8.73 -5.30
CA SER B 539 12.85 -7.58 -4.41
C SER B 539 14.06 -7.78 -3.49
N CYS B 540 13.84 -8.21 -2.26
CA CYS B 540 15.00 -8.44 -1.41
C CYS B 540 15.03 -9.94 -1.11
N SER B 541 15.50 -10.73 -2.09
CA SER B 541 15.52 -12.19 -2.01
C SER B 541 15.77 -12.69 -0.61
N GLY B 542 16.81 -12.18 0.05
CA GLY B 542 17.02 -12.60 1.42
C GLY B 542 15.72 -12.47 2.25
N ILE B 543 15.30 -11.23 2.52
CA ILE B 543 14.11 -10.99 3.33
C ILE B 543 12.86 -11.63 2.73
N GLN B 544 12.85 -11.83 1.41
CA GLN B 544 11.69 -12.49 0.83
C GLN B 544 11.58 -13.95 1.39
N HIS B 545 12.69 -14.66 1.36
CA HIS B 545 12.74 -16.05 1.78
C HIS B 545 12.48 -16.17 3.22
N PHE B 546 13.16 -15.36 4.03
CA PHE B 546 12.89 -15.45 5.44
C PHE B 546 11.43 -15.22 5.70
N SER B 547 10.83 -14.26 5.01
CA SER B 547 9.44 -13.97 5.20
C SER B 547 8.58 -15.07 4.72
N ALA B 548 9.03 -15.87 3.79
CA ALA B 548 8.12 -16.89 3.32
C ALA B 548 8.21 -18.08 4.22
N MET B 549 9.42 -18.41 4.63
CA MET B 549 9.61 -19.58 5.45
C MET B 549 8.99 -19.40 6.83
N LEU B 550 8.64 -18.17 7.20
CA LEU B 550 7.99 -17.95 8.50
C LEU B 550 6.61 -17.28 8.35
N ARG B 551 6.01 -17.44 7.17
CA ARG B 551 4.72 -16.85 6.81
C ARG B 551 4.49 -15.44 7.34
N ASP B 552 5.51 -14.61 7.32
CA ASP B 552 5.43 -13.25 7.78
C ASP B 552 4.62 -12.39 6.80
N GLU B 553 3.49 -11.87 7.24
CA GLU B 553 2.71 -11.05 6.35
C GLU B 553 3.25 -9.62 6.30
N VAL B 554 3.49 -8.98 7.41
CA VAL B 554 3.97 -7.62 7.32
C VAL B 554 5.29 -7.50 6.54
N GLY B 555 6.32 -8.25 6.92
CA GLY B 555 7.56 -8.19 6.18
C GLY B 555 7.38 -8.70 4.74
N GLY B 556 6.63 -9.77 4.59
CA GLY B 556 6.41 -10.27 3.25
C GLY B 556 5.85 -9.19 2.37
N ARG B 557 4.92 -8.43 2.91
CA ARG B 557 4.28 -7.39 2.16
C ARG B 557 5.29 -6.34 1.84
N ALA B 558 6.18 -6.12 2.78
CA ALA B 558 7.21 -5.12 2.63
C ALA B 558 8.07 -5.43 1.39
N VAL B 559 8.26 -6.70 1.07
CA VAL B 559 9.10 -7.01 -0.06
C VAL B 559 8.31 -7.59 -1.24
N ASN B 560 7.10 -7.10 -1.37
CA ASN B 560 6.27 -7.40 -2.51
C ASN B 560 5.96 -8.85 -2.72
N LEU B 561 5.83 -9.62 -1.65
CA LEU B 561 5.44 -11.01 -1.80
C LEU B 561 3.94 -11.11 -1.97
N LEU B 562 3.15 -10.19 -1.38
CA LEU B 562 1.73 -10.26 -1.53
C LEU B 562 1.19 -9.17 -2.48
N PRO B 563 0.14 -9.47 -3.24
CA PRO B 563 -0.48 -8.56 -4.17
C PRO B 563 -0.86 -7.25 -3.59
N SER B 564 -0.42 -6.19 -4.22
CA SER B 564 -0.76 -4.85 -3.83
C SER B 564 -0.90 -4.03 -5.10
N GLU B 565 -1.48 -2.81 -5.08
CA GLU B 565 -1.57 -2.13 -6.38
C GLU B 565 -0.33 -1.32 -6.61
N THR B 566 0.30 -0.88 -5.52
CA THR B 566 1.55 -0.24 -5.81
C THR B 566 2.74 -1.04 -5.31
N VAL B 567 3.91 -0.70 -5.85
CA VAL B 567 5.13 -1.39 -5.47
C VAL B 567 5.56 -0.98 -4.06
N GLN B 568 5.91 -1.95 -3.23
CA GLN B 568 6.37 -1.64 -1.89
C GLN B 568 7.87 -1.40 -1.90
N ASP B 569 8.37 -0.30 -1.31
CA ASP B 569 9.80 0.08 -1.20
C ASP B 569 10.29 -0.01 0.27
N ILE B 570 10.83 -1.15 0.63
CA ILE B 570 11.25 -1.35 1.98
C ILE B 570 12.13 -0.25 2.52
N TYR B 571 13.02 0.32 1.73
CA TYR B 571 13.87 1.37 2.29
C TYR B 571 13.02 2.57 2.70
N GLY B 572 12.01 2.89 1.90
CA GLY B 572 11.16 3.98 2.23
C GLY B 572 10.24 3.67 3.39
N ILE B 573 9.67 2.46 3.45
CA ILE B 573 8.79 2.19 4.60
C ILE B 573 9.64 2.31 5.88
N VAL B 574 10.88 1.80 5.87
CA VAL B 574 11.65 1.94 7.08
C VAL B 574 11.87 3.38 7.37
N ALA B 575 12.16 4.14 6.34
CA ALA B 575 12.38 5.56 6.54
C ALA B 575 11.13 6.22 7.15
N LYS B 576 9.93 5.81 6.74
CA LYS B 576 8.72 6.41 7.29
C LYS B 576 8.66 6.16 8.79
N LYS B 577 8.72 4.89 9.15
CA LYS B 577 8.73 4.55 10.55
C LYS B 577 9.82 5.39 11.30
N VAL B 578 11.00 5.56 10.73
CA VAL B 578 12.00 6.38 11.42
C VAL B 578 11.46 7.79 11.70
N ASN B 579 10.84 8.42 10.69
CA ASN B 579 10.32 9.77 10.82
C ASN B 579 9.21 9.85 11.89
N GLU B 580 8.46 8.77 12.05
CA GLU B 580 7.46 8.76 13.10
C GLU B 580 8.17 8.91 14.46
N ILE B 581 9.28 8.20 14.65
CA ILE B 581 10.01 8.27 15.89
C ILE B 581 10.66 9.63 16.04
N LEU B 582 11.15 10.19 14.94
CA LEU B 582 11.83 11.49 15.00
C LEU B 582 10.90 12.53 15.52
N GLN B 583 9.68 12.50 15.03
CA GLN B 583 8.65 13.45 15.42
C GLN B 583 8.26 13.18 16.88
N ALA B 584 8.02 11.92 17.21
CA ALA B 584 7.67 11.56 18.55
C ALA B 584 8.70 12.04 19.54
N ASP B 585 9.98 12.03 19.17
CA ASP B 585 11.01 12.46 20.10
C ASP B 585 11.21 13.95 20.04
N ALA B 586 10.80 14.58 18.95
CA ALA B 586 10.96 16.02 18.87
C ALA B 586 10.05 16.67 19.91
N ILE B 587 8.88 16.05 20.10
CA ILE B 587 7.87 16.48 21.09
C ILE B 587 8.33 16.10 22.47
N ASN B 588 8.37 14.81 22.73
CA ASN B 588 8.81 14.33 24.01
C ASN B 588 10.28 13.96 23.96
N GLY B 589 10.68 12.84 24.53
CA GLY B 589 12.10 12.57 24.40
C GLY B 589 12.93 13.26 25.46
N THR B 590 14.10 12.69 25.73
CA THR B 590 14.98 13.16 26.76
C THR B 590 15.65 14.48 26.43
N ASP B 591 16.06 15.18 27.48
CA ASP B 591 16.76 16.46 27.41
C ASP B 591 18.26 16.23 27.44
N ASN B 592 19.02 17.21 26.99
CA ASN B 592 20.45 17.06 26.99
C ASN B 592 20.94 16.75 28.37
N GLU B 593 21.97 15.92 28.45
CA GLU B 593 22.53 15.57 29.74
C GLU B 593 24.03 15.82 29.74
N VAL B 594 24.50 16.52 30.74
CA VAL B 594 25.92 16.82 30.80
C VAL B 594 26.64 15.90 31.75
N VAL B 595 27.32 14.90 31.22
CA VAL B 595 28.09 13.97 32.04
C VAL B 595 29.50 14.52 32.25
N THR B 596 30.18 14.04 33.30
CA THR B 596 31.53 14.50 33.59
C THR B 596 32.56 13.55 32.98
N VAL B 597 33.63 14.11 32.41
CA VAL B 597 34.67 13.30 31.80
C VAL B 597 36.05 13.77 32.22
N THR B 598 36.83 12.84 32.74
CA THR B 598 38.19 13.13 33.18
C THR B 598 39.19 12.40 32.29
N ASP B 599 40.00 13.18 31.58
CA ASP B 599 41.02 12.64 30.66
C ASP B 599 41.93 11.61 31.38
N GLU B 600 42.28 10.54 30.67
CA GLU B 600 43.14 9.50 31.23
C GLU B 600 44.57 9.97 31.38
N ASN B 601 45.05 10.72 30.38
CA ASN B 601 46.41 11.23 30.35
C ASN B 601 46.63 12.44 31.27
N THR B 602 45.78 13.45 31.14
CA THR B 602 45.88 14.70 31.90
C THR B 602 45.06 14.69 33.20
N GLY B 603 44.01 13.86 33.27
CA GLY B 603 43.19 13.86 34.46
C GLY B 603 42.40 15.15 34.51
N GLU B 604 42.32 15.76 33.34
CA GLU B 604 41.61 17.02 33.11
C GLU B 604 40.08 16.84 33.24
N ILE B 605 39.47 17.66 34.09
CA ILE B 605 38.02 17.61 34.29
C ILE B 605 37.33 18.34 33.15
N SER B 606 36.41 17.65 32.48
CA SER B 606 35.73 18.24 31.33
C SER B 606 34.22 17.99 31.33
N GLU B 607 33.51 18.98 30.79
CA GLU B 607 32.07 18.92 30.65
C GLU B 607 31.69 18.57 29.21
N LYS B 608 30.99 17.46 29.03
CA LYS B 608 30.53 17.08 27.70
C LYS B 608 29.10 16.64 27.76
N VAL B 609 28.28 17.25 26.93
CA VAL B 609 26.87 16.93 26.97
C VAL B 609 26.49 15.80 26.02
N LYS B 610 25.74 14.87 26.58
CA LYS B 610 25.20 13.74 25.84
C LYS B 610 23.85 14.16 25.25
N LEU B 611 23.80 14.77 24.07
CA LEU B 611 22.52 15.21 23.50
C LEU B 611 21.42 14.21 23.76
N GLY B 612 20.26 14.72 24.20
CA GLY B 612 19.14 13.86 24.45
C GLY B 612 18.43 13.53 23.15
N THR B 613 17.42 12.67 23.17
CA THR B 613 16.78 12.34 21.93
C THR B 613 16.00 13.53 21.38
N LYS B 614 15.52 14.41 22.24
CA LYS B 614 14.79 15.58 21.75
C LYS B 614 15.70 16.40 20.82
N ALA B 615 16.93 16.64 21.26
CA ALA B 615 17.89 17.41 20.49
C ALA B 615 18.34 16.65 19.21
N LEU B 616 18.63 15.36 19.34
CA LEU B 616 19.08 14.57 18.22
C LEU B 616 17.97 14.50 17.19
N ALA B 617 16.76 14.27 17.61
CA ALA B 617 15.67 14.19 16.64
C ALA B 617 15.56 15.51 15.91
N GLY B 618 15.77 16.59 16.65
CA GLY B 618 15.71 17.90 16.04
C GLY B 618 16.67 18.04 14.90
N GLN B 619 17.88 17.48 15.08
CA GLN B 619 18.92 17.54 14.06
C GLN B 619 18.51 16.76 12.80
N TRP B 620 18.05 15.54 12.99
CA TRP B 620 17.68 14.74 11.86
C TRP B 620 16.51 15.34 11.14
N LEU B 621 15.49 15.79 11.84
CA LEU B 621 14.39 16.40 11.09
C LEU B 621 15.00 17.64 10.39
N ALA B 622 15.92 18.30 11.05
CA ALA B 622 16.57 19.47 10.49
C ALA B 622 17.22 19.10 9.22
N TYR B 623 17.81 17.91 9.18
CA TYR B 623 18.54 17.42 7.99
C TYR B 623 17.60 16.86 6.95
N GLY B 624 16.57 16.12 7.38
CA GLY B 624 15.62 15.53 6.47
C GLY B 624 15.97 14.09 6.19
N VAL B 625 15.26 13.15 6.81
CA VAL B 625 15.56 11.74 6.63
C VAL B 625 14.68 11.09 5.57
N THR B 626 15.31 10.31 4.68
CA THR B 626 14.60 9.60 3.57
C THR B 626 15.18 8.24 3.36
N ARG B 627 14.66 7.53 2.35
CA ARG B 627 15.14 6.19 2.02
C ARG B 627 16.66 6.13 1.82
N SER B 628 17.27 7.25 1.45
CA SER B 628 18.73 7.27 1.24
C SER B 628 19.50 6.98 2.52
N VAL B 629 18.94 7.42 3.63
CA VAL B 629 19.57 7.23 4.95
C VAL B 629 19.43 5.80 5.46
N THR B 630 18.45 5.06 4.99
CA THR B 630 18.25 3.72 5.50
C THR B 630 18.55 2.62 4.50
N LYS B 631 18.68 2.95 3.21
CA LYS B 631 18.96 1.96 2.18
C LYS B 631 20.04 0.95 2.61
N ARG B 632 21.30 1.35 2.64
CA ARG B 632 22.38 0.41 2.96
C ARG B 632 22.11 -0.45 4.19
N SER B 633 21.68 0.15 5.29
CA SER B 633 21.43 -0.63 6.51
C SER B 633 20.48 -1.77 6.27
N VAL B 634 19.36 -1.51 5.64
CA VAL B 634 18.45 -2.60 5.41
C VAL B 634 18.97 -3.57 4.40
N MET B 635 19.75 -3.13 3.41
CA MET B 635 20.19 -4.11 2.44
C MET B 635 21.35 -4.92 2.93
N THR B 636 21.97 -4.52 4.04
CA THR B 636 23.05 -5.33 4.60
C THR B 636 22.55 -6.10 5.81
N LEU B 637 21.24 -6.03 6.04
CA LEU B 637 20.59 -6.73 7.16
C LEU B 637 20.77 -8.23 7.04
N ALA B 638 20.62 -8.73 5.82
CA ALA B 638 20.73 -10.17 5.56
C ALA B 638 22.17 -10.63 5.55
N TYR B 639 23.11 -9.72 5.77
CA TYR B 639 24.51 -10.08 5.84
C TYR B 639 24.98 -10.04 7.29
N GLY B 640 24.02 -9.86 8.23
CA GLY B 640 24.31 -9.86 9.68
C GLY B 640 24.53 -8.50 10.35
N SER B 641 24.43 -7.40 9.60
CA SER B 641 24.59 -6.16 10.29
C SER B 641 23.31 -5.81 11.03
N LYS B 642 23.50 -5.18 12.18
CA LYS B 642 22.43 -4.74 13.08
C LYS B 642 22.75 -3.33 13.65
N GLU B 643 22.10 -2.97 14.76
CA GLU B 643 22.28 -1.65 15.29
C GLU B 643 23.73 -1.19 15.21
N PHE B 644 24.60 -1.88 15.90
CA PHE B 644 26.01 -1.50 15.91
C PHE B 644 26.56 -1.20 14.53
N GLY B 645 26.35 -2.15 13.62
CA GLY B 645 26.83 -1.99 12.26
C GLY B 645 26.25 -0.78 11.52
N PHE B 646 25.02 -0.39 11.86
CA PHE B 646 24.38 0.75 11.22
C PHE B 646 25.03 2.08 11.61
N ARG B 647 25.72 2.14 12.72
CA ARG B 647 26.32 3.41 13.13
C ARG B 647 27.31 3.87 12.13
N GLN B 648 28.25 2.98 11.78
CA GLN B 648 29.28 3.38 10.81
C GLN B 648 28.66 3.74 9.48
N GLN B 649 27.68 2.94 9.05
CA GLN B 649 27.01 3.20 7.80
C GLN B 649 26.42 4.60 7.76
N VAL B 650 25.61 4.93 8.76
CA VAL B 650 24.99 6.21 8.86
C VAL B 650 26.05 7.32 8.92
N LEU B 651 27.02 7.14 9.79
CA LEU B 651 28.03 8.16 10.00
C LEU B 651 28.82 8.46 8.74
N GLU B 652 29.05 7.48 7.89
CA GLU B 652 29.82 7.75 6.70
C GLU B 652 29.00 7.76 5.41
N ASP B 653 27.73 7.42 5.46
CA ASP B 653 26.94 7.46 4.25
C ASP B 653 26.13 8.71 4.14
N THR B 654 25.85 9.36 5.25
CA THR B 654 25.10 10.57 5.16
C THR B 654 25.65 11.64 6.10
N ILE B 655 25.85 11.33 7.37
CA ILE B 655 26.35 12.34 8.28
C ILE B 655 27.67 12.91 7.81
N GLN B 656 28.57 12.06 7.37
CA GLN B 656 29.87 12.54 6.92
C GLN B 656 29.74 13.43 5.65
N PRO B 657 29.34 12.84 4.50
CA PRO B 657 29.19 13.66 3.31
C PRO B 657 28.42 14.94 3.57
N ALA B 658 27.40 14.87 4.40
CA ALA B 658 26.60 16.06 4.71
C ALA B 658 27.50 17.20 5.10
N ILE B 659 28.26 16.99 6.17
CA ILE B 659 29.20 17.98 6.70
C ILE B 659 30.20 18.45 5.65
N ASP B 660 30.91 17.49 5.06
CA ASP B 660 31.91 17.77 4.03
C ASP B 660 31.30 18.49 2.81
N SER B 661 29.98 18.43 2.63
CA SER B 661 29.36 19.10 1.48
C SER B 661 28.77 20.44 1.86
N GLY B 662 29.02 20.86 3.09
CA GLY B 662 28.50 22.13 3.53
C GLY B 662 27.41 21.94 4.58
N LYS B 663 26.45 21.06 4.30
CA LYS B 663 25.39 20.81 5.27
C LYS B 663 25.95 20.17 6.55
N GLY B 664 25.15 19.34 7.18
CA GLY B 664 25.61 18.69 8.39
C GLY B 664 25.81 19.62 9.55
N LEU B 665 25.58 20.90 9.35
CA LEU B 665 25.72 21.87 10.42
C LEU B 665 24.94 21.44 11.64
N MET B 666 23.81 20.79 11.42
CA MET B 666 22.95 20.33 12.49
C MET B 666 23.61 19.25 13.35
N PHE B 667 24.51 18.50 12.72
CA PHE B 667 25.23 17.38 13.35
C PHE B 667 26.40 17.82 14.19
N THR B 668 26.10 18.42 15.33
CA THR B 668 27.12 18.87 16.25
C THR B 668 27.97 17.70 16.75
N GLN B 669 27.32 16.63 17.23
CA GLN B 669 28.01 15.42 17.73
C GLN B 669 27.77 14.22 16.78
N PRO B 670 28.46 14.18 15.62
CA PRO B 670 28.35 13.14 14.59
C PRO B 670 28.08 11.73 15.14
N ASN B 671 28.95 11.26 16.03
CA ASN B 671 28.81 9.94 16.65
C ASN B 671 27.50 9.82 17.38
N GLN B 672 27.14 10.84 18.14
CA GLN B 672 25.93 10.78 18.90
C GLN B 672 24.74 10.68 17.99
N ALA B 673 24.81 11.42 16.88
CA ALA B 673 23.73 11.42 15.90
C ALA B 673 23.67 10.14 15.11
N ALA B 674 24.82 9.56 14.81
CA ALA B 674 24.83 8.30 14.07
C ALA B 674 24.27 7.16 14.93
N GLY B 675 24.72 7.14 16.20
CA GLY B 675 24.28 6.13 17.17
C GLY B 675 22.78 6.14 17.32
N TYR B 676 22.25 7.36 17.43
CA TYR B 676 20.83 7.58 17.53
C TYR B 676 20.10 6.99 16.33
N MET B 677 20.52 7.39 15.13
CA MET B 677 19.85 6.88 13.93
C MET B 677 19.94 5.34 13.81
N ALA B 678 21.09 4.80 14.20
CA ALA B 678 21.19 3.37 14.13
C ALA B 678 20.10 2.76 14.95
N LYS B 679 19.94 3.32 16.16
CA LYS B 679 18.95 2.89 17.12
C LYS B 679 17.59 2.88 16.48
N LEU B 680 17.26 4.00 15.80
CA LEU B 680 15.96 4.10 15.14
C LEU B 680 15.87 3.19 13.92
N ILE B 681 16.96 3.04 13.16
CA ILE B 681 16.80 2.18 12.02
C ILE B 681 16.64 0.76 12.52
N TRP B 682 17.32 0.39 13.60
CA TRP B 682 17.15 -0.99 14.06
C TRP B 682 15.74 -1.24 14.60
N GLU B 683 15.20 -0.29 15.37
CA GLU B 683 13.82 -0.44 15.87
C GLU B 683 12.83 -0.51 14.76
N SER B 684 13.09 0.22 13.67
CA SER B 684 12.15 0.29 12.55
C SER B 684 12.21 -0.94 11.65
N VAL B 685 13.36 -1.55 11.49
CA VAL B 685 13.35 -2.73 10.64
C VAL B 685 12.88 -3.94 11.41
N SER B 686 13.25 -4.02 12.67
CA SER B 686 12.89 -5.15 13.50
C SER B 686 11.37 -5.29 13.60
N VAL B 687 10.62 -4.25 13.22
CA VAL B 687 9.19 -4.40 13.32
C VAL B 687 8.53 -4.37 11.95
N THR B 688 9.36 -4.33 10.89
CA THR B 688 8.86 -4.34 9.52
C THR B 688 9.15 -5.64 8.88
N VAL B 689 10.23 -6.27 9.28
CA VAL B 689 10.62 -7.59 8.78
C VAL B 689 11.01 -8.49 9.95
N VAL B 690 10.06 -8.66 10.87
CA VAL B 690 10.15 -9.45 12.09
C VAL B 690 10.71 -10.88 11.84
N ALA B 691 10.15 -11.53 10.82
CA ALA B 691 10.56 -12.87 10.47
C ALA B 691 12.04 -12.92 10.18
N ALA B 692 12.52 -12.03 9.31
CA ALA B 692 13.90 -11.99 8.93
C ALA B 692 14.83 -11.87 10.17
N VAL B 693 14.43 -11.06 11.14
CA VAL B 693 15.24 -10.84 12.32
C VAL B 693 15.29 -12.10 13.17
N GLU B 694 14.15 -12.74 13.37
CA GLU B 694 14.07 -13.93 14.19
C GLU B 694 14.83 -15.12 13.56
N ALA B 695 14.49 -15.51 12.33
CA ALA B 695 15.17 -16.61 11.67
C ALA B 695 16.68 -16.46 11.76
N MET B 696 17.22 -15.30 11.43
CA MET B 696 18.65 -15.14 11.52
C MET B 696 19.16 -15.35 12.94
N ASN B 697 18.40 -14.86 13.92
CA ASN B 697 18.82 -15.01 15.30
C ASN B 697 18.91 -16.45 15.65
N TRP B 698 17.90 -17.20 15.26
CA TRP B 698 17.86 -18.63 15.51
C TRP B 698 19.04 -19.30 14.82
N LEU B 699 19.13 -19.19 13.50
CA LEU B 699 20.24 -19.79 12.75
C LEU B 699 21.58 -19.45 13.40
N LYS B 700 21.69 -18.26 13.95
CA LYS B 700 22.94 -17.88 14.53
C LYS B 700 23.16 -18.64 15.83
N SER B 701 22.07 -18.85 16.56
CA SER B 701 22.11 -19.57 17.82
C SER B 701 22.56 -21.01 17.62
N ALA B 702 22.00 -21.63 16.60
CA ALA B 702 22.31 -22.99 16.29
C ALA B 702 23.76 -23.13 15.98
N ALA B 703 24.25 -22.36 15.01
CA ALA B 703 25.65 -22.41 14.61
C ALA B 703 26.57 -22.19 15.79
N LYS B 704 26.14 -21.34 16.73
CA LYS B 704 26.97 -21.05 17.91
C LYS B 704 27.18 -22.33 18.74
N LEU B 705 26.09 -23.00 19.12
CA LEU B 705 26.20 -24.25 19.87
C LEU B 705 27.08 -25.21 19.12
N LEU B 706 26.60 -25.66 17.97
CA LEU B 706 27.34 -26.61 17.15
C LEU B 706 28.82 -26.28 17.01
N ALA B 707 29.19 -25.01 17.02
CA ALA B 707 30.59 -24.67 16.86
C ALA B 707 31.31 -24.50 18.18
N ALA B 708 30.62 -24.74 19.28
CA ALA B 708 31.25 -24.61 20.58
C ALA B 708 32.06 -25.86 20.91
N GLU B 709 32.97 -25.71 21.86
CA GLU B 709 33.80 -26.80 22.32
C GLU B 709 33.43 -27.15 23.77
N VAL B 710 32.22 -27.68 23.94
CA VAL B 710 31.69 -28.02 25.26
C VAL B 710 32.57 -29.01 26.01
N LYS B 711 32.96 -28.63 27.22
CA LYS B 711 33.81 -29.44 28.09
C LYS B 711 33.32 -29.37 29.55
N ASP B 712 33.82 -30.27 30.38
CA ASP B 712 33.50 -30.25 31.80
C ASP B 712 34.62 -29.52 32.53
N LYS B 713 34.34 -28.31 33.02
CA LYS B 713 35.41 -27.59 33.71
C LYS B 713 35.61 -28.10 35.13
N LYS B 714 35.96 -29.38 35.18
CA LYS B 714 36.24 -30.14 36.39
C LYS B 714 37.27 -31.18 36.00
N THR B 715 37.42 -31.31 34.68
CA THR B 715 38.35 -32.24 34.05
C THR B 715 39.02 -31.56 32.87
N GLY B 716 38.36 -30.51 32.37
CA GLY B 716 38.86 -29.79 31.21
C GLY B 716 38.80 -30.70 30.01
N GLU B 717 37.99 -31.74 30.16
CA GLU B 717 37.82 -32.74 29.12
C GLU B 717 36.76 -32.32 28.11
N ILE B 718 37.06 -32.59 26.85
CA ILE B 718 36.17 -32.26 25.76
C ILE B 718 35.05 -33.29 25.62
N LEU B 719 33.83 -32.89 25.96
CA LEU B 719 32.67 -33.78 25.85
C LEU B 719 32.14 -33.85 24.40
N ARG B 720 32.23 -32.71 23.70
CA ARG B 720 31.84 -32.60 22.28
C ARG B 720 32.71 -31.58 21.56
N LYS B 721 33.45 -32.02 20.56
CA LYS B 721 34.33 -31.13 19.82
C LYS B 721 33.50 -30.16 18.96
N ARG B 722 34.15 -29.10 18.46
CA ARG B 722 33.44 -28.14 17.64
C ARG B 722 33.01 -28.78 16.32
N CYS B 723 31.70 -28.82 16.12
CA CYS B 723 31.12 -29.39 14.91
C CYS B 723 30.79 -28.35 13.84
N ALA B 724 30.87 -28.76 12.58
CA ALA B 724 30.54 -27.91 11.45
C ALA B 724 29.02 -27.89 11.30
N VAL B 725 28.47 -27.06 10.42
CA VAL B 725 27.01 -27.06 10.27
C VAL B 725 26.59 -27.52 8.90
N HIS B 726 25.73 -28.53 8.84
CA HIS B 726 25.30 -29.06 7.55
C HIS B 726 23.79 -29.09 7.40
N TRP B 727 23.34 -28.87 6.17
CA TRP B 727 21.92 -28.89 5.84
C TRP B 727 21.74 -29.21 4.39
N VAL B 728 20.50 -29.34 3.97
CA VAL B 728 20.21 -29.67 2.61
C VAL B 728 19.05 -28.86 2.04
N THR B 729 19.30 -28.15 0.95
CA THR B 729 18.31 -27.33 0.25
C THR B 729 17.17 -28.18 -0.24
N PRO B 730 15.99 -27.59 -0.36
CA PRO B 730 14.75 -28.24 -0.81
C PRO B 730 14.92 -29.06 -2.08
N ASP B 731 15.78 -28.67 -3.00
CA ASP B 731 15.92 -29.46 -4.21
C ASP B 731 17.04 -30.47 -4.13
N GLY B 732 17.49 -30.81 -2.93
CA GLY B 732 18.50 -31.84 -2.78
C GLY B 732 19.95 -31.41 -2.64
N PHE B 733 20.31 -30.14 -2.77
CA PHE B 733 21.73 -29.81 -2.66
C PHE B 733 22.17 -29.71 -1.24
N PRO B 734 23.19 -30.48 -0.85
CA PRO B 734 23.67 -30.43 0.52
C PRO B 734 24.83 -29.42 0.64
N VAL B 735 24.88 -28.73 1.77
CA VAL B 735 25.94 -27.76 2.00
C VAL B 735 26.53 -27.97 3.38
N TRP B 736 27.84 -27.76 3.48
CA TRP B 736 28.56 -27.91 4.72
C TRP B 736 29.34 -26.67 5.02
N GLN B 737 28.91 -25.98 6.08
CA GLN B 737 29.61 -24.81 6.48
C GLN B 737 30.69 -25.23 7.45
N GLU B 738 31.94 -25.02 7.09
CA GLU B 738 33.05 -25.44 7.93
C GLU B 738 34.17 -24.43 7.90
N TYR B 739 33.92 -23.29 8.50
CA TYR B 739 34.94 -22.27 8.51
C TYR B 739 36.05 -22.69 9.46
N LYS B 740 37.27 -22.82 8.93
CA LYS B 740 38.41 -23.25 9.75
C LYS B 740 39.32 -22.08 10.05
N LYS B 741 39.86 -22.08 11.28
CA LYS B 741 40.74 -21.04 11.81
C LYS B 741 42.14 -21.60 12.00
N PRO B 742 43.18 -20.94 11.46
CA PRO B 742 44.51 -21.52 11.67
C PRO B 742 45.01 -21.24 13.09
N ILE B 743 45.90 -22.11 13.60
CA ILE B 743 46.44 -21.92 14.95
C ILE B 743 47.80 -21.21 14.90
N GLN B 744 48.15 -20.71 13.72
CA GLN B 744 49.40 -20.00 13.48
C GLN B 744 49.27 -18.52 13.89
N THR B 745 50.33 -17.74 13.65
CA THR B 745 50.36 -16.32 13.98
C THR B 745 51.76 -15.70 13.67
N ARG B 746 51.79 -14.69 12.80
CA ARG B 746 53.04 -14.03 12.42
C ARG B 746 52.77 -12.70 11.72
N LEU B 747 52.41 -11.69 12.51
CA LEU B 747 52.07 -10.35 12.00
C LEU B 747 53.29 -9.43 11.85
N ASN B 748 53.66 -9.09 10.63
CA ASN B 748 54.78 -8.17 10.41
C ASN B 748 54.28 -6.73 10.28
N LEU B 749 55.15 -5.76 10.50
CA LEU B 749 54.75 -4.35 10.43
C LEU B 749 54.72 -3.77 9.03
N MET B 750 55.87 -3.33 8.54
CA MET B 750 55.93 -2.68 7.22
C MET B 750 56.44 -3.55 6.09
N PHE B 751 56.79 -4.81 6.33
CA PHE B 751 57.29 -5.62 5.22
C PHE B 751 56.26 -6.58 4.70
N LEU B 752 55.95 -7.60 5.46
CA LEU B 752 54.95 -8.56 5.02
C LEU B 752 54.15 -9.03 6.20
N GLY B 753 54.35 -10.28 6.58
CA GLY B 753 53.62 -10.83 7.71
C GLY B 753 52.66 -11.90 7.26
N GLN B 754 53.11 -13.16 7.22
CA GLN B 754 52.22 -14.24 6.82
C GLN B 754 52.54 -15.58 7.49
N PHE B 755 52.32 -16.67 6.73
CA PHE B 755 52.48 -18.07 7.16
C PHE B 755 53.51 -18.31 8.30
N ARG B 756 53.33 -19.46 8.97
CA ARG B 756 54.17 -19.88 10.08
C ARG B 756 54.74 -21.28 9.83
N ASP B 766 47.93 -27.45 11.53
CA ASP B 766 46.61 -27.79 12.03
C ASP B 766 45.70 -26.55 12.15
N SER B 767 44.39 -26.79 12.01
CA SER B 767 43.38 -25.73 12.10
C SER B 767 42.07 -26.25 12.72
N GLU B 768 41.30 -25.36 13.34
CA GLU B 768 40.04 -25.75 13.95
C GLU B 768 38.87 -24.90 13.46
N ILE B 769 37.67 -25.41 13.59
CA ILE B 769 36.51 -24.65 13.17
C ILE B 769 36.53 -23.29 13.82
N ASP B 770 36.25 -22.26 13.02
CA ASP B 770 36.21 -20.89 13.46
C ASP B 770 34.82 -20.54 14.00
N ALA B 771 34.65 -20.63 15.29
CA ALA B 771 33.34 -20.38 15.89
C ALA B 771 32.72 -19.05 15.48
N HIS B 772 33.50 -17.97 15.45
CA HIS B 772 32.95 -16.67 15.10
C HIS B 772 32.51 -16.65 13.64
N LYS B 773 33.37 -17.07 12.73
CA LYS B 773 32.95 -17.09 11.35
C LYS B 773 31.79 -18.06 11.18
N GLN B 774 31.79 -19.14 11.91
CA GLN B 774 30.72 -20.11 11.79
C GLN B 774 29.39 -19.47 12.17
N GLU B 775 29.46 -18.61 13.16
CA GLU B 775 28.29 -17.94 13.69
C GLU B 775 27.91 -16.72 12.89
N SER B 776 28.87 -16.07 12.26
CA SER B 776 28.52 -14.90 11.49
C SER B 776 28.11 -15.25 10.08
N GLY B 777 28.46 -16.41 9.57
CA GLY B 777 28.10 -16.73 8.20
C GLY B 777 26.92 -17.66 8.06
N ILE B 778 26.36 -18.12 9.15
CA ILE B 778 25.27 -19.08 9.01
C ILE B 778 24.03 -18.50 8.35
N ALA B 779 23.57 -17.35 8.79
CA ALA B 779 22.32 -16.78 8.26
C ALA B 779 22.49 -16.39 6.80
N PRO B 780 23.45 -15.52 6.48
CA PRO B 780 23.59 -15.21 5.08
C PRO B 780 23.72 -16.47 4.22
N ASN B 781 24.58 -17.39 4.61
CA ASN B 781 24.78 -18.58 3.82
C ASN B 781 23.53 -19.44 3.73
N PHE B 782 22.75 -19.48 4.76
CA PHE B 782 21.56 -20.32 4.70
C PHE B 782 20.60 -19.77 3.65
N VAL B 783 20.26 -18.47 3.72
CA VAL B 783 19.33 -17.88 2.72
C VAL B 783 19.89 -18.03 1.34
N HIS B 784 21.15 -17.67 1.16
CA HIS B 784 21.70 -17.84 -0.16
C HIS B 784 21.50 -19.28 -0.64
N SER B 785 21.68 -20.24 0.25
CA SER B 785 21.51 -21.61 -0.19
C SER B 785 20.02 -21.80 -0.57
N GLN B 786 19.21 -21.09 0.17
CA GLN B 786 17.80 -21.23 -0.05
C GLN B 786 17.39 -20.64 -1.36
N ASP B 787 17.87 -19.40 -1.65
CA ASP B 787 17.57 -18.74 -2.91
C ASP B 787 18.21 -19.51 -4.06
N GLY B 788 19.34 -20.18 -3.80
CA GLY B 788 19.97 -20.98 -4.82
C GLY B 788 19.06 -22.12 -5.24
N SER B 789 18.46 -22.78 -4.29
CA SER B 789 17.57 -23.89 -4.62
C SER B 789 16.39 -23.39 -5.43
N HIS B 790 15.89 -22.20 -5.08
CA HIS B 790 14.72 -21.65 -5.75
C HIS B 790 15.04 -21.44 -7.21
N LEU B 791 16.23 -20.87 -7.47
CA LEU B 791 16.65 -20.64 -8.81
C LEU B 791 16.66 -21.94 -9.56
N ARG B 792 17.35 -22.94 -9.02
CA ARG B 792 17.43 -24.20 -9.75
C ARG B 792 16.04 -24.75 -10.00
N LYS B 793 15.21 -24.84 -8.97
CA LYS B 793 13.88 -25.38 -9.14
C LYS B 793 13.13 -24.66 -10.27
N THR B 794 13.29 -23.32 -10.31
CA THR B 794 12.67 -22.50 -11.36
C THR B 794 13.18 -22.92 -12.70
N VAL B 795 14.49 -22.95 -12.86
CA VAL B 795 15.02 -23.35 -14.13
C VAL B 795 14.45 -24.69 -14.58
N VAL B 796 14.40 -25.66 -13.67
CA VAL B 796 13.90 -26.97 -14.08
C VAL B 796 12.39 -26.95 -14.36
N TRP B 797 11.59 -26.26 -13.57
CA TRP B 797 10.18 -26.30 -13.83
C TRP B 797 9.83 -25.44 -15.02
N ALA B 798 10.56 -24.36 -15.22
CA ALA B 798 10.25 -23.53 -16.37
C ALA B 798 10.58 -24.27 -17.66
N HIS B 799 11.57 -25.17 -17.56
CA HIS B 799 12.01 -25.94 -18.69
C HIS B 799 11.16 -27.11 -19.05
N GLU B 800 10.65 -27.77 -18.05
CA GLU B 800 9.83 -28.94 -18.25
C GLU B 800 8.38 -28.59 -18.40
N LYS B 801 7.85 -27.74 -17.54
CA LYS B 801 6.44 -27.43 -17.63
C LYS B 801 6.12 -26.55 -18.81
N TYR B 802 6.85 -25.44 -18.93
CA TYR B 802 6.74 -24.50 -20.04
C TYR B 802 7.87 -24.85 -21.02
N GLY B 803 7.80 -24.45 -22.26
CA GLY B 803 8.88 -24.94 -23.09
C GLY B 803 10.17 -24.17 -22.99
N ILE B 804 10.24 -23.21 -22.09
CA ILE B 804 11.40 -22.33 -21.97
C ILE B 804 12.72 -23.10 -21.99
N GLU B 805 13.69 -22.58 -22.75
CA GLU B 805 14.98 -23.25 -22.82
C GLU B 805 16.17 -22.33 -22.93
N SER B 806 15.95 -21.04 -22.77
CA SER B 806 17.03 -20.08 -22.76
C SER B 806 16.94 -19.29 -21.45
N PHE B 807 17.98 -19.27 -20.61
CA PHE B 807 17.88 -18.56 -19.33
C PHE B 807 19.00 -17.64 -19.06
N ALA B 808 18.63 -16.49 -18.52
CA ALA B 808 19.56 -15.49 -18.06
C ALA B 808 19.40 -15.52 -16.50
N LEU B 809 20.43 -16.04 -15.83
CA LEU B 809 20.38 -16.24 -14.39
C LEU B 809 21.41 -15.46 -13.60
N ILE B 810 20.91 -14.75 -12.60
CA ILE B 810 21.82 -14.03 -11.73
C ILE B 810 21.39 -14.05 -10.25
N HIS B 811 21.34 -15.26 -9.72
CA HIS B 811 21.06 -15.49 -8.33
C HIS B 811 19.63 -15.24 -7.98
N ASP B 812 19.21 -14.01 -8.03
CA ASP B 812 17.84 -13.72 -7.74
C ASP B 812 17.24 -12.97 -8.91
N SER B 813 17.80 -13.16 -10.09
CA SER B 813 17.30 -12.54 -11.31
C SER B 813 17.08 -13.59 -12.35
N PHE B 814 15.91 -13.64 -12.96
CA PHE B 814 15.62 -14.69 -13.93
C PHE B 814 15.13 -14.08 -15.21
N GLY B 815 15.71 -14.48 -16.36
CA GLY B 815 15.29 -13.91 -17.64
C GLY B 815 15.21 -14.90 -18.80
N THR B 816 14.43 -14.54 -19.81
CA THR B 816 14.35 -15.31 -21.06
C THR B 816 13.89 -14.42 -22.14
N ILE B 817 13.63 -14.99 -23.30
CA ILE B 817 13.20 -14.21 -24.42
C ILE B 817 11.75 -13.74 -24.21
N PRO B 818 11.38 -12.60 -24.79
CA PRO B 818 10.06 -12.04 -24.67
C PRO B 818 8.92 -13.03 -24.75
N ALA B 819 8.87 -13.78 -25.78
CA ALA B 819 7.76 -14.69 -25.98
C ALA B 819 7.64 -15.73 -24.87
N ASP B 820 8.72 -15.94 -24.11
CA ASP B 820 8.70 -16.88 -22.98
C ASP B 820 8.57 -16.16 -21.59
N ALA B 821 8.61 -14.82 -21.58
CA ALA B 821 8.59 -14.02 -20.39
C ALA B 821 7.39 -14.32 -19.52
N ALA B 822 6.23 -14.21 -20.10
CA ALA B 822 5.01 -14.41 -19.36
C ALA B 822 5.04 -15.70 -18.55
N ASN B 823 5.55 -16.78 -19.10
CA ASN B 823 5.57 -18.05 -18.40
C ASN B 823 6.66 -18.08 -17.35
N LEU B 824 7.74 -17.38 -17.56
CA LEU B 824 8.77 -17.45 -16.58
C LEU B 824 8.30 -16.70 -15.37
N PHE B 825 7.54 -15.64 -15.62
CA PHE B 825 6.96 -14.80 -14.56
C PHE B 825 6.09 -15.66 -13.62
N LYS B 826 5.34 -16.57 -14.22
CA LYS B 826 4.51 -17.52 -13.54
C LYS B 826 5.36 -18.58 -12.85
N ALA B 827 6.27 -19.17 -13.59
CA ALA B 827 7.13 -20.22 -13.10
C ALA B 827 7.86 -19.83 -11.81
N VAL B 828 8.51 -18.68 -11.73
CA VAL B 828 9.23 -18.29 -10.52
C VAL B 828 8.30 -18.26 -9.33
N ARG B 829 7.05 -17.82 -9.51
CA ARG B 829 6.11 -17.74 -8.37
C ARG B 829 5.75 -19.14 -7.91
N GLU B 830 5.44 -19.97 -8.88
CA GLU B 830 5.02 -21.31 -8.65
C GLU B 830 6.03 -22.05 -7.92
N THR B 831 7.24 -21.92 -8.38
CA THR B 831 8.33 -22.60 -7.80
C THR B 831 8.56 -22.15 -6.35
N MET B 832 8.30 -20.87 -6.07
CA MET B 832 8.51 -20.32 -4.73
C MET B 832 7.41 -20.78 -3.80
N VAL B 833 6.18 -20.77 -4.28
CA VAL B 833 5.02 -21.21 -3.53
C VAL B 833 5.15 -22.65 -3.15
N ASP B 834 5.44 -23.48 -4.13
CA ASP B 834 5.58 -24.90 -3.92
C ASP B 834 6.63 -25.18 -2.84
N THR B 835 7.85 -24.71 -3.02
CA THR B 835 8.89 -25.01 -2.04
C THR B 835 8.49 -24.75 -0.58
N TYR B 836 7.85 -23.63 -0.32
CA TYR B 836 7.55 -23.35 1.06
C TYR B 836 6.24 -23.98 1.54
N GLU B 837 5.45 -24.52 0.64
CA GLU B 837 4.25 -25.19 1.04
C GLU B 837 4.63 -26.61 1.41
N SER B 838 5.73 -27.09 0.84
CA SER B 838 6.14 -28.45 1.06
C SER B 838 7.29 -28.59 2.03
N CYS B 839 7.97 -27.53 2.39
CA CYS B 839 9.13 -27.69 3.23
C CYS B 839 9.21 -26.66 4.34
N ASP B 840 9.64 -27.13 5.50
CA ASP B 840 9.85 -26.25 6.64
C ASP B 840 11.37 -26.15 6.81
N VAL B 841 12.03 -25.65 5.79
CA VAL B 841 13.49 -25.66 5.82
C VAL B 841 14.07 -25.37 7.17
N LEU B 842 13.40 -24.62 8.02
CA LEU B 842 13.97 -24.31 9.34
C LEU B 842 13.93 -25.55 10.22
N ALA B 843 12.76 -26.17 10.31
CA ALA B 843 12.62 -27.38 11.08
C ALA B 843 13.54 -28.48 10.50
N ASP B 844 13.49 -28.70 9.18
CA ASP B 844 14.35 -29.71 8.56
C ASP B 844 15.79 -29.47 8.96
N PHE B 845 16.13 -28.20 9.12
CA PHE B 845 17.48 -27.84 9.51
C PHE B 845 17.74 -28.31 10.91
N TYR B 846 16.71 -28.21 11.74
CA TYR B 846 16.78 -28.60 13.11
C TYR B 846 17.12 -30.05 13.23
N ASP B 847 16.32 -30.89 12.58
CA ASP B 847 16.56 -32.31 12.64
C ASP B 847 18.01 -32.62 12.32
N GLN B 848 18.53 -31.94 11.32
CA GLN B 848 19.89 -32.17 10.92
C GLN B 848 20.89 -32.03 12.07
N PHE B 849 20.85 -30.95 12.84
CA PHE B 849 21.85 -30.80 13.91
C PHE B 849 21.35 -31.21 15.29
N ALA B 850 20.05 -31.21 15.52
CA ALA B 850 19.48 -31.57 16.82
C ALA B 850 20.27 -32.66 17.55
N ASP B 851 20.37 -33.84 16.97
CA ASP B 851 21.08 -34.96 17.61
C ASP B 851 22.59 -34.80 17.51
N GLN B 852 23.07 -33.60 17.73
CA GLN B 852 24.49 -33.32 17.67
C GLN B 852 24.83 -32.29 18.74
N LEU B 853 23.76 -31.88 19.42
CA LEU B 853 23.86 -30.92 20.48
C LEU B 853 24.20 -31.64 21.77
N HIS B 854 25.41 -31.43 22.30
CA HIS B 854 25.75 -32.14 23.54
C HIS B 854 24.63 -32.03 24.59
N GLU B 855 24.60 -33.00 25.50
CA GLU B 855 23.59 -33.08 26.55
C GLU B 855 23.35 -31.75 27.28
N SER B 856 24.41 -30.99 27.55
CA SER B 856 24.32 -29.75 28.33
C SER B 856 23.76 -28.55 27.59
N GLN B 857 23.77 -28.55 26.26
CA GLN B 857 23.28 -27.38 25.54
C GLN B 857 21.88 -27.58 24.92
N LEU B 858 21.10 -28.51 25.47
CA LEU B 858 19.77 -28.78 24.95
C LEU B 858 18.76 -27.79 25.47
N ASP B 859 19.20 -26.64 25.96
CA ASP B 859 18.25 -25.66 26.46
C ASP B 859 18.54 -24.24 25.95
N LYS B 860 19.80 -23.87 25.72
CA LYS B 860 20.06 -22.52 25.20
C LYS B 860 19.64 -22.45 23.73
N MET B 861 19.07 -23.53 23.22
CA MET B 861 18.61 -23.58 21.86
C MET B 861 17.17 -23.08 21.77
N PRO B 862 16.99 -21.80 21.40
CA PRO B 862 15.67 -21.19 21.26
C PRO B 862 14.74 -22.02 20.40
N ALA B 863 13.46 -21.94 20.69
CA ALA B 863 12.47 -22.68 19.92
C ALA B 863 12.36 -22.09 18.54
N LEU B 864 11.88 -22.87 17.58
CA LEU B 864 11.67 -22.35 16.24
C LEU B 864 10.69 -21.22 16.26
N PRO B 865 11.05 -20.05 15.73
CA PRO B 865 10.14 -18.89 15.72
C PRO B 865 8.79 -19.27 15.18
N ALA B 866 7.73 -18.66 15.71
CA ALA B 866 6.40 -18.99 15.26
C ALA B 866 6.13 -18.50 13.83
N LYS B 867 5.17 -19.14 13.16
CA LYS B 867 4.74 -18.80 11.82
C LYS B 867 3.88 -17.54 11.86
N GLY B 868 3.51 -17.03 10.68
CA GLY B 868 2.70 -15.82 10.60
C GLY B 868 1.43 -16.12 9.86
N ASN B 869 0.73 -15.08 9.44
CA ASN B 869 -0.54 -15.24 8.74
C ASN B 869 -0.46 -15.15 7.20
N LEU B 870 0.75 -15.09 6.62
CA LEU B 870 0.91 -14.98 5.17
C LEU B 870 0.45 -16.24 4.48
N ASN B 871 -0.26 -16.08 3.38
CA ASN B 871 -0.74 -17.20 2.58
C ASN B 871 0.06 -17.32 1.26
N LEU B 872 1.15 -18.08 1.28
CA LEU B 872 2.02 -18.25 0.14
C LEU B 872 1.25 -18.24 -1.19
N ARG B 873 0.04 -18.74 -1.21
CA ARG B 873 -0.63 -18.74 -2.46
C ARG B 873 -0.82 -17.33 -3.03
N ASP B 874 -0.82 -16.32 -2.16
CA ASP B 874 -0.93 -14.96 -2.61
C ASP B 874 0.20 -14.58 -3.56
N ILE B 875 1.38 -15.17 -3.37
CA ILE B 875 2.52 -14.89 -4.23
C ILE B 875 2.16 -15.07 -5.69
N LEU B 876 1.45 -16.12 -6.05
CA LEU B 876 1.06 -16.35 -7.43
C LEU B 876 0.32 -15.16 -8.02
N GLU B 877 -0.06 -14.18 -7.22
CA GLU B 877 -0.74 -13.03 -7.78
C GLU B 877 -0.05 -11.74 -7.40
N SER B 878 1.19 -11.85 -6.92
CA SER B 878 1.87 -10.62 -6.62
C SER B 878 2.64 -10.18 -7.85
N ASP B 879 2.31 -9.02 -8.36
CA ASP B 879 2.96 -8.49 -9.51
C ASP B 879 4.43 -8.21 -9.25
N PHE B 880 4.69 -7.36 -8.27
CA PHE B 880 6.03 -6.85 -8.02
C PHE B 880 6.97 -7.75 -7.28
N ALA B 881 6.75 -9.04 -7.36
CA ALA B 881 7.64 -9.93 -6.68
C ALA B 881 8.39 -10.76 -7.69
N PHE B 882 8.73 -10.20 -8.85
CA PHE B 882 9.43 -10.96 -9.89
C PHE B 882 10.22 -12.03 -9.17
N ALA B 883 9.75 -13.28 -9.08
CA ALA B 883 10.51 -14.25 -8.25
C ALA B 883 9.92 -14.31 -6.92
N ASN C 2 61.63 -63.41 -7.87
CA ASN C 2 62.45 -62.20 -7.58
C ASN C 2 61.56 -60.99 -7.28
N THR C 3 60.93 -61.02 -6.11
CA THR C 3 60.04 -59.95 -5.66
C THR C 3 60.77 -58.93 -4.78
N ILE C 4 60.45 -57.64 -4.98
CA ILE C 4 61.07 -56.56 -4.21
C ILE C 4 60.80 -56.75 -2.70
N ASN C 5 61.77 -57.32 -2.00
CA ASN C 5 61.65 -57.53 -0.56
C ASN C 5 61.25 -56.25 0.17
N ILE C 6 60.17 -56.33 0.93
CA ILE C 6 59.70 -55.17 1.67
C ILE C 6 60.50 -55.02 2.96
N ALA C 7 61.05 -56.15 3.43
CA ALA C 7 61.85 -56.23 4.66
C ALA C 7 63.11 -55.36 4.62
N LYS C 8 62.94 -54.13 4.16
CA LYS C 8 64.02 -53.11 4.07
C LYS C 8 63.65 -51.88 4.90
N ASN C 9 63.84 -50.72 4.27
CA ASN C 9 63.49 -49.46 4.91
C ASN C 9 61.98 -49.31 4.92
N ASP C 10 61.29 -50.28 4.30
CA ASP C 10 59.84 -50.25 4.28
C ASP C 10 59.30 -50.53 5.67
N PHE C 11 59.38 -51.78 6.11
CA PHE C 11 58.89 -52.11 7.43
C PHE C 11 59.71 -51.38 8.47
N SER C 12 60.92 -51.03 8.08
CA SER C 12 61.81 -50.31 8.97
C SER C 12 61.09 -49.10 9.52
N ASP C 13 60.14 -48.59 8.74
CA ASP C 13 59.32 -47.45 9.11
C ASP C 13 58.89 -47.52 10.58
N ILE C 14 58.37 -48.67 10.99
CA ILE C 14 57.91 -48.91 12.35
C ILE C 14 59.10 -49.05 13.33
N GLU C 15 59.99 -48.05 13.26
CA GLU C 15 61.19 -48.00 14.07
C GLU C 15 60.87 -48.17 15.54
N LEU C 16 61.00 -49.40 16.02
CA LEU C 16 60.74 -49.72 17.42
C LEU C 16 61.81 -49.08 18.35
N ALA C 17 62.73 -48.30 17.79
CA ALA C 17 63.80 -47.66 18.56
C ALA C 17 63.68 -46.13 18.56
N ALA C 18 63.46 -45.56 17.38
CA ALA C 18 63.31 -44.12 17.22
C ALA C 18 62.07 -43.79 16.38
N ILE C 19 61.12 -43.10 17.01
CA ILE C 19 59.84 -42.69 16.41
C ILE C 19 59.04 -41.90 17.46
N PRO C 20 58.04 -41.11 17.05
CA PRO C 20 57.30 -40.38 18.08
C PRO C 20 56.47 -41.33 18.97
N PHE C 21 57.17 -42.28 19.61
CA PHE C 21 56.55 -43.29 20.50
C PHE C 21 56.83 -42.97 21.96
N ASN C 22 57.44 -41.82 22.20
CA ASN C 22 57.73 -41.38 23.56
C ASN C 22 56.44 -41.35 24.35
N THR C 23 55.36 -41.56 23.60
CA THR C 23 54.00 -41.65 24.12
C THR C 23 53.89 -42.92 24.93
N LEU C 24 54.02 -44.04 24.22
CA LEU C 24 53.99 -45.36 24.83
C LEU C 24 55.02 -45.45 25.93
N ALA C 25 56.27 -45.19 25.57
CA ALA C 25 57.38 -45.24 26.51
C ALA C 25 56.99 -44.62 27.85
N ASP C 26 56.56 -43.36 27.82
CA ASP C 26 56.16 -42.65 29.03
C ASP C 26 54.92 -43.29 29.68
N HIS C 27 53.98 -43.73 28.84
CA HIS C 27 52.76 -44.32 29.36
C HIS C 27 52.95 -45.71 29.98
N TYR C 28 53.78 -46.60 29.41
CA TYR C 28 53.94 -47.93 30.03
C TYR C 28 55.40 -48.38 30.11
N GLY C 29 56.32 -47.43 30.05
CA GLY C 29 57.72 -47.81 30.14
C GLY C 29 58.33 -47.96 28.78
N GLU C 30 59.66 -48.08 28.75
CA GLU C 30 60.40 -48.21 27.51
C GLU C 30 60.32 -49.63 26.99
N ARG C 31 60.60 -50.59 27.85
CA ARG C 31 60.60 -52.02 27.49
C ARG C 31 59.35 -52.39 26.72
N LEU C 32 58.21 -52.30 27.40
CA LEU C 32 56.97 -52.65 26.75
C LEU C 32 56.79 -51.84 25.47
N ALA C 33 57.07 -50.55 25.54
CA ALA C 33 56.96 -49.71 24.36
C ALA C 33 57.76 -50.29 23.19
N ARG C 34 59.02 -50.65 23.45
CA ARG C 34 59.86 -51.24 22.41
C ARG C 34 59.34 -52.59 21.98
N GLU C 35 58.71 -53.29 22.90
CA GLU C 35 58.16 -54.60 22.60
C GLU C 35 56.98 -54.49 21.65
N GLN C 36 56.00 -53.68 22.06
CA GLN C 36 54.81 -53.43 21.27
C GLN C 36 55.16 -53.12 19.84
N LEU C 37 56.03 -52.14 19.63
CA LEU C 37 56.41 -51.78 18.27
C LEU C 37 57.16 -52.90 17.54
N ALA C 38 57.91 -53.72 18.29
CA ALA C 38 58.60 -54.83 17.68
C ALA C 38 57.59 -55.89 17.25
N LEU C 39 56.65 -56.15 18.16
CA LEU C 39 55.59 -57.12 17.92
C LEU C 39 54.78 -56.71 16.70
N GLU C 40 54.43 -55.43 16.64
CA GLU C 40 53.67 -54.93 15.52
C GLU C 40 54.50 -55.03 14.25
N HIS C 41 55.78 -54.76 14.39
CA HIS C 41 56.66 -54.84 13.25
C HIS C 41 56.71 -56.27 12.76
N GLU C 42 56.80 -57.20 13.69
CA GLU C 42 56.89 -58.60 13.35
C GLU C 42 55.66 -59.04 12.59
N SER C 43 54.50 -58.58 13.01
CA SER C 43 53.26 -58.94 12.34
C SER C 43 53.34 -58.69 10.84
N TYR C 44 54.03 -57.64 10.43
CA TYR C 44 54.17 -57.37 9.00
C TYR C 44 55.18 -58.31 8.35
N GLU C 45 56.19 -58.73 9.10
CA GLU C 45 57.15 -59.64 8.52
C GLU C 45 56.49 -60.97 8.27
N MET C 46 55.63 -61.37 9.20
CA MET C 46 54.94 -62.64 9.07
C MET C 46 53.94 -62.57 7.93
N GLY C 47 53.31 -61.42 7.80
CA GLY C 47 52.37 -61.25 6.72
C GLY C 47 53.07 -61.32 5.39
N GLU C 48 54.30 -60.80 5.35
CA GLU C 48 55.09 -60.80 4.12
C GLU C 48 55.53 -62.23 3.77
N ALA C 49 56.00 -62.99 4.75
CA ALA C 49 56.37 -64.37 4.48
C ALA C 49 55.14 -65.14 4.03
N ARG C 50 54.02 -64.79 4.65
CA ARG C 50 52.72 -65.36 4.33
C ARG C 50 52.48 -65.24 2.81
N PHE C 51 52.55 -64.01 2.33
CA PHE C 51 52.35 -63.66 0.94
C PHE C 51 53.36 -64.38 0.05
N ARG C 52 54.58 -64.49 0.54
CA ARG C 52 55.66 -65.15 -0.17
C ARG C 52 55.37 -66.64 -0.38
N LYS C 53 55.24 -67.42 0.69
CA LYS C 53 54.92 -68.83 0.54
C LYS C 53 53.76 -69.02 -0.43
N MET C 54 52.76 -68.14 -0.34
CA MET C 54 51.59 -68.19 -1.19
C MET C 54 51.97 -67.93 -2.64
N PHE C 55 52.68 -66.83 -2.87
CA PHE C 55 53.11 -66.46 -4.22
C PHE C 55 53.98 -67.57 -4.81
N GLU C 56 54.67 -68.29 -3.95
CA GLU C 56 55.51 -69.39 -4.39
C GLU C 56 54.67 -70.42 -5.11
N ARG C 57 53.80 -71.09 -4.39
CA ARG C 57 52.93 -72.09 -4.99
C ARG C 57 52.28 -71.54 -6.26
N GLN C 58 51.85 -70.28 -6.20
CA GLN C 58 51.21 -69.62 -7.34
C GLN C 58 52.01 -69.82 -8.63
N LEU C 59 53.29 -69.49 -8.59
CA LEU C 59 54.17 -69.66 -9.76
C LEU C 59 54.39 -71.13 -10.06
N LYS C 60 54.69 -71.85 -8.99
CA LYS C 60 54.95 -73.28 -9.00
C LYS C 60 53.93 -74.04 -9.87
N ALA C 61 52.80 -73.41 -10.21
CA ALA C 61 51.77 -74.07 -11.00
C ALA C 61 51.22 -73.17 -12.07
N GLY C 62 52.02 -72.18 -12.48
CA GLY C 62 51.57 -71.27 -13.51
C GLY C 62 50.29 -70.54 -13.15
N GLU C 63 49.93 -70.61 -11.87
CA GLU C 63 48.75 -69.93 -11.39
C GLU C 63 49.09 -68.47 -11.09
N VAL C 64 50.20 -68.01 -11.66
CA VAL C 64 50.65 -66.65 -11.46
C VAL C 64 49.65 -65.63 -11.94
N ALA C 65 48.69 -66.01 -12.74
CA ALA C 65 47.71 -65.04 -13.18
C ALA C 65 46.64 -64.91 -12.13
N ASP C 66 46.50 -65.97 -11.38
CA ASP C 66 45.54 -66.02 -10.29
C ASP C 66 46.19 -65.39 -9.04
N ASN C 67 46.72 -64.20 -9.20
CA ASN C 67 47.36 -63.50 -8.09
C ASN C 67 47.19 -62.00 -8.27
N ALA C 68 47.02 -61.28 -7.18
CA ALA C 68 46.83 -59.84 -7.29
C ALA C 68 48.03 -59.13 -7.89
N ALA C 69 49.17 -59.81 -7.95
CA ALA C 69 50.37 -59.18 -8.47
C ALA C 69 50.29 -59.02 -9.98
N ALA C 70 49.61 -59.96 -10.62
CA ALA C 70 49.52 -59.99 -12.06
C ALA C 70 48.22 -59.47 -12.62
N LYS C 71 47.22 -59.26 -11.78
CA LYS C 71 45.91 -58.83 -12.31
C LYS C 71 45.88 -57.38 -12.81
N PRO C 72 46.63 -56.47 -12.19
CA PRO C 72 46.54 -55.11 -12.72
C PRO C 72 46.97 -55.01 -14.19
N LEU C 73 48.07 -55.68 -14.54
CA LEU C 73 48.56 -55.65 -15.91
C LEU C 73 47.54 -56.20 -16.88
N ILE C 74 47.15 -57.43 -16.60
CA ILE C 74 46.19 -58.10 -17.45
C ILE C 74 44.95 -57.26 -17.69
N THR C 75 44.54 -56.47 -16.72
CA THR C 75 43.33 -55.68 -16.93
C THR C 75 43.56 -54.61 -18.02
N THR C 76 44.82 -54.31 -18.29
CA THR C 76 45.20 -53.32 -19.30
C THR C 76 45.75 -54.00 -20.56
N LEU C 77 46.21 -55.23 -20.38
CA LEU C 77 46.80 -55.99 -21.46
C LEU C 77 45.73 -56.71 -22.28
N LEU C 78 44.65 -57.10 -21.63
CA LEU C 78 43.60 -57.84 -22.30
C LEU C 78 42.87 -57.04 -23.38
N PRO C 79 42.57 -55.75 -23.14
CA PRO C 79 41.87 -54.97 -24.17
C PRO C 79 42.70 -54.83 -25.45
N LYS C 80 43.98 -54.45 -25.29
CA LYS C 80 44.89 -54.32 -26.42
C LYS C 80 44.85 -55.57 -27.28
N MET C 81 44.97 -56.74 -26.65
CA MET C 81 44.93 -58.02 -27.36
C MET C 81 43.59 -58.27 -28.02
N ILE C 82 42.50 -58.12 -27.26
CA ILE C 82 41.18 -58.37 -27.82
C ILE C 82 40.99 -57.56 -29.08
N ALA C 83 41.43 -56.31 -29.07
CA ALA C 83 41.32 -55.43 -30.25
C ALA C 83 42.08 -56.04 -31.43
N ARG C 84 43.35 -56.37 -31.20
CA ARG C 84 44.20 -56.94 -32.24
C ARG C 84 43.46 -58.02 -32.99
N ILE C 85 43.03 -59.03 -32.26
CA ILE C 85 42.29 -60.14 -32.84
C ILE C 85 41.07 -59.66 -33.64
N ASN C 86 40.31 -58.73 -33.08
CA ASN C 86 39.13 -58.25 -33.77
C ASN C 86 39.48 -57.64 -35.12
N ASP C 87 40.50 -56.79 -35.16
CA ASP C 87 40.96 -56.20 -36.42
C ASP C 87 41.42 -57.33 -37.34
N TRP C 88 42.28 -58.18 -36.80
CA TRP C 88 42.82 -59.31 -37.56
C TRP C 88 41.73 -60.16 -38.19
N PHE C 89 40.62 -60.34 -37.48
CA PHE C 89 39.51 -61.14 -38.02
C PHE C 89 38.89 -60.47 -39.24
N GLU C 90 38.79 -59.15 -39.20
CA GLU C 90 38.22 -58.37 -40.31
C GLU C 90 39.19 -58.30 -41.48
N GLU C 91 40.49 -58.32 -41.15
CA GLU C 91 41.53 -58.29 -42.17
C GLU C 91 41.44 -59.53 -43.08
N VAL C 92 41.13 -60.65 -42.46
CA VAL C 92 40.98 -61.92 -43.17
C VAL C 92 39.68 -61.97 -43.97
N LYS C 93 38.62 -61.47 -43.36
CA LYS C 93 37.27 -61.44 -43.96
C LYS C 93 37.23 -60.58 -45.24
N ALA C 94 38.05 -59.54 -45.27
CA ALA C 94 38.07 -58.63 -46.42
C ALA C 94 39.11 -59.07 -47.46
N LYS C 95 39.41 -60.35 -47.47
CA LYS C 95 40.37 -60.91 -48.41
C LYS C 95 39.96 -62.32 -48.83
N ARG C 96 39.88 -62.55 -50.15
CA ARG C 96 39.52 -63.88 -50.66
C ARG C 96 40.70 -64.82 -50.57
N GLY C 97 40.45 -66.09 -50.81
CA GLY C 97 41.51 -67.06 -50.72
C GLY C 97 41.42 -67.80 -49.42
N LYS C 98 41.81 -69.07 -49.43
CA LYS C 98 41.73 -69.89 -48.22
C LYS C 98 42.33 -69.16 -47.00
N ARG C 99 41.46 -68.83 -46.04
CA ARG C 99 41.87 -68.18 -44.80
C ARG C 99 42.97 -69.00 -44.12
N PRO C 100 43.72 -68.38 -43.19
CA PRO C 100 44.79 -69.09 -42.47
C PRO C 100 44.24 -70.24 -41.61
N THR C 101 45.09 -71.21 -41.28
CA THR C 101 44.65 -72.36 -40.52
C THR C 101 44.12 -71.99 -39.12
N ALA C 102 44.81 -71.09 -38.42
CA ALA C 102 44.37 -70.67 -37.09
C ALA C 102 42.98 -70.04 -37.14
N PHE C 103 42.81 -69.04 -38.01
CA PHE C 103 41.53 -68.36 -38.11
C PHE C 103 40.33 -69.31 -38.20
N GLN C 104 40.51 -70.47 -38.82
CA GLN C 104 39.41 -71.41 -38.95
C GLN C 104 38.77 -71.71 -37.58
N PHE C 105 39.60 -72.09 -36.62
CA PHE C 105 39.15 -72.45 -35.26
C PHE C 105 38.87 -71.25 -34.37
N LEU C 106 39.84 -70.33 -34.31
CA LEU C 106 39.75 -69.12 -33.49
C LEU C 106 38.48 -68.33 -33.78
N GLN C 107 37.72 -68.71 -34.79
CA GLN C 107 36.51 -67.96 -35.09
C GLN C 107 35.33 -68.52 -34.29
N GLU C 108 35.56 -69.63 -33.58
CA GLU C 108 34.54 -70.29 -32.77
C GLU C 108 34.55 -69.86 -31.29
N ILE C 109 35.75 -69.67 -30.73
CA ILE C 109 35.88 -69.27 -29.33
C ILE C 109 35.73 -67.78 -29.15
N LYS C 110 34.85 -67.37 -28.24
CA LYS C 110 34.64 -65.95 -27.98
C LYS C 110 35.99 -65.26 -27.84
N PRO C 111 36.26 -64.24 -28.67
CA PRO C 111 37.51 -63.48 -28.68
C PRO C 111 38.02 -63.10 -27.28
N GLU C 112 37.14 -62.59 -26.42
CA GLU C 112 37.52 -62.21 -25.06
C GLU C 112 38.29 -63.36 -24.38
N ALA C 113 37.69 -64.55 -24.43
CA ALA C 113 38.27 -65.76 -23.85
C ALA C 113 39.57 -66.11 -24.52
N VAL C 114 39.63 -65.94 -25.84
CA VAL C 114 40.85 -66.26 -26.58
C VAL C 114 42.01 -65.41 -26.11
N ALA C 115 41.79 -64.10 -26.08
CA ALA C 115 42.82 -63.18 -25.62
C ALA C 115 43.31 -63.60 -24.24
N TYR C 116 42.37 -63.72 -23.32
CA TYR C 116 42.67 -64.08 -21.96
C TYR C 116 43.40 -65.41 -21.86
N ILE C 117 42.83 -66.47 -22.42
CA ILE C 117 43.48 -67.79 -22.33
C ILE C 117 44.94 -67.70 -22.72
N THR C 118 45.22 -66.96 -23.77
CA THR C 118 46.59 -66.77 -24.24
C THR C 118 47.47 -66.20 -23.12
N ILE C 119 47.07 -65.02 -22.65
CA ILE C 119 47.80 -64.32 -21.61
C ILE C 119 48.12 -65.20 -20.41
N LYS C 120 47.10 -65.83 -19.84
CA LYS C 120 47.25 -66.70 -18.66
C LYS C 120 48.17 -67.88 -18.94
N THR C 121 47.84 -68.67 -19.95
CA THR C 121 48.60 -69.85 -20.33
C THR C 121 50.06 -69.52 -20.61
N THR C 122 50.29 -68.35 -21.19
CA THR C 122 51.66 -67.96 -21.49
C THR C 122 52.48 -67.78 -20.19
N LEU C 123 52.01 -66.88 -19.32
CA LEU C 123 52.66 -66.60 -18.05
C LEU C 123 52.92 -67.88 -17.23
N ALA C 124 52.07 -68.88 -17.38
CA ALA C 124 52.24 -70.12 -16.66
C ALA C 124 53.49 -70.82 -17.12
N CYS C 125 53.65 -70.79 -18.44
CA CYS C 125 54.79 -71.43 -19.09
C CYS C 125 56.07 -70.67 -18.82
N LEU C 126 56.01 -69.36 -18.98
CA LEU C 126 57.18 -68.53 -18.77
C LEU C 126 57.73 -68.70 -17.35
N THR C 127 56.85 -68.99 -16.39
CA THR C 127 57.28 -69.22 -15.02
C THR C 127 57.56 -70.71 -14.77
N SER C 128 58.06 -71.36 -15.82
CA SER C 128 58.48 -72.79 -15.77
C SER C 128 60.01 -72.87 -15.63
N ALA C 129 60.47 -73.89 -14.93
CA ALA C 129 61.89 -74.13 -14.68
C ALA C 129 62.79 -73.85 -15.90
N ASP C 130 62.57 -74.56 -17.01
CA ASP C 130 63.44 -74.38 -18.18
C ASP C 130 62.68 -74.17 -19.51
N ASN C 131 61.89 -75.16 -19.93
CA ASN C 131 61.18 -75.10 -21.22
C ASN C 131 60.27 -73.86 -21.39
N THR C 132 60.59 -73.05 -22.40
CA THR C 132 59.84 -71.85 -22.71
C THR C 132 59.84 -71.66 -24.21
N THR C 133 60.12 -72.75 -24.90
CA THR C 133 60.18 -72.78 -26.36
C THR C 133 58.86 -72.40 -26.97
N VAL C 134 58.92 -71.64 -28.05
CA VAL C 134 57.71 -71.20 -28.73
C VAL C 134 56.95 -72.40 -29.33
N GLN C 135 57.54 -73.58 -29.22
CA GLN C 135 56.95 -74.81 -29.72
C GLN C 135 55.98 -75.39 -28.69
N ALA C 136 56.44 -75.59 -27.46
CA ALA C 136 55.61 -76.13 -26.37
C ALA C 136 54.50 -75.15 -25.99
N VAL C 137 54.87 -73.88 -25.85
CA VAL C 137 53.89 -72.85 -25.48
C VAL C 137 52.75 -72.80 -26.49
N ALA C 138 53.10 -72.80 -27.77
CA ALA C 138 52.10 -72.77 -28.85
C ALA C 138 51.12 -73.93 -28.70
N SER C 139 51.62 -75.10 -28.33
CA SER C 139 50.75 -76.25 -28.17
C SER C 139 49.82 -76.03 -27.00
N ALA C 140 50.41 -75.55 -25.91
CA ALA C 140 49.67 -75.25 -24.69
C ALA C 140 48.48 -74.35 -24.99
N ILE C 141 48.74 -73.13 -25.44
CA ILE C 141 47.66 -72.20 -25.78
C ILE C 141 46.60 -72.86 -26.64
N GLY C 142 47.02 -73.57 -27.67
CA GLY C 142 46.07 -74.23 -28.55
C GLY C 142 45.25 -75.30 -27.83
N ARG C 143 45.93 -76.14 -27.05
CA ARG C 143 45.26 -77.20 -26.32
C ARG C 143 44.20 -76.58 -25.40
N ALA C 144 44.53 -75.42 -24.81
CA ALA C 144 43.64 -74.67 -23.92
C ALA C 144 42.47 -74.03 -24.68
N ILE C 145 42.72 -73.54 -25.89
CA ILE C 145 41.64 -72.95 -26.66
C ILE C 145 40.66 -74.02 -27.12
N GLU C 146 41.17 -75.23 -27.35
CA GLU C 146 40.33 -76.32 -27.81
C GLU C 146 39.36 -76.71 -26.72
N ASP C 147 39.93 -76.94 -25.52
CA ASP C 147 39.13 -77.31 -24.35
C ASP C 147 37.97 -76.33 -24.20
N GLU C 148 38.27 -75.03 -24.29
CA GLU C 148 37.26 -73.99 -24.12
C GLU C 148 36.21 -74.01 -25.20
N ALA C 149 36.65 -74.17 -26.44
CA ALA C 149 35.71 -74.18 -27.56
C ALA C 149 34.81 -75.41 -27.51
N ARG C 150 35.39 -76.54 -27.13
CA ARG C 150 34.68 -77.81 -27.07
C ARG C 150 33.66 -77.88 -25.92
N PHE C 151 34.14 -77.72 -24.70
CA PHE C 151 33.27 -77.80 -23.53
C PHE C 151 32.53 -76.50 -23.27
N GLY C 152 32.99 -75.42 -23.89
CA GLY C 152 32.30 -74.16 -23.73
C GLY C 152 30.95 -74.25 -24.41
N ARG C 153 30.95 -75.02 -25.48
CA ARG C 153 29.78 -75.27 -26.29
C ARG C 153 28.64 -75.75 -25.41
N ILE C 154 29.00 -76.51 -24.36
CA ILE C 154 28.02 -77.03 -23.42
C ILE C 154 27.44 -75.90 -22.58
N ARG C 155 28.31 -75.05 -22.05
CA ARG C 155 27.88 -73.94 -21.20
C ARG C 155 27.16 -72.87 -22.02
N ASP C 156 27.09 -73.07 -23.33
CA ASP C 156 26.39 -72.10 -24.16
C ASP C 156 25.09 -72.65 -24.73
N LEU C 157 25.14 -73.64 -25.60
CA LEU C 157 23.90 -74.13 -26.16
C LEU C 157 23.41 -75.40 -25.46
N GLU C 158 24.10 -76.51 -25.68
CA GLU C 158 23.72 -77.81 -25.13
C GLU C 158 23.06 -77.72 -23.75
N ALA C 159 23.80 -77.27 -22.74
CA ALA C 159 23.26 -77.18 -21.38
C ALA C 159 22.72 -75.80 -21.05
N LYS C 160 22.09 -75.16 -22.02
CA LYS C 160 21.50 -73.84 -21.83
C LYS C 160 20.98 -73.72 -20.39
N HIS C 161 20.30 -74.77 -19.95
CA HIS C 161 19.74 -74.85 -18.63
C HIS C 161 20.34 -76.03 -17.87
N PHE C 162 20.54 -77.13 -18.59
CA PHE C 162 21.09 -78.32 -17.96
C PHE C 162 22.40 -78.01 -17.27
N LYS C 163 23.05 -76.94 -17.70
CA LYS C 163 24.34 -76.53 -17.12
C LYS C 163 24.26 -76.43 -15.61
N LYS C 164 23.04 -76.24 -15.10
CA LYS C 164 22.83 -76.13 -13.65
C LYS C 164 23.30 -77.41 -12.94
N ASN C 165 22.90 -78.57 -13.47
CA ASN C 165 23.29 -79.85 -12.91
C ASN C 165 24.79 -80.08 -13.11
N VAL C 166 25.45 -79.13 -13.78
CA VAL C 166 26.89 -79.22 -14.07
C VAL C 166 27.72 -78.26 -13.19
N GLU C 167 27.45 -76.97 -13.33
CA GLU C 167 28.16 -75.94 -12.58
C GLU C 167 28.53 -76.39 -11.19
N GLU C 168 27.50 -76.60 -10.39
CA GLU C 168 27.66 -77.05 -9.01
C GLU C 168 28.77 -78.08 -8.88
N GLN C 169 28.70 -79.14 -9.69
CA GLN C 169 29.68 -80.21 -9.62
C GLN C 169 31.00 -79.85 -10.26
N LEU C 170 30.98 -78.90 -11.20
CA LEU C 170 32.21 -78.48 -11.87
C LEU C 170 33.07 -77.63 -10.93
N ASN C 171 32.44 -76.67 -10.28
CA ASN C 171 33.16 -75.83 -9.33
C ASN C 171 33.63 -76.67 -8.15
N LYS C 172 32.81 -77.62 -7.75
CA LYS C 172 33.17 -78.52 -6.66
C LYS C 172 34.48 -79.24 -7.01
N ARG C 173 34.70 -79.45 -8.31
CA ARG C 173 35.92 -80.11 -8.76
C ARG C 173 37.02 -79.08 -8.80
N VAL C 174 38.20 -79.48 -8.35
CA VAL C 174 39.35 -78.60 -8.34
C VAL C 174 40.53 -79.24 -9.10
N GLY C 175 41.32 -78.42 -9.76
CA GLY C 175 42.43 -78.92 -10.53
C GLY C 175 42.04 -79.10 -11.96
N HIS C 176 42.73 -78.44 -12.89
CA HIS C 176 42.40 -78.53 -14.30
C HIS C 176 42.19 -79.96 -14.77
N VAL C 177 42.98 -80.90 -14.26
CA VAL C 177 42.86 -82.29 -14.67
C VAL C 177 41.45 -82.86 -14.43
N TYR C 178 41.02 -82.89 -13.17
CA TYR C 178 39.71 -83.41 -12.77
C TYR C 178 38.57 -82.62 -13.39
N LYS C 179 38.76 -81.31 -13.59
CA LYS C 179 37.75 -80.48 -14.22
C LYS C 179 37.52 -80.95 -15.66
N LYS C 180 38.53 -81.55 -16.26
CA LYS C 180 38.38 -82.05 -17.62
C LYS C 180 37.73 -83.42 -17.63
N ALA C 181 38.10 -84.27 -16.67
CA ALA C 181 37.50 -85.60 -16.57
C ALA C 181 35.97 -85.47 -16.44
N PHE C 182 35.51 -84.55 -15.60
CA PHE C 182 34.09 -84.34 -15.40
C PHE C 182 33.43 -83.82 -16.69
N MET C 183 34.05 -82.86 -17.36
CA MET C 183 33.49 -82.32 -18.59
C MET C 183 33.48 -83.36 -19.71
N GLN C 184 34.37 -84.34 -19.64
CA GLN C 184 34.39 -85.37 -20.68
C GLN C 184 33.23 -86.32 -20.48
N VAL C 185 33.06 -86.79 -19.24
CA VAL C 185 31.96 -87.71 -18.93
C VAL C 185 30.61 -87.03 -19.18
N VAL C 186 30.50 -85.75 -18.83
CA VAL C 186 29.29 -85.01 -19.09
C VAL C 186 29.00 -85.05 -20.58
N GLU C 187 29.98 -84.67 -21.39
CA GLU C 187 29.82 -84.68 -22.84
C GLU C 187 29.42 -86.08 -23.33
N ALA C 188 30.00 -87.12 -22.75
CA ALA C 188 29.69 -88.50 -23.13
C ALA C 188 28.24 -88.84 -22.82
N ASP C 189 27.71 -88.17 -21.81
CA ASP C 189 26.33 -88.40 -21.41
C ASP C 189 25.35 -87.55 -22.22
N MET C 190 25.57 -86.24 -22.23
CA MET C 190 24.70 -85.34 -22.98
C MET C 190 24.54 -85.79 -24.42
N LEU C 191 25.58 -86.33 -25.02
CA LEU C 191 25.46 -86.81 -26.40
C LEU C 191 24.64 -88.07 -26.45
N SER C 192 24.77 -88.86 -25.38
CA SER C 192 24.04 -90.12 -25.20
C SER C 192 22.55 -89.87 -24.95
N LYS C 193 22.19 -88.60 -24.68
CA LYS C 193 20.81 -88.23 -24.42
C LYS C 193 20.45 -86.88 -25.09
N GLY C 194 20.84 -85.79 -24.43
CA GLY C 194 20.59 -84.43 -24.90
C GLY C 194 21.09 -84.11 -26.30
N LEU C 195 21.66 -82.91 -26.45
CA LEU C 195 22.13 -82.43 -27.74
C LEU C 195 23.02 -83.43 -28.44
N LEU C 196 22.64 -83.76 -29.67
CA LEU C 196 23.38 -84.71 -30.48
C LEU C 196 24.30 -84.01 -31.49
N GLY C 197 25.41 -84.67 -31.81
CA GLY C 197 26.36 -84.12 -32.75
C GLY C 197 27.61 -84.98 -32.75
N GLY C 198 28.75 -84.43 -33.15
CA GLY C 198 29.96 -85.23 -33.18
C GLY C 198 30.92 -84.98 -32.04
N GLU C 199 32.07 -84.45 -32.41
CA GLU C 199 33.17 -84.08 -31.53
C GLU C 199 34.38 -83.72 -32.38
N ALA C 200 34.19 -82.73 -33.24
CA ALA C 200 35.20 -82.24 -34.20
C ALA C 200 36.45 -81.65 -33.53
N TRP C 201 37.06 -82.44 -32.66
CA TRP C 201 38.27 -82.01 -31.93
C TRP C 201 39.33 -83.09 -32.09
N SER C 202 38.86 -84.30 -32.38
CA SER C 202 39.73 -85.43 -32.63
C SER C 202 40.53 -85.11 -33.91
N SER C 203 39.91 -84.28 -34.75
CA SER C 203 40.52 -83.80 -36.00
C SER C 203 41.63 -82.79 -35.68
N TRP C 204 41.47 -82.14 -34.51
CA TRP C 204 42.45 -81.17 -34.03
C TRP C 204 43.80 -81.86 -33.78
N HIS C 205 44.44 -82.25 -34.87
CA HIS C 205 45.75 -82.89 -34.83
C HIS C 205 46.71 -81.96 -34.09
N LYS C 206 47.69 -82.50 -33.35
CA LYS C 206 48.63 -81.64 -32.65
C LYS C 206 49.13 -80.54 -33.58
N GLU C 207 48.87 -80.70 -34.88
CA GLU C 207 49.26 -79.73 -35.87
C GLU C 207 48.49 -78.44 -35.66
N ASP C 208 47.17 -78.55 -35.78
CA ASP C 208 46.30 -77.41 -35.62
C ASP C 208 46.53 -76.75 -34.25
N SER C 209 46.69 -77.58 -33.22
CA SER C 209 46.97 -77.09 -31.89
C SER C 209 48.08 -76.05 -31.93
N ILE C 210 49.25 -76.46 -32.42
CA ILE C 210 50.40 -75.57 -32.51
C ILE C 210 50.08 -74.30 -33.30
N HIS C 211 49.61 -74.47 -34.54
CA HIS C 211 49.27 -73.34 -35.41
C HIS C 211 48.47 -72.31 -34.64
N VAL C 212 47.47 -72.77 -33.91
CA VAL C 212 46.66 -71.87 -33.14
C VAL C 212 47.54 -71.13 -32.15
N GLY C 213 48.21 -71.90 -31.30
CA GLY C 213 49.09 -71.33 -30.29
C GLY C 213 50.00 -70.26 -30.86
N VAL C 214 50.61 -70.58 -32.00
CA VAL C 214 51.56 -69.67 -32.63
C VAL C 214 50.91 -68.37 -33.13
N ARG C 215 49.77 -68.46 -33.81
CA ARG C 215 49.15 -67.22 -34.27
C ARG C 215 48.85 -66.29 -33.09
N CYS C 216 48.38 -66.88 -32.00
CA CYS C 216 48.05 -66.09 -30.83
C CYS C 216 49.28 -65.38 -30.27
N ILE C 217 50.35 -66.13 -30.04
CA ILE C 217 51.57 -65.54 -29.53
C ILE C 217 52.02 -64.37 -30.43
N GLU C 218 51.81 -64.52 -31.74
CA GLU C 218 52.15 -63.46 -32.66
C GLU C 218 51.33 -62.23 -32.33
N MET C 219 50.00 -62.39 -32.31
CA MET C 219 49.13 -61.26 -31.99
C MET C 219 49.45 -60.70 -30.60
N LEU C 220 49.92 -61.56 -29.69
CA LEU C 220 50.27 -61.10 -28.36
C LEU C 220 51.46 -60.15 -28.42
N ILE C 221 52.50 -60.57 -29.11
CA ILE C 221 53.71 -59.78 -29.26
C ILE C 221 53.43 -58.54 -30.11
N GLU C 222 52.42 -58.67 -30.94
CA GLU C 222 52.02 -57.64 -31.89
C GLU C 222 51.21 -56.52 -31.25
N SER C 223 50.25 -56.86 -30.38
CA SER C 223 49.38 -55.87 -29.71
C SER C 223 50.04 -55.29 -28.48
N THR C 224 50.83 -56.10 -27.79
CA THR C 224 51.54 -55.63 -26.62
C THR C 224 52.94 -56.19 -26.64
N GLY C 225 53.77 -55.75 -25.71
CA GLY C 225 55.13 -56.24 -25.69
C GLY C 225 55.41 -57.07 -24.46
N MET C 226 54.59 -58.11 -24.26
CA MET C 226 54.72 -58.99 -23.10
C MET C 226 55.81 -60.04 -23.27
N VAL C 227 55.95 -60.57 -24.48
CA VAL C 227 56.97 -61.58 -24.67
C VAL C 227 57.79 -61.34 -25.92
N SER C 228 59.09 -61.57 -25.80
CA SER C 228 60.03 -61.39 -26.90
C SER C 228 60.33 -62.73 -27.58
N LEU C 229 60.33 -62.72 -28.91
CA LEU C 229 60.64 -63.94 -29.64
C LEU C 229 62.04 -63.89 -30.19
N HIS C 230 63.02 -64.18 -29.34
CA HIS C 230 64.41 -64.17 -29.77
C HIS C 230 64.94 -65.59 -29.98
N ARG C 231 65.91 -65.71 -30.89
CA ARG C 231 66.53 -67.00 -31.23
C ARG C 231 67.47 -67.48 -30.13
N GLN C 232 67.52 -68.79 -29.96
CA GLN C 232 68.39 -69.42 -28.96
C GLN C 232 69.51 -70.19 -29.63
N ASN C 233 70.73 -69.70 -29.48
CA ASN C 233 71.92 -70.33 -30.07
C ASN C 233 71.81 -70.48 -31.59
N ALA C 234 71.58 -69.36 -32.26
CA ALA C 234 71.49 -69.31 -33.72
C ALA C 234 72.83 -69.75 -34.35
N GLY C 235 72.85 -70.95 -34.93
CA GLY C 235 74.07 -71.47 -35.56
C GLY C 235 74.44 -72.86 -35.04
N VAL C 236 73.48 -73.51 -34.38
CA VAL C 236 73.69 -74.84 -33.83
C VAL C 236 72.57 -75.77 -34.29
N VAL C 237 72.96 -76.92 -34.86
CA VAL C 237 72.02 -77.93 -35.36
C VAL C 237 71.00 -78.37 -34.28
N GLY C 238 71.49 -78.58 -33.05
CA GLY C 238 70.63 -79.02 -31.96
C GLY C 238 70.47 -78.02 -30.83
N GLN C 239 70.78 -76.74 -31.06
CA GLN C 239 70.64 -75.70 -30.04
C GLN C 239 69.86 -74.52 -30.59
N ASP C 240 69.96 -74.31 -31.90
CA ASP C 240 69.24 -73.24 -32.59
C ASP C 240 67.74 -73.43 -32.40
N SER C 241 67.22 -72.98 -31.26
CA SER C 241 65.79 -73.14 -30.93
C SER C 241 65.09 -71.80 -30.69
N GLU C 242 64.12 -71.50 -31.53
CA GLU C 242 63.39 -70.26 -31.35
C GLU C 242 62.50 -70.40 -30.12
N THR C 243 62.61 -69.46 -29.19
CA THR C 243 61.80 -69.51 -27.96
C THR C 243 61.15 -68.17 -27.63
N ILE C 244 60.55 -68.13 -26.45
CA ILE C 244 59.85 -66.93 -25.94
C ILE C 244 60.38 -66.53 -24.55
N GLU C 245 60.46 -65.22 -24.31
CA GLU C 245 60.96 -64.68 -23.06
C GLU C 245 60.04 -63.57 -22.55
N LEU C 246 59.89 -63.46 -21.24
CA LEU C 246 59.00 -62.47 -20.65
C LEU C 246 59.63 -61.09 -20.59
N ALA C 247 58.87 -60.09 -21.01
CA ALA C 247 59.31 -58.70 -21.05
C ALA C 247 59.92 -58.27 -19.72
N PRO C 248 61.18 -57.82 -19.75
CA PRO C 248 61.90 -57.35 -18.56
C PRO C 248 61.07 -56.39 -17.72
N GLU C 249 60.45 -55.42 -18.38
CA GLU C 249 59.61 -54.42 -17.72
C GLU C 249 58.43 -55.07 -17.01
N TYR C 250 57.65 -55.84 -17.78
CA TYR C 250 56.46 -56.52 -17.26
C TYR C 250 56.78 -57.49 -16.11
N ALA C 251 58.03 -57.91 -15.99
CA ALA C 251 58.39 -58.78 -14.89
C ALA C 251 58.65 -57.93 -13.65
N GLU C 252 59.05 -56.68 -13.87
CA GLU C 252 59.34 -55.74 -12.79
C GLU C 252 58.05 -55.29 -12.12
N ALA C 253 57.05 -54.98 -12.93
CA ALA C 253 55.76 -54.55 -12.41
C ALA C 253 55.20 -55.61 -11.47
N ILE C 254 55.04 -56.83 -11.99
CA ILE C 254 54.53 -57.92 -11.18
C ILE C 254 55.31 -58.02 -9.86
N ALA C 255 56.63 -58.03 -9.95
CA ALA C 255 57.47 -58.13 -8.76
C ALA C 255 57.20 -56.97 -7.82
N THR C 256 57.05 -55.78 -8.40
CA THR C 256 56.79 -54.58 -7.63
C THR C 256 55.38 -54.61 -7.02
N ARG C 257 54.39 -55.01 -7.80
CA ARG C 257 53.02 -55.10 -7.30
C ARG C 257 52.95 -56.11 -6.18
N ALA C 258 53.54 -57.27 -6.42
CA ALA C 258 53.59 -58.35 -5.44
C ALA C 258 54.29 -57.86 -4.19
N GLY C 259 55.45 -57.26 -4.39
CA GLY C 259 56.18 -56.75 -3.26
C GLY C 259 55.32 -55.88 -2.38
N ALA C 260 54.88 -54.75 -2.89
CA ALA C 260 54.06 -53.80 -2.12
C ALA C 260 52.90 -54.51 -1.42
N LEU C 261 52.21 -55.35 -2.18
CA LEU C 261 51.09 -56.13 -1.66
C LEU C 261 51.47 -56.86 -0.38
N ALA C 262 52.59 -57.58 -0.47
CA ALA C 262 53.08 -58.38 0.64
C ALA C 262 53.28 -57.56 1.91
N GLY C 263 53.26 -56.24 1.79
CA GLY C 263 53.44 -55.40 2.96
C GLY C 263 52.15 -54.80 3.49
N ILE C 264 51.01 -55.33 3.07
CA ILE C 264 49.70 -54.82 3.49
C ILE C 264 48.86 -55.92 4.11
N SER C 265 49.43 -57.11 4.19
CA SER C 265 48.76 -58.30 4.74
C SER C 265 49.45 -58.75 6.02
N PRO C 266 49.43 -57.91 7.05
CA PRO C 266 50.06 -58.21 8.33
C PRO C 266 49.27 -59.22 9.17
N MET C 267 49.97 -60.11 9.85
CA MET C 267 49.33 -61.05 10.74
C MET C 267 49.23 -60.41 12.11
N PHE C 268 48.12 -59.72 12.30
CA PHE C 268 47.84 -59.02 13.54
C PHE C 268 47.85 -59.95 14.73
N GLN C 269 48.63 -59.53 15.73
CA GLN C 269 48.81 -60.24 16.99
C GLN C 269 48.26 -59.42 18.15
N PRO C 270 48.24 -60.00 19.37
CA PRO C 270 47.72 -59.27 20.53
C PRO C 270 48.65 -58.12 20.90
N CYS C 271 48.23 -57.33 21.87
CA CYS C 271 49.03 -56.23 22.34
C CYS C 271 49.61 -56.50 23.72
N VAL C 272 50.78 -55.94 23.96
CA VAL C 272 51.48 -56.08 25.22
C VAL C 272 51.13 -54.92 26.16
N VAL C 273 50.46 -53.92 25.60
CA VAL C 273 50.00 -52.74 26.32
C VAL C 273 48.60 -52.42 25.87
N PRO C 274 47.82 -51.66 26.65
CA PRO C 274 46.46 -51.37 26.18
C PRO C 274 46.44 -50.76 24.77
N PRO C 275 45.47 -51.19 23.94
CA PRO C 275 45.37 -50.70 22.57
C PRO C 275 45.21 -49.19 22.52
N LYS C 276 45.57 -48.60 21.39
CA LYS C 276 45.43 -47.16 21.17
C LYS C 276 43.96 -46.80 21.06
N PRO C 277 43.44 -45.99 22.00
CA PRO C 277 42.02 -45.61 21.99
C PRO C 277 41.57 -45.08 20.64
N TRP C 278 40.41 -45.51 20.20
CA TRP C 278 39.90 -45.04 18.95
C TRP C 278 39.43 -43.62 19.11
N THR C 279 40.04 -42.73 18.32
CA THR C 279 39.78 -41.31 18.35
C THR C 279 39.07 -40.84 17.09
N GLY C 280 39.10 -41.67 16.05
CA GLY C 280 38.49 -41.33 14.79
C GLY C 280 38.41 -42.53 13.89
N ILE C 281 38.12 -42.30 12.61
CA ILE C 281 37.97 -43.33 11.59
C ILE C 281 39.18 -44.26 11.45
N THR C 282 40.39 -43.79 11.67
CA THR C 282 41.51 -44.73 11.55
C THR C 282 42.58 -44.45 12.57
N GLY C 283 43.67 -45.20 12.49
CA GLY C 283 44.77 -45.00 13.42
C GLY C 283 44.56 -45.54 14.83
N GLY C 284 43.41 -46.15 15.13
CA GLY C 284 43.17 -46.70 16.45
C GLY C 284 43.69 -48.11 16.58
N GLY C 285 43.56 -48.70 17.77
CA GLY C 285 44.02 -50.08 17.98
C GLY C 285 45.50 -50.21 18.21
N TYR C 286 46.27 -50.40 17.15
CA TYR C 286 47.71 -50.53 17.28
C TYR C 286 48.38 -49.17 17.38
N TRP C 287 49.62 -49.13 17.88
CA TRP C 287 50.33 -47.86 18.09
C TRP C 287 51.24 -47.45 16.93
N ALA C 288 52.12 -48.34 16.50
CA ALA C 288 53.01 -48.03 15.39
C ALA C 288 52.25 -47.47 14.20
N ASN C 289 52.99 -46.84 13.29
CA ASN C 289 52.41 -46.27 12.09
C ASN C 289 52.68 -47.13 10.85
N GLY C 290 52.17 -48.36 10.86
CA GLY C 290 52.35 -49.27 9.74
C GLY C 290 51.55 -48.81 8.54
N ARG C 291 52.02 -49.12 7.32
CA ARG C 291 51.28 -48.63 6.15
C ARG C 291 49.96 -49.34 5.93
N ARG C 292 49.50 -50.07 6.94
CA ARG C 292 48.22 -50.75 6.88
C ARG C 292 47.41 -50.37 8.12
N PRO C 293 47.03 -49.09 8.24
CA PRO C 293 46.25 -48.59 9.39
C PRO C 293 44.86 -49.18 9.53
N LEU C 294 44.51 -49.48 10.76
CA LEU C 294 43.22 -50.08 11.08
C LEU C 294 42.07 -49.13 10.89
N ALA C 295 41.01 -49.62 10.26
CA ALA C 295 39.82 -48.83 10.05
C ALA C 295 38.87 -49.05 11.20
N LEU C 296 38.14 -48.03 11.63
CA LEU C 296 37.21 -48.27 12.72
C LEU C 296 36.07 -49.11 12.22
N VAL C 297 35.88 -49.11 10.91
CA VAL C 297 34.83 -49.94 10.34
C VAL C 297 35.37 -50.71 9.16
N ARG C 298 35.13 -52.01 9.12
CA ARG C 298 35.60 -52.88 8.06
C ARG C 298 34.67 -52.76 6.90
N THR C 299 34.87 -51.73 6.08
CA THR C 299 34.01 -51.47 4.92
C THR C 299 34.57 -52.07 3.66
N HIS C 300 33.73 -52.20 2.64
CA HIS C 300 34.19 -52.77 1.38
C HIS C 300 34.94 -51.74 0.55
N SER C 301 34.35 -50.55 0.39
CA SER C 301 34.96 -49.48 -0.39
C SER C 301 35.50 -48.37 0.49
N LYS C 302 36.61 -47.75 0.09
CA LYS C 302 37.12 -46.64 0.89
C LYS C 302 36.08 -45.53 1.01
N LYS C 303 35.29 -45.33 -0.05
CA LYS C 303 34.27 -44.33 0.01
C LYS C 303 33.33 -44.62 1.20
N ALA C 304 32.96 -45.88 1.40
CA ALA C 304 32.06 -46.22 2.49
C ALA C 304 32.70 -45.94 3.85
N LEU C 305 34.02 -46.01 3.93
CA LEU C 305 34.65 -45.74 5.22
C LEU C 305 34.51 -44.29 5.54
N MET C 306 34.82 -43.45 4.55
CA MET C 306 34.72 -42.01 4.73
C MET C 306 33.38 -41.56 5.24
N ARG C 307 32.29 -42.22 4.88
CA ARG C 307 30.99 -41.76 5.37
C ARG C 307 30.97 -41.64 6.90
N TYR C 308 31.96 -42.22 7.60
CA TYR C 308 31.96 -42.13 9.07
C TYR C 308 32.89 -41.04 9.57
N GLU C 309 33.79 -40.59 8.71
CA GLU C 309 34.77 -39.58 9.07
C GLU C 309 34.29 -38.55 10.04
N ASP C 310 33.18 -37.89 9.76
CA ASP C 310 32.70 -36.83 10.67
C ASP C 310 31.44 -37.22 11.46
N VAL C 311 31.11 -38.50 11.58
CA VAL C 311 29.91 -38.88 12.30
C VAL C 311 30.08 -38.80 13.79
N TYR C 312 29.09 -38.20 14.45
CA TYR C 312 29.10 -38.05 15.89
C TYR C 312 28.46 -39.27 16.57
N MET C 313 29.28 -40.10 17.19
CA MET C 313 28.81 -41.29 17.86
C MET C 313 29.73 -41.61 19.05
N PRO C 314 29.65 -40.78 20.10
CA PRO C 314 30.43 -40.87 21.33
C PRO C 314 30.27 -42.23 22.00
N GLU C 315 29.01 -42.65 22.12
CA GLU C 315 28.68 -43.93 22.72
C GLU C 315 29.45 -45.05 22.06
N VAL C 316 29.42 -45.07 20.74
CA VAL C 316 30.12 -46.08 19.96
C VAL C 316 31.61 -46.09 20.32
N TYR C 317 32.27 -44.96 20.20
CA TYR C 317 33.67 -44.90 20.51
C TYR C 317 33.93 -45.37 21.96
N LYS C 318 33.07 -44.96 22.89
CA LYS C 318 33.27 -45.36 24.28
C LYS C 318 33.29 -46.89 24.41
N ALA C 319 32.27 -47.53 23.87
CA ALA C 319 32.20 -48.99 23.93
C ALA C 319 33.47 -49.60 23.33
N ILE C 320 33.70 -49.37 22.05
CA ILE C 320 34.89 -49.92 21.43
C ILE C 320 36.11 -49.74 22.30
N ASN C 321 36.26 -48.56 22.89
CA ASN C 321 37.45 -48.31 23.67
C ASN C 321 37.48 -49.04 24.98
N ILE C 322 36.34 -49.14 25.64
CA ILE C 322 36.23 -49.84 26.90
C ILE C 322 36.66 -51.27 26.70
N ALA C 323 36.00 -51.91 25.74
CA ALA C 323 36.25 -53.29 25.41
C ALA C 323 37.69 -53.52 25.14
N GLN C 324 38.18 -52.82 24.16
CA GLN C 324 39.55 -52.88 23.73
C GLN C 324 40.53 -52.74 24.88
N ASN C 325 40.03 -52.27 26.02
CA ASN C 325 40.87 -51.97 27.17
C ASN C 325 40.97 -53.14 28.17
N THR C 326 40.15 -54.17 27.97
CA THR C 326 40.18 -55.33 28.85
C THR C 326 41.53 -56.02 28.78
N ALA C 327 42.10 -56.28 29.95
CA ALA C 327 43.40 -56.95 29.98
C ALA C 327 43.21 -58.46 30.10
N TRP C 328 43.98 -59.21 29.30
CA TRP C 328 43.93 -60.66 29.33
C TRP C 328 45.31 -61.24 29.60
N LYS C 329 45.31 -62.56 29.74
CA LYS C 329 46.49 -63.37 30.01
C LYS C 329 46.26 -64.83 29.59
N ILE C 330 47.34 -65.54 29.31
CA ILE C 330 47.24 -66.95 28.92
C ILE C 330 46.97 -67.85 30.12
N ASN C 331 45.94 -68.67 30.03
CA ASN C 331 45.65 -69.58 31.12
C ASN C 331 46.71 -70.63 31.06
N LYS C 332 47.82 -70.38 31.74
CA LYS C 332 48.96 -71.27 31.74
C LYS C 332 48.60 -72.75 32.02
N LYS C 333 47.85 -72.99 33.08
CA LYS C 333 47.45 -74.33 33.47
C LYS C 333 46.83 -75.09 32.29
N VAL C 334 46.04 -74.39 31.47
CA VAL C 334 45.40 -75.02 30.33
C VAL C 334 46.38 -75.20 29.21
N LEU C 335 47.25 -74.23 28.98
CA LEU C 335 48.22 -74.37 27.91
C LEU C 335 49.05 -75.62 28.11
N ALA C 336 49.36 -75.94 29.37
CA ALA C 336 50.16 -77.12 29.69
C ALA C 336 49.47 -78.37 29.17
N VAL C 337 48.19 -78.52 29.49
CA VAL C 337 47.44 -79.68 29.03
C VAL C 337 47.44 -79.78 27.51
N ALA C 338 47.16 -78.66 26.85
CA ALA C 338 47.10 -78.67 25.40
C ALA C 338 48.43 -78.89 24.77
N ASN C 339 49.47 -78.24 25.27
CA ASN C 339 50.77 -78.42 24.68
C ASN C 339 51.11 -79.93 24.65
N VAL C 340 50.60 -80.69 25.62
CA VAL C 340 50.85 -82.13 25.64
C VAL C 340 49.92 -82.92 24.68
N ILE C 341 48.63 -83.05 25.01
CA ILE C 341 47.73 -83.83 24.15
C ILE C 341 47.66 -83.40 22.69
N THR C 342 48.00 -82.18 22.34
CA THR C 342 47.88 -81.83 20.93
C THR C 342 48.93 -82.52 20.09
N LYS C 343 50.04 -82.91 20.69
CA LYS C 343 51.09 -83.60 19.93
C LYS C 343 50.85 -85.11 19.89
N TRP C 344 49.82 -85.57 20.64
CA TRP C 344 49.45 -86.98 20.67
C TRP C 344 48.18 -87.24 19.89
N LYS C 345 47.34 -86.23 19.75
CA LYS C 345 46.11 -86.36 18.98
C LYS C 345 45.99 -85.19 18.01
N HIS C 346 45.48 -85.44 16.82
CA HIS C 346 45.33 -84.35 15.87
C HIS C 346 44.39 -83.32 16.47
N CYS C 347 43.29 -83.86 16.97
CA CYS C 347 42.32 -83.08 17.64
C CYS C 347 42.18 -83.64 19.03
N PRO C 348 42.72 -82.94 20.03
CA PRO C 348 42.70 -83.33 21.44
C PRO C 348 41.41 -84.01 21.85
N VAL C 349 40.32 -83.68 21.19
CA VAL C 349 39.04 -84.21 21.60
C VAL C 349 38.24 -84.81 20.47
N GLU C 350 38.76 -85.70 19.67
CA GLU C 350 37.93 -86.16 18.59
C GLU C 350 37.45 -87.58 18.77
N ASP C 351 38.29 -88.40 19.37
CA ASP C 351 37.93 -89.79 19.57
C ASP C 351 38.51 -90.33 20.84
N ILE C 352 37.73 -90.24 21.89
CA ILE C 352 38.14 -90.72 23.20
C ILE C 352 37.31 -91.94 23.58
N PRO C 353 37.97 -93.06 23.88
CA PRO C 353 37.31 -94.30 24.27
C PRO C 353 36.15 -94.05 25.21
N ALA C 354 34.96 -94.28 24.69
CA ALA C 354 33.73 -94.15 25.47
C ALA C 354 32.93 -95.45 25.36
N ILE C 355 32.26 -95.85 26.46
CA ILE C 355 31.48 -97.09 26.48
C ILE C 355 30.01 -96.87 26.02
N GLU C 372 18.80 -96.68 -4.71
CA GLU C 372 19.88 -95.76 -4.39
C GLU C 372 21.11 -96.50 -3.89
N ALA C 373 21.89 -97.04 -4.81
CA ALA C 373 23.10 -97.76 -4.44
C ALA C 373 24.33 -96.85 -4.57
N LEU C 374 24.79 -96.65 -5.80
CA LEU C 374 25.95 -95.81 -6.10
C LEU C 374 25.81 -94.44 -5.42
N THR C 375 24.60 -93.88 -5.47
CA THR C 375 24.30 -92.59 -4.86
C THR C 375 24.21 -92.70 -3.32
N ALA C 376 24.76 -93.79 -2.75
CA ALA C 376 24.73 -94.04 -1.30
C ALA C 376 26.11 -94.38 -0.77
N TRP C 377 26.81 -95.22 -1.51
CA TRP C 377 28.16 -95.62 -1.13
C TRP C 377 29.12 -94.50 -1.52
N LYS C 378 28.99 -94.03 -2.74
CA LYS C 378 29.84 -92.94 -3.20
C LYS C 378 29.56 -91.70 -2.37
N ARG C 379 28.38 -91.67 -1.77
CA ARG C 379 27.99 -90.56 -0.91
C ARG C 379 28.92 -90.56 0.30
N ALA C 380 29.00 -91.70 0.98
CA ALA C 380 29.82 -91.85 2.16
C ALA C 380 31.29 -91.67 1.80
N ALA C 381 31.66 -92.13 0.61
CA ALA C 381 33.05 -92.00 0.17
C ALA C 381 33.45 -90.54 0.19
N ALA C 382 32.66 -89.71 -0.47
CA ALA C 382 32.91 -88.27 -0.56
C ALA C 382 32.98 -87.63 0.83
N ALA C 383 32.32 -88.26 1.80
CA ALA C 383 32.34 -87.74 3.15
C ALA C 383 33.68 -88.04 3.80
N VAL C 384 34.15 -89.28 3.66
CA VAL C 384 35.42 -89.62 4.27
C VAL C 384 36.53 -88.73 3.76
N TYR C 385 36.46 -88.31 2.50
CA TYR C 385 37.50 -87.42 1.99
C TYR C 385 37.35 -86.04 2.60
N ARG C 386 36.14 -85.50 2.58
CA ARG C 386 35.97 -84.18 3.14
C ARG C 386 36.34 -84.16 4.61
N LYS C 387 35.99 -85.21 5.34
CA LYS C 387 36.30 -85.27 6.77
C LYS C 387 37.80 -85.18 7.02
N ASP C 388 38.57 -85.91 6.23
CA ASP C 388 40.01 -85.87 6.38
C ASP C 388 40.55 -84.50 6.03
N LYS C 389 40.00 -83.89 5.00
CA LYS C 389 40.45 -82.55 4.64
C LYS C 389 40.18 -81.59 5.81
N ALA C 390 39.01 -81.75 6.43
CA ALA C 390 38.60 -80.94 7.56
C ALA C 390 39.59 -81.12 8.73
N ARG C 391 39.85 -82.37 9.08
CA ARG C 391 40.77 -82.68 10.15
C ARG C 391 42.14 -82.03 9.90
N LYS C 392 42.51 -81.83 8.64
CA LYS C 392 43.80 -81.22 8.39
C LYS C 392 43.74 -79.71 8.53
N SER C 393 42.64 -79.13 8.08
CA SER C 393 42.47 -77.67 8.18
C SER C 393 42.32 -77.25 9.66
N ARG C 394 41.58 -78.02 10.43
CA ARG C 394 41.42 -77.71 11.84
C ARG C 394 42.76 -77.75 12.55
N ARG C 395 43.60 -78.70 12.15
CA ARG C 395 44.92 -78.85 12.73
C ARG C 395 45.79 -77.64 12.49
N ILE C 396 45.76 -77.13 11.27
CA ILE C 396 46.61 -76.00 10.97
C ILE C 396 46.30 -74.86 11.90
N SER C 397 45.00 -74.56 12.06
CA SER C 397 44.51 -73.49 12.91
C SER C 397 44.92 -73.70 14.33
N LEU C 398 44.68 -74.92 14.81
CA LEU C 398 45.01 -75.26 16.17
C LEU C 398 46.48 -74.96 16.42
N GLU C 399 47.33 -75.38 15.50
CA GLU C 399 48.75 -75.17 15.67
C GLU C 399 49.06 -73.72 15.80
N PHE C 400 48.41 -72.88 15.00
CA PHE C 400 48.70 -71.45 15.04
C PHE C 400 48.37 -70.85 16.39
N MET C 401 47.13 -71.06 16.83
CA MET C 401 46.70 -70.55 18.11
C MET C 401 47.65 -71.01 19.22
N LEU C 402 47.92 -72.31 19.30
CA LEU C 402 48.84 -72.82 20.32
C LEU C 402 50.16 -72.08 20.30
N GLU C 403 50.70 -71.89 19.11
CA GLU C 403 51.97 -71.21 18.98
C GLU C 403 51.81 -69.82 19.53
N GLN C 404 50.70 -69.19 19.16
CA GLN C 404 50.37 -67.83 19.57
C GLN C 404 50.20 -67.76 21.09
N ALA C 405 49.52 -68.74 21.67
CA ALA C 405 49.34 -68.79 23.12
C ALA C 405 50.71 -68.90 23.83
N ASN C 406 51.48 -69.94 23.50
CA ASN C 406 52.82 -70.15 24.08
C ASN C 406 53.66 -68.87 24.00
N LYS C 407 53.54 -68.16 22.88
CA LYS C 407 54.34 -66.94 22.72
C LYS C 407 54.08 -65.93 23.83
N PHE C 408 52.82 -65.82 24.23
CA PHE C 408 52.46 -64.84 25.23
C PHE C 408 52.22 -65.44 26.58
N ALA C 409 52.51 -66.72 26.74
CA ALA C 409 52.27 -67.41 28.00
C ALA C 409 52.84 -66.66 29.21
N ASN C 410 53.95 -65.94 29.07
CA ASN C 410 54.53 -65.32 30.25
C ASN C 410 54.29 -63.84 30.38
N HIS C 411 53.54 -63.26 29.49
CA HIS C 411 53.29 -61.86 29.70
C HIS C 411 52.29 -61.69 30.85
N LYS C 412 52.44 -60.62 31.62
CA LYS C 412 51.54 -60.39 32.74
C LYS C 412 50.18 -60.03 32.26
N ALA C 413 50.11 -59.71 30.97
CA ALA C 413 48.84 -59.35 30.36
C ALA C 413 49.02 -59.06 28.90
N ILE C 414 47.96 -59.27 28.13
CA ILE C 414 47.96 -58.98 26.71
C ILE C 414 46.64 -58.34 26.38
N TRP C 415 46.57 -57.54 25.31
CA TRP C 415 45.30 -56.91 24.93
C TRP C 415 44.98 -57.11 23.44
N PHE C 416 43.71 -56.92 23.08
CA PHE C 416 43.28 -57.06 21.70
C PHE C 416 42.57 -55.82 21.17
N PRO C 417 43.05 -55.25 20.06
CA PRO C 417 42.37 -54.07 19.50
C PRO C 417 41.01 -54.43 18.93
N TYR C 418 40.09 -53.49 18.76
CA TYR C 418 38.80 -53.88 18.22
C TYR C 418 38.26 -52.98 17.11
N ASN C 419 37.47 -53.61 16.25
CA ASN C 419 36.84 -53.06 15.05
C ASN C 419 35.38 -53.38 15.03
N MET C 420 34.77 -53.01 13.93
CA MET C 420 33.38 -53.29 13.72
C MET C 420 33.16 -53.63 12.25
N ASP C 421 32.26 -54.54 11.94
CA ASP C 421 32.01 -54.77 10.54
C ASP C 421 31.00 -53.68 10.08
N TRP C 422 30.69 -53.62 8.80
CA TRP C 422 29.83 -52.55 8.35
C TRP C 422 28.51 -52.52 9.09
N ARG C 423 28.18 -53.53 9.88
CA ARG C 423 26.89 -53.49 10.56
C ARG C 423 26.99 -53.10 12.03
N GLY C 424 28.21 -52.96 12.52
CA GLY C 424 28.36 -52.54 13.91
C GLY C 424 28.81 -53.62 14.87
N ARG C 425 28.87 -54.88 14.44
CA ARG C 425 29.32 -55.91 15.35
C ARG C 425 30.82 -55.75 15.67
N VAL C 426 31.19 -55.97 16.93
CA VAL C 426 32.58 -55.79 17.40
C VAL C 426 33.48 -57.00 17.18
N TYR C 427 34.64 -56.82 16.58
CA TYR C 427 35.56 -57.93 16.32
C TYR C 427 36.93 -57.66 16.83
N ALA C 428 37.57 -58.63 17.46
CA ALA C 428 38.93 -58.41 17.92
C ALA C 428 39.82 -58.48 16.67
N VAL C 429 40.86 -57.70 16.62
CA VAL C 429 41.68 -57.64 15.42
C VAL C 429 42.67 -58.76 15.26
N SER C 430 43.39 -59.12 16.31
CA SER C 430 44.41 -60.18 16.21
C SER C 430 43.83 -61.55 15.84
N MET C 431 44.57 -62.26 14.98
CA MET C 431 44.15 -63.60 14.58
C MET C 431 43.85 -64.45 15.80
N PHE C 432 44.70 -64.35 16.83
CA PHE C 432 44.46 -65.09 18.06
C PHE C 432 43.66 -64.21 19.00
N ASN C 433 42.40 -64.50 19.20
CA ASN C 433 41.63 -63.65 20.06
C ASN C 433 40.53 -64.40 20.78
N PRO C 434 39.90 -63.77 21.77
CA PRO C 434 38.85 -64.33 22.59
C PRO C 434 37.66 -64.76 21.88
N GLN C 435 37.46 -64.30 20.67
CA GLN C 435 36.22 -64.71 20.00
C GLN C 435 36.44 -65.98 19.16
N GLY C 436 37.47 -66.72 19.57
CA GLY C 436 37.86 -67.95 18.91
C GLY C 436 36.96 -69.12 19.18
N ASN C 437 37.58 -70.29 19.28
CA ASN C 437 36.87 -71.53 19.52
C ASN C 437 37.17 -72.03 20.93
N ASP C 438 36.61 -73.19 21.27
CA ASP C 438 36.81 -73.69 22.60
C ASP C 438 38.28 -73.68 23.03
N MET C 439 39.19 -74.20 22.21
CA MET C 439 40.58 -74.21 22.64
C MET C 439 41.12 -72.81 22.76
N THR C 440 40.87 -72.01 21.75
CA THR C 440 41.39 -70.65 21.84
C THR C 440 40.84 -70.01 23.07
N LYS C 441 39.52 -70.02 23.21
CA LYS C 441 38.92 -69.43 24.40
C LYS C 441 39.53 -70.04 25.67
N GLY C 442 39.61 -71.36 25.73
CA GLY C 442 40.17 -72.00 26.90
C GLY C 442 41.59 -71.53 27.23
N LEU C 443 42.39 -71.19 26.23
CA LEU C 443 43.72 -70.73 26.55
C LEU C 443 43.76 -69.27 26.99
N LEU C 444 42.64 -68.58 26.87
CA LEU C 444 42.64 -67.17 27.26
C LEU C 444 41.77 -66.96 28.51
N THR C 445 42.25 -66.05 29.37
CA THR C 445 41.56 -65.67 30.60
C THR C 445 41.90 -64.21 30.97
N LEU C 446 41.02 -63.59 31.73
CA LEU C 446 41.20 -62.21 32.17
C LEU C 446 42.39 -62.06 33.08
N ALA C 447 43.11 -60.95 32.95
CA ALA C 447 44.30 -60.71 33.77
C ALA C 447 44.00 -60.17 35.16
N LYS C 448 43.01 -59.30 35.29
CA LYS C 448 42.72 -58.73 36.61
C LYS C 448 41.48 -59.31 37.24
N GLY C 449 41.69 -60.23 38.18
CA GLY C 449 40.58 -60.85 38.88
C GLY C 449 40.31 -60.23 40.24
N LYS C 450 39.30 -60.75 40.93
CA LYS C 450 38.89 -60.28 42.26
C LYS C 450 38.59 -61.43 43.20
N PRO C 451 38.54 -61.14 44.51
CA PRO C 451 38.21 -62.28 45.37
C PRO C 451 36.81 -62.77 44.94
N ILE C 452 36.72 -64.06 44.63
CA ILE C 452 35.47 -64.61 44.13
C ILE C 452 34.26 -64.34 45.00
N GLY C 453 34.32 -64.69 46.28
CA GLY C 453 33.17 -64.48 47.13
C GLY C 453 32.08 -65.49 46.87
N LYS C 454 31.05 -65.53 47.71
CA LYS C 454 29.98 -66.51 47.58
C LYS C 454 29.23 -66.40 46.28
N GLU C 455 28.81 -65.18 45.93
CA GLU C 455 28.04 -65.03 44.70
C GLU C 455 28.86 -65.40 43.47
N GLY C 456 30.11 -64.91 43.40
CA GLY C 456 30.97 -65.22 42.27
C GLY C 456 31.13 -66.71 42.09
N TYR C 457 31.33 -67.40 43.21
CA TYR C 457 31.51 -68.85 43.19
C TYR C 457 30.25 -69.52 42.60
N TYR C 458 29.09 -69.00 42.97
CA TYR C 458 27.83 -69.50 42.46
C TYR C 458 27.84 -69.43 40.96
N TRP C 459 28.22 -68.27 40.45
CA TRP C 459 28.26 -68.09 39.01
C TRP C 459 29.37 -68.94 38.37
N LEU C 460 30.51 -69.10 39.03
CA LEU C 460 31.54 -69.94 38.45
C LEU C 460 31.00 -71.33 38.21
N LYS C 461 30.22 -71.85 39.13
CA LYS C 461 29.65 -73.17 38.92
C LYS C 461 28.59 -73.15 37.81
N ILE C 462 27.78 -72.12 37.73
CA ILE C 462 26.79 -72.09 36.66
C ILE C 462 27.51 -72.28 35.31
N HIS C 463 28.52 -71.44 35.10
CA HIS C 463 29.34 -71.48 33.90
C HIS C 463 29.88 -72.89 33.67
N GLY C 464 30.32 -73.57 34.73
CA GLY C 464 30.82 -74.92 34.58
C GLY C 464 29.71 -75.80 34.00
N ALA C 465 28.52 -75.66 34.55
CA ALA C 465 27.41 -76.44 34.06
C ALA C 465 27.22 -76.18 32.59
N ASN C 466 27.32 -74.90 32.21
CA ASN C 466 27.17 -74.45 30.83
C ASN C 466 28.21 -75.10 29.93
N CYS C 467 29.48 -75.01 30.31
CA CYS C 467 30.58 -75.61 29.53
C CYS C 467 30.36 -77.10 29.35
N ALA C 468 29.63 -77.73 30.27
CA ALA C 468 29.41 -79.15 30.21
C ALA C 468 28.17 -79.48 29.41
N GLY C 469 27.47 -78.46 28.97
CA GLY C 469 26.28 -78.72 28.18
C GLY C 469 25.01 -78.77 29.00
N VAL C 470 25.11 -78.51 30.29
CA VAL C 470 23.91 -78.52 31.14
C VAL C 470 23.38 -77.10 31.21
N ASP C 471 22.85 -76.61 30.10
CA ASP C 471 22.35 -75.23 30.02
C ASP C 471 20.88 -75.16 29.64
N LYS C 472 20.22 -76.29 29.55
CA LYS C 472 18.80 -76.25 29.22
C LYS C 472 17.94 -76.69 30.41
N VAL C 473 18.41 -76.31 31.59
CA VAL C 473 17.76 -76.62 32.84
C VAL C 473 17.98 -75.47 33.85
N PRO C 474 17.02 -75.26 34.78
CA PRO C 474 17.19 -74.18 35.76
C PRO C 474 18.46 -74.25 36.56
N PHE C 475 18.94 -73.08 36.99
CA PHE C 475 20.20 -72.94 37.74
C PHE C 475 20.35 -73.94 38.89
N PRO C 476 19.31 -74.14 39.70
CA PRO C 476 19.49 -75.10 40.78
C PRO C 476 20.00 -76.45 40.29
N GLU C 477 19.47 -76.93 39.16
CA GLU C 477 19.89 -78.22 38.63
C GLU C 477 21.29 -78.15 38.06
N ARG C 478 21.70 -76.94 37.65
CA ARG C 478 23.03 -76.73 37.11
C ARG C 478 24.06 -76.79 38.26
N ILE C 479 23.69 -76.22 39.40
CA ILE C 479 24.57 -76.26 40.57
C ILE C 479 24.62 -77.68 41.10
N LYS C 480 23.45 -78.33 41.08
CA LYS C 480 23.33 -79.71 41.49
C LYS C 480 24.35 -80.56 40.74
N PHE C 481 24.29 -80.44 39.41
CA PHE C 481 25.16 -81.13 38.50
C PHE C 481 26.64 -80.97 38.88
N ILE C 482 27.07 -79.74 39.12
CA ILE C 482 28.47 -79.55 39.45
C ILE C 482 28.79 -80.17 40.81
N GLU C 483 27.85 -80.06 41.75
CA GLU C 483 28.09 -80.61 43.08
C GLU C 483 28.21 -82.12 43.02
N GLU C 484 27.32 -82.75 42.27
CA GLU C 484 27.32 -84.19 42.13
C GLU C 484 28.62 -84.69 41.48
N ASN C 485 29.30 -83.85 40.71
CA ASN C 485 30.54 -84.32 40.10
C ASN C 485 31.75 -83.70 40.73
N HIS C 486 31.57 -83.16 41.93
CA HIS C 486 32.70 -82.52 42.59
C HIS C 486 33.98 -83.36 42.51
N GLU C 487 33.85 -84.67 42.66
CA GLU C 487 35.00 -85.55 42.63
C GLU C 487 35.61 -85.59 41.24
N ASN C 488 34.77 -85.75 40.23
CA ASN C 488 35.23 -85.81 38.86
C ASN C 488 36.01 -84.56 38.49
N ILE C 489 35.48 -83.41 38.92
CA ILE C 489 36.13 -82.15 38.63
C ILE C 489 37.50 -82.06 39.27
N MET C 490 37.55 -82.29 40.58
CA MET C 490 38.82 -82.23 41.31
C MET C 490 39.85 -83.14 40.68
N ALA C 491 39.36 -84.27 40.17
CA ALA C 491 40.20 -85.26 39.50
C ALA C 491 40.86 -84.65 38.27
N CYS C 492 40.01 -84.10 37.39
CA CYS C 492 40.42 -83.45 36.15
C CYS C 492 41.37 -82.30 36.42
N ALA C 493 41.17 -81.64 37.56
CA ALA C 493 42.02 -80.53 37.94
C ALA C 493 43.39 -81.03 38.42
N LYS C 494 43.38 -82.04 39.29
CA LYS C 494 44.60 -82.60 39.85
C LYS C 494 45.48 -83.24 38.80
N SER C 495 44.88 -84.08 37.95
CA SER C 495 45.63 -84.76 36.89
C SER C 495 44.80 -84.79 35.58
N PRO C 496 44.79 -83.66 34.84
CA PRO C 496 44.04 -83.57 33.59
C PRO C 496 44.46 -84.62 32.53
N LEU C 497 45.73 -84.97 32.44
CA LEU C 497 46.16 -85.96 31.47
C LEU C 497 45.76 -87.38 31.88
N GLU C 498 45.30 -87.56 33.12
CA GLU C 498 44.92 -88.90 33.59
C GLU C 498 43.41 -89.06 33.69
N ASN C 499 42.68 -87.96 33.60
CA ASN C 499 41.23 -88.05 33.59
C ASN C 499 40.67 -87.34 32.34
N THR C 500 40.05 -88.09 31.44
CA THR C 500 39.52 -87.55 30.19
C THR C 500 38.11 -87.01 30.32
N TRP C 501 37.48 -87.18 31.47
CA TRP C 501 36.10 -86.72 31.62
C TRP C 501 35.89 -85.26 31.12
N TRP C 502 36.85 -84.35 31.38
CA TRP C 502 36.66 -82.98 30.91
C TRP C 502 36.67 -82.87 29.39
N ALA C 503 37.53 -83.64 28.73
CA ALA C 503 37.58 -83.59 27.28
C ALA C 503 36.31 -84.12 26.64
N GLU C 504 35.43 -84.72 27.42
CA GLU C 504 34.23 -85.23 26.82
C GLU C 504 33.06 -84.28 26.95
N GLN C 505 33.29 -83.07 27.46
CA GLN C 505 32.19 -82.10 27.61
C GLN C 505 32.02 -81.22 26.36
N ASP C 506 30.82 -80.68 26.19
CA ASP C 506 30.51 -79.82 25.05
C ASP C 506 31.60 -78.80 24.75
N SER C 507 32.17 -78.20 25.78
CA SER C 507 33.20 -77.20 25.65
C SER C 507 34.41 -77.59 26.46
N PRO C 508 35.06 -78.66 26.04
CA PRO C 508 36.25 -79.24 26.65
C PRO C 508 37.20 -78.26 27.31
N PHE C 509 37.94 -77.45 26.58
CA PHE C 509 38.92 -76.65 27.28
C PHE C 509 38.35 -75.60 28.16
N CYS C 510 37.21 -75.04 27.81
CA CYS C 510 36.69 -74.05 28.70
C CYS C 510 36.24 -74.72 29.96
N PHE C 511 35.77 -75.96 29.82
CA PHE C 511 35.36 -76.70 30.99
C PHE C 511 36.59 -76.98 31.86
N LEU C 512 37.68 -77.43 31.24
CA LEU C 512 38.88 -77.70 32.00
C LEU C 512 39.35 -76.44 32.70
N ALA C 513 39.23 -75.31 32.00
CA ALA C 513 39.61 -74.04 32.58
C ALA C 513 38.80 -73.83 33.85
N PHE C 514 37.51 -74.17 33.79
CA PHE C 514 36.65 -74.05 34.94
C PHE C 514 37.10 -74.99 36.03
N CYS C 515 37.34 -76.25 35.67
CA CYS C 515 37.81 -77.21 36.66
C CYS C 515 38.92 -76.60 37.48
N PHE C 516 39.95 -76.08 36.83
CA PHE C 516 41.05 -75.47 37.56
C PHE C 516 40.56 -74.43 38.57
N GLU C 517 39.83 -73.43 38.10
CA GLU C 517 39.30 -72.39 38.99
C GLU C 517 38.47 -73.01 40.11
N TYR C 518 37.65 -73.99 39.78
CA TYR C 518 36.84 -74.64 40.80
C TYR C 518 37.73 -75.22 41.89
N ALA C 519 38.77 -75.95 41.47
CA ALA C 519 39.72 -76.54 42.39
C ALA C 519 40.42 -75.47 43.24
N GLY C 520 40.71 -74.32 42.67
CA GLY C 520 41.36 -73.28 43.44
C GLY C 520 40.51 -72.85 44.62
N VAL C 521 39.21 -72.70 44.38
CA VAL C 521 38.27 -72.30 45.44
C VAL C 521 38.27 -73.31 46.58
N GLN C 522 38.22 -74.59 46.22
CA GLN C 522 38.24 -75.65 47.21
C GLN C 522 39.42 -75.52 48.13
N HIS C 523 40.58 -75.28 47.56
CA HIS C 523 41.80 -75.18 48.35
C HIS C 523 41.95 -73.84 49.05
N HIS C 524 41.55 -72.74 48.43
CA HIS C 524 41.77 -71.44 49.07
C HIS C 524 40.54 -70.81 49.69
N GLY C 525 39.33 -71.27 49.37
CA GLY C 525 38.17 -70.65 49.97
C GLY C 525 37.62 -69.50 49.15
N LEU C 526 36.50 -68.93 49.59
CA LEU C 526 35.86 -67.83 48.85
C LEU C 526 36.70 -66.56 48.72
N SER C 527 37.94 -66.57 49.19
CA SER C 527 38.75 -65.36 49.03
C SER C 527 39.58 -65.47 47.77
N TYR C 528 39.65 -66.70 47.25
CA TYR C 528 40.40 -67.01 46.07
C TYR C 528 40.19 -65.98 44.99
N ASN C 529 41.30 -65.45 44.50
CA ASN C 529 41.33 -64.43 43.45
C ASN C 529 41.07 -65.11 42.09
N CYS C 530 39.88 -64.93 41.52
CA CYS C 530 39.50 -65.55 40.24
C CYS C 530 39.35 -64.52 39.12
N SER C 531 39.75 -64.89 37.91
CA SER C 531 39.67 -63.99 36.76
C SER C 531 39.09 -64.70 35.55
N LEU C 532 38.54 -65.88 35.74
CA LEU C 532 38.00 -66.60 34.61
C LEU C 532 36.79 -65.86 34.07
N PRO C 533 36.69 -65.72 32.74
CA PRO C 533 35.55 -65.03 32.15
C PRO C 533 34.28 -65.86 32.10
N LEU C 534 33.31 -65.51 32.92
CA LEU C 534 32.02 -66.23 32.94
C LEU C 534 31.11 -65.63 31.89
N ALA C 535 30.65 -66.44 30.93
CA ALA C 535 29.85 -65.91 29.85
C ALA C 535 28.33 -66.12 29.96
N PHE C 536 27.59 -65.09 29.59
CA PHE C 536 26.14 -65.14 29.56
C PHE C 536 25.70 -65.00 28.11
N ASP C 537 25.15 -66.06 27.52
CA ASP C 537 24.75 -66.04 26.12
C ASP C 537 23.27 -65.78 25.91
N GLY C 538 22.96 -64.97 24.91
CA GLY C 538 21.57 -64.73 24.61
C GLY C 538 21.00 -65.89 23.82
N SER C 539 19.79 -66.34 24.16
CA SER C 539 19.13 -67.44 23.45
C SER C 539 19.29 -67.30 21.94
N CYS C 540 18.25 -66.79 21.28
CA CYS C 540 18.36 -66.57 19.86
C CYS C 540 18.33 -65.06 19.63
N SER C 541 19.47 -64.40 19.88
CA SER C 541 19.54 -62.94 19.76
C SER C 541 18.72 -62.41 18.61
N GLY C 542 18.83 -62.99 17.43
CA GLY C 542 18.03 -62.51 16.36
C GLY C 542 16.55 -62.47 16.74
N ILE C 543 15.96 -63.64 16.97
CA ILE C 543 14.53 -63.78 17.36
C ILE C 543 14.21 -62.97 18.59
N GLN C 544 15.19 -62.85 19.49
CA GLN C 544 14.96 -62.09 20.69
C GLN C 544 14.67 -60.64 20.35
N HIS C 545 15.57 -60.00 19.61
CA HIS C 545 15.37 -58.61 19.25
C HIS C 545 14.14 -58.40 18.40
N PHE C 546 13.88 -59.24 17.42
CA PHE C 546 12.65 -59.02 16.66
C PHE C 546 11.43 -59.11 17.57
N SER C 547 11.47 -60.02 18.53
CA SER C 547 10.34 -60.17 19.45
C SER C 547 10.25 -59.00 20.43
N ALA C 548 11.37 -58.35 20.71
CA ALA C 548 11.34 -57.22 21.61
C ALA C 548 10.79 -56.01 20.89
N MET C 549 11.31 -55.73 19.71
CA MET C 549 10.87 -54.54 18.99
C MET C 549 9.42 -54.59 18.57
N LEU C 550 8.78 -55.75 18.67
CA LEU C 550 7.37 -55.85 18.29
C LEU C 550 6.52 -56.41 19.44
N ARG C 551 7.06 -56.29 20.65
CA ARG C 551 6.41 -56.73 21.87
C ARG C 551 5.71 -58.06 21.71
N ASP C 552 6.33 -59.01 21.03
CA ASP C 552 5.70 -60.32 20.85
C ASP C 552 5.88 -61.18 22.09
N GLU C 553 4.76 -61.57 22.70
CA GLU C 553 4.86 -62.37 23.91
C GLU C 553 5.12 -63.84 23.59
N VAL C 554 4.33 -64.41 22.69
CA VAL C 554 4.52 -65.82 22.35
C VAL C 554 5.97 -66.11 21.93
N GLY C 555 6.44 -65.43 20.89
CA GLY C 555 7.79 -65.60 20.42
C GLY C 555 8.80 -65.18 21.48
N GLY C 556 8.53 -64.07 22.14
CA GLY C 556 9.45 -63.62 23.18
C GLY C 556 9.62 -64.68 24.23
N ARG C 557 8.51 -65.30 24.59
CA ARG C 557 8.50 -66.35 25.59
C ARG C 557 9.33 -67.56 25.11
N ALA C 558 9.22 -67.84 23.82
CA ALA C 558 9.93 -68.94 23.18
C ALA C 558 11.44 -68.75 23.29
N VAL C 559 11.89 -67.50 23.34
CA VAL C 559 13.32 -67.24 23.40
C VAL C 559 13.78 -66.77 24.79
N ASN C 560 13.02 -67.15 25.82
CA ASN C 560 13.32 -66.86 27.23
C ASN C 560 13.41 -65.40 27.55
N LEU C 561 12.60 -64.59 26.90
CA LEU C 561 12.57 -63.16 27.16
C LEU C 561 11.79 -62.88 28.48
N LEU C 562 10.73 -63.65 28.70
CA LEU C 562 9.90 -63.53 29.90
C LEU C 562 10.29 -64.57 30.96
N PRO C 563 10.15 -64.21 32.25
CA PRO C 563 10.48 -65.13 33.33
C PRO C 563 9.58 -66.36 33.35
N SER C 564 10.22 -67.51 33.42
CA SER C 564 9.61 -68.83 33.47
C SER C 564 10.41 -69.64 34.47
N GLU C 565 9.87 -70.76 34.95
CA GLU C 565 10.67 -71.54 35.90
C GLU C 565 11.58 -72.50 35.16
N THR C 566 11.15 -72.89 33.97
CA THR C 566 11.94 -73.79 33.14
C THR C 566 12.49 -73.04 31.91
N VAL C 567 13.64 -73.49 31.42
CA VAL C 567 14.26 -72.90 30.25
C VAL C 567 13.43 -73.24 29.02
N GLN C 568 13.10 -72.25 28.20
CA GLN C 568 12.32 -72.49 27.02
C GLN C 568 13.26 -72.84 25.89
N ASP C 569 12.92 -73.88 25.20
CA ASP C 569 13.72 -74.36 24.10
C ASP C 569 12.95 -74.20 22.81
N ILE C 570 13.18 -73.08 22.13
CA ILE C 570 12.46 -72.82 20.90
C ILE C 570 12.53 -74.00 19.92
N TYR C 571 13.65 -74.69 19.86
CA TYR C 571 13.73 -75.81 18.93
C TYR C 571 12.72 -76.88 19.31
N GLY C 572 12.61 -77.11 20.62
CA GLY C 572 11.69 -78.11 21.13
C GLY C 572 10.24 -77.69 20.98
N ILE C 573 9.94 -76.43 21.23
CA ILE C 573 8.56 -76.04 21.08
C ILE C 573 8.12 -76.16 19.62
N VAL C 574 9.02 -75.82 18.69
CA VAL C 574 8.64 -75.95 17.29
C VAL C 574 8.47 -77.43 16.96
N ALA C 575 9.34 -78.25 17.53
CA ALA C 575 9.26 -79.69 17.35
C ALA C 575 7.89 -80.19 17.81
N LYS C 576 7.43 -79.71 18.97
CA LYS C 576 6.12 -80.10 19.51
C LYS C 576 5.05 -79.81 18.51
N LYS C 577 4.98 -78.56 18.11
CA LYS C 577 4.00 -78.16 17.14
C LYS C 577 4.04 -79.07 15.92
N VAL C 578 5.24 -79.42 15.48
CA VAL C 578 5.38 -80.31 14.31
C VAL C 578 4.65 -81.64 14.53
N ASN C 579 4.93 -82.27 15.67
CA ASN C 579 4.32 -83.55 16.04
C ASN C 579 2.78 -83.44 16.08
N GLU C 580 2.28 -82.26 16.42
CA GLU C 580 0.86 -82.05 16.46
C GLU C 580 0.30 -82.24 15.06
N ILE C 581 0.99 -81.67 14.08
CA ILE C 581 0.56 -81.79 12.69
C ILE C 581 0.76 -83.22 12.19
N LEU C 582 1.86 -83.83 12.62
CA LEU C 582 2.17 -85.21 12.21
C LEU C 582 1.04 -86.13 12.56
N GLN C 583 0.59 -85.99 13.79
CA GLN C 583 -0.51 -86.79 14.32
C GLN C 583 -1.81 -86.45 13.60
N ALA C 584 -2.08 -85.15 13.45
CA ALA C 584 -3.29 -84.72 12.76
C ALA C 584 -3.36 -85.29 11.34
N ASP C 585 -2.19 -85.42 10.70
CA ASP C 585 -2.12 -85.94 9.34
C ASP C 585 -2.15 -87.45 9.31
N ALA C 586 -1.65 -88.09 10.37
CA ALA C 586 -1.69 -89.53 10.42
C ALA C 586 -3.14 -90.00 10.39
N ILE C 587 -4.00 -89.23 11.07
CA ILE C 587 -5.42 -89.55 11.14
C ILE C 587 -6.11 -89.18 9.86
N ASN C 588 -6.15 -87.88 9.58
CA ASN C 588 -6.75 -87.38 8.35
C ASN C 588 -5.66 -87.19 7.29
N GLY C 589 -5.67 -86.08 6.58
CA GLY C 589 -4.61 -85.92 5.60
C GLY C 589 -4.89 -86.66 4.31
N THR C 590 -4.21 -86.24 3.24
CA THR C 590 -4.40 -86.81 1.89
C THR C 590 -3.81 -88.19 1.72
N ASP C 591 -4.39 -88.91 0.77
CA ASP C 591 -3.93 -90.25 0.42
C ASP C 591 -2.92 -90.15 -0.71
N ASN C 592 -2.17 -91.22 -0.91
CA ASN C 592 -1.17 -91.27 -1.95
C ASN C 592 -1.79 -91.09 -3.34
N GLU C 593 -0.93 -90.78 -4.32
CA GLU C 593 -1.35 -90.51 -5.69
C GLU C 593 -0.20 -90.65 -6.65
N VAL C 594 -0.40 -91.31 -7.79
CA VAL C 594 0.67 -91.47 -8.79
C VAL C 594 0.51 -90.50 -9.96
N VAL C 595 1.29 -89.42 -9.93
CA VAL C 595 1.24 -88.44 -11.01
C VAL C 595 2.24 -88.84 -12.11
N THR C 596 2.02 -88.34 -13.32
CA THR C 596 2.92 -88.64 -14.42
C THR C 596 3.99 -87.57 -14.55
N VAL C 597 5.22 -87.99 -14.83
CA VAL C 597 6.32 -87.04 -14.97
C VAL C 597 7.16 -87.34 -16.21
N THR C 598 7.31 -86.35 -17.08
CA THR C 598 8.09 -86.49 -18.29
C THR C 598 9.37 -85.65 -18.21
N ASP C 599 10.52 -86.33 -18.22
CA ASP C 599 11.82 -85.65 -18.13
C ASP C 599 11.95 -84.55 -19.20
N GLU C 600 12.58 -83.44 -18.83
CA GLU C 600 12.78 -82.33 -19.75
C GLU C 600 13.83 -82.65 -20.81
N ASN C 601 14.90 -83.33 -20.37
CA ASN C 601 16.01 -83.68 -21.25
C ASN C 601 15.69 -84.88 -22.17
N THR C 602 15.24 -85.97 -21.57
CA THR C 602 14.93 -87.22 -22.27
C THR C 602 13.48 -87.33 -22.74
N GLY C 603 12.57 -86.60 -22.11
CA GLY C 603 11.18 -86.73 -22.50
C GLY C 603 10.66 -88.10 -22.10
N GLU C 604 11.42 -88.69 -21.17
CA GLU C 604 11.14 -90.01 -20.63
C GLU C 604 9.88 -89.98 -19.74
N ILE C 605 8.94 -90.88 -20.03
CA ILE C 605 7.70 -91.00 -19.26
C ILE C 605 7.98 -91.78 -17.98
N SER C 606 7.62 -91.19 -16.84
CA SER C 606 7.91 -91.83 -15.58
C SER C 606 6.75 -91.74 -14.59
N GLU C 607 6.64 -92.78 -13.77
CA GLU C 607 5.62 -92.89 -12.74
C GLU C 607 6.23 -92.55 -11.37
N LYS C 608 5.70 -91.53 -10.72
CA LYS C 608 6.17 -91.18 -9.39
C LYS C 608 4.98 -90.90 -8.50
N VAL C 609 4.94 -91.59 -7.36
CA VAL C 609 3.81 -91.43 -6.46
C VAL C 609 4.01 -90.31 -5.44
N LYS C 610 3.02 -89.44 -5.38
CA LYS C 610 3.00 -88.35 -4.45
C LYS C 610 2.48 -88.87 -3.17
N LEU C 611 3.38 -89.39 -2.37
CA LEU C 611 2.93 -89.82 -1.08
C LEU C 611 2.07 -88.69 -0.53
N GLY C 612 0.90 -89.03 -0.01
CA GLY C 612 0.05 -88.01 0.56
C GLY C 612 0.54 -87.66 1.96
N THR C 613 -0.10 -86.69 2.59
CA THR C 613 0.31 -86.29 3.94
C THR C 613 0.15 -87.46 4.90
N LYS C 614 -0.91 -88.24 4.72
CA LYS C 614 -1.15 -89.38 5.60
C LYS C 614 0.09 -90.28 5.65
N ALA C 615 0.59 -90.66 4.48
CA ALA C 615 1.74 -91.55 4.38
C ALA C 615 3.03 -90.88 4.90
N LEU C 616 3.23 -89.63 4.48
CA LEU C 616 4.41 -88.91 4.90
C LEU C 616 4.45 -88.78 6.41
N ALA C 617 3.32 -88.41 7.00
CA ALA C 617 3.25 -88.25 8.44
C ALA C 617 3.61 -89.56 9.10
N GLY C 618 3.09 -90.65 8.56
CA GLY C 618 3.39 -91.96 9.11
C GLY C 618 4.88 -92.23 9.17
N GLN C 619 5.61 -91.82 8.12
CA GLN C 619 7.06 -92.03 8.05
C GLN C 619 7.77 -91.24 9.16
N TRP C 620 7.45 -89.96 9.27
CA TRP C 620 8.09 -89.13 10.28
C TRP C 620 7.80 -89.64 11.68
N LEU C 621 6.54 -89.96 11.96
CA LEU C 621 6.23 -90.51 13.26
C LEU C 621 7.04 -91.80 13.42
N ALA C 622 7.07 -92.57 12.34
CA ALA C 622 7.83 -93.81 12.31
C ALA C 622 9.30 -93.54 12.66
N TYR C 623 9.83 -92.41 12.17
CA TYR C 623 11.22 -92.02 12.44
C TYR C 623 11.39 -91.44 13.83
N GLY C 624 10.47 -90.55 14.22
CA GLY C 624 10.56 -89.90 15.52
C GLY C 624 11.14 -88.51 15.40
N VAL C 625 10.28 -87.50 15.40
CA VAL C 625 10.66 -86.10 15.24
C VAL C 625 10.95 -85.39 16.57
N THR C 626 12.12 -84.75 16.69
CA THR C 626 12.47 -84.01 17.91
C THR C 626 13.19 -82.71 17.60
N ARG C 627 13.63 -81.99 18.64
CA ARG C 627 14.31 -80.70 18.46
C ARG C 627 15.49 -80.79 17.48
N SER C 628 16.12 -81.95 17.37
CA SER C 628 17.26 -82.11 16.46
C SER C 628 16.85 -81.92 15.00
N VAL C 629 15.62 -82.26 14.68
CA VAL C 629 15.12 -82.13 13.33
C VAL C 629 14.77 -80.68 12.99
N THR C 630 14.57 -79.84 13.99
CA THR C 630 14.18 -78.45 13.71
C THR C 630 15.24 -77.45 14.09
N LYS C 631 16.22 -77.85 14.87
CA LYS C 631 17.26 -76.94 15.30
C LYS C 631 17.76 -76.02 14.19
N ARG C 632 18.57 -76.54 13.28
CA ARG C 632 19.14 -75.71 12.21
C ARG C 632 18.14 -74.79 11.50
N SER C 633 17.00 -75.32 11.08
CA SER C 633 16.06 -74.49 10.38
C SER C 633 15.68 -73.26 11.18
N VAL C 634 15.38 -73.42 12.45
CA VAL C 634 14.99 -72.26 13.27
C VAL C 634 16.18 -71.36 13.54
N MET C 635 17.38 -71.90 13.67
CA MET C 635 18.48 -70.99 13.96
C MET C 635 19.02 -70.30 12.71
N THR C 636 18.53 -70.71 11.53
CA THR C 636 18.96 -70.02 10.33
C THR C 636 17.84 -69.15 9.81
N LEU C 637 16.74 -69.09 10.56
CA LEU C 637 15.56 -68.29 10.20
C LEU C 637 15.88 -66.80 10.12
N ALA C 638 16.71 -66.34 11.07
CA ALA C 638 17.13 -64.93 11.12
C ALA C 638 18.17 -64.63 10.02
N TYR C 639 18.51 -65.63 9.22
CA TYR C 639 19.46 -65.46 8.14
C TYR C 639 18.73 -65.42 6.82
N GLY C 640 17.39 -65.53 6.87
CA GLY C 640 16.62 -65.48 5.65
C GLY C 640 16.08 -66.82 5.16
N SER C 641 16.45 -67.91 5.81
CA SER C 641 15.94 -69.18 5.34
C SER C 641 14.47 -69.35 5.71
N LYS C 642 13.72 -69.97 4.79
CA LYS C 642 12.31 -70.24 4.99
C LYS C 642 11.96 -71.65 4.48
N GLU C 643 10.69 -71.89 4.19
CA GLU C 643 10.34 -73.26 3.80
C GLU C 643 11.34 -73.85 2.81
N PHE C 644 11.45 -73.27 1.62
CA PHE C 644 12.36 -73.78 0.61
C PHE C 644 13.74 -74.17 1.23
N GLY C 645 14.37 -73.23 1.91
CA GLY C 645 15.66 -73.49 2.51
C GLY C 645 15.68 -74.64 3.49
N PHE C 646 14.55 -74.90 4.13
CA PHE C 646 14.47 -75.98 5.10
C PHE C 646 14.52 -77.37 4.46
N ARG C 647 14.08 -77.50 3.21
CA ARG C 647 14.10 -78.80 2.56
C ARG C 647 15.51 -79.39 2.57
N GLN C 648 16.47 -78.61 2.09
CA GLN C 648 17.85 -79.06 2.03
C GLN C 648 18.35 -79.44 3.40
N GLN C 649 18.09 -78.58 4.37
CA GLN C 649 18.54 -78.80 5.74
C GLN C 649 18.03 -80.12 6.26
N VAL C 650 16.71 -80.29 6.20
CA VAL C 650 16.13 -81.52 6.68
C VAL C 650 16.67 -82.76 5.90
N LEU C 651 16.65 -82.67 4.58
CA LEU C 651 17.08 -83.75 3.74
C LEU C 651 18.49 -84.20 4.08
N GLU C 652 19.40 -83.30 4.42
CA GLU C 652 20.75 -83.77 4.70
C GLU C 652 21.15 -83.65 6.17
N ASP C 653 20.27 -83.17 7.02
CA ASP C 653 20.65 -83.12 8.41
C ASP C 653 20.06 -84.31 9.17
N THR C 654 18.99 -84.90 8.66
CA THR C 654 18.44 -86.04 9.34
C THR C 654 18.01 -87.12 8.33
N ILE C 655 17.23 -86.78 7.31
CA ILE C 655 16.81 -87.81 6.37
C ILE C 655 18.02 -88.54 5.79
N GLN C 656 19.04 -87.79 5.38
CA GLN C 656 20.23 -88.39 4.79
C GLN C 656 20.95 -89.32 5.76
N PRO C 657 21.57 -88.76 6.81
CA PRO C 657 22.27 -89.62 7.76
C PRO C 657 21.44 -90.79 8.24
N ALA C 658 20.13 -90.58 8.38
CA ALA C 658 19.25 -91.66 8.82
C ALA C 658 19.48 -92.89 7.96
N ILE C 659 19.23 -92.71 6.67
CA ILE C 659 19.38 -93.75 5.66
C ILE C 659 20.77 -94.37 5.69
N ASP C 660 21.76 -93.49 5.59
CA ASP C 660 23.16 -93.91 5.57
C ASP C 660 23.58 -94.60 6.88
N SER C 661 22.83 -94.42 7.95
CA SER C 661 23.20 -95.05 9.21
C SER C 661 22.41 -96.33 9.44
N GLY C 662 21.61 -96.70 8.46
CA GLY C 662 20.81 -97.91 8.58
C GLY C 662 19.33 -97.58 8.63
N LYS C 663 18.97 -96.61 9.47
CA LYS C 663 17.57 -96.22 9.58
C LYS C 663 17.06 -95.58 8.27
N GLY C 664 16.14 -94.64 8.38
CA GLY C 664 15.62 -94.00 7.19
C GLY C 664 14.82 -94.92 6.30
N LEU C 665 14.69 -96.18 6.67
CA LEU C 665 13.93 -97.12 5.86
C LEU C 665 12.54 -96.59 5.57
N MET C 666 11.98 -95.84 6.51
CA MET C 666 10.64 -95.30 6.31
C MET C 666 10.62 -94.22 5.22
N PHE C 667 11.78 -93.61 4.99
CA PHE C 667 11.89 -92.55 4.00
C PHE C 667 12.07 -93.06 2.57
N THR C 668 10.98 -93.58 2.02
CA THR C 668 10.94 -94.11 0.67
C THR C 668 11.31 -93.02 -0.36
N GLN C 669 10.62 -91.88 -0.31
CA GLN C 669 10.89 -90.75 -1.19
C GLN C 669 11.50 -89.56 -0.42
N PRO C 670 12.80 -89.64 -0.07
CA PRO C 670 13.51 -88.59 0.68
C PRO C 670 13.09 -87.15 0.35
N ASN C 671 13.07 -86.78 -0.91
CA ASN C 671 12.69 -85.41 -1.26
C ASN C 671 11.27 -85.11 -0.86
N GLN C 672 10.37 -86.06 -1.08
CA GLN C 672 8.97 -85.85 -0.73
C GLN C 672 8.84 -85.65 0.79
N ALA C 673 9.62 -86.42 1.52
CA ALA C 673 9.63 -86.40 2.97
C ALA C 673 10.27 -85.12 3.50
N ALA C 674 11.32 -84.65 2.84
CA ALA C 674 11.97 -83.45 3.29
C ALA C 674 11.10 -82.22 2.97
N GLY C 675 10.48 -82.22 1.80
CA GLY C 675 9.63 -81.11 1.45
C GLY C 675 8.48 -80.98 2.41
N TYR C 676 7.94 -82.12 2.80
CA TYR C 676 6.83 -82.17 3.75
C TYR C 676 7.25 -81.55 5.08
N MET C 677 8.33 -82.06 5.65
CA MET C 677 8.83 -81.57 6.92
C MET C 677 9.11 -80.07 6.86
N ALA C 678 9.69 -79.62 5.76
CA ALA C 678 9.96 -78.20 5.60
C ALA C 678 8.66 -77.44 5.77
N LYS C 679 7.62 -77.95 5.11
CA LYS C 679 6.29 -77.38 5.15
C LYS C 679 5.82 -77.25 6.58
N LEU C 680 6.02 -78.32 7.35
CA LEU C 680 5.62 -78.33 8.75
C LEU C 680 6.50 -77.43 9.57
N ILE C 681 7.79 -77.45 9.35
CA ILE C 681 8.60 -76.60 10.17
C ILE C 681 8.29 -75.14 9.90
N TRP C 682 7.91 -74.83 8.66
CA TRP C 682 7.61 -73.44 8.34
C TRP C 682 6.34 -73.00 9.02
N GLU C 683 5.32 -73.83 8.91
CA GLU C 683 4.03 -73.55 9.52
C GLU C 683 4.15 -73.46 11.06
N SER C 684 5.05 -74.25 11.64
CA SER C 684 5.24 -74.26 13.08
C SER C 684 6.02 -73.05 13.61
N VAL C 685 6.99 -72.57 12.84
CA VAL C 685 7.77 -71.43 13.28
C VAL C 685 7.01 -70.13 13.07
N SER C 686 6.33 -70.02 11.95
CA SER C 686 5.60 -68.80 11.63
C SER C 686 4.48 -68.52 12.62
N VAL C 687 4.18 -69.48 13.51
CA VAL C 687 3.13 -69.26 14.50
C VAL C 687 3.70 -69.24 15.90
N THR C 688 5.00 -69.43 16.02
CA THR C 688 5.71 -69.43 17.30
C THR C 688 6.48 -68.13 17.47
N VAL C 689 7.01 -67.61 16.37
CA VAL C 689 7.73 -66.34 16.40
C VAL C 689 7.20 -65.43 15.30
N VAL C 690 5.91 -65.15 15.41
CA VAL C 690 5.17 -64.28 14.48
C VAL C 690 5.90 -62.97 14.24
N ALA C 691 6.36 -62.35 15.31
CA ALA C 691 7.04 -61.07 15.21
C ALA C 691 8.24 -61.15 14.26
N ALA C 692 9.12 -62.10 14.52
CA ALA C 692 10.31 -62.30 13.71
C ALA C 692 9.96 -62.48 12.22
N VAL C 693 8.90 -63.20 11.93
CA VAL C 693 8.51 -63.42 10.55
C VAL C 693 8.05 -62.12 9.90
N GLU C 694 7.24 -61.35 10.63
CA GLU C 694 6.68 -60.11 10.11
C GLU C 694 7.75 -59.04 9.91
N ALA C 695 8.55 -58.79 10.93
CA ALA C 695 9.58 -57.77 10.84
C ALA C 695 10.46 -58.02 9.64
N MET C 696 10.91 -59.26 9.48
CA MET C 696 11.77 -59.56 8.35
C MET C 696 11.07 -59.32 7.03
N ASN C 697 9.79 -59.68 6.97
CA ASN C 697 9.10 -59.48 5.71
C ASN C 697 8.97 -58.00 5.40
N TRP C 698 8.77 -57.18 6.43
CA TRP C 698 8.67 -55.74 6.23
C TRP C 698 10.00 -55.21 5.76
N LEU C 699 11.03 -55.43 6.55
CA LEU C 699 12.36 -54.97 6.20
C LEU C 699 12.74 -55.41 4.79
N LYS C 700 12.27 -56.58 4.38
CA LYS C 700 12.61 -57.05 3.05
C LYS C 700 11.86 -56.23 2.01
N SER C 701 10.62 -55.87 2.34
CA SER C 701 9.76 -55.10 1.45
C SER C 701 10.33 -53.71 1.22
N ALA C 702 10.87 -53.10 2.28
CA ALA C 702 11.43 -51.78 2.17
C ALA C 702 12.64 -51.79 1.29
N ALA C 703 13.58 -52.65 1.61
CA ALA C 703 14.79 -52.72 0.81
C ALA C 703 14.47 -52.98 -0.64
N LYS C 704 13.40 -53.72 -0.90
CA LYS C 704 13.02 -54.03 -2.27
C LYS C 704 12.69 -52.75 -3.03
N LEU C 705 11.74 -51.98 -2.50
CA LEU C 705 11.37 -50.71 -3.10
C LEU C 705 12.61 -49.86 -3.33
N LEU C 706 13.23 -49.47 -2.24
CA LEU C 706 14.43 -48.64 -2.28
C LEU C 706 15.48 -49.10 -3.29
N ALA C 707 15.54 -50.39 -3.56
CA ALA C 707 16.56 -50.92 -4.47
C ALA C 707 16.01 -51.04 -5.87
N ALA C 708 14.77 -50.66 -6.04
CA ALA C 708 14.16 -50.73 -7.34
C ALA C 708 14.60 -49.57 -8.24
N GLU C 709 14.45 -49.74 -9.55
CA GLU C 709 14.79 -48.72 -10.55
C GLU C 709 13.51 -48.27 -11.20
N VAL C 710 12.64 -47.61 -10.44
CA VAL C 710 11.34 -47.17 -10.93
C VAL C 710 11.46 -46.22 -12.10
N LYS C 711 10.77 -46.57 -13.19
CA LYS C 711 10.75 -45.75 -14.41
C LYS C 711 9.34 -45.67 -14.98
N ASP C 712 9.15 -44.79 -15.95
CA ASP C 712 7.87 -44.68 -16.63
C ASP C 712 7.98 -45.47 -17.94
N LYS C 713 7.28 -46.61 -18.00
CA LYS C 713 7.36 -47.44 -19.21
C LYS C 713 6.48 -46.87 -20.36
N LYS C 714 6.80 -45.61 -20.70
CA LYS C 714 6.19 -44.83 -21.77
C LYS C 714 7.24 -43.88 -22.28
N THR C 715 8.35 -43.88 -21.55
CA THR C 715 9.50 -43.07 -21.84
C THR C 715 10.78 -43.88 -21.54
N GLY C 716 10.61 -44.90 -20.69
CA GLY C 716 11.72 -45.73 -20.27
C GLY C 716 12.68 -44.88 -19.48
N GLU C 717 12.15 -43.76 -19.00
CA GLU C 717 12.93 -42.80 -18.24
C GLU C 717 12.96 -43.17 -16.75
N ILE C 718 14.15 -43.01 -16.16
CA ILE C 718 14.38 -43.31 -14.77
C ILE C 718 13.85 -42.20 -13.86
N LEU C 719 12.74 -42.43 -13.16
CA LEU C 719 12.24 -41.38 -12.27
C LEU C 719 12.98 -41.43 -10.93
N ARG C 720 13.41 -42.62 -10.48
CA ARG C 720 14.23 -42.76 -9.26
C ARG C 720 15.20 -43.91 -9.40
N LYS C 721 16.48 -43.60 -9.32
CA LYS C 721 17.51 -44.63 -9.44
C LYS C 721 17.53 -45.55 -8.22
N ARG C 722 18.19 -46.70 -8.34
CA ARG C 722 18.25 -47.66 -7.24
C ARG C 722 19.02 -47.08 -6.06
N CYS C 723 18.31 -46.93 -4.96
CA CYS C 723 18.91 -46.37 -3.77
C CYS C 723 19.37 -47.43 -2.74
N ALA C 724 20.42 -47.11 -1.99
CA ALA C 724 20.92 -48.01 -0.97
C ALA C 724 20.04 -47.89 0.27
N VAL C 725 20.27 -48.71 1.29
CA VAL C 725 19.45 -48.57 2.49
C VAL C 725 20.28 -48.14 3.68
N HIS C 726 19.84 -47.09 4.36
CA HIS C 726 20.58 -46.54 5.48
C HIS C 726 19.72 -46.45 6.73
N TRP C 727 20.36 -46.62 7.89
CA TRP C 727 19.66 -46.54 9.16
C TRP C 727 20.64 -46.24 10.26
N VAL C 728 20.17 -46.06 11.47
CA VAL C 728 21.08 -45.76 12.57
C VAL C 728 20.68 -46.51 13.82
N THR C 729 21.62 -47.27 14.38
CA THR C 729 21.31 -48.01 15.60
C THR C 729 21.05 -47.08 16.76
N PRO C 730 20.29 -47.56 17.76
CA PRO C 730 19.92 -46.86 18.98
C PRO C 730 21.08 -46.14 19.66
N ASP C 731 22.28 -46.68 19.57
CA ASP C 731 23.35 -46.00 20.25
C ASP C 731 24.14 -45.09 19.33
N GLY C 732 23.57 -44.72 18.19
CA GLY C 732 24.27 -43.77 17.32
C GLY C 732 25.06 -44.31 16.15
N PHE C 733 25.25 -45.62 16.04
CA PHE C 733 26.03 -46.15 14.91
C PHE C 733 25.22 -46.17 13.61
N PRO C 734 25.75 -45.51 12.57
CA PRO C 734 25.05 -45.47 11.29
C PRO C 734 25.53 -46.61 10.40
N VAL C 735 24.62 -47.20 9.63
CA VAL C 735 25.00 -48.26 8.72
C VAL C 735 24.41 -48.01 7.37
N TRP C 736 25.19 -48.34 6.34
CA TRP C 736 24.77 -48.19 4.94
C TRP C 736 24.86 -49.51 4.22
N GLN C 737 23.73 -50.10 3.86
CA GLN C 737 23.73 -51.34 3.11
C GLN C 737 23.75 -50.99 1.65
N GLU C 738 24.83 -51.29 0.98
CA GLU C 738 25.01 -50.92 -0.42
C GLU C 738 25.60 -52.06 -1.23
N TYR C 739 24.87 -53.14 -1.39
CA TYR C 739 25.42 -54.23 -2.16
C TYR C 739 25.47 -53.85 -3.62
N LYS C 740 26.67 -53.75 -4.18
CA LYS C 740 26.78 -53.38 -5.58
C LYS C 740 27.08 -54.58 -6.47
N LYS C 741 26.52 -54.54 -7.67
CA LYS C 741 26.66 -55.60 -8.68
C LYS C 741 27.48 -55.09 -9.87
N PRO C 742 28.48 -55.86 -10.33
CA PRO C 742 29.28 -55.39 -11.47
C PRO C 742 28.49 -55.55 -12.76
N ILE C 743 28.81 -54.70 -13.76
CA ILE C 743 28.13 -54.78 -15.06
C ILE C 743 28.97 -55.61 -16.06
N GLN C 744 30.03 -56.21 -15.52
CA GLN C 744 30.98 -57.03 -16.26
C GLN C 744 30.45 -58.44 -16.47
N THR C 745 31.25 -59.29 -17.12
CA THR C 745 30.91 -60.71 -17.37
C THR C 745 31.99 -61.41 -18.21
N ARG C 746 32.58 -62.47 -17.67
CA ARG C 746 33.62 -63.24 -18.36
C ARG C 746 33.82 -64.59 -17.70
N LEU C 747 32.90 -65.52 -17.95
CA LEU C 747 32.98 -66.86 -17.33
C LEU C 747 33.76 -67.87 -18.17
N ASN C 748 34.88 -68.32 -17.63
CA ASN C 748 35.71 -69.31 -18.34
C ASN C 748 35.34 -70.70 -17.91
N LEU C 749 35.67 -71.71 -18.71
CA LEU C 749 35.27 -73.07 -18.34
C LEU C 749 36.28 -73.77 -17.44
N MET C 750 37.39 -74.27 -17.98
CA MET C 750 38.29 -75.02 -17.10
C MET C 750 39.59 -74.32 -16.76
N PHE C 751 39.75 -73.07 -17.18
CA PHE C 751 40.98 -72.38 -16.85
C PHE C 751 40.80 -71.39 -15.74
N LEU C 752 40.11 -70.31 -16.00
CA LEU C 752 39.86 -69.34 -14.95
C LEU C 752 38.49 -68.73 -15.10
N GLY C 753 38.45 -67.47 -15.50
CA GLY C 753 37.18 -66.79 -15.68
C GLY C 753 37.01 -65.70 -14.66
N GLN C 754 37.47 -64.49 -15.01
CA GLN C 754 37.37 -63.37 -14.09
C GLN C 754 37.14 -62.02 -14.78
N PHE C 755 37.66 -60.98 -14.11
CA PHE C 755 37.60 -59.56 -14.49
C PHE C 755 37.41 -59.29 -15.99
N ARG C 756 36.88 -58.09 -16.27
CA ARG C 756 36.60 -57.62 -17.61
C ARG C 756 37.33 -56.31 -17.91
N ASP C 766 32.17 -49.65 -13.87
CA ASP C 766 30.92 -49.18 -13.28
C ASP C 766 30.13 -50.35 -12.63
N SER C 767 29.40 -50.03 -11.56
CA SER C 767 28.61 -51.01 -10.81
C SER C 767 27.31 -50.39 -10.30
N GLU C 768 26.29 -51.20 -10.10
CA GLU C 768 25.01 -50.73 -9.60
C GLU C 768 24.49 -51.54 -8.40
N ILE C 769 23.68 -50.92 -7.57
CA ILE C 769 23.14 -51.62 -6.42
C ILE C 769 22.57 -52.97 -6.86
N ASP C 770 22.88 -54.03 -6.11
CA ASP C 770 22.36 -55.35 -6.41
C ASP C 770 21.06 -55.58 -5.67
N ALA C 771 19.95 -55.37 -6.36
CA ALA C 771 18.63 -55.48 -5.76
C ALA C 771 18.40 -56.75 -4.97
N HIS C 772 18.79 -57.90 -5.51
CA HIS C 772 18.55 -59.15 -4.78
C HIS C 772 19.36 -59.21 -3.48
N LYS C 773 20.66 -58.95 -3.56
CA LYS C 773 21.43 -58.98 -2.35
C LYS C 773 20.91 -57.92 -1.38
N GLN C 774 20.47 -56.80 -1.93
CA GLN C 774 20.00 -55.74 -1.08
C GLN C 774 18.77 -56.20 -0.31
N GLU C 775 17.96 -57.00 -0.99
CA GLU C 775 16.73 -57.51 -0.44
C GLU C 775 16.95 -58.72 0.44
N SER C 776 18.02 -59.45 0.18
CA SER C 776 18.28 -60.66 0.93
C SER C 776 19.07 -60.42 2.20
N GLY C 777 19.81 -59.32 2.25
CA GLY C 777 20.61 -59.08 3.44
C GLY C 777 20.06 -58.03 4.38
N ILE C 778 18.95 -57.42 4.02
CA ILE C 778 18.41 -56.36 4.84
C ILE C 778 18.05 -56.85 6.26
N ALA C 779 17.25 -57.91 6.36
CA ALA C 779 16.81 -58.39 7.65
C ALA C 779 17.96 -58.88 8.52
N PRO C 780 18.73 -59.85 8.02
CA PRO C 780 19.81 -60.27 8.91
C PRO C 780 20.70 -59.12 9.29
N ASN C 781 21.01 -58.27 8.33
CA ASN C 781 21.88 -57.16 8.63
C ASN C 781 21.28 -56.19 9.66
N PHE C 782 19.97 -55.97 9.59
CA PHE C 782 19.32 -55.07 10.52
C PHE C 782 19.45 -55.58 11.94
N VAL C 783 18.99 -56.81 12.19
CA VAL C 783 19.09 -57.38 13.52
C VAL C 783 20.52 -57.39 14.01
N HIS C 784 21.47 -57.80 13.19
CA HIS C 784 22.84 -57.78 13.67
C HIS C 784 23.24 -56.39 14.06
N SER C 785 22.82 -55.38 13.31
CA SER C 785 23.16 -54.01 13.67
C SER C 785 22.49 -53.70 15.00
N GLN C 786 21.30 -54.26 15.18
CA GLN C 786 20.59 -54.05 16.42
C GLN C 786 21.32 -54.71 17.58
N ASP C 787 21.65 -55.99 17.45
CA ASP C 787 22.34 -56.68 18.53
C ASP C 787 23.68 -56.05 18.79
N GLY C 788 24.25 -55.45 17.77
CA GLY C 788 25.54 -54.82 17.95
C GLY C 788 25.42 -53.60 18.82
N SER C 789 24.33 -52.87 18.61
CA SER C 789 24.05 -51.69 19.43
C SER C 789 23.88 -52.11 20.91
N HIS C 790 23.09 -53.15 21.12
CA HIS C 790 22.84 -53.64 22.44
C HIS C 790 24.15 -54.00 23.15
N LEU C 791 25.04 -54.68 22.44
CA LEU C 791 26.31 -55.07 23.04
C LEU C 791 27.09 -53.85 23.48
N ARG C 792 27.19 -52.88 22.59
CA ARG C 792 27.91 -51.65 22.91
C ARG C 792 27.28 -50.95 24.14
N LYS C 793 25.97 -50.73 24.08
CA LYS C 793 25.31 -50.10 25.21
C LYS C 793 25.58 -50.84 26.53
N THR C 794 25.54 -52.17 26.49
CA THR C 794 25.81 -52.94 27.69
C THR C 794 27.21 -52.71 28.17
N VAL C 795 28.19 -52.75 27.26
CA VAL C 795 29.54 -52.54 27.71
C VAL C 795 29.67 -51.21 28.41
N VAL C 796 29.07 -50.16 27.82
CA VAL C 796 29.15 -48.83 28.42
C VAL C 796 28.43 -48.78 29.75
N TRP C 797 27.18 -49.23 29.77
CA TRP C 797 26.38 -49.21 30.98
C TRP C 797 27.02 -50.00 32.10
N ALA C 798 27.55 -51.17 31.77
CA ALA C 798 28.14 -51.99 32.81
C ALA C 798 29.45 -51.41 33.28
N HIS C 799 30.08 -50.55 32.51
CA HIS C 799 31.35 -50.01 32.97
C HIS C 799 31.17 -48.73 33.75
N GLU C 800 30.11 -48.00 33.45
CA GLU C 800 29.87 -46.75 34.12
C GLU C 800 28.98 -46.94 35.33
N LYS C 801 27.88 -47.64 35.15
CA LYS C 801 26.97 -47.86 36.27
C LYS C 801 27.64 -48.75 37.33
N TYR C 802 28.07 -49.94 36.93
CA TYR C 802 28.74 -50.86 37.82
C TYR C 802 30.24 -50.72 37.58
N GLY C 803 31.08 -51.21 38.47
CA GLY C 803 32.50 -50.95 38.24
C GLY C 803 33.17 -51.83 37.21
N ILE C 804 32.40 -52.71 36.57
CA ILE C 804 32.94 -53.66 35.61
C ILE C 804 33.90 -53.03 34.63
N GLU C 805 35.04 -53.68 34.40
CA GLU C 805 36.05 -53.12 33.50
C GLU C 805 36.81 -54.17 32.67
N SER C 806 36.38 -55.43 32.75
CA SER C 806 36.98 -56.50 31.94
C SER C 806 35.87 -57.23 31.20
N PHE C 807 35.88 -57.24 29.86
CA PHE C 807 34.77 -57.88 29.17
C PHE C 807 35.22 -58.89 28.14
N ALA C 808 34.39 -59.91 28.03
CA ALA C 808 34.53 -61.00 27.09
C ALA C 808 33.31 -60.90 26.20
N LEU C 809 33.55 -60.43 24.99
CA LEU C 809 32.44 -60.22 24.10
C LEU C 809 32.50 -61.04 22.82
N ILE C 810 31.35 -61.61 22.50
CA ILE C 810 31.18 -62.40 21.30
C ILE C 810 29.80 -62.18 20.66
N HIS C 811 29.55 -60.94 20.24
CA HIS C 811 28.33 -60.56 19.55
C HIS C 811 27.08 -60.67 20.40
N ASP C 812 26.73 -61.87 20.84
CA ASP C 812 25.54 -62.01 21.67
C ASP C 812 25.92 -62.75 22.93
N SER C 813 27.19 -62.65 23.31
CA SER C 813 27.68 -63.31 24.48
C SER C 813 28.52 -62.32 25.29
N PHE C 814 28.17 -62.14 26.56
CA PHE C 814 28.91 -61.18 27.40
C PHE C 814 29.47 -61.86 28.61
N GLY C 815 30.70 -61.53 28.97
CA GLY C 815 31.30 -62.15 30.13
C GLY C 815 32.23 -61.23 30.89
N THR C 816 32.53 -61.58 32.14
CA THR C 816 33.42 -60.83 33.04
C THR C 816 33.90 -61.74 34.14
N ILE C 817 34.70 -61.21 35.06
CA ILE C 817 35.15 -62.02 36.18
C ILE C 817 33.97 -62.35 37.07
N PRO C 818 34.04 -63.48 37.80
CA PRO C 818 32.99 -63.96 38.70
C PRO C 818 32.41 -62.85 39.61
N ALA C 819 33.28 -62.16 40.33
CA ALA C 819 32.87 -61.08 41.22
C ALA C 819 31.98 -60.03 40.53
N ASP C 820 32.07 -59.86 39.20
CA ASP C 820 31.25 -58.85 38.53
C ASP C 820 30.15 -59.46 37.69
N ALA C 821 30.08 -60.80 37.66
CA ALA C 821 29.09 -61.52 36.89
C ALA C 821 27.66 -61.12 37.22
N ALA C 822 27.34 -61.10 38.51
CA ALA C 822 26.00 -60.76 38.96
C ALA C 822 25.53 -59.43 38.38
N ASN C 823 26.44 -58.46 38.32
CA ASN C 823 26.13 -57.12 37.80
C ASN C 823 25.94 -57.10 36.28
N LEU C 824 26.76 -57.89 35.58
CA LEU C 824 26.66 -57.93 34.14
C LEU C 824 25.36 -58.55 33.74
N PHE C 825 24.97 -59.55 34.52
CA PHE C 825 23.73 -60.27 34.32
C PHE C 825 22.56 -59.29 34.34
N LYS C 826 22.65 -58.32 35.25
CA LYS C 826 21.63 -57.28 35.38
C LYS C 826 21.80 -56.23 34.27
N ALA C 827 23.04 -55.81 34.08
CA ALA C 827 23.38 -54.83 33.05
C ALA C 827 22.79 -55.18 31.66
N VAL C 828 23.02 -56.39 31.17
CA VAL C 828 22.52 -56.76 29.85
C VAL C 828 21.02 -56.65 29.74
N ARG C 829 20.28 -56.97 30.81
CA ARG C 829 18.83 -56.90 30.72
C ARG C 829 18.35 -55.46 30.73
N GLU C 830 18.96 -54.67 31.59
CA GLU C 830 18.61 -53.27 31.73
C GLU C 830 18.83 -52.57 30.40
N THR C 831 20.00 -52.82 29.81
CA THR C 831 20.38 -52.21 28.55
C THR C 831 19.44 -52.64 27.41
N MET C 832 18.93 -53.86 27.51
CA MET C 832 17.99 -54.37 26.53
C MET C 832 16.61 -53.75 26.72
N VAL C 833 16.15 -53.69 27.97
CA VAL C 833 14.83 -53.12 28.24
C VAL C 833 14.80 -51.63 27.92
N ASP C 834 15.84 -50.91 28.32
CA ASP C 834 15.91 -49.48 28.04
C ASP C 834 15.77 -49.19 26.55
N THR C 835 16.67 -49.76 25.74
CA THR C 835 16.67 -49.49 24.29
C THR C 835 15.31 -49.72 23.62
N TYR C 836 14.58 -50.74 24.00
CA TYR C 836 13.31 -50.97 23.33
C TYR C 836 12.16 -50.19 23.93
N GLU C 837 12.35 -49.61 25.12
CA GLU C 837 11.33 -48.76 25.74
C GLU C 837 11.46 -47.35 25.17
N SER C 838 12.69 -47.01 24.75
CA SER C 838 12.98 -45.69 24.23
C SER C 838 12.96 -45.58 22.70
N CYS C 839 13.07 -46.69 21.98
CA CYS C 839 13.14 -46.59 20.54
C CYS C 839 12.26 -47.58 19.82
N ASP C 840 11.69 -47.11 18.72
CA ASP C 840 10.89 -47.93 17.85
C ASP C 840 11.70 -48.14 16.59
N VAL C 841 12.88 -48.74 16.75
CA VAL C 841 13.83 -48.96 15.66
C VAL C 841 13.17 -49.18 14.31
N LEU C 842 12.05 -49.87 14.26
CA LEU C 842 11.39 -50.12 12.98
C LEU C 842 10.83 -48.82 12.42
N ALA C 843 10.09 -48.09 13.24
CA ALA C 843 9.52 -46.83 12.81
C ALA C 843 10.64 -45.85 12.47
N ASP C 844 11.64 -45.74 13.34
CA ASP C 844 12.73 -44.84 13.07
C ASP C 844 13.37 -45.17 11.75
N PHE C 845 13.36 -46.45 11.40
CA PHE C 845 13.92 -46.88 10.13
C PHE C 845 13.05 -46.36 9.00
N TYR C 846 11.74 -46.35 9.21
CA TYR C 846 10.83 -45.90 8.20
C TYR C 846 11.07 -44.46 7.88
N ASP C 847 11.15 -43.61 8.90
CA ASP C 847 11.41 -42.20 8.65
C ASP C 847 12.62 -42.04 7.74
N GLN C 848 13.64 -42.82 8.02
CA GLN C 848 14.86 -42.77 7.26
C GLN C 848 14.64 -42.93 5.76
N PHE C 849 13.89 -43.93 5.33
CA PHE C 849 13.75 -44.11 3.89
C PHE C 849 12.47 -43.55 3.32
N ALA C 850 11.45 -43.43 4.17
CA ALA C 850 10.14 -42.92 3.76
C ALA C 850 10.22 -41.89 2.61
N ASP C 851 10.87 -40.76 2.89
CA ASP C 851 11.02 -39.68 1.92
C ASP C 851 12.02 -40.03 0.82
N GLN C 852 12.06 -41.28 0.40
CA GLN C 852 12.98 -41.69 -0.66
C GLN C 852 12.26 -42.66 -1.58
N LEU C 853 11.01 -42.92 -1.24
CA LEU C 853 10.17 -43.80 -2.01
C LEU C 853 9.49 -43.00 -3.11
N HIS C 854 9.83 -43.27 -4.36
CA HIS C 854 9.21 -42.53 -5.43
C HIS C 854 7.69 -42.49 -5.28
N GLU C 855 7.09 -41.48 -5.89
CA GLU C 855 5.65 -41.25 -5.86
C GLU C 855 4.81 -42.53 -6.11
N SER C 856 5.20 -43.35 -7.08
CA SER C 856 4.42 -44.53 -7.45
C SER C 856 4.50 -45.71 -6.49
N GLN C 857 5.50 -45.77 -5.62
CA GLN C 857 5.63 -46.92 -4.73
C GLN C 857 5.17 -46.63 -3.30
N LEU C 858 4.36 -45.60 -3.11
CA LEU C 858 3.90 -45.24 -1.76
C LEU C 858 2.74 -46.11 -1.31
N ASP C 859 2.54 -47.25 -1.95
CA ASP C 859 1.42 -48.14 -1.60
C ASP C 859 1.85 -49.60 -1.38
N LYS C 860 2.81 -50.09 -2.15
CA LYS C 860 3.23 -51.48 -1.97
C LYS C 860 4.05 -51.60 -0.67
N MET C 861 4.14 -50.50 0.07
CA MET C 861 4.88 -50.45 1.32
C MET C 861 3.97 -50.85 2.49
N PRO C 862 3.97 -52.14 2.86
CA PRO C 862 3.14 -52.63 3.97
C PRO C 862 3.28 -51.76 5.22
N ALA C 863 2.22 -51.71 6.01
CA ALA C 863 2.27 -50.92 7.23
C ALA C 863 3.16 -51.58 8.25
N LEU C 864 3.63 -50.83 9.24
CA LEU C 864 4.47 -51.41 10.28
C LEU C 864 3.66 -52.44 11.06
N PRO C 865 4.17 -53.67 11.15
CA PRO C 865 3.45 -54.72 11.89
C PRO C 865 3.02 -54.25 13.26
N ALA C 866 1.89 -54.73 13.72
CA ALA C 866 1.37 -54.34 15.02
C ALA C 866 2.23 -54.86 16.15
N LYS C 867 2.19 -54.17 17.29
CA LYS C 867 2.94 -54.63 18.43
C LYS C 867 2.20 -55.75 19.14
N GLY C 868 2.80 -56.30 20.20
CA GLY C 868 2.18 -57.38 20.94
C GLY C 868 1.93 -56.98 22.38
N ASN C 869 1.72 -57.97 23.23
CA ASN C 869 1.43 -57.71 24.65
C ASN C 869 2.64 -57.91 25.56
N LEU C 870 3.82 -58.09 25.00
CA LEU C 870 4.98 -58.30 25.85
C LEU C 870 5.30 -57.05 26.65
N ASN C 871 5.72 -57.22 27.91
CA ASN C 871 6.12 -56.08 28.73
C ASN C 871 7.63 -56.16 28.99
N LEU C 872 8.39 -55.48 28.14
CA LEU C 872 9.84 -55.48 28.21
C LEU C 872 10.36 -55.51 29.65
N ARG C 873 9.60 -54.91 30.56
CA ARG C 873 10.01 -54.88 31.95
C ARG C 873 10.24 -56.30 32.50
N ASP C 874 9.50 -57.27 31.96
CA ASP C 874 9.62 -58.67 32.41
C ASP C 874 11.04 -59.21 32.23
N ILE C 875 11.71 -58.74 31.19
CA ILE C 875 13.06 -59.16 30.87
C ILE C 875 13.99 -59.03 32.07
N LEU C 876 13.81 -57.97 32.84
CA LEU C 876 14.64 -57.73 34.01
C LEU C 876 14.54 -58.85 35.02
N GLU C 877 13.56 -59.72 34.85
CA GLU C 877 13.39 -60.84 35.75
C GLU C 877 13.39 -62.16 35.03
N SER C 878 13.86 -62.19 33.79
CA SER C 878 13.92 -63.46 33.09
C SER C 878 15.32 -64.04 33.31
N ASP C 879 15.36 -65.24 33.88
CA ASP C 879 16.63 -65.87 34.21
C ASP C 879 17.38 -66.33 33.00
N PHE C 880 16.70 -67.08 32.18
CA PHE C 880 17.31 -67.72 31.02
C PHE C 880 17.46 -66.86 29.76
N ALA C 881 17.53 -65.56 29.91
CA ALA C 881 17.73 -64.73 28.75
C ALA C 881 19.04 -64.00 28.91
N PHE C 882 20.09 -64.67 29.39
CA PHE C 882 21.35 -63.94 29.59
C PHE C 882 21.50 -62.98 28.43
N ALA C 883 21.16 -61.71 28.67
CA ALA C 883 21.18 -60.66 27.65
C ALA C 883 19.79 -60.51 27.05
N ASN D 2 -61.59 63.47 7.77
CA ASN D 2 -61.51 62.77 9.09
C ASN D 2 -60.49 61.62 9.04
N THR D 3 -59.21 61.98 9.02
CA THR D 3 -58.14 60.98 8.98
C THR D 3 -57.57 60.69 10.37
N ILE D 4 -57.26 59.42 10.61
CA ILE D 4 -56.71 58.99 11.90
C ILE D 4 -55.40 59.71 12.22
N ASN D 5 -55.50 60.78 13.02
CA ASN D 5 -54.34 61.56 13.42
C ASN D 5 -53.21 60.68 13.98
N ILE D 6 -52.03 60.78 13.38
CA ILE D 6 -50.84 60.01 13.79
C ILE D 6 -50.23 60.63 15.04
N ALA D 7 -50.44 61.94 15.16
CA ALA D 7 -49.91 62.77 16.24
C ALA D 7 -50.43 62.33 17.64
N LYS D 8 -50.42 61.01 17.88
CA LYS D 8 -50.83 60.42 19.16
C LYS D 8 -49.69 59.60 19.75
N ASN D 9 -50.02 58.38 20.16
CA ASN D 9 -49.02 57.49 20.71
C ASN D 9 -48.15 56.96 19.57
N ASP D 10 -48.51 57.33 18.33
CA ASP D 10 -47.71 56.90 17.18
C ASP D 10 -46.37 57.60 17.19
N PHE D 11 -46.36 58.89 16.89
CA PHE D 11 -45.08 59.58 16.89
C PHE D 11 -44.53 59.63 18.29
N SER D 12 -45.44 59.50 19.24
CA SER D 12 -45.06 59.47 20.65
C SER D 12 -43.90 58.50 20.83
N ASP D 13 -43.90 57.46 20.01
CA ASP D 13 -42.87 56.43 20.05
C ASP D 13 -41.48 57.03 20.26
N ILE D 14 -41.17 58.06 19.47
CA ILE D 14 -39.87 58.74 19.54
C ILE D 14 -39.77 59.55 20.84
N GLU D 15 -40.08 58.90 21.96
CA GLU D 15 -40.05 59.55 23.27
C GLU D 15 -38.72 60.23 23.51
N LEU D 16 -38.69 61.54 23.26
CA LEU D 16 -37.50 62.36 23.46
C LEU D 16 -37.15 62.50 24.97
N ALA D 17 -37.92 61.83 25.84
CA ALA D 17 -37.71 61.90 27.29
C ALA D 17 -37.31 60.54 27.89
N ALA D 18 -38.02 59.49 27.49
CA ALA D 18 -37.76 58.13 27.97
C ALA D 18 -37.68 57.15 26.77
N ILE D 19 -36.49 56.58 26.59
CA ILE D 19 -36.18 55.65 25.49
C ILE D 19 -34.71 55.19 25.65
N PRO D 20 -34.32 54.05 25.05
CA PRO D 20 -32.91 53.66 25.22
C PRO D 20 -31.97 54.63 24.49
N PHE D 21 -32.04 55.91 24.87
CA PHE D 21 -31.23 56.99 24.28
C PHE D 21 -30.13 57.43 25.23
N ASN D 22 -30.00 56.69 26.32
CA ASN D 22 -28.98 56.98 27.32
C ASN D 22 -27.62 56.93 26.62
N THR D 23 -27.68 56.48 25.37
CA THR D 23 -26.52 56.40 24.50
C THR D 23 -26.12 57.84 24.12
N LEU D 24 -27.05 58.53 23.46
CA LEU D 24 -26.83 59.91 23.06
C LEU D 24 -26.51 60.75 24.27
N ALA D 25 -27.43 60.73 25.23
CA ALA D 25 -27.30 61.47 26.47
C ALA D 25 -25.85 61.40 26.99
N ASP D 26 -25.36 60.19 27.21
CA ASP D 26 -24.01 60.02 27.70
C ASP D 26 -22.97 60.49 26.69
N HIS D 27 -23.26 60.28 25.41
CA HIS D 27 -22.32 60.65 24.38
C HIS D 27 -22.20 62.17 24.14
N TYR D 28 -23.30 62.91 24.17
CA TYR D 28 -23.20 64.36 23.93
C TYR D 28 -24.03 65.19 24.92
N GLY D 29 -24.35 64.60 26.06
CA GLY D 29 -25.14 65.32 27.05
C GLY D 29 -26.61 65.03 26.93
N GLU D 30 -27.39 65.46 27.91
CA GLU D 30 -28.83 65.22 27.89
C GLU D 30 -29.56 66.24 27.03
N ARG D 31 -29.22 67.52 27.18
CA ARG D 31 -29.89 68.57 26.40
C ARG D 31 -29.85 68.24 24.90
N LEU D 32 -28.65 68.15 24.31
CA LEU D 32 -28.55 67.82 22.91
C LEU D 32 -29.33 66.54 22.62
N ALA D 33 -29.11 65.53 23.44
CA ALA D 33 -29.81 64.26 23.24
C ALA D 33 -31.32 64.47 23.17
N ARG D 34 -31.90 65.25 24.08
CA ARG D 34 -33.34 65.50 24.06
C ARG D 34 -33.74 66.37 22.87
N GLU D 35 -32.80 67.21 22.42
CA GLU D 35 -33.09 68.08 21.28
C GLU D 35 -33.15 67.26 20.00
N GLN D 36 -32.11 66.47 19.77
CA GLN D 36 -32.04 65.59 18.61
C GLN D 36 -33.33 64.79 18.43
N LEU D 37 -33.74 64.09 19.50
CA LEU D 37 -34.95 63.29 19.45
C LEU D 37 -36.16 64.15 19.22
N ALA D 38 -36.14 65.39 19.71
CA ALA D 38 -37.29 66.27 19.52
C ALA D 38 -37.34 66.69 18.06
N LEU D 39 -36.18 67.10 17.57
CA LEU D 39 -35.96 67.53 16.20
C LEU D 39 -36.42 66.43 15.23
N GLU D 40 -35.98 65.20 15.50
CA GLU D 40 -36.36 64.07 14.67
C GLU D 40 -37.86 63.81 14.81
N HIS D 41 -38.38 64.02 16.01
CA HIS D 41 -39.78 63.84 16.25
C HIS D 41 -40.58 64.85 15.41
N GLU D 42 -40.12 66.09 15.46
CA GLU D 42 -40.75 67.18 14.74
C GLU D 42 -40.83 66.89 13.25
N SER D 43 -39.73 66.39 12.70
CA SER D 43 -39.69 66.07 11.30
C SER D 43 -40.87 65.23 10.88
N TYR D 44 -41.34 64.33 11.73
CA TYR D 44 -42.48 63.54 11.34
C TYR D 44 -43.77 64.31 11.47
N GLU D 45 -43.80 65.26 12.38
CA GLU D 45 -45.00 66.08 12.52
C GLU D 45 -45.19 66.92 11.27
N MET D 46 -44.07 67.48 10.80
CA MET D 46 -44.07 68.30 9.60
C MET D 46 -44.41 67.48 8.39
N GLY D 47 -43.94 66.25 8.36
CA GLY D 47 -44.26 65.39 7.24
C GLY D 47 -45.74 65.06 7.22
N GLU D 48 -46.30 64.95 8.43
CA GLU D 48 -47.70 64.63 8.63
C GLU D 48 -48.56 65.80 8.14
N ALA D 49 -48.24 67.01 8.57
CA ALA D 49 -49.01 68.18 8.12
C ALA D 49 -48.87 68.33 6.61
N ARG D 50 -47.69 67.96 6.11
CA ARG D 50 -47.41 68.01 4.69
C ARG D 50 -48.45 67.14 3.97
N PHE D 51 -48.56 65.89 4.38
CA PHE D 51 -49.50 64.96 3.78
C PHE D 51 -50.94 65.46 3.95
N ARG D 52 -51.18 66.14 5.05
CA ARG D 52 -52.51 66.65 5.33
C ARG D 52 -52.88 67.75 4.33
N LYS D 53 -52.13 68.85 4.30
CA LYS D 53 -52.42 69.92 3.36
C LYS D 53 -52.61 69.35 1.95
N MET D 54 -51.78 68.39 1.60
CA MET D 54 -51.84 67.75 0.30
C MET D 54 -53.15 66.99 0.14
N PHE D 55 -53.47 66.13 1.11
CA PHE D 55 -54.69 65.34 1.05
C PHE D 55 -55.90 66.26 1.03
N GLU D 56 -55.74 67.45 1.59
CA GLU D 56 -56.81 68.41 1.60
C GLU D 56 -57.19 68.74 0.17
N ARG D 57 -56.27 69.39 -0.54
CA ARG D 57 -56.51 69.77 -1.94
C ARG D 57 -57.09 68.59 -2.71
N GLN D 58 -56.51 67.42 -2.48
CA GLN D 58 -56.93 66.22 -3.17
C GLN D 58 -58.46 66.04 -3.12
N LEU D 59 -59.04 66.13 -1.92
CA LEU D 59 -60.48 65.98 -1.76
C LEU D 59 -61.19 67.19 -2.36
N LYS D 60 -60.64 68.36 -2.04
CA LYS D 60 -61.18 69.63 -2.51
C LYS D 60 -61.46 69.63 -4.01
N ALA D 61 -60.98 68.64 -4.74
CA ALA D 61 -61.19 68.60 -6.18
C ALA D 61 -61.58 67.20 -6.64
N GLY D 62 -62.11 66.40 -5.72
CA GLY D 62 -62.51 65.04 -6.06
C GLY D 62 -61.35 64.21 -6.59
N GLU D 63 -60.13 64.73 -6.43
CA GLU D 63 -58.96 64.01 -6.88
C GLU D 63 -58.56 62.97 -5.83
N VAL D 64 -59.53 62.66 -4.99
CA VAL D 64 -59.39 61.67 -3.93
C VAL D 64 -58.98 60.32 -4.50
N ALA D 65 -59.39 60.03 -5.74
CA ALA D 65 -59.06 58.75 -6.40
C ALA D 65 -57.62 58.79 -6.85
N ASP D 66 -57.19 60.01 -7.15
CA ASP D 66 -55.82 60.28 -7.57
C ASP D 66 -54.95 60.47 -6.31
N ASN D 67 -55.09 59.56 -5.36
CA ASN D 67 -54.31 59.61 -4.15
C ASN D 67 -54.03 58.21 -3.66
N ALA D 68 -52.88 58.03 -3.02
CA ALA D 68 -52.49 56.72 -2.54
C ALA D 68 -53.43 56.20 -1.46
N ALA D 69 -54.24 57.08 -0.90
CA ALA D 69 -55.15 56.67 0.15
C ALA D 69 -56.30 55.85 -0.38
N ALA D 70 -56.74 56.15 -1.61
CA ALA D 70 -57.89 55.47 -2.21
C ALA D 70 -57.52 54.39 -3.25
N LYS D 71 -56.27 54.31 -3.66
CA LYS D 71 -55.90 53.35 -4.69
C LYS D 71 -55.92 51.90 -4.21
N PRO D 72 -55.56 51.63 -2.94
CA PRO D 72 -55.60 50.22 -2.54
C PRO D 72 -56.99 49.60 -2.71
N LEU D 73 -58.02 50.30 -2.28
CA LEU D 73 -59.39 49.80 -2.38
C LEU D 73 -59.78 49.55 -3.83
N ILE D 74 -59.65 50.62 -4.63
CA ILE D 74 -60.01 50.54 -6.03
C ILE D 74 -59.35 49.36 -6.73
N THR D 75 -58.14 49.01 -6.32
CA THR D 75 -57.46 47.88 -6.94
C THR D 75 -58.21 46.57 -6.69
N THR D 76 -59.04 46.54 -5.64
CA THR D 76 -59.82 45.34 -5.29
C THR D 76 -61.30 45.54 -5.60
N LEU D 77 -61.71 46.79 -5.74
CA LEU D 77 -63.10 47.11 -6.03
C LEU D 77 -63.36 47.06 -7.54
N LEU D 78 -62.36 47.37 -8.33
CA LEU D 78 -62.51 47.39 -9.79
C LEU D 78 -62.83 46.01 -10.38
N PRO D 79 -62.14 44.96 -9.96
CA PRO D 79 -62.43 43.64 -10.51
C PRO D 79 -63.86 43.19 -10.24
N LYS D 80 -64.31 43.33 -8.99
CA LYS D 80 -65.68 42.97 -8.59
C LYS D 80 -66.69 43.61 -9.56
N MET D 81 -66.51 44.92 -9.77
CA MET D 81 -67.36 45.69 -10.65
C MET D 81 -67.28 45.20 -12.08
N ILE D 82 -66.06 45.10 -12.60
CA ILE D 82 -65.86 44.65 -13.97
C ILE D 82 -66.60 43.35 -14.25
N ALA D 83 -66.52 42.41 -13.30
CA ALA D 83 -67.21 41.13 -13.43
C ALA D 83 -68.71 41.33 -13.52
N ARG D 84 -69.26 42.09 -12.58
CA ARG D 84 -70.70 42.36 -12.53
C ARG D 84 -71.23 42.76 -13.92
N ILE D 85 -70.64 43.78 -14.51
CA ILE D 85 -71.04 44.24 -15.83
C ILE D 85 -70.94 43.12 -16.85
N ASN D 86 -69.82 42.40 -16.85
CA ASN D 86 -69.62 41.30 -17.81
C ASN D 86 -70.79 40.30 -17.75
N ASP D 87 -71.11 39.83 -16.55
CA ASP D 87 -72.24 38.91 -16.37
C ASP D 87 -73.54 39.57 -16.86
N TRP D 88 -73.77 40.80 -16.38
CA TRP D 88 -74.95 41.56 -16.74
C TRP D 88 -75.10 41.70 -18.25
N PHE D 89 -73.98 41.85 -18.95
CA PHE D 89 -74.03 41.97 -20.40
C PHE D 89 -74.55 40.68 -21.03
N GLU D 90 -74.12 39.54 -20.48
CA GLU D 90 -74.53 38.22 -20.99
C GLU D 90 -75.98 37.93 -20.61
N GLU D 91 -76.39 38.48 -19.47
CA GLU D 91 -77.75 38.31 -18.98
C GLU D 91 -78.74 38.91 -19.98
N VAL D 92 -78.37 40.06 -20.55
CA VAL D 92 -79.22 40.75 -21.51
C VAL D 92 -79.18 40.07 -22.88
N LYS D 93 -77.99 39.61 -23.29
CA LYS D 93 -77.87 38.97 -24.60
C LYS D 93 -78.58 37.65 -24.66
N ALA D 94 -78.78 37.01 -23.50
CA ALA D 94 -79.47 35.71 -23.44
C ALA D 94 -80.98 35.89 -23.26
N LYS D 95 -81.47 37.07 -23.62
CA LYS D 95 -82.90 37.36 -23.49
C LYS D 95 -83.37 38.29 -24.61
N ARG D 96 -84.44 37.86 -25.26
CA ARG D 96 -85.04 38.61 -26.36
C ARG D 96 -85.81 39.82 -25.81
N GLY D 97 -86.20 40.71 -26.72
CA GLY D 97 -86.92 41.90 -26.28
C GLY D 97 -85.99 43.08 -26.21
N LYS D 98 -86.51 44.27 -26.52
CA LYS D 98 -85.69 45.49 -26.52
C LYS D 98 -84.85 45.59 -25.27
N ARG D 99 -83.54 45.48 -25.45
CA ARG D 99 -82.61 45.56 -24.35
C ARG D 99 -82.77 46.90 -23.62
N PRO D 100 -82.28 46.99 -22.37
CA PRO D 100 -82.39 48.24 -21.59
C PRO D 100 -81.68 49.44 -22.24
N THR D 101 -82.13 50.64 -21.91
CA THR D 101 -81.58 51.88 -22.47
C THR D 101 -80.07 52.01 -22.23
N ALA D 102 -79.61 51.78 -21.00
CA ALA D 102 -78.19 51.87 -20.67
C ALA D 102 -77.35 50.90 -21.51
N PHE D 103 -77.74 49.63 -21.51
CA PHE D 103 -77.01 48.61 -22.25
C PHE D 103 -76.66 49.04 -23.67
N GLN D 104 -77.55 49.79 -24.31
CA GLN D 104 -77.33 50.24 -25.67
C GLN D 104 -75.95 50.91 -25.83
N PHE D 105 -75.68 51.91 -24.97
CA PHE D 105 -74.43 52.67 -25.03
C PHE D 105 -73.26 51.98 -24.33
N LEU D 106 -73.50 51.51 -23.11
CA LEU D 106 -72.48 50.82 -22.30
C LEU D 106 -71.83 49.65 -23.05
N GLN D 107 -72.35 49.33 -24.23
CA GLN D 107 -71.83 48.24 -25.02
C GLN D 107 -70.64 48.70 -25.87
N GLU D 108 -70.46 50.02 -25.98
CA GLU D 108 -69.39 50.59 -26.81
C GLU D 108 -68.12 50.88 -26.03
N ILE D 109 -68.26 51.35 -24.79
CA ILE D 109 -67.10 51.69 -23.93
C ILE D 109 -66.48 50.44 -23.30
N LYS D 110 -65.17 50.27 -23.46
CA LYS D 110 -64.49 49.13 -22.86
C LYS D 110 -64.92 48.98 -21.39
N PRO D 111 -65.47 47.80 -21.01
CA PRO D 111 -65.95 47.54 -19.64
C PRO D 111 -64.99 47.99 -18.54
N GLU D 112 -63.70 47.72 -18.71
CA GLU D 112 -62.69 48.12 -17.73
C GLU D 112 -62.83 49.60 -17.40
N ALA D 113 -62.83 50.41 -18.45
CA ALA D 113 -62.97 51.86 -18.33
C ALA D 113 -64.31 52.23 -17.67
N VAL D 114 -65.36 51.52 -18.07
CA VAL D 114 -66.70 51.71 -17.54
C VAL D 114 -66.68 51.60 -16.03
N ALA D 115 -66.25 50.44 -15.56
CA ALA D 115 -66.15 50.16 -14.13
C ALA D 115 -65.40 51.28 -13.41
N TYR D 116 -64.18 51.54 -13.89
CA TYR D 116 -63.33 52.59 -13.31
C TYR D 116 -63.99 53.95 -13.32
N ILE D 117 -64.40 54.43 -14.50
CA ILE D 117 -65.02 55.75 -14.58
C ILE D 117 -66.07 55.93 -13.50
N THR D 118 -66.89 54.92 -13.31
CA THR D 118 -67.94 54.95 -12.29
C THR D 118 -67.33 55.18 -10.92
N ILE D 119 -66.43 54.29 -10.51
CA ILE D 119 -65.79 54.35 -9.21
C ILE D 119 -65.21 55.73 -8.92
N LYS D 120 -64.38 56.24 -9.83
CA LYS D 120 -63.72 57.54 -9.65
C LYS D 120 -64.73 58.72 -9.58
N THR D 121 -65.57 58.88 -10.61
CA THR D 121 -66.52 59.98 -10.62
C THR D 121 -67.45 59.96 -9.42
N THR D 122 -67.77 58.77 -8.93
CA THR D 122 -68.62 58.70 -7.75
C THR D 122 -67.95 59.36 -6.55
N LEU D 123 -66.77 58.85 -6.19
CA LEU D 123 -65.97 59.36 -5.07
C LEU D 123 -65.78 60.86 -5.15
N ALA D 124 -65.73 61.40 -6.36
CA ALA D 124 -65.54 62.83 -6.53
C ALA D 124 -66.76 63.57 -6.05
N CYS D 125 -67.92 63.01 -6.38
CA CYS D 125 -69.20 63.59 -6.00
C CYS D 125 -69.44 63.43 -4.51
N LEU D 126 -69.22 62.23 -3.99
CA LEU D 126 -69.46 61.99 -2.56
C LEU D 126 -68.61 62.91 -1.70
N THR D 127 -67.45 63.32 -2.20
CA THR D 127 -66.60 64.26 -1.47
C THR D 127 -66.94 65.70 -1.85
N SER D 128 -68.24 65.91 -2.13
CA SER D 128 -68.78 67.24 -2.46
C SER D 128 -69.49 67.83 -1.21
N ALA D 129 -69.39 69.15 -1.05
CA ALA D 129 -69.97 69.84 0.10
C ALA D 129 -71.37 69.33 0.47
N ASP D 130 -72.34 69.39 -0.45
CA ASP D 130 -73.70 68.96 -0.13
C ASP D 130 -74.33 67.98 -1.14
N ASN D 131 -74.50 68.40 -2.39
CA ASN D 131 -75.17 67.54 -3.39
C ASN D 131 -74.53 66.18 -3.59
N THR D 132 -75.31 65.13 -3.30
CA THR D 132 -74.89 63.74 -3.45
C THR D 132 -76.05 62.91 -3.95
N THR D 133 -77.04 63.64 -4.49
CA THR D 133 -78.28 63.07 -5.04
C THR D 133 -77.98 62.06 -6.14
N VAL D 134 -78.71 60.94 -6.11
CA VAL D 134 -78.54 59.90 -7.12
C VAL D 134 -78.91 60.44 -8.52
N GLN D 135 -79.41 61.68 -8.56
CA GLN D 135 -79.81 62.34 -9.80
C GLN D 135 -78.61 63.00 -10.46
N ALA D 136 -77.91 63.84 -9.71
CA ALA D 136 -76.75 64.55 -10.22
C ALA D 136 -75.60 63.57 -10.53
N VAL D 137 -75.39 62.65 -9.60
CA VAL D 137 -74.33 61.64 -9.75
C VAL D 137 -74.52 60.83 -11.03
N ALA D 138 -75.75 60.34 -11.23
CA ALA D 138 -76.07 59.54 -12.43
C ALA D 138 -75.72 60.30 -13.70
N SER D 139 -75.99 61.61 -13.71
CA SER D 139 -75.69 62.44 -14.87
C SER D 139 -74.19 62.50 -15.07
N ALA D 140 -73.49 62.74 -13.96
CA ALA D 140 -72.04 62.82 -13.96
C ALA D 140 -71.41 61.58 -14.61
N ILE D 141 -71.64 60.41 -14.02
CA ILE D 141 -71.12 59.16 -14.54
C ILE D 141 -71.39 59.05 -16.04
N GLY D 142 -72.65 59.29 -16.42
CA GLY D 142 -73.03 59.19 -17.82
C GLY D 142 -72.28 60.17 -18.70
N ARG D 143 -72.23 61.42 -18.26
CA ARG D 143 -71.53 62.45 -19.02
C ARG D 143 -70.06 62.04 -19.23
N ALA D 144 -69.49 61.41 -18.21
CA ALA D 144 -68.11 60.95 -18.25
C ALA D 144 -67.95 59.72 -19.15
N ILE D 145 -68.95 58.84 -19.17
CA ILE D 145 -68.87 57.66 -20.01
C ILE D 145 -68.94 58.08 -21.48
N GLU D 146 -69.65 59.16 -21.76
CA GLU D 146 -69.77 59.62 -23.14
C GLU D 146 -68.44 60.16 -23.66
N ASP D 147 -67.82 61.01 -22.85
CA ASP D 147 -66.54 61.57 -23.23
C ASP D 147 -65.55 60.48 -23.63
N GLU D 148 -65.49 59.42 -22.82
CA GLU D 148 -64.57 58.29 -23.05
C GLU D 148 -64.91 57.52 -24.32
N ALA D 149 -66.19 57.25 -24.55
CA ALA D 149 -66.59 56.51 -25.75
C ALA D 149 -66.35 57.34 -27.04
N ARG D 150 -66.62 58.64 -26.93
CA ARG D 150 -66.50 59.59 -28.03
C ARG D 150 -65.05 59.81 -28.45
N PHE D 151 -64.25 60.35 -27.53
CA PHE D 151 -62.86 60.67 -27.80
C PHE D 151 -61.97 59.46 -27.70
N GLY D 152 -62.46 58.40 -27.07
CA GLY D 152 -61.68 57.18 -26.96
C GLY D 152 -61.55 56.57 -28.33
N ARG D 153 -62.61 56.77 -29.13
CA ARG D 153 -62.71 56.30 -30.50
C ARG D 153 -61.48 56.74 -31.29
N ILE D 154 -61.01 57.94 -30.95
CA ILE D 154 -59.83 58.54 -31.56
C ILE D 154 -58.58 57.73 -31.21
N ARG D 155 -58.40 57.53 -29.92
CA ARG D 155 -57.25 56.78 -29.39
C ARG D 155 -57.29 55.31 -29.82
N ASP D 156 -58.38 54.90 -30.48
CA ASP D 156 -58.54 53.51 -30.92
C ASP D 156 -58.35 53.36 -32.43
N LEU D 157 -59.33 53.83 -33.19
CA LEU D 157 -59.26 53.69 -34.65
C LEU D 157 -58.70 54.92 -35.33
N GLU D 158 -59.51 55.98 -35.38
CA GLU D 158 -59.17 57.22 -36.08
C GLU D 158 -57.67 57.57 -36.01
N ALA D 159 -57.14 57.83 -34.82
CA ALA D 159 -55.73 58.17 -34.69
C ALA D 159 -54.86 56.95 -34.35
N LYS D 160 -55.16 55.80 -34.95
CA LYS D 160 -54.40 54.58 -34.71
C LYS D 160 -52.91 54.91 -34.55
N HIS D 161 -52.43 55.81 -35.40
CA HIS D 161 -51.04 56.28 -35.37
C HIS D 161 -51.01 57.80 -35.17
N PHE D 162 -51.99 58.48 -35.76
CA PHE D 162 -52.10 59.95 -35.67
C PHE D 162 -52.12 60.39 -34.21
N LYS D 163 -52.56 59.49 -33.34
CA LYS D 163 -52.64 59.72 -31.90
C LYS D 163 -51.31 60.25 -31.35
N LYS D 164 -50.22 59.97 -32.05
CA LYS D 164 -48.89 60.43 -31.64
C LYS D 164 -48.85 61.95 -31.55
N ASN D 165 -49.34 62.61 -32.59
CA ASN D 165 -49.37 64.08 -32.64
C ASN D 165 -50.41 64.63 -31.66
N VAL D 166 -51.08 63.72 -30.96
CA VAL D 166 -52.13 64.03 -29.98
C VAL D 166 -51.62 63.88 -28.53
N GLU D 167 -51.27 62.63 -28.18
CA GLU D 167 -50.80 62.27 -26.84
C GLU D 167 -49.94 63.35 -26.22
N GLU D 168 -48.80 63.61 -26.85
CA GLU D 168 -47.87 64.63 -26.40
C GLU D 168 -48.59 65.90 -25.94
N GLN D 169 -49.44 66.44 -26.80
CA GLN D 169 -50.18 67.67 -26.50
C GLN D 169 -51.31 67.47 -25.50
N LEU D 170 -51.82 66.25 -25.44
CA LEU D 170 -52.91 65.89 -24.54
C LEU D 170 -52.40 65.84 -23.09
N ASN D 171 -51.30 65.11 -22.89
CA ASN D 171 -50.64 65.01 -21.59
C ASN D 171 -50.20 66.38 -21.12
N LYS D 172 -49.64 67.15 -22.07
CA LYS D 172 -49.18 68.51 -21.78
C LYS D 172 -50.32 69.32 -21.20
N ARG D 173 -51.53 68.99 -21.64
CA ARG D 173 -52.75 69.65 -21.18
C ARG D 173 -53.09 69.13 -19.79
N VAL D 174 -53.43 70.04 -18.87
CA VAL D 174 -53.78 69.66 -17.51
C VAL D 174 -55.17 70.19 -17.16
N GLY D 175 -55.94 69.42 -16.38
CA GLY D 175 -57.29 69.83 -16.02
C GLY D 175 -58.30 69.25 -16.99
N HIS D 176 -59.29 68.52 -16.47
CA HIS D 176 -60.31 67.88 -17.29
C HIS D 176 -60.89 68.83 -18.34
N VAL D 177 -61.11 70.08 -17.94
CA VAL D 177 -61.66 71.13 -18.81
C VAL D 177 -60.89 71.28 -20.12
N TYR D 178 -59.63 71.71 -20.01
CA TYR D 178 -58.75 71.92 -21.16
C TYR D 178 -58.46 70.66 -21.94
N LYS D 179 -58.40 69.51 -21.26
CA LYS D 179 -58.16 68.26 -21.98
C LYS D 179 -59.34 67.95 -22.89
N LYS D 180 -60.52 68.50 -22.58
CA LYS D 180 -61.73 68.33 -23.39
C LYS D 180 -61.70 69.29 -24.59
N ALA D 181 -61.26 70.52 -24.33
CA ALA D 181 -61.16 71.54 -25.37
C ALA D 181 -60.26 71.05 -26.50
N PHE D 182 -59.12 70.48 -26.13
CA PHE D 182 -58.19 70.00 -27.13
C PHE D 182 -58.76 68.79 -27.87
N MET D 183 -59.42 67.87 -27.17
CA MET D 183 -60.00 66.70 -27.82
C MET D 183 -61.15 67.08 -28.76
N GLN D 184 -61.78 68.23 -28.48
CA GLN D 184 -62.87 68.72 -29.33
C GLN D 184 -62.32 69.27 -30.63
N VAL D 185 -61.32 70.15 -30.50
CA VAL D 185 -60.68 70.75 -31.65
C VAL D 185 -60.05 69.66 -32.53
N VAL D 186 -59.42 68.67 -31.90
CA VAL D 186 -58.82 67.56 -32.64
C VAL D 186 -59.87 66.87 -33.47
N GLU D 187 -60.97 66.49 -32.82
CA GLU D 187 -62.04 65.82 -33.52
C GLU D 187 -62.60 66.70 -34.67
N ALA D 188 -62.68 68.01 -34.44
CA ALA D 188 -63.17 68.94 -35.47
C ALA D 188 -62.21 68.94 -36.68
N ASP D 189 -60.95 68.63 -36.42
CA ASP D 189 -59.93 68.60 -37.47
C ASP D 189 -59.90 67.24 -38.15
N MET D 190 -59.72 66.19 -37.36
CA MET D 190 -59.68 64.81 -37.87
C MET D 190 -60.86 64.54 -38.82
N LEU D 191 -62.05 65.04 -38.46
CA LEU D 191 -63.23 64.84 -39.31
C LEU D 191 -63.10 65.69 -40.58
N SER D 192 -62.48 66.86 -40.43
CA SER D 192 -62.25 67.79 -41.53
C SER D 192 -61.22 67.24 -42.53
N LYS D 193 -60.51 66.19 -42.12
CA LYS D 193 -59.50 65.58 -42.97
C LYS D 193 -59.54 64.05 -42.86
N GLY D 194 -58.96 63.52 -41.77
CA GLY D 194 -58.88 62.07 -41.53
C GLY D 194 -60.22 61.32 -41.54
N LEU D 195 -60.34 60.38 -40.62
CA LEU D 195 -61.55 59.55 -40.55
C LEU D 195 -62.81 60.39 -40.52
N LEU D 196 -63.70 60.06 -41.45
CA LEU D 196 -64.99 60.76 -41.60
C LEU D 196 -66.13 59.96 -40.93
N GLY D 197 -67.11 60.71 -40.44
CA GLY D 197 -68.25 60.12 -39.77
C GLY D 197 -69.12 61.21 -39.18
N GLY D 198 -69.92 60.88 -38.17
CA GLY D 198 -70.76 61.91 -37.61
C GLY D 198 -70.27 62.45 -36.29
N GLU D 199 -71.06 62.17 -35.25
CA GLU D 199 -70.82 62.58 -33.86
C GLU D 199 -72.06 62.26 -33.05
N ALA D 200 -72.46 60.98 -33.09
CA ALA D 200 -73.66 60.46 -32.42
C ALA D 200 -73.63 60.60 -30.88
N TRP D 201 -73.41 61.82 -30.41
CA TRP D 201 -73.37 62.12 -28.98
C TRP D 201 -74.30 63.28 -28.70
N SER D 202 -74.57 64.05 -29.75
CA SER D 202 -75.50 65.15 -29.61
C SER D 202 -76.88 64.57 -29.33
N SER D 203 -77.04 63.31 -29.76
CA SER D 203 -78.27 62.55 -29.56
C SER D 203 -78.37 62.17 -28.08
N TRP D 204 -77.20 62.04 -27.45
CA TRP D 204 -77.13 61.70 -26.05
C TRP D 204 -77.76 62.79 -25.21
N HIS D 205 -79.09 62.87 -25.27
CA HIS D 205 -79.83 63.84 -24.50
C HIS D 205 -79.59 63.57 -23.01
N LYS D 206 -79.79 64.58 -22.16
CA LYS D 206 -79.56 64.38 -20.73
C LYS D 206 -80.30 63.16 -20.18
N GLU D 207 -81.27 62.64 -20.95
CA GLU D 207 -82.03 61.46 -20.55
C GLU D 207 -81.11 60.25 -20.51
N ASP D 208 -80.55 59.93 -21.66
CA ASP D 208 -79.65 58.80 -21.75
C ASP D 208 -78.52 58.92 -20.73
N SER D 209 -77.97 60.13 -20.60
CA SER D 209 -76.89 60.35 -19.65
C SER D 209 -77.28 59.78 -18.28
N ILE D 210 -78.40 60.27 -17.73
CA ILE D 210 -78.89 59.82 -16.43
C ILE D 210 -79.03 58.29 -16.40
N HIS D 211 -79.84 57.75 -17.31
CA HIS D 211 -80.08 56.30 -17.43
C HIS D 211 -78.79 55.53 -17.28
N VAL D 212 -77.78 55.99 -18.00
CA VAL D 212 -76.45 55.37 -17.94
C VAL D 212 -75.92 55.41 -16.51
N GLY D 213 -75.77 56.63 -15.99
CA GLY D 213 -75.27 56.83 -14.64
C GLY D 213 -75.96 55.95 -13.62
N VAL D 214 -77.28 55.90 -13.73
CA VAL D 214 -78.14 55.11 -12.85
C VAL D 214 -77.83 53.62 -12.88
N ARG D 215 -77.81 53.02 -14.06
CA ARG D 215 -77.56 51.60 -14.16
C ARG D 215 -76.21 51.23 -13.56
N CYS D 216 -75.22 52.09 -13.78
CA CYS D 216 -73.90 51.82 -13.24
C CYS D 216 -73.89 51.87 -11.72
N ILE D 217 -74.47 52.90 -11.12
CA ILE D 217 -74.54 52.99 -9.66
C ILE D 217 -75.20 51.73 -9.09
N GLU D 218 -76.21 51.21 -9.79
CA GLU D 218 -76.85 49.99 -9.32
C GLU D 218 -75.86 48.84 -9.34
N MET D 219 -75.19 48.63 -10.46
CA MET D 219 -74.18 47.57 -10.56
C MET D 219 -73.10 47.79 -9.51
N LEU D 220 -72.80 49.06 -9.20
CA LEU D 220 -71.77 49.37 -8.21
C LEU D 220 -72.20 48.92 -6.81
N ILE D 221 -73.43 49.24 -6.43
CA ILE D 221 -73.94 48.85 -5.14
C ILE D 221 -74.25 47.35 -5.13
N GLU D 222 -74.40 46.78 -6.31
CA GLU D 222 -74.71 45.34 -6.47
C GLU D 222 -73.47 44.43 -6.37
N SER D 223 -72.36 44.83 -7.00
CA SER D 223 -71.12 44.04 -6.97
C SER D 223 -70.29 44.31 -5.70
N THR D 224 -70.34 45.54 -5.21
CA THR D 224 -69.63 45.91 -3.99
C THR D 224 -70.54 46.75 -3.11
N GLY D 225 -70.12 47.03 -1.89
CA GLY D 225 -70.96 47.84 -1.02
C GLY D 225 -70.30 49.16 -0.73
N MET D 226 -69.96 49.90 -1.78
CA MET D 226 -69.28 51.17 -1.60
C MET D 226 -70.24 52.31 -1.28
N VAL D 227 -71.41 52.30 -1.90
CA VAL D 227 -72.37 53.38 -1.65
C VAL D 227 -73.76 52.86 -1.35
N SER D 228 -74.39 53.49 -0.36
CA SER D 228 -75.73 53.13 0.05
C SER D 228 -76.76 54.07 -0.59
N LEU D 229 -77.84 53.49 -1.10
CA LEU D 229 -78.89 54.27 -1.72
C LEU D 229 -80.08 54.41 -0.78
N HIS D 230 -79.95 55.30 0.21
CA HIS D 230 -81.04 55.52 1.17
C HIS D 230 -81.82 56.80 0.84
N ARG D 231 -83.12 56.81 1.20
CA ARG D 231 -83.99 57.96 0.96
C ARG D 231 -83.70 59.10 1.95
N GLN D 232 -83.88 60.33 1.49
CA GLN D 232 -83.66 61.51 2.34
C GLN D 232 -84.97 62.22 2.60
N ASN D 233 -85.42 62.20 3.86
CA ASN D 233 -86.66 62.84 4.28
C ASN D 233 -87.87 62.26 3.54
N ALA D 234 -88.04 60.95 3.59
CA ALA D 234 -89.17 60.31 2.94
C ALA D 234 -90.50 60.79 3.57
N GLY D 235 -91.27 61.57 2.80
CA GLY D 235 -92.54 62.10 3.28
C GLY D 235 -92.62 63.62 3.18
N VAL D 236 -91.72 64.21 2.39
CA VAL D 236 -91.69 65.65 2.18
C VAL D 236 -91.67 65.97 0.67
N VAL D 237 -92.59 66.82 0.22
CA VAL D 237 -92.71 67.18 -1.21
C VAL D 237 -91.40 67.77 -1.76
N GLY D 238 -90.71 68.59 -0.96
CA GLY D 238 -89.47 69.21 -1.40
C GLY D 238 -88.23 68.76 -0.64
N GLN D 239 -88.31 67.66 0.11
CA GLN D 239 -87.15 67.15 0.84
C GLN D 239 -86.93 65.66 0.56
N ASP D 240 -88.00 64.97 0.17
CA ASP D 240 -87.92 63.54 -0.17
C ASP D 240 -87.02 63.37 -1.41
N SER D 241 -85.71 63.34 -1.17
CA SER D 241 -84.72 63.22 -2.23
C SER D 241 -83.88 61.95 -2.09
N GLU D 242 -83.97 61.05 -3.06
CA GLU D 242 -83.16 59.84 -3.00
C GLU D 242 -81.72 60.21 -3.31
N THR D 243 -80.80 59.81 -2.42
CA THR D 243 -79.39 60.15 -2.62
C THR D 243 -78.46 58.95 -2.40
N ILE D 244 -77.16 59.26 -2.37
CA ILE D 244 -76.10 58.26 -2.21
C ILE D 244 -75.19 58.64 -1.05
N GLU D 245 -74.76 57.64 -0.29
CA GLU D 245 -73.86 57.83 0.86
C GLU D 245 -72.71 56.82 0.80
N LEU D 246 -71.53 57.26 1.22
CA LEU D 246 -70.34 56.43 1.18
C LEU D 246 -70.33 55.39 2.28
N ALA D 247 -69.98 54.17 1.87
CA ALA D 247 -69.90 53.06 2.80
C ALA D 247 -69.04 53.43 4.00
N PRO D 248 -69.63 53.36 5.21
CA PRO D 248 -68.95 53.69 6.45
C PRO D 248 -67.59 53.02 6.55
N GLU D 249 -67.57 51.72 6.24
CA GLU D 249 -66.32 50.94 6.29
C GLU D 249 -65.27 51.49 5.31
N TYR D 250 -65.65 51.61 4.05
CA TYR D 250 -64.78 52.09 2.99
C TYR D 250 -64.22 53.49 3.27
N ALA D 251 -64.91 54.24 4.12
CA ALA D 251 -64.43 55.57 4.48
C ALA D 251 -63.36 55.44 5.56
N GLU D 252 -63.46 54.38 6.33
CA GLU D 252 -62.54 54.11 7.43
C GLU D 252 -61.19 53.65 6.90
N ALA D 253 -61.23 52.78 5.90
CA ALA D 253 -60.01 52.27 5.28
C ALA D 253 -59.16 53.44 4.75
N ILE D 254 -59.79 54.24 3.88
CA ILE D 254 -59.13 55.39 3.31
C ILE D 254 -58.50 56.25 4.39
N ALA D 255 -59.31 56.60 5.39
CA ALA D 255 -58.83 57.40 6.51
C ALA D 255 -57.63 56.72 7.19
N THR D 256 -57.73 55.41 7.40
CA THR D 256 -56.66 54.64 8.04
C THR D 256 -55.43 54.58 7.14
N ARG D 257 -55.64 54.32 5.85
CA ARG D 257 -54.56 54.25 4.88
C ARG D 257 -53.83 55.57 4.84
N ALA D 258 -54.61 56.62 4.67
CA ALA D 258 -54.07 57.97 4.63
C ALA D 258 -53.33 58.28 5.92
N GLY D 259 -53.98 57.95 7.03
CA GLY D 259 -53.37 58.20 8.31
C GLY D 259 -51.97 57.63 8.38
N ALA D 260 -51.88 56.30 8.32
CA ALA D 260 -50.60 55.62 8.43
C ALA D 260 -49.58 56.22 7.47
N LEU D 261 -50.00 56.41 6.23
CA LEU D 261 -49.14 56.97 5.19
C LEU D 261 -48.49 58.28 5.65
N ALA D 262 -49.33 59.17 6.18
CA ALA D 262 -48.88 60.47 6.65
C ALA D 262 -47.77 60.38 7.70
N GLY D 263 -47.56 59.18 8.23
CA GLY D 263 -46.52 58.99 9.23
C GLY D 263 -45.26 58.36 8.68
N ILE D 264 -45.12 58.33 7.36
CA ILE D 264 -43.95 57.72 6.76
C ILE D 264 -43.25 58.71 5.84
N SER D 265 -43.75 59.94 5.82
CA SER D 265 -43.16 60.98 4.97
C SER D 265 -42.66 62.18 5.81
N PRO D 266 -41.58 62.02 6.59
CA PRO D 266 -41.00 63.08 7.44
C PRO D 266 -40.09 64.08 6.72
N MET D 267 -40.08 65.31 7.21
CA MET D 267 -39.23 66.35 6.67
C MET D 267 -37.89 66.37 7.41
N PHE D 268 -36.98 65.56 6.89
CA PHE D 268 -35.68 65.41 7.49
C PHE D 268 -34.93 66.71 7.60
N GLN D 269 -34.41 66.93 8.81
CA GLN D 269 -33.64 68.11 9.14
C GLN D 269 -32.24 67.74 9.57
N PRO D 270 -31.38 68.74 9.78
CA PRO D 270 -30.02 68.43 10.20
C PRO D 270 -29.96 67.85 11.60
N CYS D 271 -28.75 67.49 12.02
CA CYS D 271 -28.58 66.94 13.34
C CYS D 271 -27.81 67.88 14.23
N VAL D 272 -28.14 67.81 15.52
CA VAL D 272 -27.50 68.63 16.53
C VAL D 272 -26.29 67.92 17.15
N VAL D 273 -26.14 66.65 16.80
CA VAL D 273 -25.04 65.79 17.24
C VAL D 273 -24.61 64.95 16.08
N PRO D 274 -23.38 64.42 16.11
CA PRO D 274 -22.92 63.57 15.01
C PRO D 274 -23.94 62.49 14.64
N PRO D 275 -24.18 62.29 13.33
CA PRO D 275 -25.15 61.27 12.93
C PRO D 275 -24.76 59.88 13.41
N LYS D 276 -25.74 58.98 13.47
CA LYS D 276 -25.47 57.60 13.91
C LYS D 276 -24.68 56.87 12.81
N PRO D 277 -23.44 56.41 13.12
CA PRO D 277 -22.63 55.72 12.12
C PRO D 277 -23.38 54.59 11.44
N TRP D 278 -23.23 54.49 10.12
CA TRP D 278 -23.91 53.42 9.44
C TRP D 278 -23.18 52.12 9.71
N THR D 279 -23.91 51.17 10.25
CA THR D 279 -23.32 49.90 10.60
C THR D 279 -23.88 48.77 9.74
N GLY D 280 -24.98 49.08 9.04
CA GLY D 280 -25.62 48.10 8.19
C GLY D 280 -26.57 48.75 7.20
N ILE D 281 -27.35 47.92 6.52
CA ILE D 281 -28.32 48.34 5.54
C ILE D 281 -29.30 49.40 6.05
N THR D 282 -29.66 49.40 7.33
CA THR D 282 -30.60 50.43 7.78
C THR D 282 -30.26 50.93 9.17
N GLY D 283 -31.10 51.82 9.68
CA GLY D 283 -30.92 52.33 11.03
C GLY D 283 -29.79 53.33 11.22
N GLY D 284 -29.06 53.68 10.16
CA GLY D 284 -27.99 54.66 10.31
C GLY D 284 -28.49 56.10 10.18
N GLY D 285 -27.57 57.07 10.29
CA GLY D 285 -27.92 58.47 10.16
C GLY D 285 -28.57 59.05 11.39
N TYR D 286 -29.90 58.96 11.47
CA TYR D 286 -30.61 59.49 12.62
C TYR D 286 -30.60 58.50 13.77
N TRP D 287 -30.86 58.98 14.99
CA TRP D 287 -30.81 58.13 16.17
C TRP D 287 -32.16 57.55 16.60
N ALA D 288 -33.18 58.39 16.74
CA ALA D 288 -34.50 57.91 17.12
C ALA D 288 -34.93 56.71 16.28
N ASN D 289 -35.93 55.99 16.76
CA ASN D 289 -36.42 54.84 16.03
C ASN D 289 -37.76 55.13 15.38
N GLY D 290 -37.75 56.09 14.45
CA GLY D 290 -38.97 56.44 13.74
C GLY D 290 -39.39 55.32 12.80
N ARG D 291 -40.68 55.21 12.51
CA ARG D 291 -41.17 54.14 11.66
C ARG D 291 -40.78 54.31 10.19
N ARG D 292 -39.88 55.25 9.94
CA ARG D 292 -39.38 55.49 8.59
C ARG D 292 -37.85 55.48 8.61
N PRO D 293 -37.27 54.31 8.86
CA PRO D 293 -35.83 54.04 8.96
C PRO D 293 -35.06 54.36 7.66
N LEU D 294 -33.92 55.04 7.79
CA LEU D 294 -33.12 55.39 6.64
C LEU D 294 -32.47 54.17 6.02
N ALA D 295 -32.50 54.06 4.70
CA ALA D 295 -31.83 52.96 4.03
C ALA D 295 -30.45 53.42 3.64
N LEU D 296 -29.46 52.54 3.65
CA LEU D 296 -28.13 52.97 3.28
C LEU D 296 -28.05 53.22 1.80
N VAL D 297 -28.98 52.65 1.06
CA VAL D 297 -29.01 52.84 -0.36
C VAL D 297 -30.44 53.17 -0.77
N ARG D 298 -30.60 54.22 -1.56
CA ARG D 298 -31.91 54.62 -2.00
C ARG D 298 -32.31 53.79 -3.19
N THR D 299 -32.92 52.65 -2.91
CA THR D 299 -33.33 51.73 -3.96
C THR D 299 -34.76 51.90 -4.27
N HIS D 300 -35.19 51.35 -5.40
CA HIS D 300 -36.58 51.43 -5.82
C HIS D 300 -37.43 50.39 -5.10
N SER D 301 -36.99 49.14 -5.12
CA SER D 301 -37.72 48.04 -4.49
C SER D 301 -37.04 47.57 -3.24
N LYS D 302 -37.84 47.14 -2.27
CA LYS D 302 -37.29 46.61 -1.03
C LYS D 302 -36.33 45.49 -1.33
N LYS D 303 -36.70 44.70 -2.32
CA LYS D 303 -35.91 43.57 -2.75
C LYS D 303 -34.49 44.04 -3.08
N ALA D 304 -34.40 45.16 -3.78
CA ALA D 304 -33.12 45.72 -4.20
C ALA D 304 -32.26 46.13 -3.01
N LEU D 305 -32.93 46.60 -1.97
CA LEU D 305 -32.26 47.03 -0.78
C LEU D 305 -31.53 45.86 -0.16
N MET D 306 -32.30 44.79 0.00
CA MET D 306 -31.82 43.57 0.62
C MET D 306 -30.55 43.03 0.01
N ARG D 307 -30.40 43.17 -1.29
CA ARG D 307 -29.19 42.70 -1.93
C ARG D 307 -27.93 43.19 -1.24
N TYR D 308 -28.04 44.25 -0.44
CA TYR D 308 -26.86 44.81 0.24
C TYR D 308 -26.67 44.27 1.63
N GLU D 309 -27.76 43.76 2.19
CA GLU D 309 -27.81 43.26 3.56
C GLU D 309 -26.52 42.64 4.05
N ASP D 310 -25.97 41.66 3.33
CA ASP D 310 -24.74 41.01 3.82
C ASP D 310 -23.50 41.29 2.97
N VAL D 311 -23.51 42.37 2.20
CA VAL D 311 -22.38 42.66 1.33
C VAL D 311 -21.21 43.27 2.10
N TYR D 312 -20.02 42.74 1.86
CA TYR D 312 -18.83 43.24 2.55
C TYR D 312 -18.19 44.38 1.76
N MET D 313 -18.31 45.58 2.33
CA MET D 313 -17.80 46.80 1.70
C MET D 313 -17.35 47.78 2.79
N PRO D 314 -16.25 47.44 3.48
CA PRO D 314 -15.67 48.24 4.57
C PRO D 314 -15.36 49.67 4.14
N GLU D 315 -14.68 49.77 3.01
CA GLU D 315 -14.30 51.05 2.49
C GLU D 315 -15.52 51.94 2.29
N VAL D 316 -16.57 51.37 1.73
CA VAL D 316 -17.79 52.13 1.50
C VAL D 316 -18.34 52.70 2.82
N TYR D 317 -18.54 51.84 3.80
CA TYR D 317 -19.01 52.29 5.10
C TYR D 317 -18.06 53.37 5.68
N LYS D 318 -16.75 53.18 5.57
CA LYS D 318 -15.82 54.17 6.12
C LYS D 318 -16.07 55.55 5.51
N ALA D 319 -16.09 55.62 4.19
CA ALA D 319 -16.33 56.88 3.51
C ALA D 319 -17.60 57.52 4.01
N ILE D 320 -18.72 56.85 3.78
CA ILE D 320 -19.99 57.38 4.23
C ILE D 320 -19.91 57.89 5.66
N ASN D 321 -19.28 57.14 6.55
CA ASN D 321 -19.24 57.56 7.93
C ASN D 321 -18.32 58.73 8.17
N ILE D 322 -17.18 58.75 7.51
CA ILE D 322 -16.26 59.86 7.66
C ILE D 322 -16.94 61.15 7.24
N ALA D 323 -17.52 61.13 6.04
CA ALA D 323 -18.20 62.29 5.49
C ALA D 323 -19.28 62.76 6.45
N GLN D 324 -20.18 61.87 6.75
CA GLN D 324 -21.29 62.13 7.65
C GLN D 324 -20.83 62.72 8.97
N ASN D 325 -19.54 62.63 9.28
CA ASN D 325 -19.10 63.16 10.57
C ASN D 325 -18.50 64.55 10.48
N THR D 326 -18.48 65.15 9.30
CA THR D 326 -17.95 66.50 9.17
C THR D 326 -18.89 67.46 9.89
N ALA D 327 -18.31 68.30 10.75
CA ALA D 327 -19.07 69.26 11.52
C ALA D 327 -19.25 70.59 10.76
N TRP D 328 -20.49 71.03 10.67
CA TRP D 328 -20.83 72.27 9.99
C TRP D 328 -21.38 73.28 10.95
N LYS D 329 -21.51 74.50 10.43
CA LYS D 329 -22.11 75.63 11.15
C LYS D 329 -22.59 76.70 10.15
N ILE D 330 -23.57 77.50 10.60
CA ILE D 330 -24.13 78.56 9.77
C ILE D 330 -23.17 79.73 9.64
N ASN D 331 -22.86 80.14 8.41
CA ASN D 331 -22.01 81.30 8.21
C ASN D 331 -22.83 82.49 8.59
N LYS D 332 -22.81 82.85 9.86
CA LYS D 332 -23.61 83.96 10.35
C LYS D 332 -23.45 85.25 9.53
N LYS D 333 -22.21 85.67 9.27
CA LYS D 333 -21.99 86.89 8.51
C LYS D 333 -22.72 86.89 7.16
N VAL D 334 -22.90 85.71 6.57
CA VAL D 334 -23.61 85.63 5.33
C VAL D 334 -25.11 85.61 5.58
N LEU D 335 -25.54 84.95 6.64
CA LEU D 335 -26.97 84.91 6.97
C LEU D 335 -27.51 86.33 7.16
N ALA D 336 -26.68 87.18 7.77
CA ALA D 336 -27.03 88.57 8.00
C ALA D 336 -27.43 89.24 6.69
N VAL D 337 -26.54 89.17 5.72
CA VAL D 337 -26.76 89.76 4.42
C VAL D 337 -28.02 89.22 3.76
N ALA D 338 -28.21 87.91 3.78
CA ALA D 338 -29.37 87.31 3.16
C ALA D 338 -30.67 87.66 3.90
N ASN D 339 -30.63 87.63 5.22
CA ASN D 339 -31.82 87.97 5.97
C ASN D 339 -32.37 89.31 5.51
N VAL D 340 -31.46 90.24 5.20
CA VAL D 340 -31.86 91.58 4.76
C VAL D 340 -32.35 91.60 3.30
N ILE D 341 -31.43 91.49 2.34
CA ILE D 341 -31.81 91.57 0.93
C ILE D 341 -32.87 90.56 0.47
N THR D 342 -33.12 89.47 1.17
CA THR D 342 -34.16 88.55 0.69
C THR D 342 -35.56 89.10 0.88
N LYS D 343 -35.73 90.03 1.82
CA LYS D 343 -37.07 90.59 2.03
C LYS D 343 -37.31 91.85 1.16
N TRP D 344 -36.33 92.20 0.33
CA TRP D 344 -36.45 93.34 -0.59
C TRP D 344 -36.50 92.87 -2.03
N LYS D 345 -35.92 91.72 -2.32
CA LYS D 345 -35.94 91.18 -3.68
C LYS D 345 -36.40 89.72 -3.68
N HIS D 346 -37.18 89.31 -4.68
CA HIS D 346 -37.61 87.92 -4.67
C HIS D 346 -36.40 87.05 -4.78
N CYS D 347 -35.52 87.42 -5.69
CA CYS D 347 -34.25 86.75 -5.82
C CYS D 347 -33.17 87.78 -5.62
N PRO D 348 -32.56 87.80 -4.43
CA PRO D 348 -31.50 88.74 -4.08
C PRO D 348 -30.56 89.09 -5.21
N VAL D 349 -30.48 88.25 -6.24
CA VAL D 349 -29.57 88.60 -7.31
C VAL D 349 -30.17 88.36 -8.70
N GLU D 350 -31.31 88.92 -9.03
CA GLU D 350 -31.81 88.63 -10.36
C GLU D 350 -31.76 89.85 -11.27
N ASP D 351 -31.85 91.04 -10.67
CA ASP D 351 -31.88 92.25 -11.46
C ASP D 351 -31.24 93.41 -10.71
N ILE D 352 -29.94 93.53 -10.85
CA ILE D 352 -29.28 94.64 -10.20
C ILE D 352 -28.72 95.62 -11.23
N PRO D 353 -29.01 96.94 -11.06
CA PRO D 353 -28.58 98.04 -11.92
C PRO D 353 -27.16 97.88 -12.45
N ALA D 354 -27.06 97.49 -13.71
CA ALA D 354 -25.77 97.28 -14.38
C ALA D 354 -25.66 98.20 -15.62
N ILE D 355 -24.49 98.79 -15.84
CA ILE D 355 -24.30 99.69 -16.98
C ILE D 355 -23.89 98.96 -18.27
N GLU D 372 -42.86 83.24 -39.78
CA GLU D 372 -42.98 82.85 -38.38
C GLU D 372 -43.40 84.03 -37.51
N ALA D 373 -44.69 84.31 -37.49
CA ALA D 373 -45.20 85.42 -36.70
C ALA D 373 -45.77 84.90 -35.39
N LEU D 374 -46.96 84.32 -35.45
CA LEU D 374 -47.62 83.79 -34.27
C LEU D 374 -46.69 82.85 -33.49
N THR D 375 -45.98 82.01 -34.24
CA THR D 375 -45.05 81.02 -33.69
C THR D 375 -43.79 81.71 -33.17
N ALA D 376 -43.88 83.01 -33.02
CA ALA D 376 -42.76 83.78 -32.53
C ALA D 376 -43.19 84.64 -31.36
N TRP D 377 -44.37 85.22 -31.49
CA TRP D 377 -44.91 86.06 -30.43
C TRP D 377 -45.47 85.16 -29.35
N LYS D 378 -46.28 84.19 -29.78
CA LYS D 378 -46.87 83.25 -28.83
C LYS D 378 -45.77 82.49 -28.13
N ARG D 379 -44.63 82.37 -28.82
CA ARG D 379 -43.48 81.70 -28.27
C ARG D 379 -42.98 82.46 -27.05
N ALA D 380 -42.73 83.77 -27.22
CA ALA D 380 -42.25 84.59 -26.11
C ALA D 380 -43.32 84.67 -25.02
N ALA D 381 -44.58 84.64 -25.41
CA ALA D 381 -45.65 84.69 -24.44
C ALA D 381 -45.52 83.54 -23.45
N ALA D 382 -45.42 82.35 -24.01
CA ALA D 382 -45.29 81.13 -23.20
C ALA D 382 -44.06 81.19 -22.31
N ALA D 383 -43.07 81.97 -22.70
CA ALA D 383 -41.87 82.09 -21.89
C ALA D 383 -42.16 82.97 -20.67
N VAL D 384 -42.83 84.09 -20.91
CA VAL D 384 -43.15 85.00 -19.84
C VAL D 384 -43.89 84.29 -18.73
N TYR D 385 -44.77 83.39 -19.13
CA TYR D 385 -45.54 82.61 -18.16
C TYR D 385 -44.64 81.68 -17.37
N ARG D 386 -43.84 80.90 -18.10
CA ARG D 386 -42.93 79.96 -17.49
C ARG D 386 -41.99 80.67 -16.53
N LYS D 387 -41.44 81.80 -16.98
CA LYS D 387 -40.50 82.54 -16.14
C LYS D 387 -41.12 82.95 -14.82
N ASP D 388 -42.35 83.44 -14.85
CA ASP D 388 -42.95 83.83 -13.59
C ASP D 388 -43.20 82.63 -12.71
N LYS D 389 -43.63 81.54 -13.31
CA LYS D 389 -43.85 80.36 -12.52
C LYS D 389 -42.54 79.94 -11.84
N ALA D 390 -41.44 80.02 -12.58
CA ALA D 390 -40.13 79.68 -12.06
C ALA D 390 -39.76 80.58 -10.89
N ARG D 391 -39.92 81.88 -11.07
CA ARG D 391 -39.60 82.85 -10.03
C ARG D 391 -40.38 82.56 -8.76
N LYS D 392 -41.54 81.93 -8.90
CA LYS D 392 -42.36 81.61 -7.74
C LYS D 392 -41.84 80.35 -7.06
N SER D 393 -41.47 79.36 -7.86
CA SER D 393 -40.96 78.10 -7.31
C SER D 393 -39.61 78.34 -6.64
N ARG D 394 -38.75 79.14 -7.27
CA ARG D 394 -37.45 79.41 -6.68
C ARG D 394 -37.60 80.12 -5.35
N ARG D 395 -38.58 81.00 -5.23
CA ARG D 395 -38.82 81.72 -3.97
C ARG D 395 -39.25 80.76 -2.85
N ILE D 396 -40.09 79.79 -3.17
CA ILE D 396 -40.55 78.85 -2.18
C ILE D 396 -39.35 78.18 -1.49
N SER D 397 -38.49 77.65 -2.34
CA SER D 397 -37.30 76.97 -1.88
C SER D 397 -36.41 77.90 -1.11
N LEU D 398 -36.21 79.10 -1.65
CA LEU D 398 -35.35 80.05 -0.96
C LEU D 398 -35.85 80.30 0.45
N GLU D 399 -37.15 80.50 0.59
CA GLU D 399 -37.73 80.77 1.89
C GLU D 399 -37.49 79.63 2.84
N PHE D 400 -37.60 78.41 2.36
CA PHE D 400 -37.36 77.23 3.21
C PHE D 400 -35.93 77.18 3.76
N MET D 401 -34.96 77.21 2.86
CA MET D 401 -33.58 77.17 3.29
C MET D 401 -33.29 78.29 4.28
N LEU D 402 -33.71 79.52 3.98
CA LEU D 402 -33.48 80.66 4.87
C LEU D 402 -34.07 80.38 6.25
N GLU D 403 -35.27 79.82 6.28
CA GLU D 403 -35.88 79.50 7.53
C GLU D 403 -35.01 78.48 8.26
N GLN D 404 -34.62 77.46 7.52
CA GLN D 404 -33.80 76.41 8.06
C GLN D 404 -32.44 76.95 8.54
N ALA D 405 -31.87 77.90 7.81
CA ALA D 405 -30.61 78.49 8.20
C ALA D 405 -30.75 79.22 9.51
N ASN D 406 -31.70 80.15 9.59
CA ASN D 406 -31.89 80.91 10.81
C ASN D 406 -32.20 80.01 11.99
N LYS D 407 -32.89 78.90 11.75
CA LYS D 407 -33.20 77.98 12.84
C LYS D 407 -31.94 77.48 13.54
N PHE D 408 -30.88 77.24 12.78
CA PHE D 408 -29.66 76.74 13.38
C PHE D 408 -28.54 77.76 13.42
N ALA D 409 -28.88 79.01 13.17
CA ALA D 409 -27.91 80.09 13.18
C ALA D 409 -27.02 80.09 14.44
N ASN D 410 -27.55 79.66 15.58
CA ASN D 410 -26.78 79.75 16.81
C ASN D 410 -26.16 78.46 17.31
N HIS D 411 -26.39 77.32 16.67
CA HIS D 411 -25.76 76.10 17.17
C HIS D 411 -24.25 76.14 16.92
N LYS D 412 -23.46 75.55 17.82
CA LYS D 412 -22.01 75.58 17.65
C LYS D 412 -21.58 74.66 16.52
N ALA D 413 -22.52 73.85 16.07
CA ALA D 413 -22.27 72.96 14.98
C ALA D 413 -23.50 72.14 14.67
N ILE D 414 -23.59 71.71 13.42
CA ILE D 414 -24.68 70.88 12.97
C ILE D 414 -24.13 69.85 12.03
N TRP D 415 -24.77 68.69 11.90
CA TRP D 415 -24.29 67.61 10.98
C TRP D 415 -25.37 67.12 10.03
N PHE D 416 -24.93 66.45 8.98
CA PHE D 416 -25.84 65.94 7.95
C PHE D 416 -25.61 64.47 7.71
N PRO D 417 -26.66 63.65 7.89
CA PRO D 417 -26.53 62.21 7.64
C PRO D 417 -26.33 61.93 6.15
N TYR D 418 -25.77 60.79 5.75
CA TYR D 418 -25.57 60.55 4.31
C TYR D 418 -26.00 59.18 3.81
N ASN D 419 -26.45 59.17 2.56
CA ASN D 419 -26.89 57.99 1.82
C ASN D 419 -26.20 57.90 0.48
N MET D 420 -26.68 56.98 -0.32
CA MET D 420 -26.19 56.84 -1.67
C MET D 420 -27.35 56.44 -2.57
N ASP D 421 -27.32 56.86 -3.83
CA ASP D 421 -28.36 56.40 -4.72
C ASP D 421 -27.98 55.01 -5.18
N TRP D 422 -28.85 54.35 -5.93
CA TRP D 422 -28.53 53.00 -6.34
C TRP D 422 -27.20 52.90 -7.07
N ARG D 423 -26.58 54.02 -7.43
CA ARG D 423 -25.34 53.95 -8.19
C ARG D 423 -24.12 54.20 -7.34
N GLY D 424 -24.36 54.62 -6.11
CA GLY D 424 -23.23 54.85 -5.23
C GLY D 424 -22.91 56.30 -4.97
N ARG D 425 -23.61 57.24 -5.60
CA ARG D 425 -23.31 58.65 -5.34
C ARG D 425 -23.80 59.02 -3.97
N VAL D 426 -23.02 59.82 -3.24
CA VAL D 426 -23.35 60.21 -1.86
C VAL D 426 -24.25 61.47 -1.76
N TYR D 427 -25.35 61.37 -1.01
CA TYR D 427 -26.30 62.45 -0.86
C TYR D 427 -26.55 62.81 0.60
N ALA D 428 -26.53 64.09 0.94
CA ALA D 428 -26.87 64.45 2.31
C ALA D 428 -28.39 64.23 2.49
N VAL D 429 -28.82 63.80 3.65
CA VAL D 429 -30.23 63.46 3.82
C VAL D 429 -31.16 64.62 4.10
N SER D 430 -30.79 65.58 4.96
CA SER D 430 -31.71 66.68 5.25
C SER D 430 -31.94 67.62 4.05
N MET D 431 -33.18 68.09 3.95
CA MET D 431 -33.58 69.00 2.88
C MET D 431 -32.59 70.16 2.78
N PHE D 432 -32.17 70.69 3.92
CA PHE D 432 -31.18 71.76 3.93
C PHE D 432 -29.80 71.14 4.05
N ASN D 433 -29.02 71.14 2.99
CA ASN D 433 -27.69 70.55 3.10
C ASN D 433 -26.70 71.26 2.22
N PRO D 434 -25.40 70.98 2.42
CA PRO D 434 -24.28 71.54 1.69
C PRO D 434 -24.32 71.32 0.20
N GLN D 435 -25.13 70.37 -0.26
CA GLN D 435 -25.19 70.10 -1.70
C GLN D 435 -26.25 70.96 -2.38
N GLY D 436 -26.56 72.07 -1.72
CA GLY D 436 -27.58 73.00 -2.20
C GLY D 436 -27.10 73.92 -3.31
N ASN D 437 -27.58 75.15 -3.28
CA ASN D 437 -27.24 76.15 -4.28
C ASN D 437 -26.38 77.24 -3.67
N ASP D 438 -26.03 78.23 -4.48
CA ASP D 438 -25.19 79.32 -4.02
C ASP D 438 -25.59 79.81 -2.63
N MET D 439 -26.84 80.21 -2.42
CA MET D 439 -27.24 80.73 -1.12
C MET D 439 -27.11 79.69 -0.04
N THR D 440 -27.66 78.53 -0.30
CA THR D 440 -27.56 77.49 0.69
C THR D 440 -26.11 77.26 1.04
N LYS D 441 -25.29 76.95 0.05
CA LYS D 441 -23.90 76.74 0.34
C LYS D 441 -23.27 77.95 1.03
N GLY D 442 -23.56 79.16 0.55
CA GLY D 442 -23.02 80.34 1.18
C GLY D 442 -23.37 80.42 2.67
N LEU D 443 -24.55 79.96 3.05
CA LEU D 443 -24.94 80.02 4.45
C LEU D 443 -24.26 78.93 5.29
N LEU D 444 -23.64 77.95 4.65
CA LEU D 444 -22.99 76.86 5.39
C LEU D 444 -21.48 76.97 5.31
N THR D 445 -20.84 76.64 6.42
CA THR D 445 -19.39 76.62 6.51
C THR D 445 -18.95 75.57 7.56
N LEU D 446 -17.71 75.09 7.43
CA LEU D 446 -17.18 74.07 8.34
C LEU D 446 -16.99 74.63 9.73
N ALA D 447 -17.29 73.81 10.75
CA ALA D 447 -17.18 74.23 12.14
C ALA D 447 -15.74 74.20 12.69
N LYS D 448 -14.93 73.23 12.32
CA LYS D 448 -13.58 73.15 12.86
C LYS D 448 -12.52 73.58 11.86
N GLY D 449 -12.05 74.80 12.03
CA GLY D 449 -11.02 75.31 11.14
C GLY D 449 -9.63 75.22 11.74
N LYS D 450 -8.63 75.73 11.01
CA LYS D 450 -7.25 75.71 11.47
C LYS D 450 -6.54 76.99 11.06
N PRO D 451 -5.38 77.25 11.65
CA PRO D 451 -4.70 78.48 11.24
C PRO D 451 -4.42 78.36 9.74
N ILE D 452 -4.88 79.35 8.97
CA ILE D 452 -4.78 79.27 7.51
C ILE D 452 -3.36 79.10 7.00
N GLY D 453 -2.40 79.89 7.46
CA GLY D 453 -1.06 79.74 6.96
C GLY D 453 -0.93 80.24 5.53
N LYS D 454 0.31 80.38 5.04
CA LYS D 454 0.53 80.90 3.69
C LYS D 454 -0.11 80.05 2.60
N GLU D 455 0.07 78.74 2.66
CA GLU D 455 -0.50 77.83 1.68
C GLU D 455 -2.03 77.93 1.63
N GLY D 456 -2.65 77.83 2.81
CA GLY D 456 -4.10 77.90 2.88
C GLY D 456 -4.63 79.19 2.31
N TYR D 457 -3.95 80.28 2.64
CA TYR D 457 -4.33 81.60 2.14
C TYR D 457 -4.35 81.58 0.62
N TYR D 458 -3.30 80.99 0.04
CA TYR D 458 -3.18 80.89 -1.40
C TYR D 458 -4.40 80.24 -1.98
N TRP D 459 -4.79 79.12 -1.38
CA TRP D 459 -5.97 78.41 -1.86
C TRP D 459 -7.23 79.20 -1.59
N LEU D 460 -7.29 79.92 -0.47
CA LEU D 460 -8.46 80.73 -0.19
C LEU D 460 -8.71 81.67 -1.36
N LYS D 461 -7.63 82.30 -1.83
CA LYS D 461 -7.69 83.22 -2.96
C LYS D 461 -8.13 82.50 -4.24
N ILE D 462 -7.56 81.34 -4.53
CA ILE D 462 -7.95 80.66 -5.74
C ILE D 462 -9.46 80.47 -5.74
N HIS D 463 -9.96 79.97 -4.62
CA HIS D 463 -11.38 79.73 -4.43
C HIS D 463 -12.19 81.00 -4.73
N GLY D 464 -11.70 82.13 -4.26
CA GLY D 464 -12.38 83.38 -4.52
C GLY D 464 -12.48 83.63 -6.01
N ALA D 465 -11.36 83.47 -6.71
CA ALA D 465 -11.35 83.67 -8.14
C ALA D 465 -12.41 82.79 -8.78
N ASN D 466 -12.48 81.54 -8.32
CA ASN D 466 -13.42 80.58 -8.86
C ASN D 466 -14.87 81.02 -8.61
N CYS D 467 -15.18 81.46 -7.39
CA CYS D 467 -16.53 81.95 -7.06
C CYS D 467 -16.90 83.14 -7.93
N ALA D 468 -15.89 83.86 -8.40
CA ALA D 468 -16.11 85.05 -9.21
C ALA D 468 -16.21 84.69 -10.68
N GLY D 469 -15.99 83.42 -11.01
CA GLY D 469 -16.07 82.98 -12.39
C GLY D 469 -14.75 82.98 -13.12
N VAL D 470 -13.66 83.30 -12.42
CA VAL D 470 -12.35 83.31 -13.04
C VAL D 470 -11.70 81.96 -12.82
N ASP D 471 -12.25 80.94 -13.45
CA ASP D 471 -11.76 79.57 -13.32
C ASP D 471 -11.31 78.98 -14.63
N LYS D 472 -11.25 79.78 -15.67
CA LYS D 472 -10.81 79.24 -16.95
C LYS D 472 -9.45 79.84 -17.31
N VAL D 473 -8.65 80.12 -16.29
CA VAL D 473 -7.34 80.70 -16.46
C VAL D 473 -6.35 80.15 -15.40
N PRO D 474 -5.04 80.09 -15.73
CA PRO D 474 -4.07 79.57 -14.76
C PRO D 474 -4.14 80.26 -13.40
N PHE D 475 -3.78 79.53 -12.36
CA PHE D 475 -3.84 80.01 -10.99
C PHE D 475 -3.14 81.37 -10.78
N PRO D 476 -1.97 81.57 -11.40
CA PRO D 476 -1.36 82.90 -11.19
C PRO D 476 -2.30 84.06 -11.58
N GLU D 477 -3.04 83.89 -12.69
CA GLU D 477 -3.96 84.94 -13.13
C GLU D 477 -5.17 85.03 -12.19
N ARG D 478 -5.48 83.94 -11.49
CA ARG D 478 -6.59 83.92 -10.56
C ARG D 478 -6.19 84.68 -9.29
N ILE D 479 -4.93 84.52 -8.90
CA ILE D 479 -4.37 85.20 -7.74
C ILE D 479 -4.29 86.69 -8.06
N LYS D 480 -3.85 86.97 -9.28
CA LYS D 480 -3.72 88.33 -9.75
C LYS D 480 -5.07 89.03 -9.64
N PHE D 481 -6.10 88.38 -10.18
CA PHE D 481 -7.45 88.93 -10.15
C PHE D 481 -7.88 89.30 -8.74
N ILE D 482 -7.62 88.42 -7.76
CA ILE D 482 -8.01 88.71 -6.39
C ILE D 482 -7.21 89.89 -5.84
N GLU D 483 -5.93 89.91 -6.16
CA GLU D 483 -5.11 91.01 -5.67
C GLU D 483 -5.54 92.35 -6.25
N GLU D 484 -5.81 92.38 -7.56
CA GLU D 484 -6.25 93.60 -8.23
C GLU D 484 -7.55 94.11 -7.65
N ASN D 485 -8.37 93.23 -7.10
CA ASN D 485 -9.64 93.67 -6.53
C ASN D 485 -9.61 93.73 -5.01
N HIS D 486 -8.41 93.70 -4.44
CA HIS D 486 -8.23 93.75 -2.99
C HIS D 486 -9.18 94.75 -2.34
N GLU D 487 -9.28 95.95 -2.91
CA GLU D 487 -10.13 96.99 -2.36
C GLU D 487 -11.61 96.67 -2.50
N ASN D 488 -12.01 96.19 -3.67
CA ASN D 488 -13.40 95.83 -3.89
C ASN D 488 -13.85 94.80 -2.84
N ILE D 489 -12.99 93.83 -2.57
CA ILE D 489 -13.29 92.76 -1.63
C ILE D 489 -13.47 93.28 -0.22
N MET D 490 -12.47 94.02 0.25
CA MET D 490 -12.51 94.61 1.59
C MET D 490 -13.78 95.43 1.76
N ALA D 491 -14.17 96.10 0.68
CA ALA D 491 -15.35 96.91 0.63
C ALA D 491 -16.58 96.08 0.92
N CYS D 492 -16.78 95.04 0.12
CA CYS D 492 -17.93 94.16 0.28
C CYS D 492 -17.93 93.48 1.64
N ALA D 493 -16.74 93.29 2.20
CA ALA D 493 -16.59 92.67 3.50
C ALA D 493 -17.02 93.65 4.61
N LYS D 494 -16.52 94.88 4.51
CA LYS D 494 -16.82 95.90 5.50
C LYS D 494 -18.30 96.27 5.51
N SER D 495 -18.87 96.53 4.34
CA SER D 495 -20.29 96.91 4.20
C SER D 495 -20.93 96.22 3.00
N PRO D 496 -21.28 94.93 3.16
CA PRO D 496 -21.92 94.14 2.09
C PRO D 496 -23.22 94.77 1.53
N LEU D 497 -24.03 95.41 2.38
CA LEU D 497 -25.26 96.01 1.91
C LEU D 497 -25.01 97.29 1.12
N GLU D 498 -23.79 97.83 1.20
CA GLU D 498 -23.51 99.07 0.48
C GLU D 498 -22.67 98.83 -0.75
N ASN D 499 -22.14 97.64 -0.92
CA ASN D 499 -21.38 97.35 -2.12
C ASN D 499 -21.98 96.10 -2.77
N THR D 500 -22.52 96.22 -3.98
CA THR D 500 -23.16 95.08 -4.62
C THR D 500 -22.21 94.27 -5.47
N TRP D 501 -20.97 94.71 -5.59
CA TRP D 501 -20.02 93.99 -6.42
C TRP D 501 -20.07 92.47 -6.21
N TRP D 502 -20.10 92.04 -4.96
CA TRP D 502 -20.14 90.61 -4.69
C TRP D 502 -21.38 89.95 -5.27
N ALA D 503 -22.54 90.60 -5.19
CA ALA D 503 -23.78 90.02 -5.71
C ALA D 503 -23.73 89.87 -7.23
N GLU D 504 -22.75 90.49 -7.86
CA GLU D 504 -22.66 90.40 -9.31
C GLU D 504 -21.77 89.25 -9.79
N GLN D 505 -21.23 88.43 -8.88
CA GLN D 505 -20.33 87.32 -9.27
C GLN D 505 -21.09 86.04 -9.56
N ASP D 506 -20.48 85.16 -10.34
CA ASP D 506 -21.12 83.89 -10.72
C ASP D 506 -21.72 83.15 -9.54
N SER D 507 -21.03 83.17 -8.40
CA SER D 507 -21.52 82.52 -7.18
C SER D 507 -21.54 83.52 -6.04
N PRO D 508 -22.47 84.47 -6.12
CA PRO D 508 -22.70 85.55 -5.17
C PRO D 508 -22.43 85.22 -3.71
N PHE D 509 -23.27 84.42 -3.09
CA PHE D 509 -23.08 84.17 -1.67
C PHE D 509 -21.76 83.49 -1.32
N CYS D 510 -21.36 82.49 -2.07
CA CYS D 510 -20.09 81.85 -1.75
C CYS D 510 -18.97 82.85 -1.90
N PHE D 511 -19.10 83.77 -2.86
CA PHE D 511 -18.09 84.79 -3.06
C PHE D 511 -18.07 85.70 -1.86
N LEU D 512 -19.25 86.09 -1.39
CA LEU D 512 -19.34 86.97 -0.22
C LEU D 512 -18.68 86.28 0.97
N ALA D 513 -18.98 84.98 1.10
CA ALA D 513 -18.43 84.15 2.15
C ALA D 513 -16.91 84.30 2.14
N PHE D 514 -16.35 84.19 0.93
CA PHE D 514 -14.93 84.33 0.70
C PHE D 514 -14.45 85.68 1.12
N CYS D 515 -15.15 86.72 0.67
CA CYS D 515 -14.80 88.09 1.03
C CYS D 515 -14.58 88.22 2.53
N PHE D 516 -15.54 87.76 3.33
CA PHE D 516 -15.38 87.82 4.78
C PHE D 516 -14.07 87.16 5.22
N GLU D 517 -13.87 85.88 4.85
CA GLU D 517 -12.64 85.19 5.24
C GLU D 517 -11.41 85.95 4.75
N TYR D 518 -11.46 86.46 3.52
CA TYR D 518 -10.32 87.20 3.00
C TYR D 518 -10.01 88.36 3.92
N ALA D 519 -11.04 89.10 4.28
CA ALA D 519 -10.91 90.25 5.16
C ALA D 519 -10.34 89.84 6.50
N GLY D 520 -10.75 88.68 7.01
CA GLY D 520 -10.23 88.20 8.28
C GLY D 520 -8.72 88.04 8.29
N VAL D 521 -8.19 87.48 7.21
CA VAL D 521 -6.75 87.29 7.06
C VAL D 521 -6.02 88.65 7.06
N GLN D 522 -6.56 89.64 6.34
CA GLN D 522 -5.93 90.95 6.29
C GLN D 522 -5.80 91.54 7.68
N HIS D 523 -6.84 91.40 8.48
CA HIS D 523 -6.86 91.95 9.83
C HIS D 523 -6.04 91.11 10.81
N HIS D 524 -6.12 89.78 10.73
CA HIS D 524 -5.44 88.92 11.70
C HIS D 524 -4.13 88.29 11.24
N GLY D 525 -3.86 88.25 9.94
CA GLY D 525 -2.62 87.63 9.49
C GLY D 525 -2.79 86.16 9.21
N LEU D 526 -1.72 85.51 8.74
CA LEU D 526 -1.76 84.10 8.37
C LEU D 526 -2.04 83.15 9.54
N SER D 527 -2.28 83.67 10.74
CA SER D 527 -2.57 82.79 11.84
C SER D 527 -4.07 82.62 11.96
N TYR D 528 -4.79 83.50 11.28
CA TYR D 528 -6.25 83.54 11.26
C TYR D 528 -6.85 82.13 11.08
N ASN D 529 -7.72 81.76 12.03
CA ASN D 529 -8.33 80.45 12.00
C ASN D 529 -9.49 80.44 11.01
N CYS D 530 -9.30 79.76 9.88
CA CYS D 530 -10.34 79.69 8.84
C CYS D 530 -10.94 78.29 8.69
N SER D 531 -12.24 78.22 8.38
CA SER D 531 -12.85 76.94 8.19
C SER D 531 -13.76 76.95 6.96
N LEU D 532 -13.56 77.93 6.09
CA LEU D 532 -14.37 78.01 4.88
C LEU D 532 -14.05 76.83 3.98
N PRO D 533 -15.08 76.15 3.46
CA PRO D 533 -14.81 75.03 2.58
C PRO D 533 -14.39 75.42 1.18
N LEU D 534 -13.11 75.26 0.87
CA LEU D 534 -12.63 75.56 -0.48
C LEU D 534 -12.88 74.36 -1.37
N ALA D 535 -13.61 74.54 -2.47
CA ALA D 535 -13.95 73.42 -3.34
C ALA D 535 -13.10 73.27 -4.60
N PHE D 536 -12.75 72.02 -4.90
CA PHE D 536 -12.00 71.64 -6.11
C PHE D 536 -12.91 70.80 -6.98
N ASP D 537 -13.34 71.35 -8.12
CA ASP D 537 -14.28 70.66 -9.00
C ASP D 537 -13.58 69.94 -10.15
N GLY D 538 -14.05 68.75 -10.47
CA GLY D 538 -13.47 68.04 -11.59
C GLY D 538 -14.06 68.59 -12.87
N SER D 539 -13.24 68.80 -13.90
CA SER D 539 -13.71 69.32 -15.19
C SER D 539 -14.98 68.60 -15.65
N CYS D 540 -14.85 67.60 -16.51
CA CYS D 540 -16.02 66.84 -16.95
C CYS D 540 -15.90 65.43 -16.41
N SER D 541 -16.14 65.28 -15.10
CA SER D 541 -16.00 63.99 -14.42
C SER D 541 -16.34 62.83 -15.33
N GLY D 542 -17.49 62.89 -15.96
CA GLY D 542 -17.82 61.81 -16.86
C GLY D 542 -16.70 61.55 -17.85
N ILE D 543 -16.46 62.50 -18.76
CA ILE D 543 -15.41 62.36 -19.77
C ILE D 543 -14.02 62.14 -19.18
N GLN D 544 -13.81 62.62 -17.95
CA GLN D 544 -12.53 62.42 -17.33
C GLN D 544 -12.32 60.93 -17.05
N HIS D 545 -13.29 60.30 -16.39
CA HIS D 545 -13.23 58.87 -16.07
C HIS D 545 -13.14 58.03 -17.32
N PHE D 546 -14.00 58.27 -18.29
CA PHE D 546 -13.90 57.45 -19.49
C PHE D 546 -12.52 57.60 -20.13
N SER D 547 -11.97 58.81 -20.11
CA SER D 547 -10.66 58.99 -20.70
C SER D 547 -9.57 58.36 -19.85
N ALA D 548 -9.80 58.21 -18.55
CA ALA D 548 -8.80 57.60 -17.72
C ALA D 548 -8.82 56.09 -17.88
N MET D 549 -10.01 55.48 -17.84
CA MET D 549 -10.10 54.03 -17.98
C MET D 549 -9.69 53.51 -19.35
N LEU D 550 -9.47 54.39 -20.33
CA LEU D 550 -9.05 53.94 -21.64
C LEU D 550 -7.80 54.67 -22.10
N ARG D 551 -7.09 55.20 -21.13
CA ARG D 551 -5.83 55.90 -21.34
C ARG D 551 -5.87 56.84 -22.54
N ASP D 552 -6.98 57.55 -22.74
CA ASP D 552 -7.07 58.47 -23.88
C ASP D 552 -6.32 59.75 -23.59
N GLU D 553 -5.33 60.05 -24.44
CA GLU D 553 -4.54 61.26 -24.25
C GLU D 553 -5.26 62.49 -24.80
N VAL D 554 -5.74 62.40 -26.04
CA VAL D 554 -6.43 63.52 -26.65
C VAL D 554 -7.60 63.99 -25.78
N GLY D 555 -8.56 63.09 -25.54
CA GLY D 555 -9.69 63.46 -24.73
C GLY D 555 -9.28 63.81 -23.31
N GLY D 556 -8.34 63.04 -22.76
CA GLY D 556 -7.88 63.30 -21.42
C GLY D 556 -7.35 64.71 -21.30
N ARG D 557 -6.59 65.11 -22.30
CA ARG D 557 -6.01 66.44 -22.32
C ARG D 557 -7.10 67.49 -22.41
N ALA D 558 -8.15 67.18 -23.17
CA ALA D 558 -9.29 68.05 -23.35
C ALA D 558 -9.98 68.36 -22.03
N VAL D 559 -9.91 67.43 -21.09
CA VAL D 559 -10.57 67.57 -19.80
C VAL D 559 -9.59 67.87 -18.67
N ASN D 560 -8.44 68.39 -19.04
CA ASN D 560 -7.39 68.81 -18.11
C ASN D 560 -6.86 67.69 -17.21
N LEU D 561 -6.75 66.50 -17.78
CA LEU D 561 -6.21 65.33 -17.07
C LEU D 561 -4.68 65.44 -17.01
N LEU D 562 -4.11 65.93 -18.11
CA LEU D 562 -2.66 66.11 -18.27
C LEU D 562 -2.22 67.53 -17.96
N PRO D 563 -1.01 67.68 -17.40
CA PRO D 563 -0.50 69.01 -17.07
C PRO D 563 -0.29 69.86 -18.30
N SER D 564 -0.85 71.06 -18.24
CA SER D 564 -0.71 72.06 -19.30
C SER D 564 -0.54 73.42 -18.61
N GLU D 565 -0.11 74.44 -19.34
CA GLU D 565 0.07 75.73 -18.69
C GLU D 565 -1.24 76.48 -18.66
N THR D 566 -2.06 76.23 -19.67
CA THR D 566 -3.35 76.88 -19.76
C THR D 566 -4.49 75.88 -19.50
N VAL D 567 -5.59 76.37 -18.97
CA VAL D 567 -6.74 75.53 -18.71
C VAL D 567 -7.36 75.11 -20.03
N GLN D 568 -7.68 73.83 -20.18
CA GLN D 568 -8.26 73.37 -21.42
C GLN D 568 -9.75 73.45 -21.39
N ASP D 569 -10.27 73.88 -22.55
CA ASP D 569 -11.70 74.07 -22.71
C ASP D 569 -12.28 73.19 -23.79
N ILE D 570 -12.77 72.04 -23.36
CA ILE D 570 -13.33 71.07 -24.25
C ILE D 570 -14.39 71.68 -25.16
N TYR D 571 -15.19 72.59 -24.63
CA TYR D 571 -16.24 73.22 -25.44
C TYR D 571 -15.61 73.96 -26.61
N GLY D 572 -14.52 74.68 -26.31
CA GLY D 572 -13.83 75.44 -27.33
C GLY D 572 -13.08 74.56 -28.33
N ILE D 573 -12.42 73.50 -27.87
CA ILE D 573 -11.71 72.72 -28.85
C ILE D 573 -12.70 72.05 -29.78
N VAL D 574 -13.86 71.65 -29.26
CA VAL D 574 -14.85 71.04 -30.12
C VAL D 574 -15.33 72.11 -31.12
N ALA D 575 -15.49 73.34 -30.62
CA ALA D 575 -15.91 74.46 -31.47
C ALA D 575 -14.90 74.65 -32.59
N LYS D 576 -13.61 74.60 -32.27
CA LYS D 576 -12.56 74.76 -33.26
C LYS D 576 -12.74 73.75 -34.37
N LYS D 577 -12.78 72.49 -33.97
CA LYS D 577 -12.95 71.41 -34.92
C LYS D 577 -14.14 71.68 -35.83
N VAL D 578 -15.25 72.15 -35.26
CA VAL D 578 -16.41 72.40 -36.10
C VAL D 578 -16.11 73.46 -37.17
N ASN D 579 -15.49 74.58 -36.78
CA ASN D 579 -15.16 75.62 -37.75
C ASN D 579 -14.26 75.11 -38.85
N GLU D 580 -13.44 74.11 -38.54
CA GLU D 580 -12.58 73.54 -39.55
C GLU D 580 -13.45 72.90 -40.63
N ILE D 581 -14.52 72.24 -40.20
CA ILE D 581 -15.45 71.59 -41.14
C ILE D 581 -16.28 72.64 -41.87
N LEU D 582 -16.67 73.68 -41.14
CA LEU D 582 -17.46 74.73 -41.72
C LEU D 582 -16.74 75.35 -42.91
N GLN D 583 -15.46 75.63 -42.71
CA GLN D 583 -14.68 76.22 -43.77
C GLN D 583 -14.46 75.21 -44.88
N ALA D 584 -14.15 73.97 -44.51
CA ALA D 584 -13.93 72.96 -45.53
C ALA D 584 -15.18 72.80 -46.42
N ASP D 585 -16.36 73.01 -45.82
CA ASP D 585 -17.62 72.87 -46.56
C ASP D 585 -17.94 74.14 -47.33
N ALA D 586 -17.48 75.29 -46.83
CA ALA D 586 -17.72 76.54 -47.52
C ALA D 586 -17.04 76.48 -48.89
N ILE D 587 -15.86 75.87 -48.92
CA ILE D 587 -15.08 75.71 -50.14
C ILE D 587 -15.69 74.64 -51.02
N ASN D 588 -15.61 73.40 -50.56
CA ASN D 588 -16.20 72.27 -51.27
C ASN D 588 -17.60 72.01 -50.76
N GLY D 589 -17.95 70.75 -50.54
CA GLY D 589 -19.28 70.48 -50.02
C GLY D 589 -20.32 70.47 -51.11
N THR D 590 -21.47 69.89 -50.79
CA THR D 590 -22.58 69.75 -51.73
C THR D 590 -23.35 71.05 -51.97
N ASP D 591 -23.97 71.09 -53.15
CA ASP D 591 -24.78 72.20 -53.59
C ASP D 591 -26.23 71.95 -53.23
N ASN D 592 -27.02 73.01 -53.26
CA ASN D 592 -28.44 72.94 -52.92
C ASN D 592 -29.21 72.05 -53.89
N GLU D 593 -30.49 71.83 -53.59
CA GLU D 593 -31.39 70.99 -54.38
C GLU D 593 -32.83 71.05 -53.85
N VAL D 594 -33.81 71.20 -54.74
CA VAL D 594 -35.20 71.29 -54.32
C VAL D 594 -35.95 69.98 -54.55
N VAL D 595 -36.09 69.21 -53.48
CA VAL D 595 -36.81 67.95 -53.57
C VAL D 595 -38.31 68.20 -53.36
N THR D 596 -39.13 67.24 -53.78
CA THR D 596 -40.58 67.37 -53.61
C THR D 596 -41.01 66.63 -52.35
N VAL D 597 -41.94 67.24 -51.61
CA VAL D 597 -42.43 66.62 -50.38
C VAL D 597 -43.96 66.69 -50.30
N THR D 598 -44.58 65.53 -50.12
CA THR D 598 -46.04 65.45 -50.02
C THR D 598 -46.44 65.04 -48.60
N ASP D 599 -47.14 65.94 -47.91
CA ASP D 599 -47.58 65.69 -46.55
C ASP D 599 -48.35 64.37 -46.45
N GLU D 600 -48.15 63.65 -45.34
CA GLU D 600 -48.84 62.36 -45.11
C GLU D 600 -50.32 62.56 -44.79
N ASN D 601 -50.60 63.59 -44.00
CA ASN D 601 -51.97 63.90 -43.56
C ASN D 601 -52.81 64.58 -44.66
N THR D 602 -52.27 65.66 -45.23
CA THR D 602 -52.96 66.45 -46.25
C THR D 602 -52.66 65.99 -47.70
N GLY D 603 -51.52 65.35 -47.90
CA GLY D 603 -51.18 64.96 -49.27
C GLY D 603 -50.81 66.21 -50.06
N GLU D 604 -50.54 67.27 -49.30
CA GLU D 604 -50.17 68.57 -49.83
C GLU D 604 -48.80 68.53 -50.51
N ILE D 605 -48.76 68.99 -51.75
CA ILE D 605 -47.51 69.06 -52.52
C ILE D 605 -46.70 70.28 -52.08
N SER D 606 -45.45 70.05 -51.69
CA SER D 606 -44.63 71.15 -51.20
C SER D 606 -43.20 71.12 -51.75
N GLU D 607 -42.65 72.32 -51.89
CA GLU D 607 -41.29 72.51 -52.36
C GLU D 607 -40.36 72.83 -51.18
N LYS D 608 -39.36 71.99 -50.96
CA LYS D 608 -38.40 72.26 -49.90
C LYS D 608 -36.99 72.01 -50.42
N VAL D 609 -36.13 73.00 -50.26
CA VAL D 609 -34.78 72.88 -50.78
C VAL D 609 -33.82 72.28 -49.77
N LYS D 610 -33.12 71.27 -50.24
CA LYS D 610 -32.12 70.60 -49.45
C LYS D 610 -30.87 71.42 -49.52
N LEU D 611 -30.84 72.45 -48.66
CA LEU D 611 -29.65 73.25 -48.62
C LEU D 611 -28.49 72.28 -48.52
N GLY D 612 -27.51 72.43 -49.40
CA GLY D 612 -26.35 71.57 -49.35
C GLY D 612 -25.42 72.02 -48.26
N THR D 613 -24.36 71.26 -48.04
CA THR D 613 -23.40 71.59 -47.02
C THR D 613 -22.76 72.96 -47.28
N LYS D 614 -22.50 73.23 -48.56
CA LYS D 614 -21.88 74.50 -48.94
C LYS D 614 -22.70 75.69 -48.38
N ALA D 615 -24.01 75.67 -48.64
CA ALA D 615 -24.89 76.73 -48.20
C ALA D 615 -25.03 76.77 -46.68
N LEU D 616 -25.24 75.61 -46.07
CA LEU D 616 -25.39 75.54 -44.62
C LEU D 616 -24.13 76.06 -43.94
N ALA D 617 -22.97 75.63 -44.43
CA ALA D 617 -21.72 76.09 -43.86
C ALA D 617 -21.67 77.60 -43.91
N GLY D 618 -22.08 78.13 -45.05
CA GLY D 618 -22.09 79.56 -45.23
C GLY D 618 -22.89 80.27 -44.16
N GLN D 619 -24.04 79.70 -43.80
CA GLN D 619 -24.91 80.30 -42.77
C GLN D 619 -24.22 80.35 -41.41
N TRP D 620 -23.71 79.21 -41.00
CA TRP D 620 -23.02 79.10 -39.71
C TRP D 620 -21.85 80.07 -39.63
N LEU D 621 -21.00 80.06 -40.64
CA LEU D 621 -19.90 81.00 -40.66
C LEU D 621 -20.48 82.40 -40.57
N ALA D 622 -21.54 82.63 -41.35
CA ALA D 622 -22.23 83.91 -41.37
C ALA D 622 -22.71 84.28 -39.96
N TYR D 623 -23.12 83.27 -39.20
CA TYR D 623 -23.60 83.44 -37.83
C TYR D 623 -22.44 83.59 -36.83
N GLY D 624 -21.42 82.74 -36.99
CA GLY D 624 -20.28 82.76 -36.09
C GLY D 624 -20.39 81.69 -35.01
N VAL D 625 -19.70 80.57 -35.21
CA VAL D 625 -19.74 79.41 -34.30
C VAL D 625 -18.69 79.50 -33.19
N THR D 626 -19.10 79.33 -31.93
CA THR D 626 -18.16 79.38 -30.80
C THR D 626 -18.52 78.33 -29.75
N ARG D 627 -17.75 78.29 -28.65
CA ARG D 627 -17.99 77.34 -27.57
C ARG D 627 -19.45 77.34 -27.09
N SER D 628 -20.11 78.49 -27.17
CA SER D 628 -21.50 78.62 -26.75
C SER D 628 -22.45 77.69 -27.54
N VAL D 629 -22.13 77.45 -28.80
CA VAL D 629 -22.92 76.59 -29.66
C VAL D 629 -22.68 75.12 -29.37
N THR D 630 -21.57 74.77 -28.74
CA THR D 630 -21.28 73.35 -28.50
C THR D 630 -21.35 72.96 -27.01
N LYS D 631 -21.30 73.94 -26.12
CA LYS D 631 -21.30 73.64 -24.70
C LYS D 631 -22.32 72.57 -24.28
N ARG D 632 -23.60 72.87 -24.29
CA ARG D 632 -24.61 71.90 -23.85
C ARG D 632 -24.45 70.51 -24.48
N SER D 633 -24.28 70.44 -25.79
CA SER D 633 -24.13 69.14 -26.46
C SER D 633 -23.04 68.29 -25.83
N VAL D 634 -21.86 68.86 -25.65
CA VAL D 634 -20.75 68.10 -25.07
C VAL D 634 -20.99 67.82 -23.59
N MET D 635 -21.66 68.71 -22.86
CA MET D 635 -21.84 68.42 -21.45
C MET D 635 -23.00 67.47 -21.20
N THR D 636 -23.78 67.17 -22.23
CA THR D 636 -24.84 66.19 -22.03
C THR D 636 -24.45 64.87 -22.71
N LEU D 637 -23.21 64.82 -23.22
CA LEU D 637 -22.68 63.63 -23.91
C LEU D 637 -22.64 62.41 -22.98
N ALA D 638 -22.23 62.67 -21.74
CA ALA D 638 -22.14 61.63 -20.72
C ALA D 638 -23.51 61.21 -20.20
N TYR D 639 -24.57 61.84 -20.70
CA TYR D 639 -25.90 61.45 -20.28
C TYR D 639 -26.61 60.68 -21.38
N GLY D 640 -25.87 60.40 -22.46
CA GLY D 640 -26.40 59.60 -23.54
C GLY D 640 -26.75 60.37 -24.80
N SER D 641 -26.71 61.69 -24.79
CA SER D 641 -27.11 62.38 -26.01
C SER D 641 -26.04 62.26 -27.10
N LYS D 642 -26.51 62.16 -28.33
CA LYS D 642 -25.66 62.04 -29.50
C LYS D 642 -26.18 62.93 -30.63
N GLU D 643 -25.77 62.66 -31.85
CA GLU D 643 -26.21 63.49 -32.96
C GLU D 643 -27.67 63.90 -32.85
N PHE D 644 -28.54 62.94 -32.94
CA PHE D 644 -29.97 63.18 -32.85
C PHE D 644 -30.30 64.21 -31.76
N GLY D 645 -29.87 63.91 -30.53
CA GLY D 645 -30.15 64.78 -29.40
C GLY D 645 -29.60 66.18 -29.54
N PHE D 646 -28.52 66.36 -30.30
CA PHE D 646 -27.90 67.67 -30.49
C PHE D 646 -28.77 68.59 -31.36
N ARG D 647 -29.57 68.02 -32.26
CA ARG D 647 -30.41 68.85 -33.12
C ARG D 647 -31.29 69.79 -32.31
N GLN D 648 -32.04 69.21 -31.38
CA GLN D 648 -32.92 69.98 -30.53
C GLN D 648 -32.14 71.05 -29.78
N GLN D 649 -31.03 70.66 -29.19
CA GLN D 649 -30.21 71.58 -28.42
C GLN D 649 -29.79 72.75 -29.24
N VAL D 650 -29.17 72.48 -30.38
CA VAL D 650 -28.72 73.57 -31.24
C VAL D 650 -29.89 74.43 -31.71
N LEU D 651 -30.95 73.78 -32.17
CA LEU D 651 -32.13 74.48 -32.67
C LEU D 651 -32.72 75.44 -31.66
N GLU D 652 -32.72 75.07 -30.38
CA GLU D 652 -33.32 75.95 -29.40
C GLU D 652 -32.32 76.66 -28.50
N ASP D 653 -31.05 76.35 -28.64
CA ASP D 653 -30.12 77.04 -27.76
C ASP D 653 -29.40 78.18 -28.49
N THR D 654 -29.40 78.13 -29.81
CA THR D 654 -28.75 79.19 -30.55
C THR D 654 -29.58 79.60 -31.77
N ILE D 655 -29.91 78.66 -32.63
CA ILE D 655 -30.68 78.97 -33.83
C ILE D 655 -31.96 79.72 -33.45
N GLN D 656 -32.69 79.22 -32.47
CA GLN D 656 -33.94 79.82 -32.05
C GLN D 656 -33.73 81.26 -31.54
N PRO D 657 -33.07 81.41 -30.39
CA PRO D 657 -32.85 82.75 -29.83
C PRO D 657 -32.29 83.72 -30.87
N ALA D 658 -31.41 83.22 -31.74
CA ALA D 658 -30.81 84.06 -32.77
C ALA D 658 -31.88 84.80 -33.55
N ILE D 659 -32.76 84.05 -34.20
CA ILE D 659 -33.82 84.63 -34.99
C ILE D 659 -34.75 85.51 -34.14
N ASP D 660 -35.19 85.00 -32.99
CA ASP D 660 -36.07 85.78 -32.10
C ASP D 660 -35.38 87.06 -31.58
N SER D 661 -34.07 87.14 -31.64
CA SER D 661 -33.39 88.33 -31.15
C SER D 661 -33.02 89.27 -32.30
N GLY D 662 -33.46 88.91 -33.50
CA GLY D 662 -33.16 89.73 -34.65
C GLY D 662 -32.26 89.02 -35.64
N LYS D 663 -31.17 88.45 -35.13
CA LYS D 663 -30.24 87.75 -35.98
C LYS D 663 -30.91 86.51 -36.59
N GLY D 664 -30.13 85.46 -36.83
CA GLY D 664 -30.70 84.24 -37.38
C GLY D 664 -31.20 84.39 -38.80
N LEU D 665 -31.05 85.59 -39.37
CA LEU D 665 -31.51 85.83 -40.73
C LEU D 665 -30.88 84.83 -41.69
N MET D 666 -29.63 84.42 -41.41
CA MET D 666 -28.95 83.46 -42.27
C MET D 666 -29.61 82.07 -42.21
N PHE D 667 -30.30 81.79 -41.11
CA PHE D 667 -30.96 80.48 -40.89
C PHE D 667 -32.32 80.38 -41.56
N THR D 668 -32.27 80.26 -42.89
CA THR D 668 -33.48 80.12 -43.70
C THR D 668 -34.26 78.87 -43.30
N GLN D 669 -33.60 77.71 -43.26
CA GLN D 669 -34.28 76.47 -42.84
C GLN D 669 -33.69 75.94 -41.52
N PRO D 670 -34.16 76.52 -40.40
CA PRO D 670 -33.74 76.20 -39.03
C PRO D 670 -33.42 74.73 -38.83
N ASN D 671 -34.37 73.86 -39.13
CA ASN D 671 -34.16 72.43 -38.95
C ASN D 671 -32.97 71.92 -39.75
N GLN D 672 -32.87 72.35 -41.00
CA GLN D 672 -31.76 71.91 -41.85
C GLN D 672 -30.44 72.35 -41.27
N ALA D 673 -30.43 73.57 -40.71
CA ALA D 673 -29.23 74.14 -40.13
C ALA D 673 -28.88 73.46 -38.80
N ALA D 674 -29.89 73.13 -38.00
CA ALA D 674 -29.64 72.47 -36.73
C ALA D 674 -29.14 71.04 -36.93
N GLY D 675 -29.75 70.34 -37.89
CA GLY D 675 -29.36 68.98 -38.20
C GLY D 675 -27.93 68.91 -38.66
N TYR D 676 -27.56 69.90 -39.47
CA TYR D 676 -26.21 70.01 -39.97
C TYR D 676 -25.22 70.20 -38.83
N MET D 677 -25.48 71.19 -37.98
CA MET D 677 -24.60 71.46 -36.86
C MET D 677 -24.45 70.24 -35.95
N ALA D 678 -25.57 69.56 -35.70
CA ALA D 678 -25.50 68.37 -34.86
C ALA D 678 -24.52 67.40 -35.46
N LYS D 679 -24.64 67.21 -36.77
CA LYS D 679 -23.76 66.32 -37.52
C LYS D 679 -22.30 66.70 -37.29
N LEU D 680 -22.02 68.00 -37.32
CA LEU D 680 -20.66 68.48 -37.11
C LEU D 680 -20.25 68.38 -35.65
N ILE D 681 -21.15 68.70 -34.73
CA ILE D 681 -20.75 68.56 -33.35
C ILE D 681 -20.49 67.09 -33.03
N TRP D 682 -21.25 66.20 -33.62
CA TRP D 682 -21.05 64.80 -33.36
C TRP D 682 -19.70 64.32 -33.89
N GLU D 683 -19.40 64.67 -35.13
CA GLU D 683 -18.14 64.24 -35.71
C GLU D 683 -16.95 64.86 -34.97
N SER D 684 -17.13 66.05 -34.42
CA SER D 684 -16.06 66.75 -33.71
C SER D 684 -15.79 66.19 -32.32
N VAL D 685 -16.84 65.75 -31.65
CA VAL D 685 -16.66 65.21 -30.31
C VAL D 685 -16.14 63.78 -30.37
N SER D 686 -16.65 63.02 -31.33
CA SER D 686 -16.29 61.62 -31.49
C SER D 686 -14.79 61.45 -31.77
N VAL D 687 -14.12 62.55 -32.11
CA VAL D 687 -12.71 62.49 -32.43
C VAL D 687 -11.87 63.24 -31.41
N THR D 688 -12.53 63.86 -30.42
CA THR D 688 -11.85 64.62 -29.37
C THR D 688 -11.83 63.81 -28.09
N VAL D 689 -12.93 63.09 -27.85
CA VAL D 689 -13.08 62.25 -26.68
C VAL D 689 -13.46 60.87 -27.13
N VAL D 690 -12.66 60.45 -28.08
CA VAL D 690 -12.76 59.14 -28.68
C VAL D 690 -13.12 58.09 -27.63
N ALA D 691 -12.35 58.10 -26.54
CA ALA D 691 -12.55 57.16 -25.45
C ALA D 691 -13.99 57.17 -24.94
N ALA D 692 -14.43 58.35 -24.55
CA ALA D 692 -15.78 58.52 -24.04
C ALA D 692 -16.83 57.96 -24.99
N VAL D 693 -16.67 58.17 -26.28
CA VAL D 693 -17.66 57.68 -27.22
C VAL D 693 -17.65 56.16 -27.32
N GLU D 694 -16.45 55.58 -27.35
CA GLU D 694 -16.31 54.13 -27.46
C GLU D 694 -16.79 53.39 -26.22
N ALA D 695 -16.32 53.79 -25.05
CA ALA D 695 -16.72 53.15 -23.82
C ALA D 695 -18.24 53.11 -23.70
N MET D 696 -18.90 54.25 -23.92
CA MET D 696 -20.34 54.27 -23.81
C MET D 696 -20.99 53.33 -24.81
N ASN D 697 -20.44 53.28 -26.03
CA ASN D 697 -21.00 52.42 -27.05
C ASN D 697 -20.93 51.00 -26.61
N TRP D 698 -19.80 50.65 -26.01
CA TRP D 698 -19.57 49.29 -25.51
C TRP D 698 -20.61 48.97 -24.44
N LEU D 699 -20.53 49.73 -23.35
CA LEU D 699 -21.44 49.54 -22.23
C LEU D 699 -22.88 49.47 -22.71
N LYS D 700 -23.21 50.22 -23.75
CA LYS D 700 -24.56 50.17 -24.23
C LYS D 700 -24.81 48.84 -24.91
N SER D 701 -23.80 48.33 -25.61
CA SER D 701 -23.97 47.07 -26.33
C SER D 701 -24.13 45.93 -25.37
N ALA D 702 -23.38 45.96 -24.28
CA ALA D 702 -23.47 44.92 -23.27
C ALA D 702 -24.88 44.87 -22.68
N ALA D 703 -25.34 46.01 -22.17
CA ALA D 703 -26.65 46.08 -21.56
C ALA D 703 -27.73 45.64 -22.52
N LYS D 704 -27.51 45.87 -23.80
CA LYS D 704 -28.46 45.49 -24.84
C LYS D 704 -28.64 43.97 -24.87
N LEU D 705 -27.53 43.26 -25.02
CA LEU D 705 -27.56 41.82 -25.05
C LEU D 705 -28.22 41.31 -23.77
N LEU D 706 -27.59 41.61 -22.65
CA LEU D 706 -28.03 41.23 -21.32
C LEU D 706 -29.52 41.44 -21.08
N ALA D 707 -30.08 42.47 -21.68
CA ALA D 707 -31.49 42.78 -21.47
C ALA D 707 -32.38 42.17 -22.54
N ALA D 708 -31.78 41.46 -23.48
CA ALA D 708 -32.55 40.84 -24.54
C ALA D 708 -33.22 39.57 -24.06
N GLU D 709 -34.26 39.15 -24.76
CA GLU D 709 -34.94 37.90 -24.42
C GLU D 709 -34.74 36.91 -25.56
N VAL D 710 -33.51 36.41 -25.67
CA VAL D 710 -33.15 35.49 -26.72
C VAL D 710 -33.96 34.22 -26.68
N LYS D 711 -34.53 33.89 -27.83
CA LYS D 711 -35.36 32.70 -28.03
C LYS D 711 -35.04 32.02 -29.35
N ASP D 712 -35.55 30.80 -29.50
CA ASP D 712 -35.41 30.04 -30.74
C ASP D 712 -36.69 30.25 -31.55
N LYS D 713 -36.62 31.03 -32.64
CA LYS D 713 -37.83 31.26 -33.43
C LYS D 713 -38.15 30.06 -34.33
N LYS D 714 -38.32 28.92 -33.68
CA LYS D 714 -38.68 27.65 -34.27
C LYS D 714 -39.51 26.92 -33.25
N THR D 715 -39.48 27.49 -32.04
CA THR D 715 -40.22 26.98 -30.89
C THR D 715 -40.79 28.14 -30.09
N GLY D 716 -40.24 29.34 -30.34
CA GLY D 716 -40.66 30.52 -29.61
C GLY D 716 -40.32 30.38 -28.13
N GLU D 717 -39.43 29.44 -27.86
CA GLU D 717 -38.98 29.11 -26.52
C GLU D 717 -37.90 30.07 -26.04
N ILE D 718 -38.00 30.46 -24.78
CA ILE D 718 -37.04 31.38 -24.19
C ILE D 718 -35.80 30.66 -23.76
N LEU D 719 -34.70 30.88 -24.45
CA LEU D 719 -33.43 30.23 -24.11
C LEU D 719 -32.73 30.96 -22.95
N ARG D 720 -32.87 32.28 -22.94
CA ARG D 720 -32.30 33.14 -21.90
C ARG D 720 -33.22 34.33 -21.60
N LYS D 721 -33.74 34.41 -20.37
CA LYS D 721 -34.64 35.49 -20.01
C LYS D 721 -33.87 36.82 -19.92
N ARG D 722 -34.58 37.92 -19.90
CA ARG D 722 -33.96 39.25 -19.84
C ARG D 722 -33.23 39.41 -18.52
N CYS D 723 -31.92 39.54 -18.58
CA CYS D 723 -31.08 39.69 -17.38
C CYS D 723 -30.80 41.15 -17.02
N ALA D 724 -30.68 41.43 -15.74
CA ALA D 724 -30.33 42.77 -15.26
C ALA D 724 -28.82 42.95 -15.44
N VAL D 725 -28.30 44.14 -15.17
CA VAL D 725 -26.87 44.33 -15.34
C VAL D 725 -26.23 44.68 -14.00
N HIS D 726 -25.20 43.93 -13.63
CA HIS D 726 -24.55 44.08 -12.33
C HIS D 726 -23.06 44.31 -12.45
N TRP D 727 -22.51 45.12 -11.55
CA TRP D 727 -21.08 45.34 -11.51
C TRP D 727 -20.67 45.82 -10.13
N VAL D 728 -19.37 46.03 -9.94
CA VAL D 728 -18.88 46.44 -8.67
C VAL D 728 -17.80 47.50 -8.80
N THR D 729 -18.02 48.62 -8.14
CA THR D 729 -17.08 49.73 -8.15
C THR D 729 -15.76 49.31 -7.52
N PRO D 730 -14.65 49.94 -7.94
CA PRO D 730 -13.30 49.70 -7.45
C PRO D 730 -13.19 49.70 -5.94
N ASP D 731 -14.04 50.43 -5.22
CA ASP D 731 -13.88 50.38 -3.78
C ASP D 731 -14.89 49.42 -3.10
N GLY D 732 -15.45 48.51 -3.88
CA GLY D 732 -16.31 47.52 -3.26
C GLY D 732 -17.81 47.70 -3.35
N PHE D 733 -18.28 48.85 -3.80
CA PHE D 733 -19.72 49.03 -3.86
C PHE D 733 -20.34 48.31 -5.06
N PRO D 734 -21.31 47.45 -4.79
CA PRO D 734 -22.00 46.69 -5.83
C PRO D 734 -23.25 47.45 -6.33
N VAL D 735 -23.52 47.42 -7.62
CA VAL D 735 -24.68 48.10 -8.14
C VAL D 735 -25.41 47.19 -9.11
N TRP D 736 -26.73 47.23 -9.04
CA TRP D 736 -27.55 46.43 -9.93
C TRP D 736 -28.54 47.29 -10.68
N GLN D 737 -28.36 47.36 -12.00
CA GLN D 737 -29.24 48.13 -12.80
C GLN D 737 -30.38 47.24 -13.26
N GLU D 738 -31.58 47.55 -12.79
CA GLU D 738 -32.72 46.74 -13.17
C GLU D 738 -33.99 47.57 -13.43
N TYR D 739 -34.01 48.34 -14.52
CA TYR D 739 -35.19 49.11 -14.92
C TYR D 739 -36.27 48.12 -15.34
N LYS D 740 -37.38 48.11 -14.62
CA LYS D 740 -38.46 47.18 -14.92
C LYS D 740 -39.65 47.87 -15.59
N LYS D 741 -40.28 47.14 -16.49
CA LYS D 741 -41.42 47.62 -17.27
C LYS D 741 -42.66 46.83 -16.89
N PRO D 742 -43.77 47.53 -16.62
CA PRO D 742 -45.01 46.81 -16.27
C PRO D 742 -45.64 46.14 -17.48
N ILE D 743 -46.37 45.05 -17.25
CA ILE D 743 -47.04 44.34 -18.33
C ILE D 743 -48.49 44.79 -18.44
N GLN D 744 -48.83 45.81 -17.66
CA GLN D 744 -50.18 46.41 -17.61
C GLN D 744 -50.41 47.36 -18.78
N THR D 745 -51.59 47.98 -18.79
CA THR D 745 -52.01 48.92 -19.85
C THR D 745 -53.43 49.46 -19.58
N ARG D 746 -53.59 50.77 -19.41
CA ARG D 746 -54.91 51.35 -19.19
C ARG D 746 -54.88 52.87 -19.36
N LEU D 747 -54.81 53.33 -20.61
CA LEU D 747 -54.73 54.75 -20.94
C LEU D 747 -56.11 55.41 -21.10
N ASN D 748 -56.41 56.32 -20.18
CA ASN D 748 -57.67 57.06 -20.22
C ASN D 748 -57.48 58.38 -20.98
N LEU D 749 -58.56 58.93 -21.52
CA LEU D 749 -58.45 60.16 -22.29
C LEU D 749 -58.45 61.43 -21.43
N MET D 750 -59.62 61.93 -21.03
CA MET D 750 -59.64 63.19 -20.29
C MET D 750 -59.91 63.05 -18.79
N PHE D 751 -60.01 61.82 -18.28
CA PHE D 751 -60.26 61.67 -16.85
C PHE D 751 -59.02 61.32 -16.10
N LEU D 752 -58.56 60.09 -16.26
CA LEU D 752 -57.34 59.66 -15.56
C LEU D 752 -56.54 58.74 -16.44
N GLY D 753 -56.50 57.46 -16.08
CA GLY D 753 -55.76 56.49 -16.86
C GLY D 753 -54.56 55.99 -16.11
N GLN D 754 -54.75 54.91 -15.34
CA GLN D 754 -53.64 54.36 -14.58
C GLN D 754 -53.72 52.83 -14.38
N PHE D 755 -53.21 52.39 -13.22
CA PHE D 755 -53.11 50.99 -12.78
C PHE D 755 -54.13 50.04 -13.42
N ARG D 756 -53.77 48.75 -13.42
CA ARG D 756 -54.60 47.68 -13.97
C ARG D 756 -54.84 46.58 -12.93
N ASP D 766 -47.00 41.46 -12.41
CA ASP D 766 -45.68 41.11 -12.89
C ASP D 766 -45.06 42.19 -13.76
N SER D 767 -43.73 42.22 -13.79
CA SER D 767 -43.01 43.18 -14.60
C SER D 767 -41.70 42.58 -15.09
N GLU D 768 -41.18 43.09 -16.21
CA GLU D 768 -39.92 42.58 -16.74
C GLU D 768 -38.93 43.69 -17.05
N ILE D 769 -37.64 43.36 -17.08
CA ILE D 769 -36.64 44.38 -17.35
C ILE D 769 -37.01 45.18 -18.58
N ASP D 770 -36.85 46.50 -18.48
CA ASP D 770 -37.15 47.42 -19.58
C ASP D 770 -35.89 47.59 -20.46
N ALA D 771 -35.78 46.80 -21.52
CA ALA D 771 -34.62 46.81 -22.40
C ALA D 771 -34.13 48.18 -22.80
N HIS D 772 -35.03 49.05 -23.20
CA HIS D 772 -34.60 50.35 -23.62
C HIS D 772 -33.98 51.15 -22.49
N LYS D 773 -34.68 51.27 -21.37
CA LYS D 773 -34.09 52.02 -20.29
C LYS D 773 -32.83 51.32 -19.80
N GLN D 774 -32.79 50.01 -19.93
CA GLN D 774 -31.62 49.26 -19.52
C GLN D 774 -30.43 49.68 -20.37
N GLU D 775 -30.72 49.90 -21.64
CA GLU D 775 -29.71 50.28 -22.61
C GLU D 775 -29.38 51.75 -22.57
N SER D 776 -30.33 52.55 -22.16
CA SER D 776 -30.11 53.98 -22.16
C SER D 776 -29.46 54.47 -20.89
N GLY D 777 -29.59 53.73 -19.81
CA GLY D 777 -29.02 54.22 -18.57
C GLY D 777 -27.71 53.55 -18.17
N ILE D 778 -27.25 52.58 -18.94
CA ILE D 778 -26.04 51.88 -18.57
C ILE D 778 -24.82 52.78 -18.49
N ALA D 779 -24.53 53.51 -19.56
CA ALA D 779 -23.35 54.37 -19.61
C ALA D 779 -23.38 55.42 -18.53
N PRO D 780 -24.38 56.28 -18.56
CA PRO D 780 -24.36 57.29 -17.50
C PRO D 780 -24.29 56.66 -16.11
N ASN D 781 -25.06 55.61 -15.86
CA ASN D 781 -25.03 54.97 -14.55
C ASN D 781 -23.67 54.41 -14.22
N PHE D 782 -22.99 53.86 -15.22
CA PHE D 782 -21.67 53.29 -14.99
C PHE D 782 -20.71 54.36 -14.52
N VAL D 783 -20.53 55.43 -15.30
CA VAL D 783 -19.59 56.48 -14.90
C VAL D 783 -19.95 57.05 -13.56
N HIS D 784 -21.23 57.31 -13.34
CA HIS D 784 -21.60 57.83 -12.03
C HIS D 784 -21.16 56.89 -10.93
N SER D 785 -21.38 55.60 -11.12
CA SER D 785 -20.94 54.68 -10.10
C SER D 785 -19.43 54.80 -9.96
N GLN D 786 -18.76 55.01 -11.09
CA GLN D 786 -17.33 55.13 -11.10
C GLN D 786 -16.87 56.39 -10.36
N ASP D 787 -17.44 57.55 -10.66
CA ASP D 787 -17.00 58.75 -9.94
C ASP D 787 -17.47 58.68 -8.49
N GLY D 788 -18.49 57.87 -8.22
CA GLY D 788 -18.92 57.73 -6.85
C GLY D 788 -17.85 57.00 -6.04
N SER D 789 -17.25 56.00 -6.67
CA SER D 789 -16.18 55.25 -6.02
C SER D 789 -15.01 56.18 -5.77
N HIS D 790 -14.67 56.98 -6.77
CA HIS D 790 -13.54 57.88 -6.65
C HIS D 790 -13.70 58.81 -5.46
N LEU D 791 -14.90 59.35 -5.31
CA LEU D 791 -15.18 60.26 -4.20
C LEU D 791 -14.99 59.56 -2.86
N ARG D 792 -15.58 58.37 -2.70
CA ARG D 792 -15.41 57.70 -1.43
C ARG D 792 -13.94 57.40 -1.16
N LYS D 793 -13.24 56.84 -2.14
CA LYS D 793 -11.82 56.54 -2.00
C LYS D 793 -11.06 57.78 -1.54
N THR D 794 -11.35 58.92 -2.17
CA THR D 794 -10.68 60.15 -1.80
C THR D 794 -11.03 60.54 -0.38
N VAL D 795 -12.30 60.46 0.00
CA VAL D 795 -12.62 60.79 1.40
C VAL D 795 -11.80 59.95 2.34
N VAL D 796 -11.74 58.65 2.08
CA VAL D 796 -10.99 57.76 2.97
C VAL D 796 -9.51 58.09 2.99
N TRP D 797 -8.93 58.14 1.80
CA TRP D 797 -7.53 58.40 1.61
C TRP D 797 -7.10 59.68 2.25
N ALA D 798 -7.88 60.72 2.03
CA ALA D 798 -7.54 62.01 2.58
C ALA D 798 -7.71 62.07 4.09
N HIS D 799 -8.53 61.18 4.64
CA HIS D 799 -8.79 61.17 6.08
C HIS D 799 -7.75 60.36 6.83
N GLU D 800 -7.24 59.32 6.19
CA GLU D 800 -6.25 58.48 6.83
C GLU D 800 -4.85 58.92 6.51
N LYS D 801 -4.55 59.14 5.23
CA LYS D 801 -3.19 59.55 4.88
C LYS D 801 -2.90 60.93 5.44
N TYR D 802 -3.74 61.91 5.09
CA TYR D 802 -3.61 63.29 5.58
C TYR D 802 -4.56 63.46 6.76
N GLY D 803 -4.38 64.47 7.60
CA GLY D 803 -5.24 64.51 8.76
C GLY D 803 -6.63 65.03 8.50
N ILE D 804 -6.92 65.33 7.25
CA ILE D 804 -8.20 65.90 6.87
C ILE D 804 -9.38 65.21 7.52
N GLU D 805 -10.32 65.99 8.07
CA GLU D 805 -11.46 65.36 8.70
C GLU D 805 -12.78 66.14 8.52
N SER D 806 -12.77 67.19 7.68
CA SER D 806 -13.98 68.00 7.35
C SER D 806 -14.17 67.99 5.84
N PHE D 807 -15.27 67.47 5.34
CA PHE D 807 -15.41 67.42 3.90
C PHE D 807 -16.67 68.05 3.36
N ALA D 808 -16.52 68.71 2.21
CA ALA D 808 -17.60 69.30 1.44
C ALA D 808 -17.66 68.48 0.17
N LEU D 809 -18.69 67.65 0.05
CA LEU D 809 -18.78 66.77 -1.10
C LEU D 809 -20.00 66.97 -1.95
N ILE D 810 -19.75 67.05 -3.26
CA ILE D 810 -20.79 67.25 -4.25
C ILE D 810 -20.53 66.39 -5.50
N HIS D 811 -20.52 65.09 -5.31
CA HIS D 811 -20.36 64.14 -6.40
C HIS D 811 -19.01 64.26 -7.09
N ASP D 812 -18.73 65.38 -7.74
CA ASP D 812 -17.41 65.52 -8.36
C ASP D 812 -16.78 66.81 -7.92
N SER D 813 -17.14 67.22 -6.71
CA SER D 813 -16.61 68.42 -6.11
C SER D 813 -16.16 68.08 -4.69
N PHE D 814 -14.88 68.35 -4.38
CA PHE D 814 -14.30 68.04 -3.08
C PHE D 814 -13.78 69.28 -2.38
N GLY D 815 -14.12 69.47 -1.11
CA GLY D 815 -13.67 70.65 -0.38
C GLY D 815 -13.36 70.41 1.09
N THR D 816 -12.50 71.27 1.65
CA THR D 816 -12.07 71.23 3.05
C THR D 816 -11.63 72.62 3.49
N ILE D 817 -11.22 72.76 4.74
CA ILE D 817 -10.75 74.05 5.23
C ILE D 817 -9.44 74.40 4.50
N PRO D 818 -9.14 75.70 4.32
CA PRO D 818 -7.94 76.13 3.63
C PRO D 818 -6.67 75.42 4.06
N ALA D 819 -6.42 75.32 5.37
CA ALA D 819 -5.22 74.66 5.86
C ALA D 819 -5.08 73.22 5.35
N ASP D 820 -6.17 72.57 4.95
CA ASP D 820 -6.15 71.18 4.44
C ASP D 820 -6.28 71.09 2.93
N ALA D 821 -6.57 72.21 2.29
CA ALA D 821 -6.80 72.29 0.86
C ALA D 821 -5.67 71.69 0.02
N ALA D 822 -4.44 72.13 0.30
CA ALA D 822 -3.29 71.65 -0.43
C ALA D 822 -3.23 70.11 -0.46
N ASN D 823 -3.57 69.48 0.67
CA ASN D 823 -3.54 68.02 0.84
C ASN D 823 -4.66 67.33 0.06
N LEU D 824 -5.85 67.92 0.08
CA LEU D 824 -6.95 67.31 -0.63
C LEU D 824 -6.72 67.42 -2.12
N PHE D 825 -6.06 68.49 -2.55
CA PHE D 825 -5.75 68.71 -3.96
C PHE D 825 -4.91 67.56 -4.48
N LYS D 826 -4.04 67.09 -3.59
CA LYS D 826 -3.13 65.98 -3.85
C LYS D 826 -3.89 64.66 -3.73
N ALA D 827 -4.63 64.53 -2.63
CA ALA D 827 -5.39 63.32 -2.37
C ALA D 827 -6.28 62.90 -3.55
N VAL D 828 -7.07 63.82 -4.09
CA VAL D 828 -7.98 63.51 -5.20
C VAL D 828 -7.24 62.96 -6.41
N ARG D 829 -6.04 63.48 -6.69
CA ARG D 829 -5.29 63.01 -7.86
C ARG D 829 -4.73 61.64 -7.61
N GLU D 830 -4.18 61.44 -6.40
CA GLU D 830 -3.61 60.16 -6.01
C GLU D 830 -4.67 59.08 -6.09
N THR D 831 -5.82 59.39 -5.50
CA THR D 831 -6.93 58.48 -5.44
C THR D 831 -7.41 58.10 -6.84
N MET D 832 -7.30 59.04 -7.77
CA MET D 832 -7.71 58.85 -9.17
C MET D 832 -6.70 58.01 -9.93
N VAL D 833 -5.42 58.34 -9.76
CA VAL D 833 -4.35 57.61 -10.44
C VAL D 833 -4.29 56.17 -9.96
N ASP D 834 -4.37 55.99 -8.65
CA ASP D 834 -4.36 54.67 -8.04
C ASP D 834 -5.42 53.76 -8.64
N THR D 835 -6.69 54.15 -8.50
CA THR D 835 -7.80 53.35 -9.00
C THR D 835 -7.64 52.87 -10.44
N TYR D 836 -7.19 53.72 -11.35
CA TYR D 836 -7.11 53.27 -12.72
C TYR D 836 -5.81 52.56 -13.05
N GLU D 837 -4.85 52.60 -12.13
CA GLU D 837 -3.60 51.85 -12.34
C GLU D 837 -3.82 50.40 -11.85
N SER D 838 -4.73 50.27 -10.90
CA SER D 838 -5.05 48.97 -10.29
C SER D 838 -6.24 48.26 -10.92
N CYS D 839 -7.12 48.97 -11.61
CA CYS D 839 -8.29 48.27 -12.11
C CYS D 839 -8.67 48.64 -13.55
N ASP D 840 -9.13 47.63 -14.28
CA ASP D 840 -9.61 47.84 -15.63
C ASP D 840 -11.12 47.70 -15.58
N VAL D 841 -11.75 48.59 -14.83
CA VAL D 841 -13.18 48.57 -14.60
C VAL D 841 -13.99 48.06 -15.76
N LEU D 842 -13.56 48.32 -16.99
CA LEU D 842 -14.31 47.83 -18.13
C LEU D 842 -14.18 46.32 -18.27
N ALA D 843 -12.96 45.81 -18.19
CA ALA D 843 -12.76 44.38 -18.27
C ALA D 843 -13.43 43.71 -17.08
N ASP D 844 -13.18 44.20 -15.88
CA ASP D 844 -13.79 43.62 -14.69
C ASP D 844 -15.30 43.53 -14.89
N PHE D 845 -15.85 44.53 -15.60
CA PHE D 845 -17.27 44.55 -15.88
C PHE D 845 -17.63 43.40 -16.81
N TYR D 846 -16.72 43.13 -17.76
CA TYR D 846 -16.93 42.08 -18.74
C TYR D 846 -17.03 40.73 -18.05
N ASP D 847 -16.10 40.45 -17.16
CA ASP D 847 -16.12 39.19 -16.45
C ASP D 847 -17.48 39.00 -15.79
N GLN D 848 -17.97 40.06 -15.19
CA GLN D 848 -19.24 40.02 -14.50
C GLN D 848 -20.39 39.50 -15.37
N PHE D 849 -20.55 40.01 -16.59
CA PHE D 849 -21.67 39.54 -17.40
C PHE D 849 -21.32 38.47 -18.42
N ALA D 850 -20.06 38.40 -18.82
CA ALA D 850 -19.61 37.44 -19.81
C ALA D 850 -20.35 36.11 -19.75
N ASP D 851 -20.20 35.41 -18.64
CA ASP D 851 -20.83 34.09 -18.49
C ASP D 851 -22.33 34.20 -18.27
N GLN D 852 -22.98 35.13 -18.96
CA GLN D 852 -24.42 35.34 -18.82
C GLN D 852 -25.01 35.62 -20.17
N LEU D 853 -24.11 35.68 -21.15
CA LEU D 853 -24.46 35.90 -22.53
C LEU D 853 -24.84 34.60 -23.20
N HIS D 854 -26.10 34.44 -23.55
CA HIS D 854 -26.52 33.20 -24.18
C HIS D 854 -25.57 32.80 -25.32
N GLU D 855 -25.55 31.50 -25.59
CA GLU D 855 -24.73 30.88 -26.64
C GLU D 855 -24.69 31.68 -27.95
N SER D 856 -25.86 32.12 -28.41
CA SER D 856 -25.95 32.78 -29.72
C SER D 856 -25.53 34.23 -29.77
N GLN D 857 -25.36 34.91 -28.65
CA GLN D 857 -24.95 36.31 -28.78
C GLN D 857 -23.49 36.54 -28.34
N LEU D 858 -22.67 35.50 -28.44
CA LEU D 858 -21.26 35.58 -28.08
C LEU D 858 -20.44 36.24 -29.18
N ASP D 859 -21.10 36.91 -30.13
CA ASP D 859 -20.32 37.57 -31.18
C ASP D 859 -20.76 39.00 -31.44
N LYS D 860 -22.02 39.34 -31.17
CA LYS D 860 -22.41 40.72 -31.40
C LYS D 860 -21.83 41.58 -30.28
N MET D 861 -21.02 40.97 -29.43
CA MET D 861 -20.40 41.69 -28.32
C MET D 861 -19.04 42.25 -28.74
N PRO D 862 -18.99 43.53 -29.12
CA PRO D 862 -17.75 44.19 -29.54
C PRO D 862 -16.65 43.96 -28.55
N ALA D 863 -15.42 43.94 -29.04
CA ALA D 863 -14.28 43.75 -28.17
C ALA D 863 -14.07 44.99 -27.32
N LEU D 864 -13.36 44.86 -26.21
CA LEU D 864 -13.11 46.03 -25.38
C LEU D 864 -12.26 47.02 -26.15
N PRO D 865 -12.72 48.27 -26.28
CA PRO D 865 -11.95 49.28 -27.01
C PRO D 865 -10.52 49.35 -26.53
N ALA D 866 -9.63 49.66 -27.46
CA ALA D 866 -8.20 49.70 -27.14
C ALA D 866 -7.85 50.86 -26.25
N LYS D 867 -6.77 50.71 -25.50
CA LYS D 867 -6.31 51.77 -24.62
C LYS D 867 -5.59 52.83 -25.43
N GLY D 868 -5.16 53.89 -24.75
CA GLY D 868 -4.46 54.97 -25.42
C GLY D 868 -3.05 55.14 -24.87
N ASN D 869 -2.48 56.32 -25.08
CA ASN D 869 -1.12 56.56 -24.65
C ASN D 869 -1.04 57.47 -23.42
N LEU D 870 -2.17 57.72 -22.76
CA LEU D 870 -2.11 58.60 -21.60
C LEU D 870 -1.41 57.90 -20.45
N ASN D 871 -0.64 58.66 -19.68
CA ASN D 871 0.06 58.13 -18.52
C ASN D 871 -0.56 58.66 -17.24
N LEU D 872 -1.51 57.92 -16.67
CA LEU D 872 -2.21 58.34 -15.46
C LEU D 872 -1.31 59.07 -14.46
N ARG D 873 -0.03 58.73 -14.41
CA ARG D 873 0.88 59.41 -13.49
C ARG D 873 0.89 60.93 -13.72
N ASP D 874 0.64 61.35 -14.96
CA ASP D 874 0.62 62.77 -15.27
C ASP D 874 -0.44 63.53 -14.46
N ILE D 875 -1.56 62.88 -14.15
CA ILE D 875 -2.62 63.52 -13.37
C ILE D 875 -2.07 64.13 -12.11
N LEU D 876 -1.13 63.45 -11.47
CA LEU D 876 -0.55 63.93 -10.25
C LEU D 876 0.05 65.31 -10.38
N GLU D 877 0.25 65.74 -11.63
CA GLU D 877 0.84 67.03 -11.87
C GLU D 877 -0.04 67.92 -12.73
N SER D 878 -1.30 67.55 -12.89
CA SER D 878 -2.20 68.39 -13.66
C SER D 878 -2.90 69.34 -12.71
N ASP D 879 -2.69 70.62 -12.92
CA ASP D 879 -3.27 71.61 -12.02
C ASP D 879 -4.77 71.76 -12.18
N PHE D 880 -5.21 71.89 -13.42
CA PHE D 880 -6.61 72.16 -13.73
C PHE D 880 -7.53 70.94 -13.71
N ALA D 881 -7.14 69.88 -13.03
CA ALA D 881 -8.04 68.75 -12.98
C ALA D 881 -8.47 68.51 -11.56
N PHE D 882 -8.79 69.58 -10.80
CA PHE D 882 -9.21 69.39 -9.42
C PHE D 882 -9.96 68.06 -9.36
N ALA D 883 -9.31 66.99 -8.93
CA ALA D 883 -9.90 65.65 -8.87
C ALA D 883 -9.68 64.94 -10.18
#